data_7K23
#
_entry.id   7K23
#
loop_
_entity.id
_entity.type
_entity.pdbx_description
1 polymer '8A7H5 Fab light chain'
2 polymer '8A7H5 Fab heavy chain'
3 polymer 'Capsid protein VP1'
#
loop_
_entity_poly.entity_id
_entity_poly.type
_entity_poly.pdbx_seq_one_letter_code
_entity_poly.pdbx_strand_id
1 'polypeptide(L)'
;DIVMTQSPTSMSISVGDRVTMNCRASQNVYSNVDWYQQKTGQSPKLVIYKASNRYTGVPDRFTGSGSGTYFTLTITNIQT
EDLAVYYCLQSNAFPFTFGSGTKLETTRA
;
L2,L3,L4,L5,L6
2 'polypeptide(L)'
;EESGGGLVQPGKSLKLSCSASGFTFSSYGMHWIRQVPGKGLDWVAYISSASDTFYADAVKERFTISRDNAKNTLYLRLNS
LKSEDTAIYYCARTRYPTDHFYDWFPYWGQGTLVTVS
;
H2,H3,H4,H5,H6
3 'polypeptide(L)'
;APKRKSGVSKCETKCTKACPRPAPVPKLLIKGGMEVLDLVTGPDSVTEIEAFLNPRMGQPPTPESLTEGGQYYGWSRGIN
LATSDTEDSPENNTLPTWSMAKLQLPMLNEDLTCDTLQMWEAVSVKTEVVGSGSLLDVHGFNKPTDTVNTKGISTPVEGS
QYHVFAVGGEPLDLQGLVTDARTKYKEEGVVTIKTITKKDMVNKDQVLNPISKAKLDKDGMYPVEIWHPDPAKNENTRYF
GNYTGGTTTPPVLQFTNTLTTVLLDENGVGPLCKGEGLYLSCVDIMGWRVTRNYDVHHWRGLPRYFKITLRKRWVKNPYP
MASLISSLFNNMLPQVQGQPMEGENTQVEEVRVYDGTEPVPGDPDMTRYVDRFGKTKTVFPGN
;
A,B,C,D,E
#
# COMPACT_ATOMS: atom_id res chain seq x y z
N ASP A 1 -31.14 -24.32 -19.97
CA ASP A 1 -30.50 -25.58 -19.65
C ASP A 1 -29.42 -25.92 -20.66
N ILE A 2 -28.33 -26.49 -20.17
CA ILE A 2 -27.23 -26.93 -21.03
C ILE A 2 -27.48 -28.36 -21.47
N VAL A 3 -27.20 -28.65 -22.73
CA VAL A 3 -27.37 -29.98 -23.29
C VAL A 3 -26.00 -30.58 -23.55
N MET A 4 -25.75 -31.76 -22.97
CA MET A 4 -24.47 -32.45 -23.09
C MET A 4 -24.61 -33.53 -24.14
N THR A 5 -23.82 -33.44 -25.21
CA THR A 5 -23.84 -34.41 -26.29
C THR A 5 -22.53 -35.19 -26.32
N GLN A 6 -22.62 -36.50 -26.47
CA GLN A 6 -21.46 -37.38 -26.45
C GLN A 6 -21.28 -38.01 -27.83
N SER A 7 -20.06 -37.92 -28.36
CA SER A 7 -19.84 -38.39 -29.72
C SER A 7 -19.95 -39.90 -29.87
N PRO A 8 -19.32 -40.75 -29.03
CA PRO A 8 -19.50 -42.20 -29.22
C PRO A 8 -20.76 -42.72 -28.55
N THR A 9 -21.77 -43.08 -29.34
CA THR A 9 -22.98 -43.64 -28.75
C THR A 9 -22.69 -44.99 -28.09
N SER A 10 -21.98 -45.86 -28.80
CA SER A 10 -21.54 -47.13 -28.25
C SER A 10 -20.20 -47.49 -28.88
N MET A 11 -19.22 -47.84 -28.05
CA MET A 11 -17.92 -48.29 -28.52
C MET A 11 -17.70 -49.74 -28.10
N SER A 12 -17.40 -50.58 -29.08
CA SER A 12 -17.02 -51.97 -28.83
C SER A 12 -15.52 -52.09 -29.04
N ILE A 13 -14.82 -52.55 -27.99
CA ILE A 13 -13.36 -52.62 -28.01
C ILE A 13 -12.93 -53.69 -27.02
N SER A 14 -11.77 -54.29 -27.28
CA SER A 14 -11.28 -55.39 -26.47
C SER A 14 -10.46 -54.88 -25.29
N VAL A 15 -9.86 -55.83 -24.56
CA VAL A 15 -9.02 -55.45 -23.43
C VAL A 15 -7.62 -55.12 -23.93
N GLY A 16 -7.05 -54.03 -23.40
CA GLY A 16 -5.76 -53.56 -23.82
C GLY A 16 -5.78 -52.44 -24.83
N ASP A 17 -6.94 -52.12 -25.39
CA ASP A 17 -7.03 -51.05 -26.38
C ASP A 17 -7.32 -49.71 -25.70
N ARG A 18 -7.45 -48.68 -26.52
CA ARG A 18 -7.63 -47.31 -26.06
C ARG A 18 -9.01 -46.84 -26.48
N VAL A 19 -9.68 -46.08 -25.60
CA VAL A 19 -10.96 -45.45 -25.95
C VAL A 19 -10.91 -44.00 -25.52
N THR A 20 -11.56 -43.14 -26.32
CA THR A 20 -11.71 -41.73 -26.00
C THR A 20 -13.14 -41.31 -26.30
N MET A 21 -13.86 -40.88 -25.26
CA MET A 21 -15.22 -40.39 -25.41
C MET A 21 -15.25 -38.89 -25.16
N ASN A 22 -15.85 -38.15 -26.07
CA ASN A 22 -15.89 -36.70 -25.98
C ASN A 22 -17.27 -36.23 -25.54
N CYS A 23 -17.31 -35.01 -25.01
CA CYS A 23 -18.55 -34.38 -24.56
C CYS A 23 -18.55 -32.92 -24.95
N ARG A 24 -19.71 -32.44 -25.39
CA ARG A 24 -19.87 -31.06 -25.84
C ARG A 24 -21.05 -30.45 -25.11
N ALA A 25 -20.86 -29.24 -24.60
CA ALA A 25 -21.90 -28.50 -23.89
C ALA A 25 -22.32 -27.30 -24.72
N SER A 26 -23.63 -27.04 -24.75
CA SER A 26 -24.14 -25.96 -25.59
C SER A 26 -23.51 -24.62 -25.23
N GLN A 27 -23.46 -24.30 -23.94
CA GLN A 27 -22.84 -23.07 -23.46
C GLN A 27 -21.53 -23.40 -22.75
N ASN A 28 -20.78 -22.35 -22.43
CA ASN A 28 -19.46 -22.54 -21.84
C ASN A 28 -19.57 -22.98 -20.39
N VAL A 29 -19.00 -24.15 -20.09
CA VAL A 29 -18.75 -24.58 -18.73
C VAL A 29 -17.24 -24.63 -18.54
N TYR A 30 -16.74 -23.82 -17.61
CA TYR A 30 -15.32 -23.51 -17.60
C TYR A 30 -14.47 -24.75 -17.36
N SER A 31 -14.56 -25.32 -16.16
CA SER A 31 -13.89 -26.59 -15.90
C SER A 31 -14.74 -27.50 -15.03
N ASN A 32 -16.05 -27.27 -14.97
CA ASN A 32 -16.94 -27.97 -14.05
C ASN A 32 -17.64 -29.11 -14.79
N VAL A 33 -16.92 -30.22 -14.95
CA VAL A 33 -17.43 -31.40 -15.62
C VAL A 33 -16.93 -32.64 -14.88
N ASP A 34 -17.86 -33.54 -14.55
CA ASP A 34 -17.55 -34.79 -13.90
C ASP A 34 -17.83 -35.95 -14.84
N TRP A 35 -17.14 -37.06 -14.60
CA TRP A 35 -17.22 -38.26 -15.40
C TRP A 35 -17.55 -39.42 -14.49
N TYR A 36 -18.70 -40.05 -14.73
CA TYR A 36 -19.32 -41.03 -13.86
C TYR A 36 -19.33 -42.40 -14.54
N GLN A 37 -18.98 -43.43 -13.78
CA GLN A 37 -19.01 -44.81 -14.23
C GLN A 37 -20.16 -45.54 -13.55
N GLN A 38 -21.05 -46.13 -14.33
CA GLN A 38 -22.16 -46.89 -13.80
C GLN A 38 -22.08 -48.33 -14.29
N LYS A 39 -21.81 -49.24 -13.36
CA LYS A 39 -21.94 -50.68 -13.62
C LYS A 39 -23.39 -51.09 -13.35
N THR A 40 -23.91 -51.99 -14.18
CA THR A 40 -25.31 -52.38 -14.08
C THR A 40 -25.62 -52.98 -12.73
N GLY A 41 -26.52 -52.32 -12.00
CA GLY A 41 -26.89 -52.75 -10.67
C GLY A 41 -26.20 -52.01 -9.53
N GLN A 42 -25.50 -50.92 -9.84
CA GLN A 42 -24.77 -50.17 -8.82
C GLN A 42 -25.10 -48.69 -8.95
N SER A 43 -24.92 -47.97 -7.86
CA SER A 43 -25.02 -46.52 -7.91
C SER A 43 -23.86 -45.97 -8.74
N PRO A 44 -24.09 -44.92 -9.53
CA PRO A 44 -23.01 -44.39 -10.37
C PRO A 44 -21.85 -43.88 -9.53
N LYS A 45 -20.66 -44.36 -9.84
CA LYS A 45 -19.46 -44.00 -9.12
C LYS A 45 -18.76 -42.85 -9.81
N LEU A 46 -18.21 -41.94 -9.02
CA LEU A 46 -17.44 -40.85 -9.58
C LEU A 46 -16.08 -41.36 -10.04
N VAL A 47 -15.67 -40.93 -11.24
CA VAL A 47 -14.39 -41.34 -11.78
C VAL A 47 -13.49 -40.11 -11.93
N ILE A 48 -13.92 -39.15 -12.73
CA ILE A 48 -13.08 -37.99 -13.05
C ILE A 48 -13.83 -36.72 -12.67
N TYR A 49 -13.45 -36.12 -11.55
CA TYR A 49 -14.11 -34.91 -11.09
C TYR A 49 -13.41 -33.67 -11.63
N LYS A 50 -14.21 -32.65 -11.93
CA LYS A 50 -13.76 -31.35 -12.41
C LYS A 50 -12.98 -31.43 -13.71
N ALA A 51 -13.11 -32.53 -14.45
CA ALA A 51 -12.58 -32.74 -15.80
C ALA A 51 -11.06 -32.79 -15.90
N SER A 52 -10.32 -32.71 -14.79
CA SER A 52 -8.87 -32.74 -14.91
C SER A 52 -8.21 -33.52 -13.78
N ASN A 53 -8.99 -34.13 -12.90
CA ASN A 53 -8.42 -34.89 -11.79
C ASN A 53 -9.09 -36.26 -11.69
N ARG A 54 -8.40 -37.18 -11.03
CA ARG A 54 -8.89 -38.54 -10.83
C ARG A 54 -9.31 -38.71 -9.37
N TYR A 55 -10.56 -39.10 -9.17
CA TYR A 55 -11.04 -39.38 -7.82
C TYR A 55 -10.20 -40.49 -7.21
N THR A 56 -10.12 -40.48 -5.87
CA THR A 56 -9.25 -41.43 -5.18
C THR A 56 -9.72 -42.86 -5.46
N GLY A 57 -8.75 -43.77 -5.54
CA GLY A 57 -9.03 -45.15 -5.84
C GLY A 57 -9.14 -45.48 -7.31
N VAL A 58 -9.15 -44.47 -8.19
CA VAL A 58 -9.30 -44.70 -9.62
C VAL A 58 -7.93 -44.85 -10.25
N PRO A 59 -7.71 -45.86 -11.09
CA PRO A 59 -6.37 -46.14 -11.60
C PRO A 59 -5.90 -45.10 -12.62
N ASP A 60 -4.62 -45.20 -12.97
CA ASP A 60 -3.98 -44.20 -13.82
C ASP A 60 -4.33 -44.34 -15.29
N ARG A 61 -5.05 -45.39 -15.68
CA ARG A 61 -5.45 -45.51 -17.08
C ARG A 61 -6.51 -44.47 -17.43
N PHE A 62 -7.34 -44.11 -16.45
CA PHE A 62 -8.36 -43.09 -16.68
C PHE A 62 -7.72 -41.71 -16.75
N THR A 63 -8.16 -40.91 -17.72
CA THR A 63 -7.66 -39.55 -17.86
C THR A 63 -8.80 -38.65 -18.32
N GLY A 64 -8.93 -37.51 -17.67
CA GLY A 64 -9.89 -36.50 -18.09
C GLY A 64 -9.15 -35.26 -18.58
N SER A 65 -9.61 -34.71 -19.69
CA SER A 65 -8.94 -33.54 -20.26
C SER A 65 -9.95 -32.66 -20.95
N GLY A 66 -9.50 -31.45 -21.30
CA GLY A 66 -10.34 -30.48 -21.95
C GLY A 66 -10.90 -29.44 -20.99
N SER A 67 -11.34 -28.33 -21.56
CA SER A 67 -11.94 -27.26 -20.79
C SER A 67 -12.75 -26.38 -21.73
N GLY A 68 -13.91 -25.94 -21.25
CA GLY A 68 -14.74 -25.03 -22.02
C GLY A 68 -15.96 -25.70 -22.62
N THR A 69 -15.89 -25.95 -23.92
CA THR A 69 -16.99 -26.57 -24.65
C THR A 69 -16.74 -28.02 -25.02
N TYR A 70 -15.49 -28.48 -24.99
CA TYR A 70 -15.13 -29.81 -25.45
C TYR A 70 -14.30 -30.51 -24.37
N PHE A 71 -14.85 -31.57 -23.80
CA PHE A 71 -14.14 -32.38 -22.81
C PHE A 71 -13.96 -33.80 -23.34
N THR A 72 -13.06 -34.54 -22.70
CA THR A 72 -12.76 -35.90 -23.15
C THR A 72 -12.34 -36.76 -21.99
N LEU A 73 -12.72 -38.04 -22.07
CA LEU A 73 -12.29 -39.08 -21.14
C LEU A 73 -11.59 -40.18 -21.92
N THR A 74 -10.40 -40.55 -21.48
CA THR A 74 -9.53 -41.47 -22.22
C THR A 74 -9.10 -42.62 -21.33
N ILE A 75 -9.03 -43.81 -21.92
CA ILE A 75 -8.53 -45.01 -21.25
C ILE A 75 -7.49 -45.64 -22.18
N THR A 76 -6.26 -45.80 -21.67
CA THR A 76 -5.16 -46.28 -22.49
C THR A 76 -5.23 -47.80 -22.67
N ASN A 77 -5.25 -48.54 -21.58
CA ASN A 77 -5.36 -49.99 -21.59
C ASN A 77 -6.59 -50.40 -20.80
N ILE A 78 -7.60 -50.91 -21.50
CA ILE A 78 -8.85 -51.28 -20.83
C ILE A 78 -8.59 -52.44 -19.86
N GLN A 79 -9.47 -52.56 -18.88
CA GLN A 79 -9.46 -53.67 -17.94
C GLN A 79 -10.86 -54.27 -17.89
N THR A 80 -10.95 -55.48 -17.35
CA THR A 80 -12.24 -56.15 -17.22
C THR A 80 -13.19 -55.34 -16.34
N GLU A 81 -12.67 -54.67 -15.31
CA GLU A 81 -13.50 -53.88 -14.42
C GLU A 81 -13.84 -52.50 -14.98
N ASP A 82 -13.55 -52.25 -16.25
CA ASP A 82 -13.93 -51.01 -16.92
C ASP A 82 -15.06 -51.23 -17.91
N LEU A 83 -15.86 -52.28 -17.71
CA LEU A 83 -16.97 -52.60 -18.62
C LEU A 83 -18.28 -52.04 -18.07
N ALA A 84 -18.39 -50.72 -18.12
CA ALA A 84 -19.54 -50.02 -17.56
C ALA A 84 -19.89 -48.83 -18.41
N VAL A 85 -21.07 -48.27 -18.17
CA VAL A 85 -21.49 -47.07 -18.89
C VAL A 85 -20.80 -45.84 -18.30
N TYR A 86 -20.66 -44.80 -19.11
CA TYR A 86 -19.94 -43.60 -18.70
C TYR A 86 -20.75 -42.38 -19.10
N TYR A 87 -21.12 -41.58 -18.10
CA TYR A 87 -21.87 -40.34 -18.31
C TYR A 87 -20.99 -39.15 -17.97
N CYS A 88 -21.14 -38.07 -18.74
CA CYS A 88 -20.49 -36.80 -18.42
C CYS A 88 -21.53 -35.81 -17.95
N LEU A 89 -21.22 -35.11 -16.87
CA LEU A 89 -22.15 -34.22 -16.19
C LEU A 89 -21.53 -32.84 -16.04
N GLN A 90 -22.25 -31.82 -16.48
CA GLN A 90 -21.84 -30.44 -16.24
C GLN A 90 -22.39 -30.02 -14.88
N SER A 91 -21.52 -29.47 -14.04
CA SER A 91 -21.95 -28.87 -12.78
C SER A 91 -21.41 -27.45 -12.74
N ASN A 92 -22.07 -26.55 -13.47
CA ASN A 92 -21.64 -25.17 -13.62
C ASN A 92 -22.77 -24.18 -13.54
N ALA A 93 -24.02 -24.64 -13.66
CA ALA A 93 -25.18 -23.77 -13.50
C ALA A 93 -26.34 -24.67 -13.09
N PHE A 94 -27.47 -24.06 -12.78
CA PHE A 94 -28.66 -24.81 -12.43
C PHE A 94 -29.66 -24.68 -13.57
N PRO A 95 -30.28 -25.78 -14.02
CA PRO A 95 -30.14 -27.12 -13.45
C PRO A 95 -29.01 -27.95 -14.04
N PHE A 96 -28.43 -28.83 -13.23
CA PHE A 96 -27.42 -29.75 -13.73
C PHE A 96 -28.04 -30.72 -14.73
N THR A 97 -27.31 -31.02 -15.79
CA THR A 97 -27.76 -31.96 -16.80
C THR A 97 -26.70 -33.02 -17.01
N PHE A 98 -27.16 -34.25 -17.26
CA PHE A 98 -26.30 -35.40 -17.43
C PHE A 98 -26.15 -35.73 -18.91
N LEU B 14 -45.66 -40.30 -1.32
CA LEU B 14 -45.47 -39.01 -1.95
C LEU B 14 -44.36 -38.21 -1.26
N LYS B 15 -43.80 -38.74 -0.18
CA LYS B 15 -42.75 -38.08 0.58
C LYS B 15 -41.60 -39.06 0.77
N LEU B 16 -40.48 -38.77 0.12
CA LEU B 16 -39.29 -39.61 0.23
C LEU B 16 -38.66 -39.46 1.62
N SER B 17 -37.54 -40.15 1.80
CA SER B 17 -36.74 -40.03 3.01
C SER B 17 -35.38 -40.65 2.71
N CYS B 18 -34.32 -39.93 3.07
CA CYS B 18 -32.96 -40.36 2.77
C CYS B 18 -32.08 -40.14 3.99
N SER B 19 -31.85 -41.19 4.75
CA SER B 19 -31.08 -41.11 5.98
C SER B 19 -29.59 -41.16 5.65
N ALA B 20 -28.82 -40.32 6.35
CA ALA B 20 -27.37 -40.29 6.22
C ALA B 20 -26.76 -40.28 7.61
N SER B 21 -25.57 -40.87 7.72
CA SER B 21 -24.91 -41.00 9.01
C SER B 21 -23.41 -41.02 8.80
N GLY B 22 -22.69 -40.69 9.87
CA GLY B 22 -21.25 -40.69 9.84
C GLY B 22 -20.60 -39.33 9.64
N PHE B 23 -21.37 -38.27 9.42
CA PHE B 23 -20.83 -36.95 9.25
C PHE B 23 -21.76 -35.93 9.91
N THR B 24 -21.42 -34.66 9.74
CA THR B 24 -22.32 -33.57 10.11
C THR B 24 -23.27 -33.33 8.95
N PHE B 25 -24.55 -33.66 9.15
CA PHE B 25 -25.49 -33.69 8.03
C PHE B 25 -25.73 -32.31 7.46
N SER B 26 -25.82 -31.31 8.32
CA SER B 26 -26.29 -30.00 7.92
C SER B 26 -25.21 -29.11 7.34
N SER B 27 -23.98 -29.59 7.25
CA SER B 27 -22.89 -28.82 6.67
C SER B 27 -22.67 -29.13 5.20
N TYR B 28 -23.45 -30.04 4.63
CA TYR B 28 -23.25 -30.50 3.26
C TYR B 28 -24.50 -30.27 2.44
N GLY B 29 -24.32 -30.14 1.13
CA GLY B 29 -25.42 -30.00 0.19
C GLY B 29 -25.70 -31.33 -0.50
N MET B 30 -26.98 -31.62 -0.67
CA MET B 30 -27.42 -32.93 -1.12
C MET B 30 -28.30 -32.79 -2.36
N HIS B 31 -27.98 -33.55 -3.40
CA HIS B 31 -28.76 -33.58 -4.64
C HIS B 31 -29.66 -34.80 -4.68
N TRP B 32 -30.65 -34.74 -5.56
CA TRP B 32 -31.47 -35.89 -5.91
C TRP B 32 -31.29 -36.16 -7.40
N ILE B 33 -30.94 -37.40 -7.74
CA ILE B 33 -30.77 -37.80 -9.13
C ILE B 33 -31.58 -39.08 -9.34
N ARG B 34 -32.48 -39.05 -10.32
CA ARG B 34 -33.32 -40.20 -10.63
C ARG B 34 -32.88 -40.78 -11.97
N GLN B 35 -32.88 -42.11 -12.07
CA GLN B 35 -32.48 -42.79 -13.28
C GLN B 35 -33.58 -43.76 -13.71
N VAL B 36 -34.18 -43.50 -14.86
CA VAL B 36 -35.07 -44.46 -15.50
C VAL B 36 -34.15 -45.49 -16.16
N PRO B 37 -34.51 -46.77 -16.18
CA PRO B 37 -33.53 -47.78 -16.61
C PRO B 37 -32.98 -47.59 -18.01
N GLY B 38 -33.71 -46.88 -18.88
CA GLY B 38 -33.36 -46.84 -20.28
C GLY B 38 -32.78 -45.54 -20.82
N LYS B 39 -33.08 -44.40 -20.22
CA LYS B 39 -32.63 -43.13 -20.76
C LYS B 39 -31.52 -42.48 -19.91
N GLY B 40 -30.95 -43.22 -18.97
CA GLY B 40 -29.84 -42.71 -18.20
C GLY B 40 -30.26 -41.92 -16.98
N LEU B 41 -29.29 -41.21 -16.41
CA LEU B 41 -29.51 -40.44 -15.20
C LEU B 41 -30.14 -39.10 -15.53
N ASP B 42 -30.76 -38.49 -14.51
CA ASP B 42 -31.49 -37.23 -14.67
C ASP B 42 -31.50 -36.51 -13.33
N TRP B 43 -30.89 -35.33 -13.29
CA TRP B 43 -30.86 -34.52 -12.09
C TRP B 43 -32.27 -34.02 -11.77
N VAL B 44 -32.57 -33.86 -10.48
CA VAL B 44 -33.90 -33.47 -10.02
C VAL B 44 -33.85 -32.19 -9.19
N ALA B 45 -33.15 -32.23 -8.05
CA ALA B 45 -33.21 -31.12 -7.10
C ALA B 45 -31.88 -31.01 -6.35
N TYR B 46 -31.76 -29.93 -5.58
CA TYR B 46 -30.59 -29.64 -4.78
C TYR B 46 -30.99 -28.75 -3.61
N ILE B 47 -30.45 -29.06 -2.43
CA ILE B 47 -30.62 -28.23 -1.24
C ILE B 47 -29.26 -28.14 -0.55
N SER B 48 -28.81 -26.92 -0.28
CA SER B 48 -27.48 -26.73 0.27
C SER B 48 -27.55 -26.56 1.79
N SER B 49 -26.39 -26.21 2.36
CA SER B 49 -26.31 -26.02 3.81
C SER B 49 -27.29 -24.95 4.28
N ALA B 50 -27.15 -23.74 3.76
CA ALA B 50 -28.15 -22.70 3.94
C ALA B 50 -29.32 -23.08 3.04
N SER B 51 -30.34 -23.70 3.62
CA SER B 51 -31.34 -24.42 2.84
C SER B 51 -31.99 -23.54 1.78
N ASP B 52 -31.69 -23.83 0.52
CA ASP B 52 -32.23 -23.09 -0.62
C ASP B 52 -32.39 -24.06 -1.78
N THR B 53 -33.61 -24.19 -2.28
CA THR B 53 -33.97 -25.29 -3.16
C THR B 53 -33.78 -24.89 -4.62
N PHE B 54 -33.07 -25.73 -5.38
CA PHE B 54 -32.91 -25.56 -6.82
C PHE B 54 -33.42 -26.80 -7.52
N TYR B 55 -34.34 -26.63 -8.46
CA TYR B 55 -35.03 -27.74 -9.11
C TYR B 55 -34.66 -27.84 -10.58
N ALA B 56 -35.02 -28.97 -11.17
CA ALA B 56 -34.89 -29.13 -12.61
C ALA B 56 -36.05 -28.43 -13.31
N ASP B 57 -35.86 -28.16 -14.61
CA ASP B 57 -36.83 -27.34 -15.34
C ASP B 57 -38.16 -28.06 -15.49
N ALA B 58 -38.12 -29.38 -15.65
CA ALA B 58 -39.36 -30.12 -15.92
C ALA B 58 -40.18 -30.35 -14.65
N VAL B 59 -39.53 -30.31 -13.49
CA VAL B 59 -40.15 -30.72 -12.24
C VAL B 59 -40.30 -29.54 -11.27
N LYS B 60 -40.33 -28.31 -11.80
CA LYS B 60 -40.19 -27.11 -10.96
C LYS B 60 -41.26 -27.04 -9.89
N GLU B 61 -42.54 -27.02 -10.28
CA GLU B 61 -43.63 -26.75 -9.36
C GLU B 61 -44.10 -27.98 -8.59
N ARG B 62 -43.67 -29.19 -8.96
CA ARG B 62 -44.32 -30.38 -8.42
C ARG B 62 -43.59 -30.91 -7.20
N PHE B 63 -42.31 -31.26 -7.34
CA PHE B 63 -41.54 -31.75 -6.21
C PHE B 63 -41.24 -30.62 -5.24
N THR B 64 -40.94 -30.98 -3.99
CA THR B 64 -40.35 -30.05 -3.03
C THR B 64 -39.27 -30.79 -2.26
N ILE B 65 -38.02 -30.39 -2.44
CA ILE B 65 -36.93 -30.97 -1.66
C ILE B 65 -36.77 -30.18 -0.37
N SER B 66 -36.64 -30.89 0.74
CA SER B 66 -36.44 -30.26 2.03
C SER B 66 -35.44 -31.09 2.82
N ARG B 67 -34.95 -30.52 3.90
CA ARG B 67 -34.12 -31.27 4.83
C ARG B 67 -34.52 -30.89 6.25
N ASP B 68 -34.63 -31.90 7.11
CA ASP B 68 -34.89 -31.68 8.52
C ASP B 68 -33.59 -31.92 9.27
N ASN B 69 -32.94 -30.83 9.66
CA ASN B 69 -31.70 -30.93 10.42
C ASN B 69 -32.00 -31.57 11.78
N ALA B 70 -30.95 -32.11 12.39
CA ALA B 70 -31.03 -32.83 13.67
C ALA B 70 -31.79 -34.14 13.53
N LYS B 71 -32.28 -34.44 12.32
CA LYS B 71 -32.85 -35.74 12.01
C LYS B 71 -32.15 -36.43 10.85
N ASN B 72 -31.38 -35.69 10.06
CA ASN B 72 -30.43 -36.22 9.09
C ASN B 72 -31.07 -36.92 7.90
N THR B 73 -32.23 -36.44 7.44
CA THR B 73 -32.89 -37.06 6.28
C THR B 73 -33.46 -35.98 5.37
N LEU B 74 -33.16 -36.07 4.08
CA LEU B 74 -33.84 -35.21 3.12
C LEU B 74 -35.19 -35.79 2.74
N TYR B 75 -36.15 -34.92 2.49
CA TYR B 75 -37.48 -35.30 2.05
C TYR B 75 -37.73 -34.68 0.68
N LEU B 76 -37.67 -35.49 -0.36
CA LEU B 76 -38.15 -35.07 -1.66
C LEU B 76 -39.64 -35.39 -1.74
N ARG B 77 -40.48 -34.46 -1.30
CA ARG B 77 -41.92 -34.61 -1.39
C ARG B 77 -42.28 -34.69 -2.86
N LEU B 78 -42.82 -35.83 -3.27
CA LEU B 78 -43.01 -36.13 -4.69
C LEU B 78 -44.08 -35.24 -5.29
N ASN B 79 -44.28 -35.40 -6.60
CA ASN B 79 -45.00 -34.47 -7.45
C ASN B 79 -46.38 -34.11 -6.91
N SER B 80 -46.93 -34.91 -5.99
CA SER B 80 -48.28 -34.75 -5.46
C SER B 80 -49.30 -35.01 -6.57
N LEU B 81 -48.81 -35.25 -7.79
CA LEU B 81 -49.60 -35.69 -8.91
C LEU B 81 -49.09 -37.05 -9.36
N LYS B 82 -47.77 -37.16 -9.49
CA LYS B 82 -47.05 -38.42 -9.69
C LYS B 82 -47.40 -39.11 -11.00
N SER B 83 -47.75 -38.37 -12.05
CA SER B 83 -48.36 -38.99 -13.22
C SER B 83 -47.33 -39.73 -14.07
N GLU B 84 -46.31 -39.03 -14.55
CA GLU B 84 -45.45 -39.58 -15.59
C GLU B 84 -43.98 -39.60 -15.18
N ASP B 85 -43.70 -39.50 -13.88
CA ASP B 85 -42.33 -39.50 -13.37
C ASP B 85 -42.10 -40.81 -12.62
N THR B 86 -41.26 -41.67 -13.18
CA THR B 86 -40.91 -42.93 -12.54
C THR B 86 -39.47 -43.28 -12.89
N ALA B 87 -38.69 -43.66 -11.89
CA ALA B 87 -37.27 -43.97 -12.07
C ALA B 87 -36.71 -44.47 -10.75
N ILE B 88 -35.44 -44.90 -10.78
CA ILE B 88 -34.73 -45.17 -9.53
C ILE B 88 -34.23 -43.86 -8.95
N TYR B 89 -34.67 -43.56 -7.73
CA TYR B 89 -34.32 -42.30 -7.08
C TYR B 89 -33.10 -42.49 -6.18
N TYR B 90 -32.10 -41.65 -6.37
CA TYR B 90 -30.86 -41.74 -5.62
C TYR B 90 -30.70 -40.57 -4.67
N CYS B 91 -29.68 -40.61 -3.83
CA CYS B 91 -29.26 -39.44 -3.08
C CYS B 91 -27.79 -39.21 -3.40
N ALA B 92 -27.35 -37.97 -3.22
CA ALA B 92 -25.95 -37.63 -3.42
C ALA B 92 -25.56 -36.57 -2.42
N ARG B 93 -24.39 -36.73 -1.82
CA ARG B 93 -23.85 -35.73 -0.90
C ARG B 93 -22.62 -35.13 -1.57
N THR B 94 -22.44 -33.82 -1.42
CA THR B 94 -21.29 -33.17 -2.02
C THR B 94 -20.01 -33.62 -1.33
N ARG B 95 -18.86 -33.19 -1.83
CA ARG B 95 -17.59 -33.69 -1.32
C ARG B 95 -17.12 -32.88 -0.12
N TYR B 96 -17.34 -31.56 -0.13
CA TYR B 96 -16.83 -30.66 0.88
C TYR B 96 -17.97 -29.95 1.59
N PRO B 97 -17.76 -29.51 2.84
CA PRO B 97 -18.82 -28.82 3.60
C PRO B 97 -18.85 -27.32 3.39
N THR B 98 -19.17 -26.88 2.17
CA THR B 98 -19.16 -25.47 1.84
C THR B 98 -20.57 -24.98 1.53
N ASP B 99 -20.69 -23.66 1.37
CA ASP B 99 -21.87 -23.04 0.78
C ASP B 99 -21.68 -22.80 -0.71
N HIS B 100 -20.70 -23.48 -1.30
CA HIS B 100 -20.49 -23.46 -2.74
C HIS B 100 -21.44 -24.45 -3.39
N PHE B 101 -22.23 -23.99 -4.36
CA PHE B 101 -23.30 -24.82 -4.90
C PHE B 101 -22.76 -25.94 -5.78
N TYR B 102 -21.63 -25.70 -6.46
CA TYR B 102 -21.13 -26.63 -7.47
C TYR B 102 -19.92 -27.37 -6.89
N ASP B 103 -20.18 -28.56 -6.36
CA ASP B 103 -19.20 -29.26 -5.53
C ASP B 103 -19.01 -30.73 -5.90
N TRP B 104 -19.46 -31.17 -7.07
CA TRP B 104 -19.21 -32.51 -7.62
C TRP B 104 -19.44 -33.61 -6.57
N PHE B 105 -20.71 -33.79 -6.24
CA PHE B 105 -21.13 -34.83 -5.31
C PHE B 105 -20.57 -36.19 -5.69
N PRO B 106 -19.68 -36.79 -4.89
CA PRO B 106 -19.18 -38.13 -5.21
C PRO B 106 -19.87 -39.25 -4.44
N TYR B 107 -20.67 -38.92 -3.42
CA TYR B 107 -21.22 -39.91 -2.50
C TYR B 107 -22.67 -40.17 -2.86
N TRP B 108 -22.90 -41.12 -3.76
CA TRP B 108 -24.25 -41.43 -4.16
C TRP B 108 -24.92 -42.32 -3.12
N GLY B 109 -26.25 -42.39 -3.19
CA GLY B 109 -27.03 -43.21 -2.29
C GLY B 109 -27.06 -44.66 -2.73
N GLN B 110 -28.03 -45.38 -2.16
CA GLN B 110 -28.21 -46.78 -2.54
C GLN B 110 -29.12 -46.91 -3.76
N GLY B 111 -30.16 -46.10 -3.80
CA GLY B 111 -31.13 -46.19 -4.88
C GLY B 111 -32.43 -46.73 -4.33
N THR B 112 -33.54 -46.34 -4.95
CA THR B 112 -34.86 -46.79 -4.55
C THR B 112 -35.77 -46.80 -5.77
N LYS C 17 -36.73 58.60 -2.31
CA LYS C 17 -36.48 58.74 -0.88
C LYS C 17 -35.19 58.04 -0.47
N ALA C 18 -35.22 56.71 -0.44
CA ALA C 18 -34.06 55.91 -0.10
C ALA C 18 -33.89 54.82 -1.15
N CYS C 19 -32.68 54.28 -1.22
CA CYS C 19 -32.36 53.24 -2.18
C CYS C 19 -31.27 52.36 -1.58
N PRO C 20 -31.16 51.11 -2.03
CA PRO C 20 -30.25 50.17 -1.36
C PRO C 20 -28.80 50.57 -1.52
N ARG C 21 -27.97 50.01 -0.65
CA ARG C 21 -26.53 50.17 -0.72
C ARG C 21 -25.88 48.79 -0.79
N PRO C 22 -25.20 48.45 -1.88
CA PRO C 22 -24.47 47.18 -1.90
C PRO C 22 -23.33 47.18 -0.91
N ALA C 23 -22.78 46.00 -0.66
CA ALA C 23 -21.71 45.88 0.31
C ALA C 23 -20.39 46.31 -0.31
N PRO C 24 -19.51 46.93 0.46
CA PRO C 24 -18.23 47.39 -0.10
C PRO C 24 -17.34 46.22 -0.48
N VAL C 25 -16.59 46.40 -1.57
CA VAL C 25 -15.74 45.37 -2.15
C VAL C 25 -14.54 46.10 -2.74
N PRO C 26 -13.32 45.57 -2.63
CA PRO C 26 -12.16 46.28 -3.18
C PRO C 26 -12.33 46.60 -4.65
N LYS C 27 -12.07 47.85 -5.02
CA LYS C 27 -12.37 48.35 -6.35
C LYS C 27 -11.27 48.02 -7.33
N LEU C 28 -11.65 47.55 -8.50
CA LEU C 28 -10.71 47.17 -9.53
C LEU C 28 -10.34 48.40 -10.35
N LEU C 29 -9.05 48.68 -10.46
CA LEU C 29 -8.61 49.84 -11.22
C LEU C 29 -8.38 49.51 -12.70
N ILE C 30 -7.74 48.39 -12.99
CA ILE C 30 -7.39 48.04 -14.35
C ILE C 30 -7.02 46.57 -14.37
N LYS C 31 -7.23 45.92 -15.51
CA LYS C 31 -6.98 44.49 -15.63
C LYS C 31 -6.52 44.18 -17.04
N GLY C 32 -5.51 43.32 -17.15
CA GLY C 32 -4.98 42.98 -18.46
C GLY C 32 -3.68 42.20 -18.40
N GLY C 33 -2.68 42.63 -19.17
CA GLY C 33 -1.37 42.03 -19.16
C GLY C 33 -0.41 42.77 -18.25
N MET C 34 0.88 42.53 -18.47
CA MET C 34 1.89 43.17 -17.63
C MET C 34 1.98 44.66 -17.89
N GLU C 35 1.59 45.13 -19.09
CA GLU C 35 1.60 46.56 -19.36
C GLU C 35 0.70 47.32 -18.39
N VAL C 36 -0.29 46.63 -17.82
CA VAL C 36 -1.15 47.21 -16.80
C VAL C 36 -0.33 47.84 -15.68
N LEU C 37 0.81 47.24 -15.36
CA LEU C 37 1.62 47.73 -14.26
C LEU C 37 2.24 49.09 -14.53
N ASP C 38 2.06 49.65 -15.73
CA ASP C 38 2.62 50.97 -16.01
C ASP C 38 1.79 52.08 -15.38
N LEU C 39 0.50 51.85 -15.16
CA LEU C 39 -0.34 52.83 -14.49
C LEU C 39 0.12 53.00 -13.05
N VAL C 40 0.29 54.27 -12.63
CA VAL C 40 0.63 54.58 -11.25
C VAL C 40 -0.63 54.46 -10.40
N THR C 41 -0.57 53.61 -9.37
CA THR C 41 -1.77 53.20 -8.64
C THR C 41 -1.77 53.63 -7.19
N GLY C 42 -0.81 54.44 -6.76
CA GLY C 42 -0.81 54.95 -5.41
C GLY C 42 -0.11 54.02 -4.43
N PRO C 43 -0.16 54.36 -3.15
CA PRO C 43 0.66 53.66 -2.16
C PRO C 43 -0.01 52.45 -1.54
N ASP C 44 -1.33 52.32 -1.65
CA ASP C 44 -2.07 51.26 -0.99
C ASP C 44 -2.77 50.33 -1.98
N SER C 45 -2.24 50.23 -3.20
CA SER C 45 -2.83 49.34 -4.18
C SER C 45 -2.32 47.92 -3.96
N VAL C 46 -3.06 46.97 -4.51
CA VAL C 46 -2.76 45.55 -4.39
C VAL C 46 -2.82 44.93 -5.77
N THR C 47 -1.80 44.14 -6.12
CA THR C 47 -1.68 43.58 -7.46
C THR C 47 -1.81 42.06 -7.37
N GLU C 48 -2.59 41.48 -8.27
CA GLU C 48 -2.75 40.03 -8.35
C GLU C 48 -2.27 39.56 -9.72
N ILE C 49 -1.21 38.77 -9.75
CA ILE C 49 -0.61 38.32 -11.01
C ILE C 49 -0.83 36.83 -11.13
N GLU C 50 -1.41 36.41 -12.25
CA GLU C 50 -1.58 35.00 -12.57
C GLU C 50 -0.53 34.58 -13.58
N ALA C 51 0.12 33.45 -13.33
CA ALA C 51 1.14 32.94 -14.23
C ALA C 51 1.14 31.42 -14.12
N PHE C 52 1.91 30.78 -14.99
CA PHE C 52 2.04 29.33 -14.90
C PHE C 52 3.43 28.91 -15.33
N LEU C 53 3.86 27.78 -14.81
CA LEU C 53 5.14 27.19 -15.15
C LEU C 53 4.89 25.82 -15.75
N ASN C 54 5.43 25.59 -16.86
CA ASN C 54 5.35 24.30 -17.52
C ASN C 54 6.44 23.39 -16.99
N PRO C 55 6.20 22.08 -16.95
CA PRO C 55 7.24 21.17 -16.51
C PRO C 55 8.32 21.06 -17.56
N ARG C 56 9.44 21.75 -17.34
CA ARG C 56 10.59 21.62 -18.22
C ARG C 56 11.53 20.58 -17.60
N MET C 57 11.14 19.33 -17.77
CA MET C 57 11.76 18.20 -17.12
C MET C 57 11.94 17.06 -18.12
N GLY C 58 13.12 16.97 -18.71
CA GLY C 58 13.39 15.92 -19.67
C GLY C 58 13.50 16.43 -21.10
N GLN C 59 12.51 16.12 -21.91
CA GLN C 59 12.52 16.55 -23.30
C GLN C 59 12.35 18.06 -23.38
N PRO C 60 13.18 18.77 -24.13
CA PRO C 60 13.04 20.21 -24.24
C PRO C 60 11.86 20.58 -25.12
N PRO C 61 11.38 21.82 -25.04
CA PRO C 61 10.18 22.19 -25.80
C PRO C 61 10.44 22.51 -27.26
N THR C 62 11.69 22.54 -27.71
CA THR C 62 12.01 23.20 -28.98
C THR C 62 11.67 22.36 -30.21
N PRO C 63 11.95 21.05 -30.29
CA PRO C 63 11.55 20.32 -31.49
C PRO C 63 10.04 20.15 -31.55
N GLU C 64 9.40 20.94 -32.41
CA GLU C 64 7.96 21.10 -32.32
C GLU C 64 7.20 19.94 -32.94
N SER C 65 7.77 19.27 -33.93
CA SER C 65 7.03 18.26 -34.68
C SER C 65 6.60 17.11 -33.77
N LEU C 66 5.41 16.58 -34.05
CA LEU C 66 4.91 15.44 -33.31
C LEU C 66 5.41 14.12 -33.86
N THR C 67 6.37 14.16 -34.78
CA THR C 67 7.02 12.97 -35.30
C THR C 67 8.54 13.04 -35.20
N GLU C 68 9.11 14.24 -35.32
CA GLU C 68 10.56 14.38 -35.21
C GLU C 68 11.01 14.20 -33.77
N GLY C 69 10.30 14.80 -32.83
CA GLY C 69 10.59 14.65 -31.43
C GLY C 69 9.69 13.68 -30.70
N GLY C 70 8.78 13.00 -31.39
CA GLY C 70 7.84 12.07 -30.78
C GLY C 70 6.90 12.76 -29.81
N GLN C 71 7.21 14.02 -29.54
CA GLN C 71 6.55 14.85 -28.53
C GLN C 71 6.41 14.14 -27.21
N TYR C 72 7.54 13.93 -26.58
CA TYR C 72 7.68 13.72 -25.16
C TYR C 72 7.72 15.02 -24.41
N TYR C 73 7.21 16.10 -24.98
CA TYR C 73 7.09 17.35 -24.26
C TYR C 73 6.09 17.20 -23.13
N GLY C 74 6.47 17.63 -21.94
CA GLY C 74 5.76 17.30 -20.74
C GLY C 74 6.23 16.01 -20.09
N TRP C 75 6.79 15.09 -20.86
CA TRP C 75 7.39 13.88 -20.36
C TRP C 75 8.90 14.01 -20.40
N SER C 76 9.57 12.94 -20.00
CA SER C 76 11.00 12.79 -20.18
C SER C 76 11.26 11.73 -21.24
N ARG C 77 12.50 11.69 -21.72
CA ARG C 77 12.88 10.62 -22.62
C ARG C 77 13.10 9.35 -21.80
N GLY C 78 13.41 8.25 -22.49
CA GLY C 78 13.52 6.98 -21.81
C GLY C 78 14.57 6.96 -20.73
N ILE C 79 14.36 6.08 -19.76
CA ILE C 79 15.27 5.91 -18.64
C ILE C 79 16.06 4.63 -18.91
N ASN C 80 17.37 4.77 -19.03
CA ASN C 80 18.28 3.65 -19.23
C ASN C 80 19.12 3.47 -17.98
N LEU C 81 19.13 2.23 -17.47
CA LEU C 81 19.85 1.92 -16.25
C LEU C 81 21.35 2.04 -16.48
N ALA C 82 22.10 1.93 -15.40
CA ALA C 82 23.54 1.78 -15.50
C ALA C 82 23.87 0.35 -15.88
N THR C 83 25.09 0.15 -16.37
CA THR C 83 25.49 -1.17 -16.85
C THR C 83 26.43 -1.86 -15.89
N SER C 84 27.21 -1.09 -15.13
CA SER C 84 28.08 -1.65 -14.11
C SER C 84 27.94 -0.80 -12.85
N ASP C 85 28.57 -1.27 -11.77
CA ASP C 85 28.47 -0.58 -10.49
C ASP C 85 29.21 0.76 -10.50
N THR C 86 29.96 1.05 -11.55
CA THR C 86 30.71 2.29 -11.67
C THR C 86 30.32 3.12 -12.88
N GLU C 87 29.95 2.48 -13.99
CA GLU C 87 29.60 3.19 -15.21
C GLU C 87 28.18 3.72 -15.10
N ASP C 88 28.02 5.04 -15.15
CA ASP C 88 26.71 5.65 -14.97
C ASP C 88 26.70 7.00 -15.66
N SER C 89 25.93 7.11 -16.74
CA SER C 89 25.73 8.37 -17.45
C SER C 89 24.24 8.67 -17.51
N PRO C 90 23.73 9.59 -16.71
CA PRO C 90 22.28 9.79 -16.63
C PRO C 90 21.64 10.48 -17.84
N GLU C 91 22.43 10.97 -18.80
CA GLU C 91 21.84 11.39 -20.08
C GLU C 91 20.84 12.53 -19.98
N ASN C 92 21.35 13.78 -19.93
CA ASN C 92 20.58 14.97 -19.57
C ASN C 92 19.11 14.91 -19.97
N ASN C 93 18.79 14.45 -21.17
CA ASN C 93 17.41 14.49 -21.64
C ASN C 93 16.52 13.46 -20.95
N THR C 94 17.00 12.83 -19.88
CA THR C 94 16.20 11.92 -19.06
C THR C 94 16.21 12.34 -17.60
N LEU C 95 16.43 13.62 -17.34
CA LEU C 95 16.61 14.14 -15.98
C LEU C 95 15.58 15.23 -15.72
N PRO C 96 14.58 15.00 -14.89
CA PRO C 96 13.65 16.08 -14.53
C PRO C 96 14.38 17.14 -13.73
N THR C 97 14.17 18.40 -14.12
CA THR C 97 14.87 19.53 -13.55
C THR C 97 13.87 20.55 -13.00
N TRP C 98 14.41 21.60 -12.40
CA TRP C 98 13.58 22.64 -11.83
C TRP C 98 13.06 23.56 -12.91
N SER C 99 11.88 24.13 -12.67
CA SER C 99 11.33 25.18 -13.51
C SER C 99 11.34 26.48 -12.73
N MET C 100 11.74 27.57 -13.38
CA MET C 100 11.77 28.87 -12.72
C MET C 100 11.38 29.94 -13.71
N ALA C 101 10.86 31.04 -13.17
CA ALA C 101 10.49 32.19 -13.97
C ALA C 101 10.62 33.44 -13.10
N LYS C 102 10.92 34.56 -13.74
CA LYS C 102 11.07 35.83 -13.05
C LYS C 102 10.13 36.85 -13.66
N LEU C 103 9.20 37.34 -12.87
CA LEU C 103 8.29 38.41 -13.27
C LEU C 103 8.93 39.74 -12.93
N GLN C 104 9.29 40.50 -13.94
CA GLN C 104 9.98 41.79 -13.75
C GLN C 104 8.93 42.85 -13.49
N LEU C 105 8.76 43.19 -12.22
CA LEU C 105 7.76 44.17 -11.80
C LEU C 105 8.30 45.57 -12.07
N PRO C 106 7.43 46.58 -12.10
CA PRO C 106 7.89 47.94 -12.36
C PRO C 106 8.71 48.48 -11.20
N MET C 107 9.39 49.60 -11.48
CA MET C 107 10.20 50.27 -10.48
C MET C 107 9.34 51.29 -9.73
N LEU C 108 9.56 51.39 -8.43
CA LEU C 108 8.68 52.15 -7.54
C LEU C 108 9.26 53.47 -7.09
N ASN C 109 10.52 53.50 -6.68
CA ASN C 109 11.12 54.67 -6.07
C ASN C 109 11.73 55.57 -7.14
N GLU C 110 11.40 56.86 -7.08
CA GLU C 110 11.91 57.83 -8.04
C GLU C 110 12.54 59.02 -7.35
N ASP C 111 12.06 59.38 -6.17
CA ASP C 111 12.56 60.53 -5.41
C ASP C 111 13.38 60.01 -4.23
N LEU C 112 14.69 60.18 -4.31
CA LEU C 112 15.60 59.74 -3.27
C LEU C 112 15.88 60.81 -2.23
N THR C 113 15.00 61.82 -2.13
CA THR C 113 15.25 62.94 -1.22
C THR C 113 15.30 62.47 0.23
N CYS C 114 14.26 61.76 0.70
CA CYS C 114 14.20 61.34 2.09
C CYS C 114 14.72 59.92 2.23
N ASP C 115 14.66 59.40 3.45
CA ASP C 115 15.34 58.17 3.83
C ASP C 115 14.43 56.96 3.81
N THR C 116 13.51 56.85 2.85
CA THR C 116 12.60 55.73 2.79
C THR C 116 12.36 55.34 1.34
N LEU C 117 12.64 54.08 1.00
CA LEU C 117 12.33 53.53 -0.30
C LEU C 117 11.04 52.71 -0.21
N GLN C 118 10.62 52.18 -1.35
CA GLN C 118 9.37 51.44 -1.44
C GLN C 118 9.58 50.24 -2.35
N MET C 119 9.16 49.06 -1.90
CA MET C 119 9.37 47.86 -2.70
C MET C 119 8.19 46.93 -2.56
N TRP C 120 8.01 46.08 -3.56
CA TRP C 120 6.91 45.14 -3.58
C TRP C 120 7.09 44.10 -2.48
N GLU C 121 6.02 43.35 -2.22
CA GLU C 121 6.02 42.38 -1.13
C GLU C 121 4.92 41.37 -1.38
N ALA C 122 5.29 40.13 -1.68
CA ALA C 122 4.31 39.09 -1.93
C ALA C 122 3.58 38.77 -0.64
N VAL C 123 2.27 38.95 -0.63
CA VAL C 123 1.46 38.75 0.57
C VAL C 123 0.87 37.35 0.62
N SER C 124 0.33 36.85 -0.48
CA SER C 124 -0.24 35.52 -0.47
C SER C 124 -0.15 34.91 -1.86
N VAL C 125 -0.46 33.62 -1.95
CA VAL C 125 -0.34 32.90 -3.22
C VAL C 125 -1.38 31.79 -3.27
N LYS C 126 -2.15 31.76 -4.35
CA LYS C 126 -2.89 30.57 -4.74
C LYS C 126 -2.03 29.78 -5.71
N THR C 127 -2.16 28.46 -5.67
CA THR C 127 -1.37 27.65 -6.58
C THR C 127 -2.07 26.33 -6.81
N GLU C 128 -1.87 25.75 -7.99
CA GLU C 128 -2.58 24.54 -8.34
C GLU C 128 -1.90 23.82 -9.48
N VAL C 129 -1.61 22.54 -9.30
CA VAL C 129 -1.07 21.71 -10.37
C VAL C 129 -2.24 21.36 -11.30
N VAL C 130 -2.27 21.96 -12.48
CA VAL C 130 -3.39 21.81 -13.40
C VAL C 130 -3.08 20.69 -14.38
N GLY C 131 -4.02 19.76 -14.52
CA GLY C 131 -3.85 18.69 -15.48
C GLY C 131 -3.92 17.31 -14.87
N SER C 132 -4.64 17.17 -13.76
CA SER C 132 -4.69 15.88 -13.08
C SER C 132 -5.51 14.86 -13.86
N GLY C 133 -6.73 15.23 -14.23
CA GLY C 133 -7.61 14.30 -14.92
C GLY C 133 -7.06 13.75 -16.21
N SER C 134 -6.08 14.42 -16.80
CA SER C 134 -5.45 13.93 -18.02
C SER C 134 -4.81 12.58 -17.82
N LEU C 135 -4.51 12.21 -16.58
CA LEU C 135 -3.94 10.91 -16.27
C LEU C 135 -4.97 9.79 -16.35
N LEU C 136 -6.20 10.08 -16.73
CA LEU C 136 -7.22 9.06 -16.94
C LEU C 136 -7.20 8.52 -18.37
N ASP C 137 -6.14 8.77 -19.12
CA ASP C 137 -5.98 8.23 -20.47
C ASP C 137 -5.40 6.83 -20.33
N VAL C 138 -6.27 5.83 -20.34
CA VAL C 138 -5.87 4.45 -20.12
C VAL C 138 -5.76 3.66 -21.41
N HIS C 139 -6.19 4.21 -22.53
CA HIS C 139 -5.86 3.64 -23.83
C HIS C 139 -4.43 4.05 -24.18
N GLY C 140 -3.94 3.62 -25.32
CA GLY C 140 -2.59 3.98 -25.71
C GLY C 140 -1.63 2.82 -25.58
N PHE C 141 -0.40 3.08 -25.98
CA PHE C 141 0.64 2.07 -26.07
C PHE C 141 1.53 2.15 -24.84
N ASN C 142 1.02 1.65 -23.72
CA ASN C 142 1.84 1.43 -22.53
C ASN C 142 1.70 -0.03 -22.13
N LYS C 143 2.57 -0.46 -21.23
CA LYS C 143 2.54 -1.82 -20.73
C LYS C 143 1.15 -2.15 -20.20
N PRO C 144 0.43 -3.09 -20.80
CA PRO C 144 -0.91 -3.40 -20.32
C PRO C 144 -0.89 -4.00 -18.92
N THR C 145 -2.06 -4.04 -18.31
CA THR C 145 -2.17 -4.61 -16.97
C THR C 145 -2.00 -6.12 -17.01
N ASP C 146 -2.64 -6.78 -17.98
CA ASP C 146 -2.48 -8.22 -18.18
C ASP C 146 -1.33 -8.41 -19.18
N THR C 147 -0.12 -8.57 -18.65
CA THR C 147 1.06 -8.64 -19.50
C THR C 147 1.22 -10.01 -20.16
N VAL C 148 0.51 -11.02 -19.67
CA VAL C 148 0.64 -12.36 -20.25
C VAL C 148 0.06 -12.37 -21.66
N ASN C 149 -1.18 -11.94 -21.81
CA ASN C 149 -1.86 -11.92 -23.10
C ASN C 149 -1.88 -10.55 -23.74
N THR C 150 -1.23 -9.56 -23.14
CA THR C 150 -1.20 -8.19 -23.66
C THR C 150 -2.61 -7.68 -23.89
N LYS C 151 -3.33 -7.53 -22.77
CA LYS C 151 -4.73 -7.13 -22.80
C LYS C 151 -5.04 -6.34 -21.55
N GLY C 152 -6.13 -5.60 -21.59
CA GLY C 152 -6.59 -4.89 -20.41
C GLY C 152 -6.59 -3.39 -20.52
N ILE C 153 -5.70 -2.75 -19.78
CA ILE C 153 -5.61 -1.29 -19.70
C ILE C 153 -4.15 -0.91 -19.86
N SER C 154 -3.87 0.08 -20.69
CA SER C 154 -2.52 0.61 -20.79
C SER C 154 -2.22 1.35 -19.50
N THR C 155 -1.52 0.69 -18.58
CA THR C 155 -1.36 1.10 -17.19
C THR C 155 -1.13 2.60 -17.05
N PRO C 156 -1.80 3.25 -16.10
CA PRO C 156 -1.67 4.70 -15.98
C PRO C 156 -0.34 5.13 -15.37
N VAL C 157 -0.20 6.41 -15.11
CA VAL C 157 1.04 6.94 -14.54
C VAL C 157 1.06 6.63 -13.05
N GLU C 158 2.06 5.86 -12.63
CA GLU C 158 2.25 5.53 -11.24
C GLU C 158 3.73 5.72 -10.90
N GLY C 159 4.02 5.82 -9.63
CA GLY C 159 5.40 5.78 -9.18
C GLY C 159 5.74 6.92 -8.26
N SER C 160 7.04 7.11 -8.07
CA SER C 160 7.55 8.13 -7.16
C SER C 160 7.19 9.52 -7.68
N GLN C 161 6.66 10.36 -6.79
CA GLN C 161 6.23 11.70 -7.15
C GLN C 161 6.86 12.73 -6.25
N TYR C 162 6.86 13.98 -6.71
CA TYR C 162 7.65 15.03 -6.09
C TYR C 162 7.05 16.37 -6.46
N HIS C 163 6.44 17.07 -5.50
CA HIS C 163 5.81 18.36 -5.76
C HIS C 163 6.47 19.40 -4.88
N VAL C 164 7.15 20.37 -5.48
CA VAL C 164 7.77 21.48 -4.78
C VAL C 164 7.39 22.76 -5.51
N PHE C 165 7.20 23.84 -4.75
CA PHE C 165 7.10 25.15 -5.35
C PHE C 165 7.65 26.18 -4.37
N ALA C 166 7.91 27.38 -4.89
CA ALA C 166 8.62 28.38 -4.11
C ALA C 166 8.38 29.75 -4.70
N VAL C 167 8.03 30.71 -3.84
CA VAL C 167 7.80 32.09 -4.23
C VAL C 167 8.79 32.96 -3.46
N GLY C 168 9.54 33.79 -4.16
CA GLY C 168 10.57 34.54 -3.48
C GLY C 168 10.91 35.85 -4.17
N GLY C 169 11.79 36.61 -3.52
CA GLY C 169 12.27 37.86 -4.06
C GLY C 169 13.59 37.71 -4.77
N GLU C 170 14.35 36.68 -4.42
CA GLU C 170 15.61 36.34 -5.05
C GLU C 170 15.55 34.88 -5.45
N PRO C 171 16.42 34.44 -6.37
CA PRO C 171 16.32 33.06 -6.84
C PRO C 171 16.52 32.06 -5.72
N LEU C 172 15.87 30.91 -5.85
CA LEU C 172 15.90 29.87 -4.84
C LEU C 172 17.32 29.42 -4.55
N ASP C 173 17.80 29.63 -3.33
CA ASP C 173 19.08 29.06 -2.94
C ASP C 173 18.91 27.57 -2.70
N LEU C 174 19.65 26.76 -3.45
CA LEU C 174 19.54 25.31 -3.34
C LEU C 174 20.91 24.70 -3.04
N GLN C 175 20.88 23.39 -2.79
CA GLN C 175 22.00 22.67 -2.21
C GLN C 175 22.12 21.31 -2.87
N GLY C 176 23.27 20.66 -2.73
CA GLY C 176 23.51 19.44 -3.46
C GLY C 176 23.65 18.17 -2.67
N LEU C 177 22.76 17.21 -2.89
CA LEU C 177 22.88 15.85 -2.39
C LEU C 177 22.61 14.87 -3.51
N VAL C 178 23.45 13.84 -3.61
CA VAL C 178 23.25 12.80 -4.61
C VAL C 178 23.28 11.45 -3.91
N THR C 179 22.50 10.50 -4.44
CA THR C 179 22.53 9.15 -3.90
C THR C 179 23.90 8.51 -4.11
N ASP C 180 24.42 8.60 -5.32
CA ASP C 180 25.75 8.08 -5.64
C ASP C 180 26.62 9.23 -6.12
N ALA C 181 27.81 9.34 -5.55
CA ALA C 181 28.73 10.40 -5.90
C ALA C 181 29.66 10.04 -7.05
N ARG C 182 29.49 8.86 -7.66
CA ARG C 182 30.26 8.57 -8.87
C ARG C 182 29.56 9.17 -10.09
N THR C 183 28.43 8.58 -10.48
CA THR C 183 27.38 9.23 -11.28
C THR C 183 27.92 10.19 -12.34
N LYS C 184 28.58 9.67 -13.37
CA LYS C 184 29.24 10.53 -14.35
C LYS C 184 28.18 11.30 -15.13
N TYR C 185 27.81 12.47 -14.60
CA TYR C 185 26.89 13.36 -15.29
C TYR C 185 27.58 14.02 -16.48
N LYS C 186 26.79 14.40 -17.48
CA LYS C 186 27.34 15.13 -18.60
C LYS C 186 27.87 16.48 -18.13
N GLU C 187 28.94 16.95 -18.77
CA GLU C 187 29.56 18.20 -18.38
C GLU C 187 28.91 19.41 -19.03
N GLU C 188 28.29 19.25 -20.18
CA GLU C 188 27.70 20.35 -20.92
C GLU C 188 26.21 20.10 -21.06
N GLY C 189 25.41 21.10 -20.70
CA GLY C 189 23.97 21.03 -20.84
C GLY C 189 23.20 21.06 -19.54
N VAL C 190 23.83 20.75 -18.41
CA VAL C 190 23.18 20.79 -17.11
C VAL C 190 24.15 21.41 -16.12
N VAL C 191 23.64 21.70 -14.92
CA VAL C 191 24.45 22.24 -13.84
C VAL C 191 24.53 21.20 -12.74
N THR C 192 25.70 20.59 -12.59
CA THR C 192 25.97 19.57 -11.59
C THR C 192 26.87 20.18 -10.52
N ILE C 193 27.08 19.43 -9.44
CA ILE C 193 27.94 19.91 -8.37
C ILE C 193 29.35 20.18 -8.90
N LYS C 194 29.80 19.38 -9.87
CA LYS C 194 31.10 19.63 -10.47
C LYS C 194 31.13 20.94 -11.24
N THR C 195 29.99 21.37 -11.78
CA THR C 195 29.96 22.61 -12.56
C THR C 195 30.19 23.82 -11.68
N ILE C 196 29.74 23.79 -10.43
CA ILE C 196 29.84 24.97 -9.58
C ILE C 196 31.07 24.86 -8.68
N THR C 197 31.48 23.64 -8.33
CA THR C 197 32.65 23.46 -7.49
C THR C 197 33.94 23.30 -8.29
N LYS C 198 33.85 22.91 -9.56
CA LYS C 198 34.95 22.75 -10.50
C LYS C 198 35.88 21.60 -10.14
N LYS C 199 35.63 20.89 -9.05
CA LYS C 199 36.30 19.64 -8.75
C LYS C 199 35.28 18.51 -8.80
N ASP C 200 35.78 17.29 -8.90
CA ASP C 200 34.89 16.14 -8.94
C ASP C 200 34.14 16.01 -7.62
N MET C 201 33.11 15.18 -7.62
CA MET C 201 32.30 14.98 -6.43
C MET C 201 33.05 14.14 -5.40
N VAL C 202 32.76 14.39 -4.13
CA VAL C 202 33.39 13.68 -3.03
C VAL C 202 32.31 12.85 -2.33
N ASN C 203 32.74 12.05 -1.36
CA ASN C 203 31.77 11.27 -0.59
C ASN C 203 30.86 12.15 0.25
N LYS C 204 31.36 13.30 0.69
CA LYS C 204 30.55 14.21 1.47
C LYS C 204 29.42 14.84 0.65
N ASP C 205 29.31 14.49 -0.62
CA ASP C 205 28.17 14.91 -1.44
C ASP C 205 27.06 13.88 -1.47
N GLN C 206 27.19 12.80 -0.71
CA GLN C 206 26.07 11.90 -0.46
C GLN C 206 25.32 12.27 0.81
N VAL C 207 25.87 13.20 1.59
CA VAL C 207 25.20 13.81 2.73
C VAL C 207 25.42 15.30 2.59
N LEU C 208 25.00 16.07 3.60
CA LEU C 208 25.03 17.52 3.49
C LEU C 208 26.47 18.02 3.45
N ASN C 209 26.90 18.54 2.30
CA ASN C 209 28.19 19.19 2.17
C ASN C 209 27.97 20.69 2.11
N PRO C 210 28.50 21.46 3.03
CA PRO C 210 28.19 22.91 3.05
C PRO C 210 28.85 23.69 1.93
N ILE C 211 29.42 22.99 0.96
CA ILE C 211 30.10 23.63 -0.17
C ILE C 211 29.24 23.62 -1.42
N SER C 212 28.49 22.54 -1.64
CA SER C 212 27.73 22.36 -2.87
C SER C 212 26.42 23.15 -2.81
N LYS C 213 26.56 24.47 -2.91
CA LYS C 213 25.42 25.37 -2.89
C LYS C 213 25.34 26.12 -4.22
N ALA C 214 24.13 26.45 -4.64
CA ALA C 214 23.91 27.16 -5.88
C ALA C 214 22.64 28.01 -5.76
N LYS C 215 22.34 28.76 -6.80
CA LYS C 215 21.12 29.57 -6.87
C LYS C 215 20.40 29.24 -8.16
N LEU C 216 19.14 28.87 -8.06
CA LEU C 216 18.37 28.49 -9.24
C LEU C 216 18.07 29.71 -10.08
N ASP C 217 18.93 30.00 -11.06
CA ASP C 217 18.69 31.06 -12.02
C ASP C 217 18.35 30.51 -13.40
N LYS C 218 19.18 29.64 -13.94
CA LYS C 218 18.83 28.98 -15.19
C LYS C 218 17.61 28.09 -14.98
N ASP C 219 16.73 28.07 -15.97
CA ASP C 219 15.53 27.25 -15.91
C ASP C 219 15.73 26.00 -16.74
N GLY C 220 15.22 24.88 -16.23
CA GLY C 220 15.34 23.63 -16.95
C GLY C 220 16.75 23.11 -17.05
N MET C 221 17.59 23.48 -16.10
CA MET C 221 19.01 23.14 -16.12
C MET C 221 19.48 22.43 -14.86
N TYR C 222 18.87 22.71 -13.72
CA TYR C 222 19.26 22.13 -12.45
C TYR C 222 18.43 20.88 -12.15
N PRO C 223 18.97 19.68 -12.28
CA PRO C 223 18.17 18.48 -12.01
C PRO C 223 17.74 18.41 -10.56
N VAL C 224 16.62 17.73 -10.33
CA VAL C 224 16.07 17.64 -8.99
C VAL C 224 16.65 16.48 -8.21
N GLU C 225 17.32 15.55 -8.87
CA GLU C 225 18.00 14.48 -8.17
C GLU C 225 19.34 14.93 -7.60
N ILE C 226 19.71 16.19 -7.79
CA ILE C 226 20.95 16.75 -7.26
C ILE C 226 20.67 17.96 -6.38
N TRP C 227 19.85 18.88 -6.86
CA TRP C 227 19.66 20.18 -6.22
C TRP C 227 18.34 20.21 -5.47
N HIS C 228 18.41 20.50 -4.17
CA HIS C 228 17.30 20.53 -3.26
C HIS C 228 17.17 21.92 -2.63
N PRO C 229 15.96 22.40 -2.38
CA PRO C 229 15.81 23.72 -1.76
C PRO C 229 16.53 23.76 -0.42
N ASP C 230 17.43 24.68 -0.30
CA ASP C 230 18.40 24.72 0.79
C ASP C 230 17.88 25.59 1.92
N PRO C 231 17.81 25.08 3.14
CA PRO C 231 17.48 25.95 4.27
C PRO C 231 18.70 26.74 4.72
N ALA C 232 18.74 28.02 4.37
CA ALA C 232 19.91 28.86 4.62
C ALA C 232 19.77 29.50 6.00
N LYS C 233 20.70 30.39 6.34
CA LYS C 233 20.57 31.14 7.58
C LYS C 233 19.40 32.11 7.50
N ASN C 234 19.50 33.08 6.59
CA ASN C 234 18.46 34.06 6.35
C ASN C 234 17.93 33.90 4.92
N GLU C 235 16.62 33.76 4.79
CA GLU C 235 16.02 33.47 3.48
C GLU C 235 14.84 34.39 3.24
N ASN C 236 14.70 34.83 1.99
CA ASN C 236 13.62 35.69 1.54
C ASN C 236 12.67 34.96 0.59
N THR C 237 12.46 33.68 0.81
CA THR C 237 11.72 32.81 -0.09
C THR C 237 10.89 31.85 0.74
N ARG C 238 9.69 31.53 0.25
CA ARG C 238 8.85 30.54 0.88
C ARG C 238 8.72 29.37 -0.06
N TYR C 239 9.23 28.21 0.35
CA TYR C 239 9.18 27.01 -0.46
C TYR C 239 8.44 25.91 0.29
N PHE C 240 7.52 25.26 -0.40
CA PHE C 240 6.74 24.15 0.13
C PHE C 240 7.00 22.93 -0.73
N GLY C 241 6.93 21.75 -0.14
CA GLY C 241 7.21 20.57 -0.93
C GLY C 241 6.77 19.30 -0.24
N ASN C 242 6.68 18.24 -1.03
CA ASN C 242 6.41 16.91 -0.52
C ASN C 242 6.84 15.88 -1.55
N TYR C 243 7.41 14.78 -1.05
CA TYR C 243 7.89 13.71 -1.88
C TYR C 243 7.18 12.42 -1.47
N THR C 244 7.07 11.48 -2.41
CA THR C 244 6.40 10.21 -2.13
C THR C 244 7.03 9.14 -3.00
N GLY C 245 7.93 8.36 -2.42
CA GLY C 245 8.67 7.37 -3.18
C GLY C 245 7.82 6.19 -3.59
N GLY C 246 8.46 5.09 -3.96
CA GLY C 246 7.77 3.89 -4.37
C GLY C 246 7.87 3.65 -5.85
N THR C 247 7.46 2.45 -6.24
CA THR C 247 7.51 2.01 -7.63
C THR C 247 6.13 1.95 -8.28
N THR C 248 5.08 1.70 -7.50
CA THR C 248 3.72 1.67 -8.02
C THR C 248 2.78 2.55 -7.21
N THR C 249 3.32 3.53 -6.48
CA THR C 249 2.53 4.41 -5.64
C THR C 249 1.50 5.16 -6.48
N PRO C 250 0.21 5.05 -6.18
CA PRO C 250 -0.79 5.80 -6.91
C PRO C 250 -0.59 7.29 -6.73
N PRO C 251 -0.67 8.07 -7.80
CA PRO C 251 -0.62 9.52 -7.66
C PRO C 251 -1.91 10.06 -7.10
N VAL C 252 -1.79 11.11 -6.29
CA VAL C 252 -2.92 11.72 -5.61
C VAL C 252 -2.76 13.23 -5.70
N LEU C 253 -3.85 13.92 -6.03
CA LEU C 253 -3.79 15.36 -6.16
C LEU C 253 -5.16 15.96 -5.85
N GLN C 254 -5.15 17.23 -5.46
CA GLN C 254 -6.36 17.96 -5.11
C GLN C 254 -6.33 19.31 -5.82
N PHE C 255 -7.35 19.60 -6.60
CA PHE C 255 -7.51 20.96 -7.07
C PHE C 255 -8.61 21.63 -6.25
N THR C 256 -8.66 22.95 -6.37
CA THR C 256 -9.69 23.74 -5.70
C THR C 256 -9.49 25.19 -6.12
N ASN C 257 -10.55 25.97 -5.96
CA ASN C 257 -10.59 27.36 -6.39
C ASN C 257 -10.50 28.32 -5.22
N THR C 258 -10.46 27.81 -4.00
CA THR C 258 -10.77 28.60 -2.82
C THR C 258 -9.57 28.84 -1.90
N LEU C 259 -8.90 27.81 -1.44
CA LEU C 259 -7.92 27.99 -0.37
C LEU C 259 -6.60 28.53 -0.91
N THR C 260 -6.02 29.46 -0.17
CA THR C 260 -4.79 30.15 -0.51
C THR C 260 -3.69 29.79 0.47
N THR C 261 -2.50 30.32 0.20
CA THR C 261 -1.34 30.19 1.08
C THR C 261 -0.90 31.59 1.48
N VAL C 262 -0.60 31.78 2.77
CA VAL C 262 -0.15 33.06 3.28
C VAL C 262 1.36 33.05 3.30
N LEU C 263 1.98 33.93 2.51
CA LEU C 263 3.43 34.02 2.46
C LEU C 263 4.00 34.95 3.53
N LEU C 264 3.19 35.39 4.49
CA LEU C 264 3.69 36.25 5.54
C LEU C 264 4.57 35.46 6.48
N ASP C 265 5.53 36.15 7.09
CA ASP C 265 6.48 35.55 8.00
C ASP C 265 5.96 35.71 9.42
N GLU C 266 6.78 35.40 10.42
CA GLU C 266 6.37 35.62 11.80
C GLU C 266 6.22 37.11 12.13
N ASN C 267 7.08 37.95 11.55
CA ASN C 267 6.95 39.39 11.69
C ASN C 267 5.98 39.98 10.68
N GLY C 268 5.36 39.15 9.86
CA GLY C 268 4.42 39.62 8.87
C GLY C 268 5.08 40.47 7.80
N VAL C 269 6.07 39.91 7.10
CA VAL C 269 6.73 40.60 6.00
C VAL C 269 6.42 39.95 4.65
N GLY C 270 6.85 38.72 4.46
CA GLY C 270 6.69 38.08 3.18
C GLY C 270 7.76 38.49 2.20
N PRO C 271 7.99 37.69 1.17
CA PRO C 271 9.12 37.93 0.26
C PRO C 271 9.06 39.31 -0.37
N LEU C 272 10.07 40.13 -0.06
CA LEU C 272 10.22 41.45 -0.65
C LEU C 272 11.02 41.32 -1.93
N CYS C 273 10.39 41.65 -3.06
CA CYS C 273 11.04 41.50 -4.35
C CYS C 273 12.10 42.56 -4.55
N LYS C 274 13.36 42.22 -4.32
CA LYS C 274 14.46 43.14 -4.55
C LYS C 274 14.95 43.00 -5.98
N GLY C 275 15.28 44.14 -6.59
CA GLY C 275 15.37 44.20 -8.02
C GLY C 275 14.03 44.27 -8.71
N GLU C 276 12.96 44.40 -7.93
CA GLU C 276 11.59 44.40 -8.43
C GLU C 276 11.34 43.19 -9.32
N GLY C 277 11.72 42.02 -8.81
CA GLY C 277 11.52 40.79 -9.54
C GLY C 277 10.97 39.68 -8.66
N LEU C 278 9.85 39.11 -9.07
CA LEU C 278 9.26 37.97 -8.37
C LEU C 278 9.82 36.69 -8.98
N TYR C 279 10.34 35.80 -8.14
CA TYR C 279 10.91 34.55 -8.63
C TYR C 279 10.00 33.41 -8.22
N LEU C 280 9.44 32.71 -9.21
CA LEU C 280 8.62 31.54 -8.99
C LEU C 280 9.38 30.31 -9.45
N SER C 281 9.36 29.26 -8.63
CA SER C 281 10.05 28.03 -8.96
C SER C 281 9.16 26.86 -8.61
N CYS C 282 9.30 25.77 -9.34
CA CYS C 282 8.41 24.64 -9.13
C CYS C 282 8.98 23.40 -9.78
N VAL C 283 8.50 22.25 -9.30
CA VAL C 283 8.73 20.96 -9.93
C VAL C 283 7.57 20.06 -9.52
N ASP C 284 6.98 19.36 -10.49
CA ASP C 284 5.83 18.51 -10.22
C ASP C 284 5.96 17.22 -11.01
N ILE C 285 6.63 16.24 -10.41
CA ILE C 285 6.79 14.92 -11.02
C ILE C 285 5.67 14.04 -10.53
N MET C 286 4.94 13.42 -11.45
CA MET C 286 3.76 12.63 -11.14
C MET C 286 4.00 11.13 -11.22
N GLY C 287 5.18 10.71 -11.65
CA GLY C 287 5.51 9.30 -11.76
C GLY C 287 5.83 8.90 -13.19
N TRP C 288 6.44 7.73 -13.29
CA TRP C 288 6.87 7.22 -14.58
C TRP C 288 5.74 6.53 -15.31
N ARG C 289 5.84 6.52 -16.63
CA ARG C 289 4.97 5.76 -17.49
C ARG C 289 5.82 4.73 -18.23
N VAL C 290 5.42 3.47 -18.17
CA VAL C 290 6.24 2.35 -18.64
C VAL C 290 5.78 1.94 -20.03
N THR C 291 6.74 1.61 -20.89
CA THR C 291 6.50 1.46 -22.31
C THR C 291 6.21 0.00 -22.67
N ARG C 292 5.46 -0.19 -23.75
CA ARG C 292 5.06 -1.51 -24.24
C ARG C 292 6.24 -2.19 -24.92
N ASN C 293 7.34 -2.35 -24.20
CA ASN C 293 8.59 -2.83 -24.76
C ASN C 293 9.51 -3.22 -23.61
N TYR C 294 10.82 -3.32 -23.86
CA TYR C 294 11.76 -3.16 -22.76
C TYR C 294 11.22 -2.06 -21.85
N ASP C 295 11.10 -2.35 -20.56
CA ASP C 295 10.23 -1.50 -19.74
C ASP C 295 10.86 -0.14 -19.49
N VAL C 296 10.89 0.70 -20.52
CA VAL C 296 11.48 2.02 -20.39
C VAL C 296 10.47 2.95 -19.72
N HIS C 297 10.94 3.72 -18.75
CA HIS C 297 10.09 4.54 -17.90
C HIS C 297 10.33 6.01 -18.25
N HIS C 298 9.27 6.70 -18.69
CA HIS C 298 9.32 8.14 -18.90
C HIS C 298 8.56 8.84 -17.79
N TRP C 299 9.19 9.83 -17.17
CA TRP C 299 8.52 10.63 -16.15
C TRP C 299 7.37 11.41 -16.78
N ARG C 300 6.46 11.87 -15.93
CA ARG C 300 5.44 12.82 -16.35
C ARG C 300 5.45 14.02 -15.41
N GLY C 301 5.25 15.20 -15.96
CA GLY C 301 5.20 16.41 -15.17
C GLY C 301 4.01 17.26 -15.58
N LEU C 302 3.40 17.89 -14.58
CA LEU C 302 2.22 18.67 -14.88
C LEU C 302 2.47 20.14 -14.58
N PRO C 303 1.85 21.04 -15.33
CA PRO C 303 2.10 22.46 -15.15
C PRO C 303 1.47 22.97 -13.87
N ARG C 304 2.05 24.05 -13.34
CA ARG C 304 1.62 24.61 -12.07
C ARG C 304 1.24 26.07 -12.24
N TYR C 305 0.06 26.43 -11.76
CA TYR C 305 -0.46 27.79 -11.87
C TYR C 305 -0.25 28.52 -10.56
N PHE C 306 0.35 29.70 -10.62
CA PHE C 306 0.56 30.58 -9.48
C PHE C 306 -0.32 31.81 -9.63
N LYS C 307 -0.85 32.30 -8.52
CA LYS C 307 -1.54 33.60 -8.49
C LYS C 307 -1.06 34.32 -7.23
N ILE C 308 -0.19 35.30 -7.42
CA ILE C 308 0.47 35.99 -6.32
C ILE C 308 -0.23 37.31 -6.08
N THR C 309 -0.67 37.53 -4.85
CA THR C 309 -1.22 38.79 -4.40
C THR C 309 -0.13 39.51 -3.63
N LEU C 310 0.30 40.66 -4.14
CA LEU C 310 1.42 41.39 -3.57
C LEU C 310 1.10 42.87 -3.48
N ARG C 311 1.62 43.50 -2.44
CA ARG C 311 1.39 44.90 -2.11
C ARG C 311 2.73 45.62 -2.03
N LYS C 312 2.67 46.90 -1.66
CA LYS C 312 3.87 47.71 -1.52
C LYS C 312 4.21 47.90 -0.05
N ARG C 313 5.51 48.01 0.24
CA ARG C 313 5.99 48.18 1.59
C ARG C 313 7.05 49.28 1.61
N TRP C 314 6.99 50.13 2.63
CA TRP C 314 8.03 51.14 2.83
C TRP C 314 9.21 50.54 3.56
N VAL C 315 10.42 50.76 3.05
CA VAL C 315 11.64 50.27 3.68
C VAL C 315 12.63 51.42 3.79
N LYS C 316 13.59 51.24 4.69
CA LYS C 316 14.62 52.25 4.93
C LYS C 316 15.69 52.16 3.85
N ASN C 317 16.18 53.31 3.42
CA ASN C 317 17.22 53.39 2.40
C ASN C 317 18.47 52.65 2.88
N PRO C 318 18.95 51.66 2.14
CA PRO C 318 20.13 50.91 2.59
C PRO C 318 21.44 51.57 2.17
N TYR C 319 21.37 52.45 1.18
CA TYR C 319 22.56 52.99 0.53
C TYR C 319 23.39 53.94 1.40
N PRO C 320 22.79 54.82 2.25
CA PRO C 320 23.61 55.73 3.06
C PRO C 320 24.72 55.04 3.82
N MET C 321 24.58 53.73 4.06
CA MET C 321 25.71 52.96 4.55
C MET C 321 26.62 52.59 3.38
N ALA C 322 27.63 53.42 3.13
CA ALA C 322 28.55 53.22 2.02
C ALA C 322 29.28 51.89 2.17
N SER C 323 29.84 51.42 1.04
CA SER C 323 30.56 50.15 1.04
C SER C 323 31.81 50.22 1.91
N LEU C 324 32.43 51.40 1.98
CA LEU C 324 33.68 51.55 2.72
C LEU C 324 33.53 51.25 4.21
N ILE C 325 32.32 51.38 4.76
CA ILE C 325 32.05 50.92 6.11
C ILE C 325 31.33 49.58 6.13
N SER C 326 30.42 49.33 5.18
CA SER C 326 29.88 48.00 4.95
C SER C 326 30.83 47.12 4.17
N SER C 327 32.07 46.98 4.64
CA SER C 327 33.13 46.32 3.88
C SER C 327 33.00 44.82 3.95
N LEU C 328 34.07 44.10 3.61
CA LEU C 328 34.01 42.66 3.49
C LEU C 328 33.91 41.99 4.86
N PHE C 329 32.77 42.19 5.53
CA PHE C 329 32.45 41.46 6.75
C PHE C 329 31.59 40.25 6.46
N ASN C 330 30.82 40.26 5.38
CA ASN C 330 30.00 39.13 4.98
C ASN C 330 30.85 38.15 4.17
N ASN C 331 30.19 37.19 3.53
CA ASN C 331 30.88 36.15 2.77
C ASN C 331 31.35 36.71 1.42
N MET C 332 32.25 37.69 1.51
CA MET C 332 32.81 38.34 0.33
C MET C 332 34.33 38.29 0.28
N LEU C 333 34.99 37.85 1.35
CA LEU C 333 36.44 37.72 1.38
C LEU C 333 36.88 36.78 0.27
N PRO C 334 37.58 37.28 -0.75
CA PRO C 334 37.94 36.42 -1.89
C PRO C 334 38.79 35.23 -1.49
N GLN C 335 39.94 35.48 -0.87
CA GLN C 335 40.88 34.46 -0.46
C GLN C 335 41.96 35.16 0.37
N VAL C 336 42.89 34.39 0.89
CA VAL C 336 43.89 34.89 1.82
C VAL C 336 45.28 34.88 1.20
N GLN C 337 45.64 33.78 0.54
CA GLN C 337 47.03 33.41 0.25
C GLN C 337 47.90 34.60 -0.17
N GLY C 338 49.04 34.71 0.47
CA GLY C 338 49.98 35.78 0.18
C GLY C 338 51.29 35.51 0.88
N GLN C 339 52.21 36.44 0.75
CA GLN C 339 53.53 36.33 1.36
C GLN C 339 53.39 36.16 2.86
N PRO C 340 54.31 35.43 3.51
CA PRO C 340 54.11 35.07 4.92
C PRO C 340 54.32 36.26 5.84
N MET C 341 53.31 36.57 6.64
CA MET C 341 53.39 37.64 7.64
C MET C 341 53.13 37.11 9.04
N GLU C 342 53.55 35.87 9.31
CA GLU C 342 53.45 35.25 10.62
C GLU C 342 54.35 34.02 10.62
N GLY C 343 54.40 33.35 11.77
CA GLY C 343 55.18 32.13 11.83
C GLY C 343 56.67 32.39 11.97
N GLU C 344 57.44 31.38 11.56
CA GLU C 344 58.90 31.44 11.66
C GLU C 344 59.54 32.16 10.49
N ASN C 345 58.82 32.33 9.38
CA ASN C 345 59.33 33.02 8.21
C ASN C 345 58.65 34.36 8.00
N THR C 346 58.14 34.96 9.06
CA THR C 346 57.40 36.22 8.94
C THR C 346 58.31 37.31 8.40
N GLN C 347 57.69 38.30 7.76
CA GLN C 347 58.41 39.45 7.23
C GLN C 347 58.08 40.74 7.99
N VAL C 348 57.25 40.66 9.01
CA VAL C 348 56.94 41.81 9.86
C VAL C 348 58.15 42.03 10.76
N GLU C 349 58.99 43.00 10.41
CA GLU C 349 60.25 43.17 11.12
C GLU C 349 60.06 43.79 12.50
N GLU C 350 59.03 44.61 12.67
CA GLU C 350 58.93 45.41 13.90
C GLU C 350 57.52 45.96 14.01
N VAL C 351 57.05 46.09 15.24
CA VAL C 351 55.73 46.65 15.54
C VAL C 351 55.85 47.43 16.85
N ARG C 352 55.41 48.68 16.85
CA ARG C 352 55.42 49.47 18.07
C ARG C 352 54.09 50.21 18.19
N VAL C 353 53.74 50.55 19.43
CA VAL C 353 52.48 51.21 19.73
C VAL C 353 52.78 52.47 20.55
N TYR C 354 52.07 53.55 20.25
CA TYR C 354 52.18 54.80 20.98
C TYR C 354 50.81 55.19 21.52
N ASP C 355 50.76 55.63 22.77
CA ASP C 355 49.48 56.06 23.29
C ASP C 355 49.48 57.49 23.83
N GLY C 356 50.52 57.88 24.55
CA GLY C 356 50.50 59.19 25.19
C GLY C 356 51.57 60.13 24.68
N THR C 357 52.04 61.02 25.55
CA THR C 357 53.09 61.98 25.18
C THR C 357 54.00 62.13 26.40
N GLU C 358 55.15 61.47 26.34
CA GLU C 358 56.13 61.51 27.41
C GLU C 358 57.29 62.42 27.03
N PRO C 359 58.02 62.93 28.03
CA PRO C 359 59.21 63.72 27.72
C PRO C 359 60.19 62.93 26.85
N VAL C 360 60.95 63.67 26.05
CA VAL C 360 61.84 63.05 25.06
C VAL C 360 62.83 62.14 25.76
N PRO C 361 62.85 60.85 25.44
CA PRO C 361 63.74 59.92 26.15
C PRO C 361 65.17 60.02 25.69
N GLY C 362 66.01 59.12 26.17
CA GLY C 362 67.43 59.17 25.87
C GLY C 362 67.71 58.37 24.61
N ASP C 363 68.38 57.23 24.75
CA ASP C 363 68.64 56.34 23.62
C ASP C 363 67.34 56.09 22.84
N PRO C 364 67.25 56.57 21.60
CA PRO C 364 66.01 56.42 20.84
C PRO C 364 65.76 55.00 20.33
N ASP C 365 66.75 54.13 20.36
CA ASP C 365 66.59 52.73 20.01
C ASP C 365 66.09 51.88 21.17
N MET C 366 65.55 52.52 22.21
CA MET C 366 65.19 51.83 23.44
C MET C 366 64.02 50.88 23.22
N THR C 367 64.15 49.67 23.76
CA THR C 367 63.10 48.67 23.72
C THR C 367 62.26 48.76 24.98
N ARG C 368 60.97 48.48 24.84
CA ARG C 368 60.06 48.52 25.96
C ARG C 368 59.02 47.43 25.78
N TYR C 369 58.61 46.79 26.87
CA TYR C 369 57.61 45.74 26.78
C TYR C 369 56.77 45.75 28.04
N VAL C 370 55.84 44.81 28.12
CA VAL C 370 55.01 44.62 29.30
C VAL C 370 55.24 43.19 29.77
N ASP C 371 55.88 43.04 30.93
CA ASP C 371 56.05 41.72 31.49
C ASP C 371 54.71 41.22 32.02
N ARG C 372 54.70 39.97 32.46
CA ARG C 372 53.49 39.20 32.74
C ARG C 372 52.44 39.99 33.51
N PHE C 373 52.85 41.06 34.19
CA PHE C 373 51.92 41.89 34.92
C PHE C 373 51.93 43.38 34.54
N GLY C 374 53.07 43.97 34.18
CA GLY C 374 53.11 45.42 34.04
C GLY C 374 54.26 45.91 33.20
N LYS C 375 54.35 47.23 33.06
CA LYS C 375 55.31 47.85 32.15
C LYS C 375 56.75 47.56 32.57
N THR C 376 57.65 47.53 31.59
CA THR C 376 59.07 47.32 31.87
C THR C 376 59.90 47.81 30.69
N LYS C 377 60.85 48.69 30.99
CA LYS C 377 61.78 49.20 29.98
C LYS C 377 62.98 48.26 29.92
N THR C 378 63.10 47.51 28.83
CA THR C 378 64.21 46.58 28.66
C THR C 378 65.53 47.32 28.82
N VAL C 379 66.44 46.71 29.59
CA VAL C 379 67.71 47.36 29.90
C VAL C 379 68.43 47.72 28.61
N PHE C 380 68.96 48.93 28.57
CA PHE C 380 69.73 49.39 27.42
C PHE C 380 70.86 48.40 27.15
N PRO C 381 71.09 48.03 25.89
CA PRO C 381 71.98 46.91 25.59
C PRO C 381 73.40 47.13 26.11
N GLY C 382 73.78 46.30 27.08
CA GLY C 382 75.09 46.38 27.68
C GLY C 382 75.23 45.50 28.90
N LYS D 17 -53.55 31.72 27.25
CA LYS D 17 -52.96 33.05 27.32
C LYS D 17 -51.45 32.98 27.49
N ALA D 18 -51.00 32.32 28.55
CA ALA D 18 -49.59 32.21 28.88
C ALA D 18 -49.02 30.83 28.53
N CYS D 19 -49.55 30.17 27.51
CA CYS D 19 -48.98 28.90 27.07
C CYS D 19 -47.58 29.16 26.53
N PRO D 20 -46.59 28.31 26.84
CA PRO D 20 -45.19 28.68 26.60
C PRO D 20 -44.88 28.74 25.11
N ARG D 21 -43.99 29.67 24.76
CA ARG D 21 -43.69 29.95 23.37
C ARG D 21 -42.53 29.08 22.88
N PRO D 22 -42.68 28.37 21.78
CA PRO D 22 -41.54 27.64 21.21
C PRO D 22 -40.47 28.57 20.66
N ALA D 23 -39.38 28.00 20.15
CA ALA D 23 -38.24 28.76 19.68
C ALA D 23 -38.46 29.26 18.26
N PRO D 24 -37.83 30.37 17.88
CA PRO D 24 -37.99 30.87 16.51
C PRO D 24 -37.06 30.20 15.52
N VAL D 25 -37.62 29.65 14.46
CA VAL D 25 -36.85 29.10 13.35
C VAL D 25 -37.37 29.74 12.08
N PRO D 26 -36.59 29.71 10.99
CA PRO D 26 -37.06 30.34 9.75
C PRO D 26 -38.37 29.75 9.27
N LYS D 27 -39.24 30.61 8.77
CA LYS D 27 -40.58 30.24 8.36
C LYS D 27 -40.59 29.83 6.90
N LEU D 28 -41.14 28.67 6.61
CA LEU D 28 -41.19 28.15 5.25
C LEU D 28 -42.45 28.65 4.58
N LEU D 29 -42.29 29.32 3.43
CA LEU D 29 -43.43 29.87 2.71
C LEU D 29 -44.13 28.80 1.89
N ILE D 30 -43.43 28.25 0.91
CA ILE D 30 -44.01 27.27 0.00
C ILE D 30 -42.88 26.39 -0.53
N LYS D 31 -43.17 25.11 -0.67
CA LYS D 31 -42.19 24.17 -1.22
C LYS D 31 -42.84 23.38 -2.34
N GLY D 32 -42.00 22.82 -3.19
CA GLY D 32 -42.48 22.07 -4.33
C GLY D 32 -41.42 22.01 -5.41
N GLY D 33 -41.86 22.06 -6.66
CA GLY D 33 -40.96 22.08 -7.79
C GLY D 33 -40.39 23.46 -8.05
N MET D 34 -39.85 23.64 -9.25
CA MET D 34 -39.25 24.92 -9.61
C MET D 34 -40.29 26.02 -9.71
N GLU D 35 -41.52 25.70 -10.10
CA GLU D 35 -42.56 26.72 -10.21
C GLU D 35 -42.80 27.46 -8.91
N VAL D 36 -42.41 26.87 -7.78
CA VAL D 36 -42.52 27.52 -6.48
C VAL D 36 -41.83 28.87 -6.50
N LEU D 37 -40.78 29.00 -7.30
CA LEU D 37 -40.03 30.26 -7.34
C LEU D 37 -40.83 31.39 -7.94
N ASP D 38 -41.99 31.11 -8.54
CA ASP D 38 -42.76 32.17 -9.18
C ASP D 38 -43.45 33.06 -8.17
N LEU D 39 -43.52 32.64 -6.91
CA LEU D 39 -44.12 33.47 -5.88
C LEU D 39 -43.12 34.53 -5.42
N VAL D 40 -43.44 35.81 -5.65
CA VAL D 40 -42.57 36.89 -5.24
C VAL D 40 -42.62 37.03 -3.72
N THR D 41 -41.45 37.03 -3.08
CA THR D 41 -41.36 36.90 -1.64
C THR D 41 -40.83 38.15 -0.95
N GLY D 42 -39.69 38.67 -1.38
CA GLY D 42 -39.12 39.83 -0.74
C GLY D 42 -37.61 39.79 -0.72
N PRO D 43 -36.98 40.76 -0.06
CA PRO D 43 -35.52 40.86 -0.09
C PRO D 43 -34.79 39.95 0.88
N ASP D 44 -35.47 39.35 1.85
CA ASP D 44 -34.84 38.48 2.82
C ASP D 44 -35.14 37.01 2.61
N SER D 45 -35.90 36.66 1.57
CA SER D 45 -36.23 35.27 1.33
C SER D 45 -35.00 34.49 0.95
N VAL D 46 -34.85 33.32 1.55
CA VAL D 46 -33.77 32.38 1.25
C VAL D 46 -34.37 31.20 0.51
N THR D 47 -33.66 30.70 -0.49
CA THR D 47 -34.15 29.60 -1.30
C THR D 47 -33.16 28.43 -1.22
N GLU D 48 -33.69 27.22 -1.16
CA GLU D 48 -32.88 26.02 -1.16
C GLU D 48 -33.37 25.09 -2.27
N ILE D 49 -32.47 24.75 -3.19
CA ILE D 49 -32.82 23.93 -4.34
C ILE D 49 -32.04 22.63 -4.27
N GLU D 50 -32.75 21.52 -4.32
CA GLU D 50 -32.15 20.20 -4.41
C GLU D 50 -32.13 19.76 -5.86
N ALA D 51 -31.09 19.04 -6.25
CA ALA D 51 -30.97 18.56 -7.61
C ALA D 51 -29.96 17.43 -7.62
N PHE D 52 -29.92 16.69 -8.70
CA PHE D 52 -28.92 15.64 -8.84
C PHE D 52 -28.42 15.60 -10.28
N LEU D 53 -27.19 15.12 -10.43
CA LEU D 53 -26.57 14.96 -11.74
C LEU D 53 -26.12 13.52 -11.88
N ASN D 54 -26.51 12.89 -12.95
CA ASN D 54 -26.21 11.50 -13.22
C ASN D 54 -24.87 11.37 -13.91
N PRO D 55 -24.21 10.24 -13.77
CA PRO D 55 -22.89 10.06 -14.39
C PRO D 55 -23.03 9.77 -15.87
N ARG D 56 -22.67 10.76 -16.68
CA ARG D 56 -22.72 10.62 -18.14
C ARG D 56 -21.29 10.32 -18.59
N MET D 57 -20.96 9.02 -18.60
CA MET D 57 -19.62 8.54 -18.93
C MET D 57 -19.72 7.37 -19.89
N GLY D 58 -19.75 7.68 -21.18
CA GLY D 58 -19.74 6.61 -22.17
C GLY D 58 -21.08 6.30 -22.77
N GLN D 59 -21.69 5.21 -22.33
CA GLN D 59 -22.95 4.77 -22.91
C GLN D 59 -24.04 5.80 -22.61
N PRO D 60 -24.70 6.35 -23.63
CA PRO D 60 -25.74 7.34 -23.39
C PRO D 60 -26.97 6.69 -22.76
N PRO D 61 -27.87 7.50 -22.20
CA PRO D 61 -29.02 6.90 -21.50
C PRO D 61 -30.13 6.41 -22.41
N THR D 62 -30.01 6.54 -23.73
CA THR D 62 -31.19 6.43 -24.58
C THR D 62 -31.70 5.01 -24.82
N PRO D 63 -30.87 3.97 -25.03
CA PRO D 63 -31.47 2.66 -25.32
C PRO D 63 -32.03 2.01 -24.06
N GLU D 64 -33.27 2.37 -23.71
CA GLU D 64 -33.86 1.97 -22.45
C GLU D 64 -33.87 0.46 -22.24
N SER D 65 -33.74 -0.33 -23.30
CA SER D 65 -33.80 -1.77 -23.16
C SER D 65 -32.54 -2.31 -22.48
N LEU D 66 -32.69 -3.36 -21.69
CA LEU D 66 -31.59 -3.97 -20.97
C LEU D 66 -30.93 -5.10 -21.75
N THR D 67 -31.24 -5.22 -23.03
CA THR D 67 -30.57 -6.20 -23.89
C THR D 67 -29.91 -5.56 -25.09
N GLU D 68 -30.51 -4.52 -25.67
CA GLU D 68 -29.90 -3.87 -26.81
C GLU D 68 -28.81 -2.89 -26.39
N GLY D 69 -28.96 -2.26 -25.25
CA GLY D 69 -27.89 -1.45 -24.72
C GLY D 69 -26.98 -2.18 -23.78
N GLY D 70 -27.28 -3.45 -23.46
CA GLY D 70 -26.55 -4.22 -22.47
C GLY D 70 -26.70 -3.62 -21.10
N GLN D 71 -27.31 -2.45 -21.08
CA GLN D 71 -27.37 -1.54 -19.94
C GLN D 71 -26.04 -1.42 -19.23
N TYR D 72 -25.08 -0.88 -19.97
CA TYR D 72 -23.94 -0.21 -19.38
C TYR D 72 -24.28 1.25 -19.20
N TYR D 73 -25.43 1.55 -18.60
CA TYR D 73 -25.79 2.92 -18.27
C TYR D 73 -25.24 3.23 -16.89
N GLY D 74 -24.55 4.36 -16.77
CA GLY D 74 -23.74 4.62 -15.61
C GLY D 74 -22.37 4.01 -15.71
N TRP D 75 -22.11 3.21 -16.73
CA TRP D 75 -20.80 2.64 -16.98
C TRP D 75 -20.31 3.12 -18.33
N SER D 76 -18.99 3.20 -18.48
CA SER D 76 -18.42 3.29 -19.80
C SER D 76 -18.73 2.01 -20.57
N ARG D 77 -18.48 2.03 -21.87
CA ARG D 77 -18.81 0.87 -22.69
C ARG D 77 -17.72 -0.18 -22.59
N GLY D 78 -16.52 0.14 -23.04
CA GLY D 78 -15.41 -0.78 -22.97
C GLY D 78 -14.17 -0.12 -23.52
N ILE D 79 -13.03 -0.53 -22.97
CA ILE D 79 -11.75 0.10 -23.30
C ILE D 79 -10.99 -0.85 -24.21
N ASN D 80 -10.72 -0.41 -25.43
CA ASN D 80 -9.81 -1.09 -26.33
C ASN D 80 -8.58 -0.22 -26.51
N LEU D 81 -7.41 -0.84 -26.44
CA LEU D 81 -6.15 -0.12 -26.39
C LEU D 81 -5.76 0.36 -27.78
N ALA D 82 -4.57 0.95 -27.88
CA ALA D 82 -4.03 1.40 -29.16
C ALA D 82 -3.23 0.27 -29.78
N THR D 83 -3.52 -0.04 -31.03
CA THR D 83 -2.87 -1.16 -31.70
C THR D 83 -1.39 -0.87 -31.93
N SER D 84 -1.05 0.38 -32.22
CA SER D 84 0.34 0.78 -32.40
C SER D 84 0.55 2.15 -31.80
N ASP D 85 1.82 2.56 -31.73
CA ASP D 85 2.16 3.84 -31.10
C ASP D 85 1.51 4.99 -31.84
N THR D 86 1.47 4.94 -33.17
CA THR D 86 1.02 6.07 -33.95
C THR D 86 -0.50 6.22 -33.91
N GLU D 87 -1.22 5.17 -34.25
CA GLU D 87 -2.68 5.24 -34.36
C GLU D 87 -3.30 4.89 -33.01
N ASP D 88 -4.12 5.80 -32.49
CA ASP D 88 -4.84 5.59 -31.23
C ASP D 88 -6.16 6.32 -31.34
N SER D 89 -7.23 5.59 -31.63
CA SER D 89 -8.55 6.18 -31.76
C SER D 89 -9.44 5.71 -30.62
N PRO D 90 -9.77 6.57 -29.67
CA PRO D 90 -10.73 6.17 -28.63
C PRO D 90 -12.16 6.45 -29.07
N GLU D 91 -13.05 5.49 -28.86
CA GLU D 91 -14.43 5.67 -29.24
C GLU D 91 -15.12 6.64 -28.30
N ASN D 92 -16.29 7.13 -28.71
CA ASN D 92 -16.98 8.15 -27.95
C ASN D 92 -17.69 7.60 -26.72
N ASN D 93 -18.10 6.34 -26.74
CA ASN D 93 -18.74 5.72 -25.59
C ASN D 93 -17.72 5.12 -24.63
N THR D 94 -16.45 5.37 -24.85
CA THR D 94 -15.40 4.94 -23.95
C THR D 94 -14.94 6.05 -23.01
N LEU D 95 -15.01 7.30 -23.44
CA LEU D 95 -14.48 8.44 -22.70
C LEU D 95 -15.49 8.96 -21.70
N PRO D 96 -15.21 8.93 -20.41
CA PRO D 96 -16.09 9.59 -19.45
C PRO D 96 -16.01 11.10 -19.61
N THR D 97 -17.15 11.77 -19.45
CA THR D 97 -17.29 13.17 -19.77
C THR D 97 -17.84 13.93 -18.59
N TRP D 98 -17.91 15.25 -18.73
CA TRP D 98 -18.44 16.09 -17.68
C TRP D 98 -19.96 16.06 -17.68
N SER D 99 -20.54 16.15 -16.50
CA SER D 99 -21.97 16.36 -16.35
C SER D 99 -22.21 17.81 -15.95
N MET D 100 -23.26 18.41 -16.50
CA MET D 100 -23.58 19.78 -16.15
C MET D 100 -25.08 19.99 -16.24
N ALA D 101 -25.55 21.04 -15.59
CA ALA D 101 -26.96 21.40 -15.61
C ALA D 101 -27.09 22.86 -15.25
N LYS D 102 -28.17 23.47 -15.74
CA LYS D 102 -28.44 24.87 -15.48
C LYS D 102 -29.84 25.02 -14.93
N LEU D 103 -29.96 25.70 -13.79
CA LEU D 103 -31.24 25.96 -13.16
C LEU D 103 -31.60 27.41 -13.44
N GLN D 104 -32.64 27.62 -14.25
CA GLN D 104 -33.05 28.97 -14.61
C GLN D 104 -33.92 29.53 -13.49
N LEU D 105 -33.41 30.53 -12.81
CA LEU D 105 -34.10 31.20 -11.71
C LEU D 105 -34.91 32.37 -12.24
N PRO D 106 -35.87 32.90 -11.46
CA PRO D 106 -36.68 34.00 -11.95
C PRO D 106 -35.91 35.30 -12.08
N MET D 107 -36.60 36.36 -12.49
CA MET D 107 -36.03 37.69 -12.53
C MET D 107 -36.31 38.41 -11.22
N LEU D 108 -35.40 39.27 -10.81
CA LEU D 108 -35.52 39.99 -9.56
C LEU D 108 -35.76 41.47 -9.84
N ASN D 109 -35.77 42.28 -8.79
CA ASN D 109 -36.06 43.70 -8.92
C ASN D 109 -34.89 44.44 -9.56
N GLU D 110 -35.17 45.66 -10.00
CA GLU D 110 -34.18 46.61 -10.47
C GLU D 110 -34.39 47.92 -9.73
N ASP D 111 -33.48 48.85 -9.93
CA ASP D 111 -33.64 50.20 -9.38
C ASP D 111 -32.95 51.18 -10.33
N LEU D 112 -33.72 51.72 -11.26
CA LEU D 112 -33.16 52.69 -12.20
C LEU D 112 -32.89 54.03 -11.55
N THR D 113 -33.41 54.25 -10.34
CA THR D 113 -33.14 55.49 -9.62
C THR D 113 -31.68 55.54 -9.17
N CYS D 114 -31.25 54.54 -8.42
CA CYS D 114 -29.89 54.49 -7.89
C CYS D 114 -28.99 53.54 -8.66
N ASP D 115 -29.43 53.04 -9.82
CA ASP D 115 -28.63 52.22 -10.71
C ASP D 115 -28.14 50.93 -10.03
N THR D 116 -28.90 50.43 -9.06
CA THR D 116 -28.62 49.13 -8.47
C THR D 116 -29.65 48.13 -8.96
N LEU D 117 -29.36 46.85 -8.71
CA LEU D 117 -30.25 45.76 -9.06
C LEU D 117 -29.84 44.56 -8.24
N GLN D 118 -30.78 43.67 -7.95
CA GLN D 118 -30.48 42.54 -7.11
C GLN D 118 -30.37 41.26 -7.91
N MET D 119 -29.49 40.38 -7.45
CA MET D 119 -29.15 39.15 -8.15
C MET D 119 -29.22 37.97 -7.20
N TRP D 120 -29.40 36.79 -7.78
CA TRP D 120 -29.36 35.55 -7.02
C TRP D 120 -27.92 35.24 -6.65
N GLU D 121 -27.65 35.05 -5.36
CA GLU D 121 -26.30 34.82 -4.87
C GLU D 121 -26.25 33.48 -4.17
N ALA D 122 -25.58 32.50 -4.77
CA ALA D 122 -25.48 31.17 -4.17
C ALA D 122 -24.60 31.23 -2.94
N VAL D 123 -25.21 31.08 -1.77
CA VAL D 123 -24.49 31.22 -0.50
C VAL D 123 -23.71 29.95 -0.19
N SER D 124 -24.37 28.80 -0.20
CA SER D 124 -23.72 27.58 0.27
C SER D 124 -24.23 26.38 -0.50
N VAL D 125 -23.61 25.21 -0.27
CA VAL D 125 -23.96 24.00 -0.99
C VAL D 125 -23.67 22.78 -0.12
N LYS D 126 -24.63 21.85 -0.07
CA LYS D 126 -24.44 20.52 0.48
C LYS D 126 -24.43 19.53 -0.68
N THR D 127 -23.30 18.89 -0.92
CA THR D 127 -23.20 17.93 -2.01
C THR D 127 -22.85 16.55 -1.45
N GLU D 128 -23.16 15.53 -2.24
CA GLU D 128 -22.86 14.16 -1.83
C GLU D 128 -22.96 13.18 -2.99
N VAL D 129 -21.95 12.35 -3.20
CA VAL D 129 -22.02 11.29 -4.20
C VAL D 129 -22.90 10.18 -3.62
N VAL D 130 -24.08 10.00 -4.19
CA VAL D 130 -25.06 9.06 -3.66
C VAL D 130 -24.94 7.75 -4.42
N GLY D 131 -24.78 6.65 -3.69
CA GLY D 131 -24.73 5.35 -4.31
C GLY D 131 -23.47 4.56 -4.02
N SER D 132 -22.81 4.85 -2.91
CA SER D 132 -21.54 4.20 -2.61
C SER D 132 -21.73 2.73 -2.28
N GLY D 133 -22.68 2.41 -1.41
CA GLY D 133 -22.87 1.05 -0.96
C GLY D 133 -23.17 0.06 -2.07
N SER D 134 -23.65 0.54 -3.21
CA SER D 134 -23.98 -0.34 -4.33
C SER D 134 -22.76 -1.09 -4.84
N LEU D 135 -21.55 -0.62 -4.53
CA LEU D 135 -20.33 -1.31 -4.91
C LEU D 135 -20.04 -2.52 -4.04
N LEU D 136 -20.92 -2.83 -3.09
CA LEU D 136 -20.85 -4.08 -2.34
C LEU D 136 -21.48 -5.25 -3.09
N ASP D 137 -21.78 -5.06 -4.37
CA ASP D 137 -22.28 -6.12 -5.24
C ASP D 137 -21.08 -6.92 -5.72
N VAL D 138 -20.73 -7.98 -5.01
CA VAL D 138 -19.58 -8.81 -5.33
C VAL D 138 -19.99 -10.16 -5.89
N HIS D 139 -21.28 -10.42 -6.06
CA HIS D 139 -21.72 -11.49 -6.93
C HIS D 139 -21.63 -10.96 -8.36
N GLY D 140 -22.17 -11.70 -9.31
CA GLY D 140 -22.14 -11.23 -10.68
C GLY D 140 -20.90 -11.69 -11.43
N PHE D 141 -20.85 -11.30 -12.69
CA PHE D 141 -19.95 -11.89 -13.67
C PHE D 141 -18.83 -10.90 -13.99
N ASN D 142 -17.79 -10.90 -13.16
CA ASN D 142 -16.57 -10.16 -13.47
C ASN D 142 -15.37 -11.08 -13.28
N LYS D 143 -14.17 -10.52 -13.36
CA LYS D 143 -12.99 -11.32 -13.12
C LYS D 143 -12.98 -11.83 -11.69
N PRO D 144 -13.00 -13.13 -11.46
CA PRO D 144 -12.98 -13.63 -10.09
C PRO D 144 -11.63 -13.38 -9.43
N THR D 145 -11.62 -13.44 -8.10
CA THR D 145 -10.38 -13.23 -7.38
C THR D 145 -9.41 -14.39 -7.59
N ASP D 146 -9.88 -15.62 -7.42
CA ASP D 146 -9.07 -16.81 -7.68
C ASP D 146 -9.19 -17.14 -9.16
N THR D 147 -8.31 -16.55 -9.97
CA THR D 147 -8.45 -16.64 -11.41
C THR D 147 -8.07 -18.02 -11.93
N VAL D 148 -7.24 -18.76 -11.20
CA VAL D 148 -6.71 -20.02 -11.72
C VAL D 148 -7.82 -21.06 -11.81
N ASN D 149 -8.86 -20.93 -11.00
CA ASN D 149 -10.00 -21.83 -11.06
C ASN D 149 -11.29 -21.14 -11.48
N THR D 150 -11.30 -19.81 -11.60
CA THR D 150 -12.53 -19.03 -11.78
C THR D 150 -13.51 -19.32 -10.63
N LYS D 151 -13.07 -18.88 -9.45
CA LYS D 151 -13.79 -19.13 -8.22
C LYS D 151 -13.50 -17.99 -7.25
N GLY D 152 -14.38 -17.81 -6.28
CA GLY D 152 -14.13 -16.83 -5.25
C GLY D 152 -15.12 -15.69 -5.20
N ILE D 153 -14.65 -14.50 -5.57
CA ILE D 153 -15.45 -13.28 -5.52
C ILE D 153 -15.26 -12.54 -6.84
N SER D 154 -16.35 -12.06 -7.41
CA SER D 154 -16.28 -11.23 -8.61
C SER D 154 -15.69 -9.90 -8.22
N THR D 155 -14.43 -9.67 -8.62
CA THR D 155 -13.64 -8.54 -8.14
C THR D 155 -14.42 -7.24 -8.25
N PRO D 156 -14.44 -6.43 -7.21
CA PRO D 156 -15.28 -5.23 -7.19
C PRO D 156 -14.65 -4.10 -8.00
N VAL D 157 -15.30 -2.94 -7.93
CA VAL D 157 -14.89 -1.77 -8.70
C VAL D 157 -13.68 -1.13 -8.02
N GLU D 158 -12.58 -1.01 -8.75
CA GLU D 158 -11.35 -0.45 -8.21
C GLU D 158 -10.66 0.38 -9.28
N GLY D 159 -9.73 1.23 -8.86
CA GLY D 159 -8.87 1.90 -9.80
C GLY D 159 -8.85 3.40 -9.75
N SER D 160 -8.42 4.03 -10.84
CA SER D 160 -8.36 5.48 -10.91
C SER D 160 -9.72 6.09 -10.63
N GLN D 161 -9.79 6.92 -9.60
CA GLN D 161 -11.01 7.62 -9.26
C GLN D 161 -10.78 9.12 -9.37
N TYR D 162 -11.86 9.84 -9.62
CA TYR D 162 -11.77 11.26 -9.99
C TYR D 162 -13.08 11.93 -9.63
N HIS D 163 -13.07 12.77 -8.60
CA HIS D 163 -14.29 13.45 -8.15
C HIS D 163 -14.08 14.94 -8.32
N VAL D 164 -15.00 15.59 -9.02
CA VAL D 164 -14.99 17.05 -9.18
C VAL D 164 -16.42 17.53 -9.12
N PHE D 165 -16.62 18.68 -8.48
CA PHE D 165 -17.90 19.36 -8.64
C PHE D 165 -17.64 20.86 -8.62
N ALA D 166 -18.63 21.61 -9.07
CA ALA D 166 -18.46 23.04 -9.27
C ALA D 166 -19.81 23.70 -9.29
N VAL D 167 -19.95 24.80 -8.54
CA VAL D 167 -21.18 25.57 -8.48
C VAL D 167 -20.86 27.00 -8.85
N GLY D 168 -21.58 27.55 -9.81
CA GLY D 168 -21.25 28.89 -10.26
C GLY D 168 -22.42 29.62 -10.86
N GLY D 169 -22.18 30.87 -11.24
CA GLY D 169 -23.14 31.68 -11.94
C GLY D 169 -22.95 31.75 -13.43
N GLU D 170 -22.01 30.99 -13.98
CA GLU D 170 -21.76 30.95 -15.42
C GLU D 170 -21.04 29.65 -15.73
N PRO D 171 -21.07 29.20 -16.98
CA PRO D 171 -20.52 27.88 -17.29
C PRO D 171 -19.06 27.76 -16.90
N LEU D 172 -18.67 26.55 -16.53
CA LEU D 172 -17.32 26.29 -16.07
C LEU D 172 -16.31 26.61 -17.17
N ASP D 173 -15.49 27.62 -16.94
CA ASP D 173 -14.36 27.88 -17.83
C ASP D 173 -13.31 26.81 -17.59
N LEU D 174 -13.02 26.01 -18.62
CA LEU D 174 -12.07 24.93 -18.49
C LEU D 174 -10.98 25.04 -19.55
N GLN D 175 -9.99 24.14 -19.46
CA GLN D 175 -8.73 24.25 -20.17
C GLN D 175 -8.29 22.87 -20.63
N GLY D 176 -7.67 22.81 -21.81
CA GLY D 176 -7.29 21.53 -22.40
C GLY D 176 -5.86 21.13 -22.09
N LEU D 177 -5.68 19.85 -21.77
CA LEU D 177 -4.37 19.29 -21.48
C LEU D 177 -4.49 17.78 -21.61
N VAL D 178 -3.71 17.18 -22.51
CA VAL D 178 -3.81 15.76 -22.77
C VAL D 178 -2.45 15.09 -22.61
N THR D 179 -2.48 13.81 -22.26
CA THR D 179 -1.25 13.03 -22.17
C THR D 179 -0.62 12.87 -23.54
N ASP D 180 -1.43 12.51 -24.53
CA ASP D 180 -0.96 12.28 -25.89
C ASP D 180 -1.64 13.27 -26.82
N ALA D 181 -0.83 14.10 -27.48
CA ALA D 181 -1.34 15.02 -28.48
C ALA D 181 -1.50 14.37 -29.84
N ARG D 182 -1.00 13.16 -30.02
CA ARG D 182 -1.15 12.42 -31.26
C ARG D 182 -2.35 11.47 -31.22
N THR D 183 -3.32 11.72 -30.35
CA THR D 183 -4.51 10.89 -30.28
C THR D 183 -5.55 11.40 -31.25
N LYS D 184 -6.19 10.46 -31.95
CA LYS D 184 -7.19 10.78 -32.97
C LYS D 184 -8.57 10.58 -32.36
N TYR D 185 -9.12 11.65 -31.79
CA TYR D 185 -10.50 11.60 -31.32
C TYR D 185 -11.45 11.79 -32.49
N LYS D 186 -12.69 11.33 -32.32
CA LYS D 186 -13.68 11.47 -33.35
C LYS D 186 -14.13 12.92 -33.46
N GLU D 187 -14.45 13.34 -34.68
CA GLU D 187 -14.85 14.71 -34.93
C GLU D 187 -16.30 14.98 -34.62
N GLU D 188 -17.07 13.96 -34.28
CA GLU D 188 -18.51 14.09 -34.11
C GLU D 188 -18.93 13.63 -32.72
N GLY D 189 -19.76 14.43 -32.06
CA GLY D 189 -20.34 14.04 -30.80
C GLY D 189 -19.44 14.18 -29.59
N VAL D 190 -18.33 14.88 -29.70
CA VAL D 190 -17.40 15.07 -28.59
C VAL D 190 -16.57 16.30 -28.88
N VAL D 191 -16.43 17.16 -27.88
CA VAL D 191 -15.73 18.43 -28.04
C VAL D 191 -14.28 18.23 -27.64
N THR D 192 -13.38 18.39 -28.60
CA THR D 192 -11.95 18.18 -28.42
C THR D 192 -11.22 19.49 -28.61
N ILE D 193 -9.90 19.45 -28.38
CA ILE D 193 -9.07 20.63 -28.61
C ILE D 193 -9.03 20.98 -30.08
N LYS D 194 -9.27 20.01 -30.96
CA LYS D 194 -9.37 20.32 -32.38
C LYS D 194 -10.67 21.03 -32.71
N THR D 195 -11.73 20.80 -31.93
CA THR D 195 -12.99 21.47 -32.20
C THR D 195 -12.92 22.94 -31.81
N ILE D 196 -12.28 23.26 -30.69
CA ILE D 196 -12.20 24.64 -30.23
C ILE D 196 -11.22 25.43 -31.10
N THR D 197 -9.97 24.99 -31.15
CA THR D 197 -8.97 25.54 -32.06
C THR D 197 -8.91 24.62 -33.26
N LYS D 198 -9.45 25.09 -34.40
CA LYS D 198 -9.75 24.21 -35.52
C LYS D 198 -8.55 23.41 -36.01
N LYS D 199 -7.33 23.81 -35.67
CA LYS D 199 -6.15 23.07 -36.08
C LYS D 199 -5.92 21.86 -35.20
N ASP D 200 -5.16 20.91 -35.71
CA ASP D 200 -4.82 19.73 -34.93
C ASP D 200 -3.97 20.10 -33.72
N MET D 201 -3.89 19.20 -32.76
CA MET D 201 -3.18 19.50 -31.53
C MET D 201 -1.69 19.60 -31.78
N VAL D 202 -1.02 20.37 -30.92
CA VAL D 202 0.43 20.52 -30.95
C VAL D 202 0.97 19.99 -29.64
N ASN D 203 2.29 20.03 -29.45
CA ASN D 203 2.86 19.52 -28.21
C ASN D 203 2.62 20.44 -27.04
N LYS D 204 2.29 21.71 -27.28
CA LYS D 204 1.92 22.59 -26.18
C LYS D 204 0.64 22.12 -25.52
N ASP D 205 -0.30 21.62 -26.31
CA ASP D 205 -1.54 21.06 -25.78
C ASP D 205 -1.29 19.79 -24.99
N GLN D 206 -0.04 19.39 -24.83
CA GLN D 206 0.36 18.30 -23.96
C GLN D 206 0.83 18.79 -22.60
N VAL D 207 1.12 20.08 -22.45
CA VAL D 207 1.58 20.60 -21.19
C VAL D 207 0.70 21.75 -20.70
N LEU D 208 0.71 22.89 -21.38
CA LEU D 208 -0.25 23.95 -21.09
C LEU D 208 -0.26 24.98 -22.22
N ASN D 209 -1.39 25.12 -22.89
CA ASN D 209 -1.54 26.12 -23.93
C ASN D 209 -2.64 27.09 -23.51
N PRO D 210 -2.35 28.38 -23.31
CA PRO D 210 -3.41 29.33 -23.00
C PRO D 210 -4.38 29.55 -24.14
N ILE D 211 -4.18 28.89 -25.27
CA ILE D 211 -5.03 29.05 -26.44
C ILE D 211 -6.20 28.08 -26.41
N SER D 212 -5.96 26.85 -25.94
CA SER D 212 -6.98 25.81 -25.95
C SER D 212 -7.81 25.89 -24.67
N LYS D 213 -8.71 26.87 -24.65
CA LYS D 213 -9.65 27.05 -23.56
C LYS D 213 -11.07 26.89 -24.10
N ALA D 214 -11.98 26.43 -23.24
CA ALA D 214 -13.35 26.22 -23.66
C ALA D 214 -14.31 26.64 -22.56
N LYS D 215 -15.56 26.21 -22.66
CA LYS D 215 -16.55 26.41 -21.61
C LYS D 215 -17.24 25.08 -21.35
N LEU D 216 -18.33 25.10 -20.61
CA LEU D 216 -19.10 23.87 -20.43
C LEU D 216 -20.51 24.06 -20.98
N ASP D 217 -20.61 24.57 -22.21
CA ASP D 217 -21.91 24.68 -22.85
C ASP D 217 -22.65 23.36 -22.84
N LYS D 218 -22.05 22.31 -23.41
CA LYS D 218 -22.71 21.03 -23.59
C LYS D 218 -22.64 20.22 -22.30
N ASP D 219 -23.33 19.08 -22.33
CA ASP D 219 -23.38 18.19 -21.18
C ASP D 219 -23.17 16.77 -21.67
N GLY D 220 -22.22 16.06 -21.07
CA GLY D 220 -21.89 14.75 -21.58
C GLY D 220 -21.16 14.78 -22.90
N MET D 221 -20.38 15.81 -23.14
CA MET D 221 -19.69 16.01 -24.41
C MET D 221 -18.21 16.28 -24.25
N TYR D 222 -17.77 16.86 -23.13
CA TYR D 222 -16.37 17.20 -22.93
C TYR D 222 -15.69 16.07 -22.17
N PRO D 223 -14.85 15.26 -22.81
CA PRO D 223 -14.21 14.16 -22.08
C PRO D 223 -13.32 14.69 -20.97
N VAL D 224 -13.25 13.91 -19.89
CA VAL D 224 -12.49 14.34 -18.72
C VAL D 224 -10.99 14.18 -18.94
N GLU D 225 -10.57 13.36 -19.91
CA GLU D 225 -9.16 13.21 -20.21
C GLU D 225 -8.56 14.39 -20.94
N ILE D 226 -9.37 15.40 -21.29
CA ILE D 226 -8.93 16.52 -22.10
C ILE D 226 -9.18 17.86 -21.42
N TRP D 227 -10.37 18.02 -20.83
CA TRP D 227 -10.84 19.31 -20.34
C TRP D 227 -10.86 19.32 -18.82
N HIS D 228 -10.02 20.16 -18.22
CA HIS D 228 -9.87 20.30 -16.78
C HIS D 228 -10.33 21.67 -16.33
N PRO D 229 -10.92 21.79 -15.14
CA PRO D 229 -11.34 23.11 -14.67
C PRO D 229 -10.17 24.07 -14.65
N ASP D 230 -10.37 25.22 -15.24
CA ASP D 230 -9.30 26.16 -15.51
C ASP D 230 -9.25 27.24 -14.46
N PRO D 231 -8.09 27.49 -13.86
CA PRO D 231 -7.93 28.60 -12.90
C PRO D 231 -7.69 29.94 -13.60
N ALA D 232 -8.74 30.45 -14.22
CA ALA D 232 -8.69 31.71 -14.94
C ALA D 232 -8.33 32.84 -13.99
N LYS D 233 -7.99 34.00 -14.57
CA LYS D 233 -7.77 35.18 -13.76
C LYS D 233 -8.98 35.48 -12.88
N ASN D 234 -10.12 35.72 -13.51
CA ASN D 234 -11.40 35.89 -12.85
C ASN D 234 -12.15 34.56 -12.80
N GLU D 235 -13.11 34.48 -11.88
CA GLU D 235 -13.96 33.30 -11.84
C GLU D 235 -15.17 33.61 -10.98
N ASN D 236 -16.33 33.13 -11.43
CA ASN D 236 -17.59 33.25 -10.72
C ASN D 236 -18.08 31.91 -10.19
N THR D 237 -17.29 30.85 -10.32
CA THR D 237 -17.65 29.54 -9.85
C THR D 237 -16.66 29.06 -8.81
N ARG D 238 -17.10 28.12 -7.98
CA ARG D 238 -16.23 27.46 -7.01
C ARG D 238 -16.22 25.97 -7.35
N TYR D 239 -15.03 25.43 -7.61
CA TYR D 239 -14.89 24.04 -8.00
C TYR D 239 -13.93 23.34 -7.06
N PHE D 240 -14.35 22.17 -6.60
CA PHE D 240 -13.56 21.36 -5.68
C PHE D 240 -13.38 19.98 -6.28
N GLY D 241 -12.16 19.46 -6.23
CA GLY D 241 -11.94 18.15 -6.81
C GLY D 241 -10.75 17.44 -6.19
N ASN D 242 -10.73 16.13 -6.40
CA ASN D 242 -9.60 15.31 -6.01
C ASN D 242 -9.49 14.12 -6.95
N TYR D 243 -8.27 13.78 -7.29
CA TYR D 243 -7.93 12.67 -8.16
C TYR D 243 -7.12 11.64 -7.39
N THR D 244 -7.25 10.37 -7.76
CA THR D 244 -6.49 9.32 -7.10
C THR D 244 -6.25 8.20 -8.12
N GLY D 245 -5.02 8.13 -8.61
CA GLY D 245 -4.70 7.22 -9.69
C GLY D 245 -4.51 5.80 -9.24
N GLY D 246 -3.74 5.06 -10.01
CA GLY D 246 -3.45 3.67 -9.72
C GLY D 246 -4.30 2.72 -10.54
N THR D 247 -4.03 1.43 -10.34
CA THR D 247 -4.75 0.36 -11.02
C THR D 247 -5.60 -0.47 -10.07
N THR D 248 -5.22 -0.55 -8.80
CA THR D 248 -5.91 -1.35 -7.81
C THR D 248 -6.52 -0.52 -6.69
N THR D 249 -6.14 0.76 -6.56
CA THR D 249 -6.54 1.66 -5.49
C THR D 249 -8.00 1.48 -5.10
N PRO D 250 -8.28 1.16 -3.84
CA PRO D 250 -9.66 0.94 -3.41
C PRO D 250 -10.42 2.25 -3.36
N PRO D 251 -11.67 2.26 -3.81
CA PRO D 251 -12.50 3.47 -3.68
C PRO D 251 -12.79 3.78 -2.23
N VAL D 252 -12.89 5.08 -1.95
CA VAL D 252 -13.21 5.59 -0.63
C VAL D 252 -14.25 6.69 -0.79
N LEU D 253 -15.21 6.71 0.12
CA LEU D 253 -16.26 7.73 0.08
C LEU D 253 -16.72 8.04 1.49
N GLN D 254 -17.45 9.14 1.62
CA GLN D 254 -18.07 9.55 2.87
C GLN D 254 -19.41 10.16 2.55
N PHE D 255 -20.42 9.88 3.36
CA PHE D 255 -21.70 10.55 3.25
C PHE D 255 -22.13 11.07 4.61
N THR D 256 -22.85 12.17 4.60
CA THR D 256 -23.54 12.69 5.76
C THR D 256 -24.36 13.88 5.29
N ASN D 257 -25.52 14.08 5.92
CA ASN D 257 -26.33 15.25 5.64
C ASN D 257 -26.08 16.36 6.63
N THR D 258 -24.89 16.42 7.21
CA THR D 258 -24.55 17.43 8.20
C THR D 258 -23.42 18.35 7.77
N LEU D 259 -22.58 17.94 6.82
CA LEU D 259 -21.50 18.80 6.34
C LEU D 259 -22.02 19.73 5.26
N THR D 260 -21.61 21.00 5.33
CA THR D 260 -21.91 21.97 4.29
C THR D 260 -20.61 22.55 3.74
N THR D 261 -20.70 23.14 2.58
CA THR D 261 -19.64 23.96 2.01
C THR D 261 -20.12 25.41 1.98
N VAL D 262 -19.20 26.34 2.22
CA VAL D 262 -19.52 27.76 2.16
C VAL D 262 -18.94 28.29 0.86
N LEU D 263 -19.82 28.64 -0.07
CA LEU D 263 -19.38 29.15 -1.36
C LEU D 263 -19.01 30.62 -1.30
N LEU D 264 -18.98 31.23 -0.13
CA LEU D 264 -18.64 32.63 -0.03
C LEU D 264 -17.21 32.88 -0.46
N ASP D 265 -16.91 34.14 -0.72
CA ASP D 265 -15.63 34.56 -1.27
C ASP D 265 -14.79 35.16 -0.16
N GLU D 266 -13.64 35.72 -0.53
CA GLU D 266 -12.81 36.43 0.45
C GLU D 266 -13.54 37.67 0.98
N ASN D 267 -14.32 38.34 0.13
CA ASN D 267 -15.12 39.48 0.54
C ASN D 267 -16.51 39.07 1.02
N GLY D 268 -16.84 37.79 0.95
CA GLY D 268 -18.12 37.32 1.42
C GLY D 268 -19.23 37.53 0.43
N VAL D 269 -19.02 37.15 -0.84
CA VAL D 269 -20.00 37.33 -1.89
C VAL D 269 -20.52 36.00 -2.42
N GLY D 270 -19.66 35.20 -3.02
CA GLY D 270 -20.11 33.95 -3.57
C GLY D 270 -20.64 34.10 -4.97
N PRO D 271 -20.93 32.99 -5.64
CA PRO D 271 -21.29 33.04 -7.07
C PRO D 271 -22.59 33.78 -7.32
N LEU D 272 -22.49 34.95 -7.93
CA LEU D 272 -23.65 35.68 -8.39
C LEU D 272 -24.10 35.08 -9.72
N CYS D 273 -25.35 34.68 -9.80
CA CYS D 273 -25.88 34.07 -11.02
C CYS D 273 -26.13 35.17 -12.04
N LYS D 274 -25.14 35.43 -12.88
CA LYS D 274 -25.25 36.49 -13.88
C LYS D 274 -25.97 35.93 -15.09
N GLY D 275 -27.15 36.46 -15.37
CA GLY D 275 -28.08 35.76 -16.22
C GLY D 275 -28.69 34.79 -15.25
N GLU D 276 -29.98 34.84 -15.02
CA GLU D 276 -30.34 34.34 -13.70
C GLU D 276 -30.18 32.82 -13.53
N GLY D 277 -29.52 32.14 -14.45
CA GLY D 277 -29.29 30.71 -14.29
C GLY D 277 -28.14 30.42 -13.34
N LEU D 278 -28.22 29.26 -12.70
CA LEU D 278 -27.20 28.75 -11.78
C LEU D 278 -26.66 27.46 -12.35
N TYR D 279 -25.34 27.36 -12.51
CA TYR D 279 -24.72 26.26 -13.23
C TYR D 279 -24.05 25.31 -12.26
N LEU D 280 -24.43 24.03 -12.33
CA LEU D 280 -23.79 22.98 -11.57
C LEU D 280 -23.06 22.05 -12.52
N SER D 281 -21.88 21.59 -12.11
CA SER D 281 -21.10 20.68 -12.94
C SER D 281 -20.44 19.66 -12.02
N CYS D 282 -20.18 18.48 -12.56
CA CYS D 282 -19.63 17.42 -11.74
C CYS D 282 -19.09 16.30 -12.62
N VAL D 283 -18.22 15.48 -12.02
CA VAL D 283 -17.79 14.20 -12.57
C VAL D 283 -17.38 13.33 -11.40
N ASP D 284 -17.83 12.07 -11.37
CA ASP D 284 -17.53 11.18 -10.25
C ASP D 284 -17.20 9.80 -10.78
N ILE D 285 -15.93 9.57 -11.06
CA ILE D 285 -15.46 8.29 -11.57
C ILE D 285 -14.95 7.47 -10.41
N MET D 286 -15.51 6.27 -10.22
CA MET D 286 -15.20 5.42 -9.08
C MET D 286 -14.19 4.32 -9.39
N GLY D 287 -13.79 4.17 -10.65
CA GLY D 287 -12.89 3.11 -11.05
C GLY D 287 -13.52 2.21 -12.10
N TRP D 288 -12.73 1.25 -12.56
CA TRP D 288 -13.18 0.37 -13.62
C TRP D 288 -13.65 -0.97 -13.08
N ARG D 289 -14.52 -1.62 -13.85
CA ARG D 289 -14.94 -2.99 -13.62
C ARG D 289 -14.40 -3.87 -14.73
N VAL D 290 -13.78 -4.99 -14.34
CA VAL D 290 -13.08 -5.85 -15.27
C VAL D 290 -13.97 -7.01 -15.65
N THR D 291 -14.29 -7.14 -16.93
CA THR D 291 -15.07 -8.28 -17.38
C THR D 291 -14.23 -9.55 -17.39
N ARG D 292 -14.87 -10.66 -17.76
CA ARG D 292 -14.22 -11.95 -17.59
C ARG D 292 -13.57 -12.44 -18.87
N ASN D 293 -14.22 -12.24 -20.02
CA ASN D 293 -13.76 -12.83 -21.27
C ASN D 293 -12.37 -12.34 -21.63
N TYR D 294 -12.26 -11.03 -21.85
CA TYR D 294 -10.99 -10.40 -22.16
C TYR D 294 -10.68 -9.38 -21.07
N ASP D 295 -9.60 -8.61 -21.24
CA ASP D 295 -9.26 -7.62 -20.24
C ASP D 295 -9.87 -6.28 -20.59
N VAL D 296 -10.98 -5.95 -19.93
CA VAL D 296 -11.68 -4.69 -20.16
C VAL D 296 -11.96 -3.99 -18.82
N HIS D 297 -11.70 -2.69 -18.77
CA HIS D 297 -11.94 -1.92 -17.56
C HIS D 297 -13.00 -0.86 -17.83
N HIS D 298 -14.27 -1.23 -17.69
CA HIS D 298 -15.36 -0.30 -17.95
C HIS D 298 -15.34 0.83 -16.94
N TRP D 299 -15.51 2.07 -17.42
CA TRP D 299 -15.54 3.22 -16.52
C TRP D 299 -16.88 3.27 -15.76
N ARG D 300 -16.81 3.46 -14.44
CA ARG D 300 -18.01 3.50 -13.61
C ARG D 300 -18.17 4.81 -12.83
N GLY D 301 -19.38 5.38 -12.88
CA GLY D 301 -19.67 6.63 -12.19
C GLY D 301 -20.97 6.61 -11.41
N LEU D 302 -21.03 7.43 -10.35
CA LEU D 302 -22.23 7.54 -9.51
C LEU D 302 -22.82 8.94 -9.56
N PRO D 303 -24.11 9.08 -9.22
CA PRO D 303 -24.74 10.39 -9.28
C PRO D 303 -24.34 11.25 -8.09
N ARG D 304 -24.36 12.56 -8.31
CA ARG D 304 -23.98 13.51 -7.28
C ARG D 304 -25.16 14.41 -6.99
N TYR D 305 -25.50 14.54 -5.71
CA TYR D 305 -26.65 15.33 -5.28
C TYR D 305 -26.15 16.67 -4.77
N PHE D 306 -26.70 17.75 -5.34
CA PHE D 306 -26.42 19.11 -4.94
C PHE D 306 -27.61 19.68 -4.19
N LYS D 307 -27.34 20.49 -3.17
CA LYS D 307 -28.38 21.28 -2.52
C LYS D 307 -27.82 22.67 -2.29
N ILE D 308 -28.28 23.62 -3.07
CA ILE D 308 -27.72 24.97 -3.06
C ILE D 308 -28.65 25.89 -2.30
N THR D 309 -28.06 26.73 -1.45
CA THR D 309 -28.77 27.74 -0.69
C THR D 309 -28.37 29.09 -1.25
N LEU D 310 -29.36 29.83 -1.77
CA LEU D 310 -29.15 31.13 -2.40
C LEU D 310 -29.99 32.20 -1.72
N ARG D 311 -29.50 33.42 -1.76
CA ARG D 311 -30.16 34.60 -1.22
C ARG D 311 -30.06 35.73 -2.23
N LYS D 312 -30.80 36.81 -1.98
CA LYS D 312 -30.88 37.94 -2.89
C LYS D 312 -29.93 39.04 -2.41
N ARG D 313 -29.08 39.51 -3.31
CA ARG D 313 -28.07 40.51 -2.98
C ARG D 313 -28.20 41.70 -3.93
N TRP D 314 -28.21 42.90 -3.37
CA TRP D 314 -28.14 44.10 -4.18
C TRP D 314 -26.72 44.29 -4.71
N VAL D 315 -26.60 44.61 -5.99
CA VAL D 315 -25.30 44.86 -6.60
C VAL D 315 -25.39 46.10 -7.47
N LYS D 316 -24.34 46.92 -7.44
CA LYS D 316 -24.28 48.07 -8.33
C LYS D 316 -24.27 47.59 -9.78
N ASN D 317 -25.14 48.15 -10.59
CA ASN D 317 -25.16 47.80 -12.01
C ASN D 317 -23.87 48.30 -12.65
N PRO D 318 -23.10 47.43 -13.31
CA PRO D 318 -21.77 47.86 -13.78
C PRO D 318 -21.82 48.73 -15.02
N TYR D 319 -22.78 48.49 -15.91
CA TYR D 319 -22.72 49.20 -17.19
C TYR D 319 -23.77 50.30 -17.25
N PRO D 320 -23.42 51.46 -17.80
CA PRO D 320 -24.37 52.56 -17.87
C PRO D 320 -25.54 52.22 -18.79
N MET D 321 -26.75 52.41 -18.27
CA MET D 321 -27.94 52.10 -19.04
C MET D 321 -28.01 52.93 -20.32
N ALA D 322 -27.52 54.18 -20.24
CA ALA D 322 -27.51 55.04 -21.42
C ALA D 322 -26.74 54.42 -22.57
N SER D 323 -25.59 53.82 -22.26
CA SER D 323 -24.79 53.19 -23.31
C SER D 323 -25.55 52.04 -23.95
N LEU D 324 -26.20 51.21 -23.14
CA LEU D 324 -26.93 50.07 -23.68
C LEU D 324 -28.09 50.52 -24.57
N ILE D 325 -28.88 51.49 -24.09
CA ILE D 325 -30.04 51.92 -24.84
C ILE D 325 -29.61 52.61 -26.13
N SER D 326 -28.56 53.43 -26.06
CA SER D 326 -28.06 54.09 -27.26
C SER D 326 -27.52 53.08 -28.26
N SER D 327 -26.82 52.05 -27.79
CA SER D 327 -26.31 51.04 -28.70
C SER D 327 -27.45 50.25 -29.33
N LEU D 328 -28.50 49.98 -28.57
CA LEU D 328 -29.64 49.25 -29.12
C LEU D 328 -30.35 50.07 -30.19
N PHE D 329 -30.56 51.36 -29.93
CA PHE D 329 -31.31 52.17 -30.88
C PHE D 329 -30.47 52.54 -32.10
N ASN D 330 -29.15 52.69 -31.93
CA ASN D 330 -28.28 52.94 -33.07
C ASN D 330 -28.10 51.72 -33.95
N ASN D 331 -28.41 50.53 -33.44
CA ASN D 331 -28.28 49.29 -34.20
C ASN D 331 -29.42 49.08 -35.19
N MET D 332 -30.48 49.87 -35.11
CA MET D 332 -31.59 49.78 -36.05
C MET D 332 -31.45 50.72 -37.23
N LEU D 333 -30.56 51.72 -37.14
CA LEU D 333 -30.33 52.60 -38.26
C LEU D 333 -29.69 51.84 -39.42
N PRO D 334 -29.89 52.35 -40.64
CA PRO D 334 -29.36 51.72 -41.86
C PRO D 334 -27.86 51.96 -42.01
N GLN D 335 -27.07 50.94 -41.71
CA GLN D 335 -25.62 51.08 -41.83
C GLN D 335 -25.27 51.31 -43.30
N VAL D 336 -24.34 52.22 -43.55
CA VAL D 336 -23.93 52.53 -44.91
C VAL D 336 -22.41 52.57 -45.03
N GLN D 337 -21.90 52.12 -46.17
CA GLN D 337 -20.47 52.12 -46.42
C GLN D 337 -20.16 53.09 -47.56
N GLY D 338 -19.22 54.00 -47.32
CA GLY D 338 -18.86 54.99 -48.32
C GLY D 338 -17.37 55.04 -48.56
N GLN D 339 -16.65 55.73 -47.69
CA GLN D 339 -15.20 55.86 -47.84
C GLN D 339 -14.55 55.80 -46.46
N PRO D 340 -13.33 55.27 -46.35
CA PRO D 340 -12.78 54.98 -45.03
C PRO D 340 -12.39 56.24 -44.26
N MET D 341 -13.18 56.58 -43.24
CA MET D 341 -12.87 57.71 -42.37
C MET D 341 -12.38 57.25 -41.00
N GLU D 342 -11.85 56.03 -40.92
CA GLU D 342 -11.29 55.50 -39.68
C GLU D 342 -10.44 54.30 -40.02
N GLY D 343 -9.44 54.05 -39.18
CA GLY D 343 -8.57 52.91 -39.39
C GLY D 343 -7.17 53.27 -39.84
N GLU D 344 -6.58 52.45 -40.69
CA GLU D 344 -5.23 52.67 -41.17
C GLU D 344 -5.17 53.62 -42.35
N ASN D 345 -6.23 53.69 -43.15
CA ASN D 345 -6.28 54.56 -44.32
C ASN D 345 -7.25 55.72 -44.10
N THR D 346 -7.24 56.28 -42.89
CA THR D 346 -8.13 57.39 -42.56
C THR D 346 -8.05 58.48 -43.60
N GLN D 347 -9.19 59.12 -43.86
CA GLN D 347 -9.24 60.29 -44.70
C GLN D 347 -9.54 61.54 -43.91
N VAL D 348 -9.50 61.47 -42.59
CA VAL D 348 -9.67 62.63 -41.73
C VAL D 348 -8.30 63.10 -41.28
N GLU D 349 -7.94 64.34 -41.63
CA GLU D 349 -6.61 64.88 -41.38
C GLU D 349 -6.58 65.91 -40.28
N GLU D 350 -7.57 65.94 -39.40
CA GLU D 350 -7.68 67.04 -38.45
C GLU D 350 -8.73 66.68 -37.41
N VAL D 351 -8.46 67.05 -36.16
CA VAL D 351 -9.48 67.23 -35.15
C VAL D 351 -8.94 68.25 -34.17
N ARG D 352 -9.66 69.35 -34.01
CA ARG D 352 -9.28 70.39 -33.06
C ARG D 352 -10.45 70.63 -32.13
N VAL D 353 -10.18 70.76 -30.84
CA VAL D 353 -11.22 70.86 -29.83
C VAL D 353 -10.95 72.11 -29.00
N TYR D 354 -11.66 73.19 -29.32
CA TYR D 354 -11.54 74.45 -28.59
C TYR D 354 -12.59 74.47 -27.49
N ASP D 355 -12.17 74.78 -26.26
CA ASP D 355 -13.09 74.77 -25.14
C ASP D 355 -13.32 76.16 -24.55
N GLY D 356 -12.27 76.83 -24.09
CA GLY D 356 -12.43 78.09 -23.41
C GLY D 356 -12.08 79.26 -24.31
N THR D 357 -11.33 80.21 -23.75
CA THR D 357 -10.76 81.29 -24.53
C THR D 357 -9.48 81.75 -23.83
N GLU D 358 -8.41 81.85 -24.59
CA GLU D 358 -7.10 82.21 -24.07
C GLU D 358 -6.51 83.32 -24.93
N PRO D 359 -5.60 84.12 -24.37
CA PRO D 359 -4.92 85.14 -25.19
C PRO D 359 -4.17 84.50 -26.34
N VAL D 360 -3.96 85.29 -27.38
CA VAL D 360 -3.38 84.82 -28.63
C VAL D 360 -2.05 84.13 -28.35
N PRO D 361 -1.87 82.90 -28.79
CA PRO D 361 -0.58 82.23 -28.59
C PRO D 361 0.47 82.77 -29.53
N GLY D 362 1.62 82.12 -29.57
CA GLY D 362 2.73 82.54 -30.40
C GLY D 362 2.68 81.78 -31.70
N ASP D 363 3.45 80.71 -31.80
CA ASP D 363 3.36 79.77 -32.91
C ASP D 363 1.90 79.46 -33.22
N PRO D 364 1.38 79.88 -34.37
CA PRO D 364 -0.04 79.66 -34.66
C PRO D 364 -0.29 78.27 -35.24
N ASP D 365 0.77 77.62 -35.70
CA ASP D 365 0.72 76.24 -36.14
C ASP D 365 0.91 75.26 -35.00
N MET D 366 0.66 75.70 -33.77
CA MET D 366 1.01 74.92 -32.59
C MET D 366 0.16 73.66 -32.48
N THR D 367 0.68 72.71 -31.70
CA THR D 367 -0.04 71.49 -31.34
C THR D 367 -0.15 71.43 -29.83
N ARG D 368 -1.29 70.95 -29.35
CA ARG D 368 -1.53 70.80 -27.93
C ARG D 368 -2.13 69.41 -27.71
N TYR D 369 -1.77 68.76 -26.62
CA TYR D 369 -2.21 67.38 -26.42
C TYR D 369 -2.58 67.17 -24.96
N VAL D 370 -2.99 65.94 -24.67
CA VAL D 370 -3.34 65.52 -23.32
C VAL D 370 -2.67 64.17 -23.08
N ASP D 371 -1.73 64.12 -22.14
CA ASP D 371 -1.01 62.89 -21.83
C ASP D 371 -1.53 62.32 -20.51
N ARG D 372 -2.32 61.25 -20.62
CA ARG D 372 -2.54 60.25 -19.58
C ARG D 372 -3.07 60.84 -18.29
N PHE D 373 -2.93 62.14 -18.11
CA PHE D 373 -3.62 62.87 -17.05
C PHE D 373 -4.13 64.22 -17.54
N GLY D 374 -3.30 64.96 -18.30
CA GLY D 374 -3.46 66.40 -18.39
C GLY D 374 -2.91 67.01 -19.66
N LYS D 375 -3.31 68.27 -19.89
CA LYS D 375 -3.10 68.96 -21.17
C LYS D 375 -1.78 69.71 -21.15
N THR D 376 -0.95 69.46 -22.16
CA THR D 376 0.35 70.11 -22.31
C THR D 376 0.53 70.63 -23.73
N LYS D 377 1.14 71.80 -23.83
CA LYS D 377 1.63 72.32 -25.10
C LYS D 377 2.72 71.41 -25.61
N THR D 378 2.48 70.75 -26.76
CA THR D 378 3.44 69.81 -27.30
C THR D 378 4.83 70.44 -27.36
N VAL D 379 5.82 69.67 -26.91
CA VAL D 379 7.17 70.15 -26.63
C VAL D 379 7.64 71.09 -27.73
N PHE D 380 8.27 72.19 -27.34
CA PHE D 380 8.67 73.21 -28.29
C PHE D 380 9.56 72.55 -29.33
N PRO D 381 9.07 72.38 -30.57
CA PRO D 381 9.69 71.43 -31.51
C PRO D 381 11.14 71.74 -31.86
N GLY D 382 11.72 72.81 -31.34
CA GLY D 382 13.13 73.09 -31.58
C GLY D 382 14.04 72.24 -30.72
N ASN D 383 14.02 70.93 -30.95
CA ASN D 383 14.75 69.98 -30.12
C ASN D 383 16.25 69.99 -30.43
N LYS E 17 -21.76 26.90 58.79
CA LYS E 17 -20.32 26.79 58.75
C LYS E 17 -19.80 26.94 57.32
N ALA E 18 -18.53 27.31 57.19
CA ALA E 18 -17.87 27.38 55.88
C ALA E 18 -17.39 25.99 55.54
N CYS E 19 -18.28 25.20 54.94
CA CYS E 19 -18.02 23.83 54.54
C CYS E 19 -17.30 23.78 53.20
N PRO E 20 -16.59 22.69 52.91
CA PRO E 20 -16.07 22.50 51.56
C PRO E 20 -17.21 22.32 50.57
N ARG E 21 -17.10 22.99 49.43
CA ARG E 21 -18.16 22.98 48.43
C ARG E 21 -17.71 22.21 47.20
N PRO E 22 -18.20 20.99 46.98
CA PRO E 22 -17.88 20.30 45.73
C PRO E 22 -18.51 21.02 44.54
N ALA E 23 -17.95 20.75 43.37
CA ALA E 23 -18.47 21.38 42.16
C ALA E 23 -19.82 20.78 41.80
N PRO E 24 -20.70 21.57 41.17
CA PRO E 24 -22.01 21.05 40.80
C PRO E 24 -21.92 20.10 39.62
N VAL E 25 -22.77 19.08 39.63
CA VAL E 25 -22.79 18.04 38.61
C VAL E 25 -24.25 17.63 38.43
N PRO E 26 -24.76 17.50 37.18
CA PRO E 26 -26.19 17.27 36.99
C PRO E 26 -26.72 16.09 37.77
N LYS E 27 -27.75 16.33 38.59
CA LYS E 27 -28.20 15.34 39.56
C LYS E 27 -28.98 14.23 38.86
N LEU E 28 -28.75 13.00 39.29
CA LEU E 28 -29.45 11.86 38.73
C LEU E 28 -30.78 11.68 39.42
N LEU E 29 -31.84 11.46 38.63
CA LEU E 29 -33.16 11.24 39.18
C LEU E 29 -33.47 9.76 39.35
N ILE E 30 -33.23 8.95 38.33
CA ILE E 30 -33.57 7.54 38.37
C ILE E 30 -32.79 6.84 37.27
N LYS E 31 -32.37 5.62 37.55
CA LYS E 31 -31.58 4.83 36.61
C LYS E 31 -32.15 3.43 36.52
N GLY E 32 -32.29 2.92 35.31
CA GLY E 32 -32.82 1.58 35.12
C GLY E 32 -33.08 1.22 33.68
N GLY E 33 -34.20 0.56 33.41
CA GLY E 33 -34.59 0.20 32.06
C GLY E 33 -35.50 1.23 31.44
N MET E 34 -36.24 0.81 30.43
CA MET E 34 -37.15 1.74 29.77
C MET E 34 -38.30 2.16 30.69
N GLU E 35 -38.63 1.33 31.69
CA GLU E 35 -39.72 1.68 32.59
C GLU E 35 -39.43 2.96 33.35
N VAL E 36 -38.15 3.31 33.50
CA VAL E 36 -37.75 4.57 34.11
C VAL E 36 -38.47 5.74 33.47
N LEU E 37 -38.77 5.65 32.17
CA LEU E 37 -39.38 6.77 31.47
C LEU E 37 -40.80 7.04 31.92
N ASP E 38 -41.41 6.14 32.70
CA ASP E 38 -42.73 6.42 33.24
C ASP E 38 -42.71 7.56 34.23
N LEU E 39 -41.56 7.84 34.85
CA LEU E 39 -41.48 8.89 35.85
C LEU E 39 -41.72 10.25 35.20
N VAL E 40 -42.67 11.01 35.73
CA VAL E 40 -42.89 12.37 35.27
C VAL E 40 -41.78 13.25 35.83
N THR E 41 -40.92 13.74 34.95
CA THR E 41 -39.67 14.38 35.38
C THR E 41 -39.83 15.88 35.58
N GLY E 42 -40.25 16.59 34.54
CA GLY E 42 -40.30 18.03 34.57
C GLY E 42 -40.05 18.61 33.20
N PRO E 43 -39.85 19.92 33.13
CA PRO E 43 -39.67 20.56 31.83
C PRO E 43 -38.24 20.56 31.34
N ASP E 44 -37.28 20.42 32.25
CA ASP E 44 -35.86 20.57 31.93
C ASP E 44 -35.05 19.32 32.27
N SER E 45 -35.65 18.14 32.13
CA SER E 45 -34.92 16.91 32.37
C SER E 45 -34.25 16.43 31.09
N VAL E 46 -33.22 15.62 31.25
CA VAL E 46 -32.39 15.15 30.14
C VAL E 46 -32.19 13.66 30.28
N THR E 47 -32.75 12.89 29.36
CA THR E 47 -32.66 11.43 29.39
C THR E 47 -31.47 10.99 28.56
N GLU E 48 -30.90 9.83 28.90
CA GLU E 48 -29.73 9.28 28.21
C GLU E 48 -29.96 7.81 27.94
N ILE E 49 -30.57 7.50 26.81
CA ILE E 49 -30.88 6.11 26.48
C ILE E 49 -29.64 5.43 25.92
N GLU E 50 -29.54 4.13 26.10
CA GLU E 50 -28.34 3.38 25.81
C GLU E 50 -28.72 2.04 25.21
N ALA E 51 -28.55 1.89 23.89
CA ALA E 51 -29.00 0.70 23.21
C ALA E 51 -27.89 0.19 22.31
N PHE E 52 -28.13 -0.96 21.67
CA PHE E 52 -27.18 -1.49 20.72
C PHE E 52 -27.94 -2.20 19.60
N LEU E 53 -27.27 -2.35 18.47
CA LEU E 53 -27.85 -2.99 17.30
C LEU E 53 -26.91 -4.08 16.81
N ASN E 54 -27.42 -5.29 16.72
CA ASN E 54 -26.67 -6.43 16.24
C ASN E 54 -26.64 -6.46 14.72
N PRO E 55 -25.56 -6.95 14.13
CA PRO E 55 -25.49 -6.97 12.67
C PRO E 55 -26.32 -8.10 12.10
N ARG E 56 -27.46 -7.75 11.51
CA ARG E 56 -28.33 -8.74 10.87
C ARG E 56 -27.99 -8.67 9.38
N MET E 57 -27.05 -9.52 8.95
CA MET E 57 -26.52 -9.50 7.59
C MET E 57 -26.46 -10.92 7.03
N GLY E 58 -27.54 -11.36 6.42
CA GLY E 58 -27.53 -12.67 5.80
C GLY E 58 -28.15 -13.76 6.65
N GLN E 59 -27.30 -14.54 7.31
CA GLN E 59 -27.78 -15.61 8.16
C GLN E 59 -28.64 -15.06 9.29
N PRO E 60 -29.91 -15.42 9.38
CA PRO E 60 -30.77 -14.89 10.44
C PRO E 60 -30.38 -15.47 11.78
N PRO E 61 -30.84 -14.86 12.88
CA PRO E 61 -30.45 -15.36 14.20
C PRO E 61 -31.20 -16.61 14.65
N THR E 62 -32.20 -17.07 13.90
CA THR E 62 -33.19 -17.98 14.47
C THR E 62 -32.65 -19.37 14.78
N PRO E 63 -32.01 -20.12 13.87
CA PRO E 63 -31.57 -21.47 14.24
C PRO E 63 -30.38 -21.41 15.18
N GLU E 64 -30.61 -21.67 16.46
CA GLU E 64 -29.67 -21.31 17.50
C GLU E 64 -28.52 -22.30 17.68
N SER E 65 -28.66 -23.52 17.20
CA SER E 65 -27.64 -24.53 17.43
C SER E 65 -26.40 -24.23 16.59
N LEU E 66 -25.24 -24.53 17.14
CA LEU E 66 -23.98 -24.30 16.46
C LEU E 66 -23.60 -25.42 15.52
N THR E 67 -24.51 -26.37 15.27
CA THR E 67 -24.28 -27.44 14.30
C THR E 67 -25.26 -27.38 13.15
N GLU E 68 -26.55 -27.16 13.43
CA GLU E 68 -27.54 -27.10 12.36
C GLU E 68 -27.40 -25.82 11.57
N GLY E 69 -27.28 -24.70 12.25
CA GLY E 69 -27.03 -23.45 11.55
C GLY E 69 -25.59 -23.13 11.31
N GLY E 70 -24.66 -23.93 11.87
CA GLY E 70 -23.23 -23.67 11.77
C GLY E 70 -22.85 -22.39 12.49
N GLN E 71 -23.88 -21.66 12.89
CA GLN E 71 -23.77 -20.34 13.50
C GLN E 71 -22.86 -19.40 12.75
N TYR E 72 -23.34 -19.04 11.57
CA TYR E 72 -22.90 -17.87 10.84
C TYR E 72 -23.69 -16.67 11.32
N TYR E 73 -24.18 -16.71 12.55
CA TYR E 73 -24.80 -15.53 13.12
C TYR E 73 -23.75 -14.44 13.26
N GLY E 74 -24.02 -13.28 12.67
CA GLY E 74 -23.01 -12.25 12.54
C GLY E 74 -22.16 -12.40 11.30
N TRP E 75 -22.50 -13.33 10.42
CA TRP E 75 -21.76 -13.57 9.18
C TRP E 75 -22.78 -13.77 8.07
N SER E 76 -22.49 -13.24 6.90
CA SER E 76 -23.30 -13.63 5.74
C SER E 76 -23.09 -15.11 5.48
N ARG E 77 -23.99 -15.72 4.73
CA ARG E 77 -23.99 -17.17 4.65
C ARG E 77 -22.88 -17.67 3.73
N GLY E 78 -22.96 -17.34 2.45
CA GLY E 78 -21.94 -17.70 1.50
C GLY E 78 -22.11 -16.84 0.27
N ILE E 79 -21.13 -16.82 -0.63
CA ILE E 79 -21.21 -15.98 -1.81
C ILE E 79 -20.96 -16.87 -3.02
N ASN E 80 -21.94 -16.94 -3.92
CA ASN E 80 -21.83 -17.70 -5.15
C ASN E 80 -21.99 -16.77 -6.33
N LEU E 81 -20.95 -16.66 -7.14
CA LEU E 81 -20.95 -15.75 -8.26
C LEU E 81 -21.97 -16.20 -9.30
N ALA E 82 -22.23 -15.31 -10.26
CA ALA E 82 -23.11 -15.64 -11.36
C ALA E 82 -22.45 -16.66 -12.28
N THR E 83 -23.29 -17.38 -13.01
CA THR E 83 -22.81 -18.34 -13.99
C THR E 83 -22.73 -17.74 -15.39
N SER E 84 -23.62 -16.81 -15.71
CA SER E 84 -23.60 -16.11 -16.98
C SER E 84 -24.07 -14.68 -16.76
N ASP E 85 -23.79 -13.83 -17.75
CA ASP E 85 -24.06 -12.40 -17.62
C ASP E 85 -25.52 -12.11 -17.30
N THR E 86 -26.43 -12.81 -17.95
CA THR E 86 -27.85 -12.50 -17.84
C THR E 86 -28.51 -13.09 -16.61
N GLU E 87 -27.84 -14.00 -15.90
CA GLU E 87 -28.45 -14.77 -14.82
C GLU E 87 -27.72 -14.52 -13.50
N ASP E 88 -28.13 -13.47 -12.78
CA ASP E 88 -27.67 -13.22 -11.42
C ASP E 88 -28.88 -13.29 -10.50
N SER E 89 -28.82 -14.14 -9.48
CA SER E 89 -29.90 -14.29 -8.51
C SER E 89 -29.27 -14.65 -7.18
N PRO E 90 -28.76 -13.67 -6.43
CA PRO E 90 -27.72 -13.98 -5.45
C PRO E 90 -28.15 -14.93 -4.35
N GLU E 91 -28.97 -14.44 -3.41
CA GLU E 91 -29.63 -15.20 -2.36
C GLU E 91 -30.32 -14.25 -1.41
N ASN E 92 -31.11 -14.76 -0.48
CA ASN E 92 -31.64 -13.89 0.57
C ASN E 92 -30.72 -13.86 1.78
N ASN E 93 -30.05 -14.97 2.08
CA ASN E 93 -29.15 -15.05 3.23
C ASN E 93 -27.71 -14.71 2.87
N THR E 94 -27.46 -14.23 1.66
CA THR E 94 -26.14 -13.78 1.25
C THR E 94 -26.00 -12.27 1.32
N LEU E 95 -27.12 -11.54 1.23
CA LEU E 95 -27.08 -10.10 1.15
C LEU E 95 -27.06 -9.48 2.54
N PRO E 96 -26.05 -8.69 2.88
CA PRO E 96 -26.09 -7.95 4.15
C PRO E 96 -27.08 -6.81 4.06
N THR E 97 -27.86 -6.63 5.12
CA THR E 97 -29.00 -5.73 5.10
C THR E 97 -28.90 -4.72 6.23
N TRP E 98 -29.81 -3.76 6.22
CA TRP E 98 -29.82 -2.71 7.22
C TRP E 98 -30.37 -3.22 8.54
N SER E 99 -29.81 -2.74 9.64
CA SER E 99 -30.36 -3.00 10.96
C SER E 99 -31.05 -1.74 11.46
N MET E 100 -32.23 -1.89 12.04
CA MET E 100 -32.95 -0.74 12.57
C MET E 100 -33.66 -1.12 13.85
N ALA E 101 -33.99 -0.11 14.63
CA ALA E 101 -34.70 -0.30 15.89
C ALA E 101 -35.43 0.98 16.23
N LYS E 102 -36.53 0.84 16.97
CA LYS E 102 -37.34 1.98 17.37
C LYS E 102 -37.55 1.95 18.88
N LEU E 103 -37.00 2.93 19.57
CA LEU E 103 -37.30 3.09 20.99
C LEU E 103 -38.58 3.88 21.13
N GLN E 104 -39.54 3.34 21.86
CA GLN E 104 -40.84 3.96 22.06
C GLN E 104 -40.77 4.78 23.34
N LEU E 105 -40.67 6.07 23.20
CA LEU E 105 -40.58 6.98 24.34
C LEU E 105 -41.98 7.35 24.80
N PRO E 106 -42.13 7.77 26.06
CA PRO E 106 -43.48 8.02 26.59
C PRO E 106 -44.08 9.29 26.00
N MET E 107 -45.40 9.42 26.20
CA MET E 107 -46.14 10.55 25.69
C MET E 107 -46.04 11.71 26.67
N LEU E 108 -45.87 12.92 26.14
CA LEU E 108 -45.41 14.05 26.95
C LEU E 108 -46.50 15.02 27.38
N ASN E 109 -47.32 15.52 26.45
CA ASN E 109 -48.17 16.64 26.78
C ASN E 109 -49.57 16.49 26.19
N GLU E 110 -50.48 17.33 26.70
CA GLU E 110 -51.89 17.36 26.32
C GLU E 110 -52.36 18.81 26.19
N ASP E 111 -51.61 19.64 25.47
CA ASP E 111 -51.93 21.06 25.29
C ASP E 111 -52.64 21.30 23.97
N LEU E 112 -53.55 20.41 23.58
CA LEU E 112 -54.23 20.57 22.30
C LEU E 112 -55.36 21.60 22.44
N THR E 113 -55.04 22.76 23.01
CA THR E 113 -55.94 23.90 23.02
C THR E 113 -55.15 25.17 22.67
N CYS E 114 -53.87 25.19 23.04
CA CYS E 114 -52.92 26.17 22.53
C CYS E 114 -52.05 25.50 21.49
N ASP E 115 -51.54 26.29 20.56
CA ASP E 115 -50.75 25.71 19.48
C ASP E 115 -49.49 25.02 20.00
N THR E 116 -49.02 25.44 21.16
CA THR E 116 -47.78 24.87 21.71
C THR E 116 -48.01 23.42 22.13
N LEU E 117 -46.91 22.68 22.19
CA LEU E 117 -46.88 21.27 22.54
C LEU E 117 -45.43 20.86 22.62
N GLN E 118 -45.11 19.96 23.55
CA GLN E 118 -43.72 19.56 23.75
C GLN E 118 -43.52 18.12 23.34
N MET E 119 -42.34 17.84 22.78
CA MET E 119 -41.98 16.48 22.39
C MET E 119 -40.47 16.33 22.47
N TRP E 120 -40.02 15.09 22.37
CA TRP E 120 -38.61 14.75 22.59
C TRP E 120 -37.74 15.36 21.49
N GLU E 121 -36.43 15.30 21.71
CA GLU E 121 -35.48 15.88 20.77
C GLU E 121 -34.11 15.30 21.06
N ALA E 122 -33.54 14.58 20.10
CA ALA E 122 -32.21 14.04 20.28
C ALA E 122 -31.17 15.14 20.16
N VAL E 123 -30.40 15.34 21.23
CA VAL E 123 -29.43 16.42 21.30
C VAL E 123 -28.05 15.97 20.86
N SER E 124 -27.65 14.76 21.20
CA SER E 124 -26.33 14.26 20.84
C SER E 124 -26.32 12.75 20.89
N VAL E 125 -25.31 12.16 20.27
CA VAL E 125 -25.18 10.70 20.21
C VAL E 125 -23.73 10.33 20.47
N LYS E 126 -23.54 9.16 21.08
CA LYS E 126 -22.24 8.55 21.30
C LYS E 126 -22.33 7.15 20.71
N THR E 127 -21.64 6.91 19.61
CA THR E 127 -21.71 5.61 18.97
C THR E 127 -20.37 4.91 19.03
N GLU E 128 -20.40 3.60 18.86
CA GLU E 128 -19.16 2.82 18.81
C GLU E 128 -19.39 1.42 18.28
N VAL E 129 -18.63 1.01 17.27
CA VAL E 129 -18.70 -0.38 16.81
C VAL E 129 -17.88 -1.24 17.77
N VAL E 130 -18.56 -2.12 18.49
CA VAL E 130 -17.93 -2.90 19.55
C VAL E 130 -17.62 -4.29 19.02
N GLY E 131 -16.36 -4.71 19.16
CA GLY E 131 -15.97 -6.04 18.77
C GLY E 131 -14.81 -6.10 17.79
N SER E 132 -14.02 -5.03 17.72
CA SER E 132 -12.96 -4.96 16.72
C SER E 132 -11.90 -6.01 16.97
N GLY E 133 -11.39 -6.09 18.21
CA GLY E 133 -10.30 -6.99 18.52
C GLY E 133 -10.57 -8.43 18.20
N SER E 134 -11.85 -8.83 18.15
CA SER E 134 -12.19 -10.20 17.81
C SER E 134 -11.70 -10.60 16.44
N LEU E 135 -11.32 -9.64 15.60
CA LEU E 135 -10.77 -9.95 14.30
C LEU E 135 -9.34 -10.46 14.38
N LEU E 136 -8.77 -10.60 15.57
CA LEU E 136 -7.43 -11.12 15.75
C LEU E 136 -7.41 -12.64 15.93
N ASP E 137 -8.54 -13.31 15.77
CA ASP E 137 -8.61 -14.77 15.83
C ASP E 137 -8.04 -15.33 14.53
N VAL E 138 -6.75 -15.64 14.54
CA VAL E 138 -6.08 -16.12 13.34
C VAL E 138 -5.74 -17.61 13.43
N HIS E 139 -6.43 -18.34 14.30
CA HIS E 139 -6.52 -19.78 14.14
C HIS E 139 -7.77 -20.08 13.31
N GLY E 140 -8.19 -21.33 13.27
CA GLY E 140 -9.42 -21.66 12.59
C GLY E 140 -9.24 -21.98 11.13
N PHE E 141 -10.33 -22.42 10.51
CA PHE E 141 -10.30 -22.99 9.16
C PHE E 141 -10.72 -21.93 8.15
N ASN E 142 -9.81 -21.00 7.88
CA ASN E 142 -9.91 -20.13 6.72
C ASN E 142 -8.71 -20.38 5.83
N LYS E 143 -8.76 -19.79 4.64
CA LYS E 143 -7.64 -19.91 3.72
C LYS E 143 -6.36 -19.44 4.41
N PRO E 144 -5.29 -20.24 4.39
CA PRO E 144 -4.10 -19.87 5.15
C PRO E 144 -3.28 -18.82 4.42
N THR E 145 -2.37 -18.20 5.18
CA THR E 145 -1.48 -17.21 4.60
C THR E 145 -0.60 -17.83 3.52
N ASP E 146 0.01 -18.97 3.83
CA ASP E 146 0.90 -19.66 2.90
C ASP E 146 0.18 -20.88 2.35
N THR E 147 -0.24 -20.83 1.09
CA THR E 147 -1.13 -21.83 0.53
C THR E 147 -0.40 -22.98 -0.17
N VAL E 148 0.88 -22.82 -0.52
CA VAL E 148 1.56 -23.88 -1.24
C VAL E 148 1.69 -25.13 -0.37
N ASN E 149 1.91 -24.93 0.93
CA ASN E 149 1.96 -26.03 1.88
C ASN E 149 0.73 -26.08 2.78
N THR E 150 -0.15 -25.08 2.69
CA THR E 150 -1.32 -24.95 3.57
C THR E 150 -0.88 -24.83 5.03
N LYS E 151 -0.04 -23.83 5.28
CA LYS E 151 0.48 -23.54 6.61
C LYS E 151 0.54 -22.03 6.80
N GLY E 152 0.76 -21.62 8.04
CA GLY E 152 0.90 -20.21 8.33
C GLY E 152 -0.17 -19.66 9.24
N ILE E 153 -1.02 -18.78 8.70
CA ILE E 153 -2.04 -18.07 9.45
C ILE E 153 -3.34 -18.12 8.67
N SER E 154 -4.42 -18.49 9.32
CA SER E 154 -5.74 -18.41 8.70
C SER E 154 -6.08 -16.94 8.52
N THR E 155 -5.98 -16.45 7.28
CA THR E 155 -6.09 -15.04 6.94
C THR E 155 -7.24 -14.35 7.67
N PRO E 156 -6.99 -13.18 8.23
CA PRO E 156 -8.05 -12.45 8.94
C PRO E 156 -9.09 -11.84 8.01
N VAL E 157 -10.01 -11.07 8.57
CA VAL E 157 -11.10 -10.48 7.80
C VAL E 157 -10.59 -9.24 7.09
N GLU E 158 -10.78 -9.19 5.77
CA GLU E 158 -10.39 -8.06 4.94
C GLU E 158 -11.46 -7.87 3.87
N GLY E 159 -11.36 -6.77 3.14
CA GLY E 159 -12.21 -6.54 2.00
C GLY E 159 -12.97 -5.24 2.12
N SER E 160 -13.96 -5.07 1.24
CA SER E 160 -14.79 -3.89 1.25
C SER E 160 -15.48 -3.75 2.60
N GLN E 161 -15.41 -2.56 3.18
CA GLN E 161 -16.07 -2.29 4.45
C GLN E 161 -16.98 -1.08 4.31
N TYR E 162 -18.02 -1.05 5.13
CA TYR E 162 -19.12 -0.12 4.93
C TYR E 162 -19.75 0.16 6.28
N HIS E 163 -19.53 1.35 6.82
CA HIS E 163 -20.08 1.73 8.12
C HIS E 163 -21.04 2.89 7.94
N VAL E 164 -22.30 2.68 8.29
CA VAL E 164 -23.30 3.73 8.26
C VAL E 164 -24.09 3.65 9.56
N PHE E 165 -24.45 4.80 10.10
CA PHE E 165 -25.44 4.83 11.16
C PHE E 165 -26.28 6.08 11.01
N ALA E 166 -27.41 6.10 11.71
CA ALA E 166 -28.39 7.15 11.51
C ALA E 166 -29.30 7.22 12.73
N VAL E 167 -29.45 8.42 13.27
CA VAL E 167 -30.34 8.68 14.41
C VAL E 167 -31.40 9.66 13.95
N GLY E 168 -32.67 9.30 14.15
CA GLY E 168 -33.72 10.15 13.64
C GLY E 168 -35.01 10.03 14.41
N GLY E 169 -35.98 10.86 14.01
CA GLY E 169 -37.28 10.85 14.61
C GLY E 169 -38.29 10.07 13.80
N GLU E 170 -38.00 9.84 12.53
CA GLU E 170 -38.82 9.03 11.65
C GLU E 170 -37.91 8.12 10.85
N PRO E 171 -38.43 7.02 10.33
CA PRO E 171 -37.55 6.00 9.73
C PRO E 171 -36.72 6.56 8.59
N LEU E 172 -35.56 5.96 8.40
CA LEU E 172 -34.64 6.39 7.35
C LEU E 172 -35.32 6.33 5.99
N ASP E 173 -35.15 7.38 5.20
CA ASP E 173 -35.63 7.41 3.83
C ASP E 173 -34.51 6.92 2.93
N LEU E 174 -34.76 5.87 2.16
CA LEU E 174 -33.75 5.23 1.35
C LEU E 174 -34.04 5.42 -0.13
N GLN E 175 -32.99 5.27 -0.92
CA GLN E 175 -33.00 5.43 -2.36
C GLN E 175 -32.39 4.19 -2.99
N GLY E 176 -32.92 3.78 -4.14
CA GLY E 176 -32.47 2.57 -4.80
C GLY E 176 -31.47 2.88 -5.90
N LEU E 177 -30.36 2.15 -5.88
CA LEU E 177 -29.32 2.28 -6.90
C LEU E 177 -28.52 1.00 -6.89
N VAL E 178 -28.51 0.29 -8.02
CA VAL E 178 -27.90 -1.03 -8.09
C VAL E 178 -26.77 -1.02 -9.12
N THR E 179 -25.80 -1.89 -8.90
CA THR E 179 -24.71 -2.04 -9.88
C THR E 179 -25.23 -2.63 -11.17
N ASP E 180 -26.07 -3.65 -11.08
CA ASP E 180 -26.63 -4.34 -12.23
C ASP E 180 -28.15 -4.34 -12.12
N ALA E 181 -28.81 -3.80 -13.13
CA ALA E 181 -30.27 -3.76 -13.14
C ALA E 181 -30.88 -5.04 -13.69
N ARG E 182 -30.06 -6.06 -13.99
CA ARG E 182 -30.55 -7.35 -14.44
C ARG E 182 -30.47 -8.43 -13.38
N THR E 183 -30.06 -8.08 -12.16
CA THR E 183 -30.01 -9.07 -11.09
C THR E 183 -31.43 -9.48 -10.69
N LYS E 184 -31.61 -10.76 -10.42
CA LYS E 184 -32.91 -11.31 -10.08
C LYS E 184 -32.91 -11.64 -8.58
N TYR E 185 -33.19 -10.64 -7.76
CA TYR E 185 -33.34 -10.89 -6.33
C TYR E 185 -34.64 -11.64 -6.07
N LYS E 186 -34.59 -12.58 -5.14
CA LYS E 186 -35.80 -13.31 -4.77
C LYS E 186 -36.85 -12.34 -4.26
N GLU E 187 -38.08 -12.48 -4.73
CA GLU E 187 -39.11 -11.53 -4.36
C GLU E 187 -39.80 -11.87 -3.04
N GLU E 188 -39.33 -12.89 -2.33
CA GLU E 188 -39.91 -13.29 -1.07
C GLU E 188 -38.84 -13.21 0.02
N GLY E 189 -39.09 -12.39 1.03
CA GLY E 189 -38.20 -12.30 2.18
C GLY E 189 -37.18 -11.19 2.11
N VAL E 190 -37.21 -10.35 1.08
CA VAL E 190 -36.27 -9.25 0.95
C VAL E 190 -36.97 -8.14 0.18
N VAL E 191 -36.67 -6.90 0.51
CA VAL E 191 -37.30 -5.76 -0.13
C VAL E 191 -36.39 -5.25 -1.24
N THR E 192 -36.96 -5.11 -2.43
CA THR E 192 -36.21 -4.79 -3.64
C THR E 192 -36.97 -3.69 -4.36
N ILE E 193 -36.28 -2.99 -5.27
CA ILE E 193 -36.92 -1.93 -6.05
C ILE E 193 -38.18 -2.44 -6.73
N LYS E 194 -38.24 -3.73 -7.05
CA LYS E 194 -39.46 -4.30 -7.61
C LYS E 194 -40.57 -4.37 -6.56
N THR E 195 -40.23 -4.75 -5.32
CA THR E 195 -41.23 -4.85 -4.26
C THR E 195 -41.95 -3.53 -4.01
N ILE E 196 -41.36 -2.41 -4.41
CA ILE E 196 -41.93 -1.11 -4.12
C ILE E 196 -42.44 -0.39 -5.37
N THR E 197 -41.77 -0.51 -6.51
CA THR E 197 -42.28 0.05 -7.75
C THR E 197 -43.21 -0.90 -8.49
N LYS E 198 -43.29 -2.16 -8.06
CA LYS E 198 -44.20 -3.19 -8.55
C LYS E 198 -43.90 -3.61 -9.98
N LYS E 199 -42.92 -3.00 -10.65
CA LYS E 199 -42.53 -3.38 -12.00
C LYS E 199 -41.08 -3.83 -11.99
N ASP E 200 -40.63 -4.32 -13.14
CA ASP E 200 -39.23 -4.69 -13.28
C ASP E 200 -38.34 -3.45 -13.13
N MET E 201 -37.05 -3.70 -12.98
CA MET E 201 -36.11 -2.60 -12.80
C MET E 201 -35.80 -1.94 -14.15
N VAL E 202 -35.65 -0.63 -14.11
CA VAL E 202 -35.36 0.17 -15.29
C VAL E 202 -33.85 0.38 -15.34
N ASN E 203 -33.34 0.73 -16.53
CA ASN E 203 -31.93 1.05 -16.64
C ASN E 203 -31.57 2.30 -15.86
N LYS E 204 -32.55 3.15 -15.56
CA LYS E 204 -32.32 4.31 -14.74
C LYS E 204 -32.04 3.96 -13.29
N ASP E 205 -32.05 2.68 -12.94
CA ASP E 205 -31.75 2.25 -11.58
C ASP E 205 -30.27 1.91 -11.38
N GLN E 206 -29.47 1.92 -12.44
CA GLN E 206 -28.03 1.88 -12.29
C GLN E 206 -27.47 3.26 -11.94
N VAL E 207 -28.28 4.30 -12.07
CA VAL E 207 -27.95 5.65 -11.64
C VAL E 207 -29.16 6.14 -10.85
N LEU E 208 -29.17 7.41 -10.48
CA LEU E 208 -30.25 7.93 -9.65
C LEU E 208 -31.57 7.94 -10.42
N ASN E 209 -32.57 7.27 -9.87
CA ASN E 209 -33.93 7.29 -10.40
C ASN E 209 -34.86 7.78 -9.30
N PRO E 210 -35.46 8.97 -9.43
CA PRO E 210 -36.24 9.52 -8.32
C PRO E 210 -37.48 8.72 -7.96
N ILE E 211 -37.72 7.58 -8.60
CA ILE E 211 -38.90 6.77 -8.31
C ILE E 211 -38.60 5.71 -7.26
N SER E 212 -37.40 5.13 -7.30
CA SER E 212 -37.01 4.05 -6.40
C SER E 212 -36.68 4.60 -5.02
N LYS E 213 -37.72 4.99 -4.30
CA LYS E 213 -37.60 5.52 -2.95
C LYS E 213 -38.36 4.64 -1.98
N ALA E 214 -37.88 4.58 -0.74
CA ALA E 214 -38.48 3.71 0.26
C ALA E 214 -38.19 4.29 1.63
N LYS E 215 -38.66 3.58 2.66
CA LYS E 215 -38.33 3.87 4.03
C LYS E 215 -37.78 2.61 4.67
N LEU E 216 -37.33 2.72 5.91
CA LEU E 216 -36.73 1.59 6.64
C LEU E 216 -37.72 0.94 7.57
N ASP E 217 -38.96 0.77 7.12
CA ASP E 217 -39.98 0.08 7.91
C ASP E 217 -39.46 -1.18 8.59
N LYS E 218 -39.04 -2.15 7.79
CA LYS E 218 -38.66 -3.45 8.32
C LYS E 218 -37.25 -3.39 8.89
N ASP E 219 -36.69 -4.55 9.22
CA ASP E 219 -35.34 -4.65 9.74
C ASP E 219 -34.74 -5.95 9.27
N GLY E 220 -33.49 -5.89 8.81
CA GLY E 220 -32.90 -7.08 8.22
C GLY E 220 -33.59 -7.49 6.94
N MET E 221 -34.16 -6.53 6.22
CA MET E 221 -34.95 -6.81 5.03
C MET E 221 -34.47 -6.01 3.83
N TYR E 222 -33.88 -4.84 4.08
CA TYR E 222 -33.44 -3.95 3.03
C TYR E 222 -31.95 -4.16 2.79
N PRO E 223 -31.53 -4.82 1.71
CA PRO E 223 -30.11 -5.03 1.48
C PRO E 223 -29.40 -3.72 1.21
N VAL E 224 -28.09 -3.71 1.46
CA VAL E 224 -27.30 -2.50 1.27
C VAL E 224 -26.70 -2.39 -0.11
N GLU E 225 -26.79 -3.44 -0.92
CA GLU E 225 -26.41 -3.33 -2.32
C GLU E 225 -27.46 -2.64 -3.16
N ILE E 226 -28.61 -2.31 -2.57
CA ILE E 226 -29.71 -1.66 -3.27
C ILE E 226 -30.08 -0.34 -2.63
N TRP E 227 -30.29 -0.34 -1.33
CA TRP E 227 -30.92 0.78 -0.63
C TRP E 227 -29.87 1.60 0.12
N HIS E 228 -29.74 2.87 -0.23
CA HIS E 228 -28.78 3.79 0.34
C HIS E 228 -29.52 4.92 1.05
N PRO E 229 -28.90 5.56 2.04
CA PRO E 229 -29.56 6.70 2.69
C PRO E 229 -29.81 7.81 1.69
N ASP E 230 -31.05 8.20 1.58
CA ASP E 230 -31.51 9.15 0.57
C ASP E 230 -31.48 10.56 1.13
N PRO E 231 -30.84 11.50 0.45
CA PRO E 231 -30.90 12.92 0.86
C PRO E 231 -32.18 13.60 0.39
N ALA E 232 -33.27 13.31 1.11
CA ALA E 232 -34.53 13.99 0.87
C ALA E 232 -34.39 15.46 1.26
N LYS E 233 -35.20 16.31 0.64
CA LYS E 233 -35.02 17.74 0.83
C LYS E 233 -35.31 18.19 2.26
N ASN E 234 -36.38 17.66 2.86
CA ASN E 234 -36.74 17.97 4.24
C ASN E 234 -36.59 16.73 5.10
N GLU E 235 -35.63 16.75 6.03
CA GLU E 235 -35.21 15.54 6.71
C GLU E 235 -35.14 15.74 8.22
N ASN E 236 -35.57 14.72 8.96
CA ASN E 236 -35.57 14.69 10.41
C ASN E 236 -34.59 13.67 10.98
N THR E 237 -33.50 13.40 10.27
CA THR E 237 -32.61 12.30 10.60
C THR E 237 -31.19 12.70 10.26
N ARG E 238 -30.25 12.38 11.14
CA ARG E 238 -28.83 12.61 10.87
C ARG E 238 -28.18 11.26 10.63
N TYR E 239 -27.60 11.09 9.45
CA TYR E 239 -26.93 9.86 9.09
C TYR E 239 -25.50 10.14 8.70
N PHE E 240 -24.59 9.32 9.22
CA PHE E 240 -23.17 9.40 8.89
C PHE E 240 -22.75 8.07 8.28
N GLY E 241 -21.74 8.11 7.44
CA GLY E 241 -21.32 6.90 6.76
C GLY E 241 -19.98 7.05 6.10
N ASN E 242 -19.34 5.91 5.86
CA ASN E 242 -18.10 5.86 5.10
C ASN E 242 -17.94 4.46 4.52
N TYR E 243 -17.40 4.42 3.30
CA TYR E 243 -17.22 3.21 2.53
C TYR E 243 -15.77 3.10 2.09
N THR E 244 -15.25 1.88 2.06
CA THR E 244 -13.87 1.63 1.63
C THR E 244 -13.83 0.34 0.85
N GLY E 245 -13.59 0.44 -0.45
CA GLY E 245 -13.63 -0.72 -1.32
C GLY E 245 -12.37 -1.54 -1.26
N GLY E 246 -12.16 -2.32 -2.30
CA GLY E 246 -10.99 -3.17 -2.39
C GLY E 246 -11.33 -4.63 -2.10
N THR E 247 -10.41 -5.50 -2.47
CA THR E 247 -10.56 -6.93 -2.24
C THR E 247 -9.74 -7.43 -1.06
N THR E 248 -8.71 -6.68 -0.65
CA THR E 248 -7.85 -7.10 0.44
C THR E 248 -7.54 -5.93 1.37
N THR E 249 -8.40 -4.93 1.41
CA THR E 249 -8.14 -3.75 2.21
C THR E 249 -8.17 -4.12 3.69
N PRO E 250 -7.18 -3.70 4.47
CA PRO E 250 -7.20 -3.97 5.90
C PRO E 250 -8.25 -3.13 6.61
N PRO E 251 -9.00 -3.71 7.53
CA PRO E 251 -9.93 -2.92 8.33
C PRO E 251 -9.22 -1.95 9.24
N VAL E 252 -9.94 -0.89 9.60
CA VAL E 252 -9.47 0.13 10.54
C VAL E 252 -10.65 0.52 11.40
N LEU E 253 -10.42 0.66 12.71
CA LEU E 253 -11.49 1.02 13.63
C LEU E 253 -10.91 1.88 14.73
N GLN E 254 -11.78 2.34 15.62
CA GLN E 254 -11.40 3.27 16.68
C GLN E 254 -12.36 3.08 17.86
N PHE E 255 -11.83 2.59 18.97
CA PHE E 255 -12.54 2.68 20.23
C PHE E 255 -12.30 4.05 20.82
N THR E 256 -13.29 4.55 21.55
CA THR E 256 -13.10 5.51 22.63
C THR E 256 -14.46 5.79 23.22
N ASN E 257 -14.48 6.17 24.49
CA ASN E 257 -15.71 6.62 25.13
C ASN E 257 -15.65 8.10 25.47
N THR E 258 -14.84 8.85 24.71
CA THR E 258 -14.51 10.22 25.09
C THR E 258 -15.44 11.24 24.45
N LEU E 259 -15.46 11.32 23.12
CA LEU E 259 -16.15 12.40 22.46
C LEU E 259 -17.36 11.89 21.70
N THR E 260 -18.32 12.80 21.52
CA THR E 260 -19.66 12.53 21.04
C THR E 260 -19.87 13.13 19.67
N THR E 261 -21.09 13.00 19.17
CA THR E 261 -21.54 13.67 17.96
C THR E 261 -22.73 14.55 18.33
N VAL E 262 -22.76 15.77 17.82
CA VAL E 262 -23.86 16.68 18.08
C VAL E 262 -24.86 16.54 16.95
N LEU E 263 -26.09 16.19 17.28
CA LEU E 263 -27.15 16.01 16.29
C LEU E 263 -27.91 17.29 16.01
N LEU E 264 -27.50 18.42 16.57
CA LEU E 264 -28.21 19.67 16.34
C LEU E 264 -28.12 20.10 14.89
N ASP E 265 -29.17 20.72 14.40
CA ASP E 265 -29.23 21.24 13.04
C ASP E 265 -28.56 22.61 13.00
N GLU E 266 -28.69 23.31 11.89
CA GLU E 266 -28.15 24.67 11.80
C GLU E 266 -28.92 25.63 12.68
N ASN E 267 -30.20 25.36 12.91
CA ASN E 267 -31.02 26.16 13.81
C ASN E 267 -30.97 25.66 15.25
N GLY E 268 -30.20 24.61 15.51
CA GLY E 268 -30.11 24.06 16.85
C GLY E 268 -31.39 23.35 17.26
N VAL E 269 -31.86 22.40 16.46
CA VAL E 269 -33.09 21.69 16.77
C VAL E 269 -32.82 20.20 16.95
N GLY E 270 -32.20 19.55 15.97
CA GLY E 270 -31.94 18.14 16.10
C GLY E 270 -33.18 17.31 15.91
N PRO E 271 -33.03 16.00 15.72
CA PRO E 271 -34.17 15.15 15.36
C PRO E 271 -35.26 15.17 16.42
N LEU E 272 -36.40 15.76 16.06
CA LEU E 272 -37.58 15.75 16.90
C LEU E 272 -38.29 14.43 16.68
N CYS E 273 -38.48 13.67 17.74
CA CYS E 273 -39.09 12.35 17.63
C CYS E 273 -40.58 12.50 17.39
N LYS E 274 -40.99 12.45 16.13
CA LYS E 274 -42.39 12.49 15.79
C LYS E 274 -43.01 11.12 16.01
N GLY E 275 -44.33 11.09 16.11
CA GLY E 275 -44.95 10.01 16.83
C GLY E 275 -44.49 10.18 18.25
N GLU E 276 -43.89 9.14 18.83
CA GLU E 276 -43.07 9.34 20.01
C GLU E 276 -41.82 8.48 19.99
N GLY E 277 -41.41 7.99 18.81
CA GLY E 277 -40.35 7.02 18.70
C GLY E 277 -39.04 7.63 18.24
N LEU E 278 -37.96 6.93 18.58
CA LEU E 278 -36.60 7.31 18.18
C LEU E 278 -36.04 6.17 17.35
N TYR E 279 -35.67 6.45 16.10
CA TYR E 279 -35.28 5.42 15.16
C TYR E 279 -33.77 5.41 15.00
N LEU E 280 -33.17 4.25 15.24
CA LEU E 280 -31.74 4.05 15.06
C LEU E 280 -31.53 3.05 13.93
N SER E 281 -30.61 3.38 13.03
CA SER E 281 -30.31 2.49 11.91
C SER E 281 -28.80 2.39 11.78
N CYS E 282 -28.34 1.24 11.30
CA CYS E 282 -26.90 1.03 11.21
C CYS E 282 -26.61 -0.15 10.30
N VAL E 283 -25.43 -0.11 9.71
CA VAL E 283 -24.82 -1.24 9.04
C VAL E 283 -23.32 -1.13 9.24
N ASP E 284 -22.67 -2.24 9.58
CA ASP E 284 -21.23 -2.23 9.88
C ASP E 284 -20.62 -3.49 9.26
N ILE E 285 -20.18 -3.37 8.02
CA ILE E 285 -19.55 -4.48 7.31
C ILE E 285 -18.05 -4.30 7.40
N MET E 286 -17.35 -5.32 7.92
CA MET E 286 -15.92 -5.26 8.15
C MET E 286 -15.11 -5.99 7.08
N GLY E 287 -15.75 -6.73 6.20
CA GLY E 287 -15.06 -7.51 5.19
C GLY E 287 -15.56 -8.94 5.18
N TRP E 288 -14.86 -9.77 4.43
CA TRP E 288 -15.28 -11.15 4.22
C TRP E 288 -14.14 -12.10 4.52
N ARG E 289 -14.46 -13.24 5.12
CA ARG E 289 -13.49 -14.30 5.35
C ARG E 289 -13.62 -15.35 4.26
N VAL E 290 -12.49 -15.80 3.75
CA VAL E 290 -12.43 -16.75 2.65
C VAL E 290 -12.09 -18.11 3.21
N THR E 291 -12.92 -19.11 2.92
CA THR E 291 -12.78 -20.42 3.51
C THR E 291 -11.70 -21.23 2.81
N ARG E 292 -11.30 -22.33 3.46
CA ARG E 292 -10.25 -23.22 2.96
C ARG E 292 -10.86 -24.23 1.99
N ASN E 293 -11.48 -23.70 0.94
CA ASN E 293 -12.24 -24.52 0.00
C ASN E 293 -12.37 -23.73 -1.29
N TYR E 294 -13.33 -24.11 -2.13
CA TYR E 294 -13.84 -23.17 -3.10
C TYR E 294 -14.03 -21.84 -2.39
N ASP E 295 -13.36 -20.80 -2.88
CA ASP E 295 -13.08 -19.65 -2.03
C ASP E 295 -14.33 -18.86 -1.71
N VAL E 296 -15.20 -19.44 -0.88
CA VAL E 296 -16.48 -18.83 -0.55
C VAL E 296 -16.23 -17.74 0.49
N HIS E 297 -16.32 -16.49 0.08
CA HIS E 297 -16.28 -15.39 1.03
C HIS E 297 -17.63 -15.26 1.71
N HIS E 298 -17.63 -14.77 2.95
CA HIS E 298 -18.87 -14.28 3.53
C HIS E 298 -18.58 -13.19 4.55
N TRP E 299 -19.44 -12.19 4.58
CA TRP E 299 -19.17 -10.94 5.28
C TRP E 299 -19.14 -11.14 6.78
N ARG E 300 -18.46 -10.22 7.47
CA ARG E 300 -18.53 -10.11 8.92
C ARG E 300 -19.08 -8.75 9.27
N GLY E 301 -19.91 -8.69 10.30
CA GLY E 301 -20.46 -7.44 10.77
C GLY E 301 -20.36 -7.35 12.28
N LEU E 302 -20.08 -6.16 12.74
CA LEU E 302 -19.96 -6.04 14.18
C LEU E 302 -21.09 -5.19 14.74
N PRO E 303 -21.50 -5.43 15.98
CA PRO E 303 -22.61 -4.67 16.55
C PRO E 303 -22.19 -3.24 16.85
N ARG E 304 -23.17 -2.34 16.83
CA ARG E 304 -22.94 -0.93 17.03
C ARG E 304 -23.74 -0.46 18.24
N TYR E 305 -23.07 0.24 19.15
CA TYR E 305 -23.69 0.72 20.38
C TYR E 305 -24.00 2.20 20.24
N PHE E 306 -25.25 2.57 20.53
CA PHE E 306 -25.72 3.94 20.51
C PHE E 306 -26.00 4.40 21.93
N LYS E 307 -25.67 5.66 22.22
CA LYS E 307 -26.10 6.30 23.45
C LYS E 307 -26.59 7.70 23.12
N ILE E 308 -27.89 7.92 23.26
CA ILE E 308 -28.53 9.15 22.78
C ILE E 308 -28.96 9.99 23.96
N THR E 309 -28.75 11.30 23.84
CA THR E 309 -29.10 12.25 24.90
C THR E 309 -30.30 13.06 24.43
N LEU E 310 -31.46 12.77 25.00
CA LEU E 310 -32.70 13.41 24.61
C LEU E 310 -33.10 14.47 25.62
N ARG E 311 -33.70 15.54 25.14
CA ARG E 311 -34.28 16.58 25.97
C ARG E 311 -35.64 16.96 25.39
N LYS E 312 -36.47 17.57 26.21
CA LYS E 312 -37.81 17.97 25.80
C LYS E 312 -37.79 19.37 25.20
N ARG E 313 -38.62 19.59 24.20
CA ARG E 313 -38.66 20.86 23.50
C ARG E 313 -40.10 21.24 23.20
N TRP E 314 -40.44 22.51 23.41
CA TRP E 314 -41.76 23.01 23.06
C TRP E 314 -41.81 23.33 21.57
N VAL E 315 -42.81 22.76 20.89
CA VAL E 315 -43.01 22.99 19.46
C VAL E 315 -44.45 23.44 19.24
N LYS E 316 -44.78 23.69 17.98
CA LYS E 316 -46.16 23.97 17.61
C LYS E 316 -46.89 22.67 17.28
N ASN E 317 -48.20 22.68 17.45
CA ASN E 317 -48.98 21.45 17.42
C ASN E 317 -48.95 20.77 16.05
N PRO E 318 -48.44 19.54 15.93
CA PRO E 318 -48.49 18.82 14.67
C PRO E 318 -49.74 17.98 14.48
N TYR E 319 -50.66 17.98 15.44
CA TYR E 319 -51.93 17.25 15.31
C TYR E 319 -53.05 18.24 14.98
N PRO E 320 -53.36 18.44 13.71
CA PRO E 320 -54.39 19.42 13.34
C PRO E 320 -55.78 18.85 13.53
N MET E 321 -56.51 19.40 14.50
CA MET E 321 -57.87 18.95 14.77
C MET E 321 -58.78 19.09 13.56
N ALA E 322 -58.44 20.01 12.65
CA ALA E 322 -59.22 20.15 11.41
C ALA E 322 -59.26 18.84 10.65
N SER E 323 -58.18 18.07 10.69
CA SER E 323 -58.16 16.79 9.98
C SER E 323 -59.22 15.84 10.53
N LEU E 324 -59.38 15.79 11.85
CA LEU E 324 -60.39 14.92 12.44
C LEU E 324 -61.79 15.45 12.18
N ILE E 325 -61.99 16.75 12.37
CA ILE E 325 -63.32 17.34 12.23
C ILE E 325 -63.66 17.53 10.77
N SER E 326 -62.77 17.11 9.88
CA SER E 326 -63.05 16.98 8.46
C SER E 326 -63.22 15.53 8.02
N SER E 327 -62.50 14.60 8.64
CA SER E 327 -62.78 13.18 8.42
C SER E 327 -64.17 12.83 8.92
N LEU E 328 -64.67 13.54 9.93
CA LEU E 328 -66.05 13.33 10.35
C LEU E 328 -67.06 13.67 9.26
N PHE E 329 -66.72 14.61 8.37
CA PHE E 329 -67.55 14.87 7.19
C PHE E 329 -67.28 13.85 6.09
N ASN E 330 -65.99 13.59 5.82
CA ASN E 330 -65.59 12.69 4.75
C ASN E 330 -66.17 11.29 4.92
N ASN E 331 -66.21 10.77 6.14
CA ASN E 331 -66.65 9.40 6.39
C ASN E 331 -68.17 9.27 6.44
N MET E 332 -68.90 10.34 6.15
CA MET E 332 -70.33 10.26 5.94
C MET E 332 -70.71 10.24 4.47
N LEU E 333 -69.77 10.55 3.59
CA LEU E 333 -69.95 10.55 2.14
C LEU E 333 -69.27 9.34 1.54
N PRO E 334 -69.81 8.80 0.43
CA PRO E 334 -69.14 7.66 -0.22
C PRO E 334 -67.83 8.07 -0.87
N GLN E 335 -67.05 7.10 -1.34
CA GLN E 335 -65.78 7.41 -2.00
C GLN E 335 -65.78 7.12 -3.50
N VAL E 336 -65.93 8.15 -4.33
CA VAL E 336 -65.93 7.99 -5.79
C VAL E 336 -64.80 8.77 -6.48
N GLN E 337 -64.01 8.07 -7.29
CA GLN E 337 -62.88 8.66 -8.00
C GLN E 337 -63.16 9.72 -9.08
N GLY E 338 -64.16 9.50 -9.93
CA GLY E 338 -64.49 10.42 -11.01
C GLY E 338 -63.37 10.58 -12.03
N GLN E 339 -63.34 11.73 -12.72
CA GLN E 339 -62.28 12.00 -13.68
C GLN E 339 -61.10 12.65 -12.97
N PRO E 340 -59.88 12.37 -13.40
CA PRO E 340 -58.71 12.73 -12.60
C PRO E 340 -58.45 14.22 -12.53
N MET E 341 -58.75 14.83 -11.39
CA MET E 341 -58.37 16.21 -11.12
C MET E 341 -57.09 16.32 -10.32
N GLU E 342 -56.26 15.28 -10.37
CA GLU E 342 -54.99 15.25 -9.64
C GLU E 342 -54.18 14.07 -10.15
N GLY E 343 -52.89 14.30 -10.41
CA GLY E 343 -52.00 13.28 -10.91
C GLY E 343 -51.28 13.74 -12.17
N GLU E 344 -51.09 12.79 -13.09
CA GLU E 344 -50.42 13.07 -14.36
C GLU E 344 -51.41 13.29 -15.49
N ASN E 345 -52.68 12.96 -15.30
CA ASN E 345 -53.74 13.27 -16.25
C ASN E 345 -54.68 14.33 -15.70
N THR E 346 -54.13 15.28 -14.94
CA THR E 346 -54.93 16.34 -14.35
C THR E 346 -55.85 16.96 -15.38
N GLN E 347 -57.11 17.12 -14.99
CA GLN E 347 -58.05 17.92 -15.76
C GLN E 347 -58.27 19.27 -15.12
N VAL E 348 -57.35 19.71 -14.28
CA VAL E 348 -57.36 21.06 -13.73
C VAL E 348 -56.43 21.91 -14.59
N GLU E 349 -57.01 22.85 -15.32
CA GLU E 349 -56.22 23.63 -16.27
C GLU E 349 -55.34 24.66 -15.56
N GLU E 350 -55.91 25.42 -14.63
CA GLU E 350 -55.20 26.57 -14.08
C GLU E 350 -55.80 26.92 -12.73
N VAL E 351 -54.96 27.38 -11.82
CA VAL E 351 -55.37 27.78 -10.48
C VAL E 351 -54.63 29.06 -10.14
N ARG E 352 -55.35 30.06 -9.66
CA ARG E 352 -54.72 31.31 -9.27
C ARG E 352 -55.37 31.84 -8.01
N VAL E 353 -54.56 32.45 -7.15
CA VAL E 353 -54.97 32.86 -5.82
C VAL E 353 -54.82 34.37 -5.70
N TYR E 354 -55.91 35.06 -5.43
CA TYR E 354 -55.91 36.50 -5.24
C TYR E 354 -56.04 36.81 -3.76
N ASP E 355 -55.20 37.73 -3.27
CA ASP E 355 -55.27 38.11 -1.86
C ASP E 355 -55.67 39.57 -1.66
N GLY E 356 -54.91 40.52 -2.19
CA GLY E 356 -55.16 41.92 -1.87
C GLY E 356 -55.60 42.76 -3.06
N THR E 357 -55.14 44.01 -3.10
CA THR E 357 -55.41 44.89 -4.22
C THR E 357 -54.11 45.55 -4.65
N GLU E 358 -53.76 45.41 -5.91
CA GLU E 358 -52.57 46.02 -6.49
C GLU E 358 -52.97 46.86 -7.69
N PRO E 359 -52.15 47.83 -8.08
CA PRO E 359 -52.46 48.62 -9.28
C PRO E 359 -52.56 47.72 -10.50
N VAL E 360 -53.45 48.09 -11.41
CA VAL E 360 -53.74 47.26 -12.59
C VAL E 360 -52.43 47.03 -13.34
N PRO E 361 -51.99 45.79 -13.47
CA PRO E 361 -50.72 45.51 -14.12
C PRO E 361 -50.84 45.65 -15.63
N GLY E 362 -49.75 45.35 -16.31
CA GLY E 362 -49.72 45.41 -17.75
C GLY E 362 -50.06 44.03 -18.27
N ASP E 363 -49.06 43.27 -18.65
CA ASP E 363 -49.28 41.84 -18.80
C ASP E 363 -49.35 41.22 -17.41
N PRO E 364 -50.50 40.74 -16.96
CA PRO E 364 -50.58 40.17 -15.60
C PRO E 364 -49.87 38.84 -15.50
N ASP E 365 -49.94 38.03 -16.55
CA ASP E 365 -49.22 36.75 -16.62
C ASP E 365 -47.84 36.93 -17.23
N MET E 366 -47.10 37.90 -16.71
CA MET E 366 -45.80 38.23 -17.27
C MET E 366 -44.86 37.05 -17.16
N THR E 367 -44.09 36.81 -18.21
CA THR E 367 -43.06 35.78 -18.14
C THR E 367 -41.98 36.26 -17.18
N ARG E 368 -41.64 35.42 -16.22
CA ARG E 368 -40.67 35.82 -15.20
C ARG E 368 -39.27 35.34 -15.52
N TYR E 369 -39.13 34.39 -16.44
CA TYR E 369 -37.85 33.78 -16.74
C TYR E 369 -37.26 34.41 -18.01
N VAL E 370 -35.94 34.52 -18.04
CA VAL E 370 -35.30 35.30 -19.09
C VAL E 370 -35.18 34.51 -20.38
N ASP E 371 -35.05 33.18 -20.28
CA ASP E 371 -34.88 32.37 -21.48
C ASP E 371 -36.15 32.29 -22.32
N ARG E 372 -37.30 32.69 -21.77
CA ARG E 372 -38.55 32.60 -22.51
C ARG E 372 -38.68 33.69 -23.57
N PHE E 373 -37.85 34.71 -23.52
CA PHE E 373 -37.92 35.79 -24.49
C PHE E 373 -37.29 35.38 -25.82
N LYS F 17 13.26 41.69 45.18
CA LYS F 17 13.88 43.00 45.33
C LYS F 17 14.28 43.57 43.97
N ALA F 18 15.36 44.35 43.96
CA ALA F 18 15.86 44.91 42.70
C ALA F 18 16.43 43.78 41.85
N CYS F 19 16.85 42.72 42.54
CA CYS F 19 17.40 41.52 41.95
C CYS F 19 16.34 40.84 41.10
N PRO F 20 16.74 40.31 39.94
CA PRO F 20 15.83 39.64 39.00
C PRO F 20 15.21 38.37 39.57
N ARG F 21 13.92 38.17 39.28
CA ARG F 21 13.20 36.98 39.74
C ARG F 21 12.62 36.19 38.57
N PRO F 22 12.88 34.87 38.55
CA PRO F 22 12.41 33.94 37.53
C PRO F 22 10.90 33.71 37.61
N ALA F 23 10.27 33.43 36.48
CA ALA F 23 8.83 33.17 36.43
C ALA F 23 8.46 32.00 37.34
N PRO F 24 7.34 32.12 38.05
CA PRO F 24 6.95 31.05 38.98
C PRO F 24 6.54 29.77 38.25
N VAL F 25 6.87 28.63 38.86
CA VAL F 25 6.48 27.32 38.37
C VAL F 25 5.94 26.56 39.56
N PRO F 26 5.22 25.44 39.38
CA PRO F 26 4.76 24.67 40.54
C PRO F 26 5.94 24.12 41.33
N LYS F 27 5.95 24.43 42.62
CA LYS F 27 7.07 24.09 43.49
C LYS F 27 7.05 22.60 43.80
N LEU F 28 8.09 21.89 43.38
CA LEU F 28 8.20 20.48 43.72
C LEU F 28 8.39 20.32 45.21
N LEU F 29 7.58 19.48 45.83
CA LEU F 29 7.65 19.24 47.26
C LEU F 29 8.51 18.05 47.62
N ILE F 30 8.34 16.92 46.93
CA ILE F 30 9.09 15.71 47.25
C ILE F 30 9.02 14.77 46.06
N LYS F 31 10.13 14.10 45.78
CA LYS F 31 10.25 13.20 44.66
C LYS F 31 10.72 11.83 45.15
N GLY F 32 10.43 10.79 44.38
CA GLY F 32 10.91 9.47 44.73
C GLY F 32 10.04 8.34 44.21
N GLY F 33 9.67 7.42 45.10
CA GLY F 33 8.83 6.31 44.76
C GLY F 33 7.43 6.45 45.30
N MET F 34 6.74 5.32 45.46
CA MET F 34 5.37 5.37 45.94
C MET F 34 5.31 5.81 47.40
N GLU F 35 6.35 5.53 48.18
CA GLU F 35 6.37 5.94 49.58
C GLU F 35 6.23 7.45 49.73
N VAL F 36 6.60 8.19 48.69
CA VAL F 36 6.46 9.64 48.70
C VAL F 36 5.04 10.04 49.04
N LEU F 37 4.06 9.24 48.62
CA LEU F 37 2.67 9.60 48.83
C LEU F 37 2.29 9.64 50.30
N ASP F 38 3.13 9.14 51.20
CA ASP F 38 2.78 9.17 52.62
C ASP F 38 2.90 10.56 53.20
N LEU F 39 3.63 11.46 52.53
CA LEU F 39 3.76 12.83 53.01
C LEU F 39 2.41 13.54 52.99
N VAL F 40 2.03 14.14 54.11
CA VAL F 40 0.83 14.97 54.16
C VAL F 40 1.11 16.22 53.34
N THR F 41 0.47 16.33 52.17
CA THR F 41 0.92 17.27 51.16
C THR F 41 0.09 18.55 51.15
N GLY F 42 -1.20 18.46 51.48
CA GLY F 42 -2.06 19.62 51.46
C GLY F 42 -3.28 19.41 50.60
N PRO F 43 -4.13 20.43 50.51
CA PRO F 43 -5.40 20.28 49.78
C PRO F 43 -5.35 20.62 48.31
N ASP F 44 -4.28 21.26 47.83
CA ASP F 44 -4.21 21.72 46.45
C ASP F 44 -2.98 21.19 45.72
N SER F 45 -2.46 20.04 46.11
CA SER F 45 -1.26 19.52 45.47
C SER F 45 -1.62 18.57 44.33
N VAL F 46 -0.70 18.44 43.40
CA VAL F 46 -0.86 17.59 42.23
C VAL F 46 0.19 16.51 42.27
N THR F 47 -0.18 15.29 41.89
CA THR F 47 0.72 14.15 41.93
C THR F 47 0.89 13.60 40.52
N GLU F 48 2.13 13.28 40.15
CA GLU F 48 2.43 12.71 38.85
C GLU F 48 3.11 11.38 39.05
N ILE F 49 2.50 10.31 38.53
CA ILE F 49 3.02 8.97 38.69
C ILE F 49 3.42 8.45 37.32
N GLU F 50 4.67 8.00 37.21
CA GLU F 50 5.14 7.29 36.03
C GLU F 50 5.12 5.80 36.29
N ALA F 51 4.62 5.04 35.33
CA ALA F 51 4.56 3.59 35.45
C ALA F 51 4.64 3.01 34.05
N PHE F 52 4.77 1.69 33.97
CA PHE F 52 4.74 1.07 32.66
C PHE F 52 4.11 -0.31 32.78
N LEU F 53 3.67 -0.82 31.64
CA LEU F 53 3.09 -2.15 31.56
C LEU F 53 3.81 -2.91 30.46
N ASN F 54 4.24 -4.07 30.77
CA ASN F 54 4.92 -4.94 29.84
C ASN F 54 3.91 -5.76 29.05
N PRO F 55 4.21 -6.12 27.83
CA PRO F 55 3.22 -6.81 27.01
C PRO F 55 3.05 -8.27 27.39
N ARG F 56 2.25 -8.54 28.41
CA ARG F 56 1.98 -9.92 28.81
C ARG F 56 1.04 -10.51 27.78
N MET F 57 1.62 -11.17 26.77
CA MET F 57 0.86 -11.74 25.66
C MET F 57 1.48 -13.06 25.21
N GLY F 58 0.99 -14.16 25.76
CA GLY F 58 1.50 -15.45 25.38
C GLY F 58 2.50 -16.04 26.35
N GLN F 59 3.77 -15.92 26.04
CA GLN F 59 4.80 -16.48 26.90
C GLN F 59 4.82 -15.74 28.24
N PRO F 60 4.69 -16.45 29.36
CA PRO F 60 4.82 -15.80 30.66
C PRO F 60 6.26 -15.48 30.98
N PRO F 61 6.53 -14.53 31.87
CA PRO F 61 7.92 -14.12 32.10
C PRO F 61 8.73 -15.09 32.94
N THR F 62 8.17 -16.21 33.38
CA THR F 62 8.82 -16.98 34.44
C THR F 62 10.05 -17.77 34.00
N PRO F 63 10.09 -18.44 32.83
CA PRO F 63 11.35 -19.16 32.52
C PRO F 63 12.45 -18.20 32.12
N GLU F 64 13.12 -17.63 33.13
CA GLU F 64 14.04 -16.52 32.95
C GLU F 64 15.19 -16.83 32.00
N SER F 65 15.45 -18.09 31.69
CA SER F 65 16.60 -18.43 30.88
C SER F 65 16.29 -18.33 29.40
N LEU F 66 17.29 -17.92 28.62
CA LEU F 66 17.14 -17.72 27.18
C LEU F 66 17.35 -19.00 26.38
N THR F 67 17.31 -20.14 27.00
CA THR F 67 17.46 -21.38 26.25
C THR F 67 16.33 -22.36 26.51
N GLU F 68 15.80 -22.39 27.73
CA GLU F 68 14.70 -23.31 28.04
C GLU F 68 13.37 -22.74 27.60
N GLY F 69 13.15 -21.46 27.82
CA GLY F 69 11.97 -20.83 27.29
C GLY F 69 12.15 -20.24 25.92
N GLY F 70 13.33 -20.40 25.31
CA GLY F 70 13.66 -19.80 24.02
C GLY F 70 13.66 -18.29 24.09
N GLN F 71 13.19 -17.79 25.21
CA GLN F 71 12.86 -16.38 25.45
C GLN F 71 12.14 -15.75 24.28
N TYR F 72 10.94 -16.27 24.08
CA TYR F 72 9.87 -15.58 23.39
C TYR F 72 9.12 -14.65 24.31
N TYR F 73 9.74 -14.19 25.39
CA TYR F 73 9.11 -13.20 26.26
C TYR F 73 8.89 -11.91 25.48
N GLY F 74 7.66 -11.42 25.50
CA GLY F 74 7.25 -10.35 24.64
C GLY F 74 6.67 -10.81 23.32
N TRP F 75 6.72 -12.11 23.04
CA TRP F 75 6.13 -12.68 21.85
C TRP F 75 5.17 -13.79 22.28
N SER F 76 4.20 -14.08 21.42
CA SER F 76 3.42 -15.28 21.65
C SER F 76 4.24 -16.49 21.26
N ARG F 77 3.73 -17.68 21.57
CA ARG F 77 4.55 -18.87 21.40
C ARG F 77 4.52 -19.40 19.98
N GLY F 78 3.35 -19.58 19.41
CA GLY F 78 3.25 -19.93 18.01
C GLY F 78 1.83 -20.20 17.62
N ILE F 79 1.36 -19.62 16.52
CA ILE F 79 -0.04 -19.76 16.15
C ILE F 79 -0.17 -20.99 15.26
N ASN F 80 -0.79 -22.04 15.80
CA ASN F 80 -1.11 -23.23 15.04
C ASN F 80 -2.58 -23.20 14.66
N LEU F 81 -2.86 -23.49 13.39
CA LEU F 81 -4.20 -23.36 12.85
C LEU F 81 -5.08 -24.50 13.35
N ALA F 82 -6.30 -24.58 12.84
CA ALA F 82 -7.23 -25.63 13.20
C ALA F 82 -7.15 -26.75 12.18
N THR F 83 -7.64 -27.92 12.58
CA THR F 83 -7.60 -29.10 11.72
C THR F 83 -8.93 -29.38 11.06
N SER F 84 -10.01 -28.79 11.58
CA SER F 84 -11.33 -28.86 10.96
C SER F 84 -12.13 -27.68 11.45
N ASP F 85 -13.32 -27.50 10.85
CA ASP F 85 -14.16 -26.37 11.22
C ASP F 85 -14.61 -26.47 12.66
N THR F 86 -14.85 -27.69 13.15
CA THR F 86 -15.39 -27.86 14.50
C THR F 86 -14.30 -28.02 15.55
N GLU F 87 -13.09 -28.39 15.16
CA GLU F 87 -12.00 -28.63 16.10
C GLU F 87 -11.03 -27.45 16.05
N ASP F 88 -10.91 -26.73 17.16
CA ASP F 88 -10.10 -25.52 17.20
C ASP F 88 -9.74 -25.24 18.65
N SER F 89 -8.45 -25.29 18.98
CA SER F 89 -7.98 -25.08 20.34
C SER F 89 -6.85 -24.06 20.34
N PRO F 90 -7.07 -22.86 20.85
CA PRO F 90 -6.08 -21.79 20.69
C PRO F 90 -4.84 -21.87 21.56
N GLU F 91 -4.71 -22.82 22.49
CA GLU F 91 -3.42 -23.03 23.15
C GLU F 91 -2.92 -21.83 23.95
N ASN F 92 -3.43 -21.65 25.17
CA ASN F 92 -3.30 -20.42 25.97
C ASN F 92 -2.01 -19.64 25.75
N ASN F 93 -0.84 -20.28 25.72
CA ASN F 93 0.39 -19.52 25.57
C ASN F 93 0.53 -18.89 24.20
N THR F 94 -0.46 -19.06 23.33
CA THR F 94 -0.53 -18.38 22.05
C THR F 94 -1.30 -17.06 22.12
N LEU F 95 -2.37 -17.01 22.91
CA LEU F 95 -3.32 -15.91 22.89
C LEU F 95 -2.73 -14.67 23.55
N PRO F 96 -2.70 -13.53 22.87
CA PRO F 96 -2.32 -12.28 23.55
C PRO F 96 -3.45 -11.81 24.44
N THR F 97 -3.09 -11.31 25.61
CA THR F 97 -4.06 -11.02 26.66
C THR F 97 -3.88 -9.60 27.15
N TRP F 98 -4.81 -9.18 28.00
CA TRP F 98 -4.82 -7.81 28.51
C TRP F 98 -3.78 -7.65 29.60
N SER F 99 -3.09 -6.51 29.59
CA SER F 99 -2.20 -6.14 30.67
C SER F 99 -2.89 -5.12 31.55
N MET F 100 -2.73 -5.24 32.86
CA MET F 100 -3.38 -4.32 33.78
C MET F 100 -2.51 -4.16 35.02
N ALA F 101 -2.78 -3.10 35.77
CA ALA F 101 -2.07 -2.83 37.00
C ALA F 101 -2.90 -1.88 37.84
N LYS F 102 -2.63 -1.86 39.14
CA LYS F 102 -3.37 -1.02 40.07
C LYS F 102 -2.37 -0.38 41.03
N LEU F 103 -2.42 0.94 41.12
CA LEU F 103 -1.61 1.69 42.07
C LEU F 103 -2.45 2.00 43.29
N GLN F 104 -1.95 1.65 44.46
CA GLN F 104 -2.67 1.85 45.71
C GLN F 104 -2.25 3.20 46.30
N LEU F 105 -3.13 4.17 46.20
CA LEU F 105 -2.93 5.52 46.69
C LEU F 105 -3.33 5.61 48.15
N PRO F 106 -2.88 6.63 48.88
CA PRO F 106 -3.18 6.73 50.30
C PRO F 106 -4.61 7.19 50.54
N MET F 107 -5.02 7.11 51.80
CA MET F 107 -6.31 7.63 52.21
C MET F 107 -6.22 9.12 52.48
N LEU F 108 -7.34 9.81 52.32
CA LEU F 108 -7.37 11.26 52.35
C LEU F 108 -8.24 11.74 53.51
N ASN F 109 -8.43 13.06 53.57
CA ASN F 109 -9.20 13.68 54.63
C ASN F 109 -10.69 13.48 54.42
N GLU F 110 -11.47 14.12 55.28
CA GLU F 110 -12.93 14.07 55.21
C GLU F 110 -13.48 15.15 56.11
N ASP F 111 -14.79 15.34 56.06
CA ASP F 111 -15.44 16.33 56.91
C ASP F 111 -16.87 15.84 57.17
N LEU F 112 -17.05 15.12 58.27
CA LEU F 112 -18.37 14.59 58.60
C LEU F 112 -19.35 15.66 59.05
N THR F 113 -18.87 16.86 59.38
CA THR F 113 -19.78 17.96 59.65
C THR F 113 -20.61 18.29 58.42
N CYS F 114 -20.05 18.11 57.23
CA CYS F 114 -20.75 18.38 55.98
C CYS F 114 -20.93 17.14 55.12
N ASP F 115 -20.56 15.96 55.64
CA ASP F 115 -20.65 14.69 54.91
C ASP F 115 -19.87 14.75 53.60
N THR F 116 -18.79 15.51 53.57
CA THR F 116 -17.98 15.71 52.38
C THR F 116 -16.66 14.97 52.52
N LEU F 117 -16.19 14.41 51.41
CA LEU F 117 -15.01 13.56 51.37
C LEU F 117 -13.95 14.19 50.50
N GLN F 118 -12.79 13.55 50.46
CA GLN F 118 -11.74 13.85 49.50
C GLN F 118 -11.31 12.56 48.84
N MET F 119 -11.17 12.59 47.52
CA MET F 119 -10.69 11.42 46.81
C MET F 119 -9.89 11.84 45.61
N TRP F 120 -8.98 10.96 45.18
CA TRP F 120 -8.09 11.26 44.07
C TRP F 120 -8.89 11.40 42.78
N GLU F 121 -8.29 12.04 41.80
CA GLU F 121 -8.99 12.35 40.56
C GLU F 121 -7.94 12.47 39.45
N ALA F 122 -7.83 11.42 38.63
CA ALA F 122 -6.91 11.47 37.51
C ALA F 122 -7.29 12.59 36.56
N VAL F 123 -6.45 13.61 36.48
CA VAL F 123 -6.73 14.79 35.68
C VAL F 123 -6.24 14.62 34.25
N SER F 124 -5.07 14.03 34.05
CA SER F 124 -4.55 13.86 32.69
C SER F 124 -3.58 12.69 32.62
N VAL F 125 -3.10 12.40 31.42
CA VAL F 125 -2.23 11.25 31.20
C VAL F 125 -1.35 11.48 29.97
N LYS F 126 -0.09 11.08 30.06
CA LYS F 126 0.83 11.00 28.93
C LYS F 126 1.17 9.55 28.71
N THR F 127 0.78 9.00 27.58
CA THR F 127 1.12 7.61 27.28
C THR F 127 2.13 7.55 26.15
N GLU F 128 2.81 6.41 26.05
CA GLU F 128 3.76 6.19 24.96
C GLU F 128 4.15 4.72 24.84
N VAL F 129 4.05 4.16 23.64
CA VAL F 129 4.51 2.79 23.41
C VAL F 129 6.01 2.84 23.16
N VAL F 130 6.79 2.27 24.07
CA VAL F 130 8.24 2.35 24.02
C VAL F 130 8.81 1.19 23.21
N GLY F 131 9.71 1.49 22.29
CA GLY F 131 10.46 0.47 21.62
C GLY F 131 10.07 0.17 20.20
N SER F 132 9.77 1.18 19.38
CA SER F 132 9.45 0.92 17.99
C SER F 132 10.71 0.69 17.16
N GLY F 133 11.75 1.52 17.36
CA GLY F 133 13.00 1.30 16.68
C GLY F 133 13.51 -0.11 16.79
N SER F 134 13.10 -0.84 17.84
CA SER F 134 13.42 -2.25 17.98
C SER F 134 12.93 -3.06 16.79
N LEU F 135 11.84 -2.63 16.15
CA LEU F 135 11.35 -3.34 14.98
C LEU F 135 12.23 -3.16 13.76
N LEU F 136 13.33 -2.40 13.88
CA LEU F 136 14.27 -2.22 12.79
C LEU F 136 15.33 -3.30 12.74
N ASP F 137 15.26 -4.31 13.61
CA ASP F 137 16.20 -5.42 13.60
C ASP F 137 15.84 -6.34 12.45
N VAL F 138 16.57 -6.22 11.33
CA VAL F 138 16.20 -6.88 10.09
C VAL F 138 17.14 -8.02 9.75
N HIS F 139 18.14 -8.29 10.58
CA HIS F 139 18.85 -9.56 10.52
C HIS F 139 18.01 -10.58 11.28
N GLY F 140 18.57 -11.75 11.55
CA GLY F 140 17.86 -12.74 12.32
C GLY F 140 17.21 -13.79 11.44
N PHE F 141 16.76 -14.86 12.10
CA PHE F 141 16.30 -16.06 11.41
C PHE F 141 14.79 -16.04 11.24
N ASN F 142 14.31 -15.01 10.53
CA ASN F 142 12.92 -14.95 10.10
C ASN F 142 12.85 -15.27 8.62
N LYS F 143 11.63 -15.32 8.11
CA LYS F 143 11.43 -15.55 6.68
C LYS F 143 12.15 -14.47 5.88
N PRO F 144 12.89 -14.82 4.85
CA PRO F 144 13.60 -13.82 4.06
C PRO F 144 12.70 -13.19 3.01
N THR F 145 13.10 -12.01 2.55
CA THR F 145 12.36 -11.35 1.49
C THR F 145 12.53 -12.10 0.17
N ASP F 146 13.76 -12.45 -0.18
CA ASP F 146 14.03 -13.28 -1.36
C ASP F 146 14.05 -14.72 -0.89
N THR F 147 12.90 -15.38 -0.98
CA THR F 147 12.76 -16.72 -0.41
C THR F 147 13.28 -17.81 -1.34
N VAL F 148 13.27 -17.56 -2.66
CA VAL F 148 13.72 -18.58 -3.62
C VAL F 148 15.13 -19.03 -3.31
N ASN F 149 15.99 -18.08 -2.93
CA ASN F 149 17.37 -18.39 -2.58
C ASN F 149 17.64 -18.20 -1.09
N THR F 150 16.66 -17.77 -0.32
CA THR F 150 16.84 -17.47 1.11
C THR F 150 17.96 -16.44 1.29
N LYS F 151 17.68 -15.24 0.76
CA LYS F 151 18.62 -14.14 0.83
C LYS F 151 17.86 -12.86 1.07
N GLY F 152 18.59 -11.81 1.45
CA GLY F 152 18.00 -10.49 1.54
C GLY F 152 17.81 -9.97 2.95
N ILE F 153 16.56 -9.88 3.37
CA ILE F 153 16.18 -9.29 4.64
C ILE F 153 15.22 -10.24 5.33
N SER F 154 15.39 -10.42 6.64
CA SER F 154 14.40 -11.14 7.43
C SER F 154 13.15 -10.29 7.55
N THR F 155 12.03 -10.76 6.98
CA THR F 155 10.81 -10.00 6.96
C THR F 155 10.46 -9.51 8.37
N PRO F 156 10.37 -8.21 8.58
CA PRO F 156 10.12 -7.69 9.93
C PRO F 156 8.69 -7.89 10.40
N VAL F 157 8.36 -7.29 11.55
CA VAL F 157 7.05 -7.45 12.15
C VAL F 157 6.02 -6.70 11.33
N GLU F 158 4.97 -7.40 10.91
CA GLU F 158 3.89 -6.82 10.13
C GLU F 158 2.59 -7.50 10.50
N GLY F 159 1.47 -6.82 10.25
CA GLY F 159 0.19 -7.47 10.39
C GLY F 159 -0.82 -6.75 11.24
N SER F 160 -1.86 -7.47 11.68
CA SER F 160 -2.92 -6.89 12.48
C SER F 160 -2.35 -6.32 13.77
N GLN F 161 -2.54 -5.02 13.97
CA GLN F 161 -2.09 -4.37 15.18
C GLN F 161 -3.29 -3.83 15.94
N TYR F 162 -3.09 -3.67 17.25
CA TYR F 162 -4.20 -3.39 18.16
C TYR F 162 -3.63 -2.63 19.34
N HIS F 163 -3.94 -1.34 19.45
CA HIS F 163 -3.41 -0.51 20.52
C HIS F 163 -4.58 0.01 21.33
N VAL F 164 -4.72 -0.46 22.57
CA VAL F 164 -5.74 0.03 23.48
C VAL F 164 -5.09 0.36 24.80
N PHE F 165 -5.50 1.47 25.41
CA PHE F 165 -5.15 1.72 26.80
C PHE F 165 -6.35 2.31 27.51
N ALA F 166 -6.29 2.31 28.83
CA ALA F 166 -7.43 2.71 29.65
C ALA F 166 -6.94 3.13 31.02
N VAL F 167 -7.41 4.28 31.48
CA VAL F 167 -7.09 4.81 32.80
C VAL F 167 -8.39 5.01 33.54
N GLY F 168 -8.52 4.42 34.73
CA GLY F 168 -9.78 4.46 35.44
C GLY F 168 -9.59 4.46 36.93
N GLY F 169 -10.68 4.74 37.62
CA GLY F 169 -10.74 4.60 39.06
C GLY F 169 -11.29 3.28 39.53
N GLU F 170 -11.49 2.33 38.63
CA GLU F 170 -12.01 1.01 38.96
C GLU F 170 -11.78 0.10 37.76
N PRO F 171 -11.72 -1.21 37.97
CA PRO F 171 -11.24 -2.10 36.91
C PRO F 171 -12.05 -1.97 35.63
N LEU F 172 -11.37 -2.16 34.50
CA LEU F 172 -12.02 -2.05 33.20
C LEU F 172 -13.16 -3.03 33.10
N ASP F 173 -14.34 -2.52 32.76
CA ASP F 173 -15.49 -3.37 32.49
C ASP F 173 -15.48 -3.73 31.02
N LEU F 174 -15.45 -5.02 30.73
CA LEU F 174 -15.32 -5.46 29.34
C LEU F 174 -16.38 -6.50 29.01
N GLN F 175 -16.51 -6.77 27.72
CA GLN F 175 -17.57 -7.57 27.15
C GLN F 175 -16.97 -8.71 26.33
N GLY F 176 -17.70 -9.83 26.29
CA GLY F 176 -17.29 -10.97 25.50
C GLY F 176 -17.92 -10.91 24.13
N LEU F 177 -17.09 -11.04 23.10
CA LEU F 177 -17.55 -11.04 21.72
C LEU F 177 -16.49 -11.74 20.89
N VAL F 178 -16.83 -12.86 20.29
CA VAL F 178 -15.86 -13.70 19.62
C VAL F 178 -16.23 -13.86 18.16
N THR F 179 -15.25 -14.32 17.39
CA THR F 179 -15.50 -14.95 16.09
C THR F 179 -16.01 -16.35 16.42
N ASP F 180 -15.89 -17.29 15.48
CA ASP F 180 -16.52 -18.60 15.61
C ASP F 180 -16.59 -19.09 17.04
N ALA F 181 -17.79 -19.43 17.50
CA ALA F 181 -18.07 -19.74 18.89
C ALA F 181 -17.97 -21.22 19.21
N ARG F 182 -17.60 -22.04 18.23
CA ARG F 182 -17.26 -23.42 18.51
C ARG F 182 -15.87 -23.55 19.10
N THR F 183 -15.09 -22.47 19.12
CA THR F 183 -13.72 -22.50 19.57
C THR F 183 -13.64 -23.02 21.00
N LYS F 184 -12.82 -24.06 21.20
CA LYS F 184 -12.67 -24.70 22.49
C LYS F 184 -11.44 -24.14 23.17
N TYR F 185 -11.61 -23.07 23.92
CA TYR F 185 -10.51 -22.52 24.69
C TYR F 185 -10.21 -23.41 25.89
N LYS F 186 -8.94 -23.45 26.29
CA LYS F 186 -8.56 -24.23 27.46
C LYS F 186 -9.31 -23.71 28.67
N GLU F 187 -9.89 -24.64 29.44
CA GLU F 187 -10.78 -24.27 30.53
C GLU F 187 -10.05 -23.91 31.81
N GLU F 188 -8.72 -23.84 31.80
CA GLU F 188 -7.95 -23.50 32.98
C GLU F 188 -6.77 -22.62 32.57
N GLY F 189 -6.51 -21.59 33.38
CA GLY F 189 -5.42 -20.69 33.12
C GLY F 189 -5.74 -19.52 32.23
N VAL F 190 -6.96 -19.44 31.70
CA VAL F 190 -7.39 -18.33 30.88
C VAL F 190 -8.87 -18.09 31.18
N VAL F 191 -9.30 -16.84 31.06
CA VAL F 191 -10.68 -16.47 31.40
C VAL F 191 -11.46 -16.33 30.10
N THR F 192 -12.36 -17.28 29.87
CA THR F 192 -13.18 -17.36 28.68
C THR F 192 -14.62 -17.04 29.05
N ILE F 193 -15.46 -16.83 28.03
CA ILE F 193 -16.87 -16.55 28.28
C ILE F 193 -17.52 -17.72 29.01
N LYS F 194 -17.00 -18.94 28.85
CA LYS F 194 -17.52 -20.05 29.62
C LYS F 194 -17.14 -19.95 31.08
N THR F 195 -15.97 -19.36 31.38
CA THR F 195 -15.53 -19.23 32.76
C THR F 195 -16.42 -18.29 33.57
N ILE F 196 -17.04 -17.31 32.94
CA ILE F 196 -17.86 -16.31 33.62
C ILE F 196 -19.30 -16.77 33.76
N THR F 197 -19.98 -16.99 32.64
CA THR F 197 -21.27 -17.68 32.66
C THR F 197 -21.00 -19.16 32.49
N LYS F 198 -21.31 -19.94 33.51
CA LYS F 198 -20.79 -21.29 33.63
C LYS F 198 -21.26 -22.23 32.53
N LYS F 199 -22.06 -21.79 31.57
CA LYS F 199 -22.46 -22.62 30.44
C LYS F 199 -21.58 -22.33 29.24
N ASP F 200 -21.75 -23.13 28.19
CA ASP F 200 -20.93 -22.99 26.99
C ASP F 200 -21.26 -21.68 26.28
N MET F 201 -20.55 -21.46 25.17
CA MET F 201 -20.86 -20.31 24.33
C MET F 201 -22.10 -20.58 23.50
N VAL F 202 -22.74 -19.51 23.07
CA VAL F 202 -23.92 -19.58 22.20
C VAL F 202 -23.60 -18.82 20.93
N ASN F 203 -24.58 -18.71 20.03
CA ASN F 203 -24.40 -17.88 18.86
C ASN F 203 -24.47 -16.40 19.17
N LYS F 204 -25.23 -16.01 20.19
CA LYS F 204 -25.30 -14.60 20.54
C LYS F 204 -24.01 -14.08 21.11
N ASP F 205 -23.08 -14.95 21.51
CA ASP F 205 -21.75 -14.50 21.85
C ASP F 205 -20.91 -14.17 20.64
N GLN F 206 -21.46 -14.34 19.44
CA GLN F 206 -20.77 -13.99 18.20
C GLN F 206 -21.09 -12.59 17.74
N VAL F 207 -22.18 -11.99 18.21
CA VAL F 207 -22.51 -10.63 17.84
C VAL F 207 -22.48 -9.76 19.08
N LEU F 208 -23.40 -9.97 20.02
CA LEU F 208 -23.37 -9.27 21.29
C LEU F 208 -24.35 -9.92 22.25
N ASN F 209 -23.88 -10.33 23.41
CA ASN F 209 -24.72 -10.93 24.43
C ASN F 209 -24.57 -10.09 25.69
N PRO F 210 -25.59 -9.34 26.09
CA PRO F 210 -25.45 -8.48 27.28
C PRO F 210 -25.25 -9.28 28.56
N ILE F 211 -25.15 -10.59 28.44
CA ILE F 211 -24.87 -11.45 29.57
C ILE F 211 -23.37 -11.72 29.72
N SER F 212 -22.63 -11.75 28.61
CA SER F 212 -21.21 -12.08 28.62
C SER F 212 -20.35 -10.88 28.94
N LYS F 213 -20.46 -10.39 30.17
CA LYS F 213 -19.67 -9.28 30.64
C LYS F 213 -18.71 -9.74 31.73
N ALA F 214 -17.71 -8.91 32.01
CA ALA F 214 -16.71 -9.24 33.01
C ALA F 214 -15.98 -7.96 33.39
N LYS F 215 -15.11 -8.07 34.38
CA LYS F 215 -14.22 -6.99 34.79
C LYS F 215 -12.80 -7.44 34.55
N LEU F 216 -11.97 -6.57 33.96
CA LEU F 216 -10.55 -6.88 33.79
C LEU F 216 -9.89 -6.82 35.16
N ASP F 217 -10.00 -7.95 35.87
CA ASP F 217 -9.60 -7.93 37.27
C ASP F 217 -8.23 -8.56 37.48
N LYS F 218 -7.91 -9.66 36.81
CA LYS F 218 -6.65 -10.27 37.24
C LYS F 218 -5.44 -9.65 36.59
N ASP F 219 -5.05 -10.15 35.42
CA ASP F 219 -4.00 -9.62 34.56
C ASP F 219 -3.69 -10.71 33.55
N GLY F 220 -3.13 -10.38 32.39
CA GLY F 220 -2.55 -11.39 31.52
C GLY F 220 -3.36 -12.66 31.33
N MET F 221 -4.67 -12.59 31.61
CA MET F 221 -5.55 -13.75 31.58
C MET F 221 -6.77 -13.57 30.70
N TYR F 222 -7.16 -12.35 30.37
CA TYR F 222 -8.33 -12.09 29.56
C TYR F 222 -7.88 -11.89 28.12
N PRO F 223 -7.99 -12.90 27.25
CA PRO F 223 -7.46 -12.74 25.89
C PRO F 223 -8.12 -11.59 25.16
N VAL F 224 -7.29 -10.83 24.43
CA VAL F 224 -7.77 -9.68 23.69
C VAL F 224 -8.77 -10.09 22.63
N GLU F 225 -8.64 -11.30 22.12
CA GLU F 225 -9.49 -11.82 21.07
C GLU F 225 -10.90 -12.14 21.54
N ILE F 226 -11.16 -12.10 22.85
CA ILE F 226 -12.46 -12.40 23.41
C ILE F 226 -13.08 -11.19 24.11
N TRP F 227 -12.30 -10.53 24.97
CA TRP F 227 -12.82 -9.48 25.84
C TRP F 227 -12.43 -8.11 25.31
N HIS F 228 -13.43 -7.30 24.98
CA HIS F 228 -13.28 -5.97 24.43
C HIS F 228 -13.83 -4.94 25.39
N PRO F 229 -13.24 -3.74 25.47
CA PRO F 229 -13.74 -2.73 26.41
C PRO F 229 -15.20 -2.42 26.16
N ASP F 230 -15.98 -2.49 27.22
CA ASP F 230 -17.43 -2.46 27.17
C ASP F 230 -17.95 -1.06 27.49
N PRO F 231 -18.81 -0.49 26.65
CA PRO F 231 -19.47 0.80 26.95
C PRO F 231 -20.71 0.64 27.82
N ALA F 232 -20.47 0.61 29.13
CA ALA F 232 -21.52 0.43 30.11
C ALA F 232 -22.31 1.72 30.28
N LYS F 233 -23.37 1.66 31.08
CA LYS F 233 -24.27 2.79 31.25
C LYS F 233 -23.52 3.98 31.85
N ASN F 234 -23.08 3.85 33.10
CA ASN F 234 -22.39 4.91 33.83
C ASN F 234 -20.98 4.43 34.16
N GLU F 235 -19.97 5.12 33.64
CA GLU F 235 -18.61 4.60 33.62
C GLU F 235 -17.64 5.58 34.28
N ASN F 236 -16.62 5.03 34.93
CA ASN F 236 -15.59 5.78 35.64
C ASN F 236 -14.20 5.48 35.07
N THR F 237 -14.10 5.36 33.75
CA THR F 237 -12.87 4.92 33.10
C THR F 237 -12.81 5.54 31.72
N ARG F 238 -11.64 6.03 31.33
CA ARG F 238 -11.42 6.57 30.00
C ARG F 238 -10.54 5.59 29.24
N TYR F 239 -11.08 5.03 28.17
CA TYR F 239 -10.34 4.07 27.36
C TYR F 239 -10.27 4.56 25.92
N PHE F 240 -9.07 4.48 25.35
CA PHE F 240 -8.84 4.81 23.96
C PHE F 240 -8.27 3.59 23.27
N GLY F 241 -8.53 3.47 21.97
CA GLY F 241 -8.05 2.31 21.26
C GLY F 241 -8.20 2.46 19.76
N ASN F 242 -7.45 1.65 19.04
CA ASN F 242 -7.52 1.61 17.59
C ASN F 242 -6.99 0.27 17.10
N TYR F 243 -7.54 -0.17 15.99
CA TYR F 243 -7.26 -1.47 15.39
C TYR F 243 -6.88 -1.28 13.93
N THR F 244 -6.05 -2.19 13.42
CA THR F 244 -5.64 -2.12 12.01
C THR F 244 -5.37 -3.55 11.54
N GLY F 245 -6.32 -4.11 10.82
CA GLY F 245 -6.24 -5.50 10.41
C GLY F 245 -5.28 -5.71 9.28
N GLY F 246 -5.54 -6.76 8.50
CA GLY F 246 -4.71 -7.12 7.39
C GLY F 246 -3.70 -8.20 7.75
N THR F 247 -2.94 -8.61 6.74
CA THR F 247 -1.93 -9.65 6.89
C THR F 247 -0.51 -9.13 6.75
N THR F 248 -0.30 -8.05 5.99
CA THR F 248 1.03 -7.47 5.84
C THR F 248 1.00 -5.96 6.01
N THR F 249 0.07 -5.44 6.81
CA THR F 249 -0.01 -4.01 7.03
C THR F 249 1.24 -3.51 7.72
N PRO F 250 1.92 -2.51 7.19
CA PRO F 250 3.13 -1.99 7.83
C PRO F 250 2.79 -1.32 9.15
N PRO F 251 3.42 -1.74 10.25
CA PRO F 251 3.19 -1.06 11.52
C PRO F 251 3.59 0.40 11.48
N VAL F 252 2.83 1.22 12.20
CA VAL F 252 3.09 2.65 12.30
C VAL F 252 2.96 3.04 13.77
N LEU F 253 3.88 3.87 14.24
CA LEU F 253 3.87 4.30 15.63
C LEU F 253 4.45 5.70 15.72
N GLN F 254 4.19 6.37 16.84
CA GLN F 254 4.63 7.74 17.06
C GLN F 254 5.05 7.93 18.51
N PHE F 255 6.15 8.63 18.73
CA PHE F 255 6.53 9.06 20.05
C PHE F 255 6.58 10.57 20.11
N THR F 256 6.40 11.09 21.33
CA THR F 256 6.74 12.44 21.69
C THR F 256 6.49 12.56 23.18
N ASN F 257 7.29 13.37 23.87
CA ASN F 257 7.08 13.57 25.29
C ASN F 257 6.41 14.91 25.59
N THR F 258 5.66 15.44 24.64
CA THR F 258 5.07 16.76 24.75
C THR F 258 3.55 16.73 24.90
N LEU F 259 2.85 15.97 24.05
CA LEU F 259 1.40 16.02 24.05
C LEU F 259 0.81 15.03 25.04
N THR F 260 -0.22 15.48 25.76
CA THR F 260 -0.90 14.72 26.79
C THR F 260 -2.31 14.38 26.35
N THR F 261 -3.05 13.74 27.25
CA THR F 261 -4.46 13.44 27.06
C THR F 261 -5.22 13.93 28.28
N VAL F 262 -6.33 14.61 28.07
CA VAL F 262 -7.16 15.06 29.17
C VAL F 262 -8.19 13.99 29.48
N LEU F 263 -8.33 13.64 30.75
CA LEU F 263 -9.26 12.62 31.18
C LEU F 263 -10.52 13.21 31.79
N LEU F 264 -10.70 14.53 31.71
CA LEU F 264 -11.85 15.16 32.35
C LEU F 264 -13.12 14.81 31.59
N ASP F 265 -14.21 14.70 32.34
CA ASP F 265 -15.52 14.33 31.80
C ASP F 265 -16.15 15.55 31.12
N GLU F 266 -17.44 15.45 30.80
CA GLU F 266 -18.15 16.61 30.28
C GLU F 266 -18.38 17.65 31.36
N ASN F 267 -18.41 17.22 32.63
CA ASN F 267 -18.56 18.11 33.76
C ASN F 267 -17.22 18.47 34.39
N GLY F 268 -16.11 18.00 33.80
CA GLY F 268 -14.81 18.26 34.35
C GLY F 268 -14.58 17.53 35.65
N VAL F 269 -14.87 16.23 35.67
CA VAL F 269 -14.76 15.42 36.89
C VAL F 269 -13.67 14.38 36.79
N GLY F 270 -13.50 13.74 35.64
CA GLY F 270 -12.43 12.80 35.47
C GLY F 270 -12.64 11.53 36.29
N PRO F 271 -11.74 10.56 36.16
CA PRO F 271 -11.90 9.29 36.88
C PRO F 271 -11.56 9.45 38.35
N LEU F 272 -12.57 9.43 39.20
CA LEU F 272 -12.37 9.38 40.64
C LEU F 272 -12.10 7.95 41.06
N CYS F 273 -11.15 7.77 41.97
CA CYS F 273 -10.62 6.46 42.29
C CYS F 273 -11.48 5.80 43.36
N LYS F 274 -12.21 4.76 42.98
CA LYS F 274 -12.98 3.96 43.93
C LYS F 274 -12.02 3.18 44.81
N GLY F 275 -12.43 2.93 46.05
CA GLY F 275 -11.46 2.43 47.01
C GLY F 275 -10.44 3.53 47.23
N GLU F 276 -9.19 3.24 46.86
CA GLU F 276 -8.19 4.28 46.67
C GLU F 276 -7.27 3.97 45.50
N GLY F 277 -7.58 2.94 44.72
CA GLY F 277 -6.68 2.46 43.70
C GLY F 277 -6.96 3.05 42.33
N LEU F 278 -5.88 3.34 41.61
CA LEU F 278 -5.94 3.82 40.24
C LEU F 278 -5.56 2.69 39.31
N TYR F 279 -6.43 2.38 38.35
CA TYR F 279 -6.26 1.20 37.51
C TYR F 279 -5.82 1.62 36.11
N LEU F 280 -4.76 0.96 35.62
CA LEU F 280 -4.28 1.15 34.26
C LEU F 280 -4.42 -0.16 33.51
N SER F 281 -4.73 -0.08 32.22
CA SER F 281 -4.85 -1.27 31.41
C SER F 281 -4.38 -0.94 30.00
N CYS F 282 -3.91 -1.96 29.29
CA CYS F 282 -3.36 -1.72 27.96
C CYS F 282 -3.18 -3.05 27.25
N VAL F 283 -3.13 -2.96 25.93
CA VAL F 283 -2.66 -4.01 25.03
C VAL F 283 -2.08 -3.32 23.81
N ASP F 284 -0.91 -3.78 23.36
CA ASP F 284 -0.28 -3.18 22.18
C ASP F 284 0.32 -4.30 21.33
N ILE F 285 -0.49 -4.85 20.43
CA ILE F 285 -0.02 -5.85 19.49
C ILE F 285 0.48 -5.10 18.26
N MET F 286 1.72 -5.38 17.84
CA MET F 286 2.37 -4.67 16.76
C MET F 286 2.49 -5.50 15.49
N GLY F 287 2.05 -6.74 15.49
CA GLY F 287 2.12 -7.59 14.33
C GLY F 287 2.56 -8.97 14.72
N TRP F 288 3.09 -9.72 13.75
CA TRP F 288 3.58 -11.06 14.00
C TRP F 288 4.73 -11.34 13.05
N ARG F 289 5.67 -12.17 13.49
CA ARG F 289 6.84 -12.54 12.72
C ARG F 289 6.74 -13.97 12.24
N VAL F 290 7.43 -14.27 11.14
CA VAL F 290 7.37 -15.55 10.48
C VAL F 290 8.73 -16.22 10.54
N THR F 291 8.75 -17.50 10.89
CA THR F 291 10.01 -18.21 11.01
C THR F 291 10.37 -18.91 9.71
N ARG F 292 11.67 -19.17 9.53
CA ARG F 292 12.17 -19.76 8.30
C ARG F 292 11.86 -21.26 8.30
N ASN F 293 10.59 -21.58 8.41
CA ASN F 293 10.09 -22.94 8.58
C ASN F 293 8.64 -22.93 8.12
N TYR F 294 7.86 -23.93 8.52
CA TYR F 294 6.43 -23.73 8.53
C TYR F 294 6.14 -22.38 9.14
N ASP F 295 5.35 -21.56 8.46
CA ASP F 295 5.33 -20.14 8.79
C ASP F 295 4.66 -19.86 10.13
N VAL F 296 5.27 -20.33 11.21
CA VAL F 296 4.74 -20.01 12.53
C VAL F 296 4.85 -18.51 12.75
N HIS F 297 3.92 -17.96 13.53
CA HIS F 297 3.55 -16.55 13.46
C HIS F 297 3.51 -15.91 14.84
N HIS F 298 4.60 -16.01 15.59
CA HIS F 298 4.64 -15.42 16.92
C HIS F 298 4.29 -13.93 16.90
N TRP F 299 3.26 -13.55 17.65
CA TRP F 299 2.87 -12.17 17.82
C TRP F 299 4.00 -11.35 18.44
N ARG F 300 3.82 -10.02 18.45
CA ARG F 300 4.75 -9.13 19.11
C ARG F 300 3.98 -8.01 19.80
N GLY F 301 4.46 -7.60 20.97
CA GLY F 301 3.85 -6.51 21.69
C GLY F 301 4.91 -5.70 22.42
N LEU F 302 4.61 -4.42 22.60
CA LEU F 302 5.59 -3.52 23.17
C LEU F 302 5.06 -2.90 24.46
N PRO F 303 5.94 -2.58 25.40
CA PRO F 303 5.47 -2.03 26.67
C PRO F 303 4.93 -0.62 26.49
N ARG F 304 3.96 -0.26 27.31
CA ARG F 304 3.34 1.05 27.26
C ARG F 304 3.64 1.79 28.54
N TYR F 305 4.07 3.03 28.42
CA TYR F 305 4.43 3.86 29.56
C TYR F 305 3.31 4.85 29.82
N PHE F 306 2.82 4.87 31.06
CA PHE F 306 1.78 5.78 31.51
C PHE F 306 2.39 6.84 32.43
N LYS F 307 1.93 8.08 32.31
CA LYS F 307 2.21 9.10 33.30
C LYS F 307 0.90 9.78 33.66
N ILE F 308 0.40 9.51 34.84
CA ILE F 308 -0.91 9.99 35.26
C ILE F 308 -0.74 11.17 36.19
N THR F 309 -1.53 12.21 35.95
CA THR F 309 -1.51 13.43 36.76
C THR F 309 -2.84 13.51 37.48
N LEU F 310 -2.81 13.34 38.80
CA LEU F 310 -3.98 13.32 39.66
C LEU F 310 -3.96 14.49 40.63
N ARG F 311 -5.13 14.76 41.20
CA ARG F 311 -5.30 15.77 42.22
C ARG F 311 -6.41 15.33 43.16
N LYS F 312 -6.55 16.04 44.27
CA LYS F 312 -7.53 15.70 45.30
C LYS F 312 -8.78 16.54 45.10
N ARG F 313 -9.94 15.88 45.02
CA ARG F 313 -11.21 16.55 44.80
C ARG F 313 -12.13 16.30 45.98
N TRP F 314 -12.96 17.30 46.29
CA TRP F 314 -13.97 17.18 47.33
C TRP F 314 -15.25 16.61 46.72
N VAL F 315 -15.76 15.53 47.31
CA VAL F 315 -16.98 14.90 46.85
C VAL F 315 -17.93 14.73 48.02
N LYS F 316 -19.22 14.62 47.71
CA LYS F 316 -20.24 14.46 48.74
C LYS F 316 -20.49 12.98 48.97
N ASN F 317 -20.44 12.57 50.22
CA ASN F 317 -20.71 11.18 50.58
C ASN F 317 -22.19 10.88 50.40
N PRO F 318 -22.60 10.12 49.38
CA PRO F 318 -24.02 9.97 49.07
C PRO F 318 -24.77 8.94 49.89
N TYR F 319 -24.13 8.34 50.90
CA TYR F 319 -24.75 7.28 51.67
C TYR F 319 -24.89 7.68 53.13
N PRO F 320 -25.91 7.20 53.82
CA PRO F 320 -26.03 7.48 55.26
C PRO F 320 -24.97 6.72 56.05
N MET F 321 -24.47 7.36 57.10
CA MET F 321 -23.38 6.77 57.88
C MET F 321 -23.82 5.47 58.54
N ALA F 322 -25.07 5.42 59.01
CA ALA F 322 -25.54 4.21 59.68
C ALA F 322 -25.60 3.03 58.71
N SER F 323 -25.96 3.29 57.45
CA SER F 323 -26.04 2.23 56.47
C SER F 323 -24.68 1.59 56.22
N LEU F 324 -23.65 2.41 56.00
CA LEU F 324 -22.34 1.83 55.75
C LEU F 324 -21.68 1.31 57.02
N ILE F 325 -22.06 1.79 58.19
CA ILE F 325 -21.61 1.14 59.43
C ILE F 325 -22.18 -0.28 59.50
N SER F 326 -23.48 -0.42 59.24
CA SER F 326 -24.07 -1.75 59.23
C SER F 326 -23.45 -2.63 58.16
N SER F 327 -23.12 -2.05 57.01
CA SER F 327 -22.49 -2.81 55.95
C SER F 327 -21.09 -3.27 56.35
N LEU F 328 -20.32 -2.40 57.00
CA LEU F 328 -19.01 -2.79 57.51
C LEU F 328 -19.13 -3.94 58.49
N PHE F 329 -20.12 -3.88 59.39
CA PHE F 329 -20.30 -4.96 60.35
C PHE F 329 -20.72 -6.26 59.67
N ASN F 330 -21.54 -6.17 58.63
CA ASN F 330 -21.99 -7.37 57.95
C ASN F 330 -20.85 -8.00 57.13
N ASN F 331 -19.94 -7.17 56.62
CA ASN F 331 -18.85 -7.71 55.83
C ASN F 331 -17.74 -8.26 56.70
N MET F 332 -17.54 -7.67 57.88
CA MET F 332 -16.49 -8.14 58.78
C MET F 332 -16.86 -9.45 59.47
N LEU F 333 -18.12 -9.60 59.82
CA LEU F 333 -18.58 -10.77 60.57
C LEU F 333 -18.74 -11.98 59.65
N PRO F 334 -18.62 -13.19 60.20
CA PRO F 334 -18.93 -14.39 59.40
C PRO F 334 -20.40 -14.43 59.04
N GLN F 335 -20.71 -15.22 58.00
CA GLN F 335 -22.08 -15.45 57.59
C GLN F 335 -22.36 -16.88 58.08
N VAL F 336 -23.23 -17.02 59.08
CA VAL F 336 -23.48 -18.35 59.66
C VAL F 336 -24.84 -19.02 59.45
N GLN F 337 -24.90 -20.27 59.92
CA GLN F 337 -26.05 -21.15 59.86
C GLN F 337 -26.84 -21.06 61.16
N GLY F 338 -26.57 -21.98 62.10
CA GLY F 338 -27.28 -21.95 63.37
C GLY F 338 -28.66 -22.61 63.32
N GLN F 339 -29.35 -22.67 64.46
CA GLN F 339 -30.67 -23.28 64.44
C GLN F 339 -31.68 -22.28 63.89
N PRO F 340 -32.68 -22.76 63.16
CA PRO F 340 -33.65 -21.83 62.57
C PRO F 340 -34.35 -20.96 63.60
N MET F 341 -34.06 -19.65 63.58
CA MET F 341 -34.74 -18.69 64.43
C MET F 341 -35.62 -17.75 63.64
N GLU F 342 -36.01 -18.14 62.43
CA GLU F 342 -36.94 -17.36 61.62
C GLU F 342 -37.55 -18.26 60.57
N GLY F 343 -38.79 -17.96 60.19
CA GLY F 343 -39.46 -18.73 59.17
C GLY F 343 -40.55 -19.63 59.68
N GLU F 344 -40.65 -20.83 59.10
CA GLU F 344 -41.73 -21.76 59.44
C GLU F 344 -41.45 -22.56 60.70
N ASN F 345 -40.18 -22.83 60.99
CA ASN F 345 -39.80 -23.62 62.15
C ASN F 345 -39.01 -22.78 63.16
N THR F 346 -39.49 -21.57 63.41
CA THR F 346 -38.86 -20.70 64.40
C THR F 346 -38.73 -21.41 65.72
N GLN F 347 -37.55 -21.31 66.32
CA GLN F 347 -37.35 -21.74 67.69
C GLN F 347 -37.56 -20.59 68.68
N VAL F 348 -37.76 -19.38 68.19
CA VAL F 348 -38.11 -18.26 69.05
C VAL F 348 -39.58 -18.40 69.45
N GLU F 349 -39.83 -18.50 70.75
CA GLU F 349 -41.16 -18.88 71.25
C GLU F 349 -42.07 -17.67 71.43
N GLU F 350 -41.67 -16.72 72.28
CA GLU F 350 -42.47 -15.52 72.51
C GLU F 350 -41.56 -14.30 72.45
N VAL F 351 -42.17 -13.14 72.27
CA VAL F 351 -41.48 -11.86 72.26
C VAL F 351 -42.39 -10.83 72.91
N ARG F 352 -41.88 -10.12 73.90
CA ARG F 352 -42.64 -9.13 74.63
C ARG F 352 -41.93 -7.79 74.58
N VAL F 353 -42.71 -6.71 74.46
CA VAL F 353 -42.18 -5.35 74.33
C VAL F 353 -42.84 -4.49 75.40
N TYR F 354 -42.05 -4.04 76.36
CA TYR F 354 -42.53 -3.15 77.41
C TYR F 354 -42.07 -1.72 77.15
N ASP F 355 -42.73 -0.77 77.81
CA ASP F 355 -42.31 0.62 77.78
C ASP F 355 -42.19 1.23 79.16
N GLY F 356 -43.08 0.86 80.09
CA GLY F 356 -43.06 1.39 81.43
C GLY F 356 -44.27 1.03 82.24
N ALA G 18 7.10 65.30 5.16
CA ALA G 18 6.77 64.24 6.12
C ALA G 18 6.64 62.89 5.42
N CYS G 19 7.75 62.43 4.85
CA CYS G 19 7.73 61.20 4.07
C CYS G 19 7.52 60.00 4.98
N PRO G 20 6.93 58.92 4.47
CA PRO G 20 6.37 57.89 5.35
C PRO G 20 7.42 57.09 6.10
N ARG G 21 7.00 56.56 7.24
CA ARG G 21 7.86 55.76 8.09
C ARG G 21 7.73 54.28 7.75
N PRO G 22 8.82 53.52 7.79
CA PRO G 22 8.72 52.07 7.57
C PRO G 22 8.30 51.33 8.83
N ALA G 23 7.98 50.05 8.64
CA ALA G 23 7.45 49.20 9.70
C ALA G 23 8.56 48.69 10.62
N PRO G 24 8.25 48.43 11.89
CA PRO G 24 9.30 48.04 12.86
C PRO G 24 9.68 46.57 12.81
N VAL G 25 10.61 46.22 11.93
CA VAL G 25 11.15 44.86 11.84
C VAL G 25 12.14 44.67 12.98
N PRO G 26 12.24 43.49 13.58
CA PRO G 26 13.23 43.28 14.65
C PRO G 26 14.65 43.49 14.15
N LYS G 27 15.46 44.11 15.01
CA LYS G 27 16.78 44.56 14.60
C LYS G 27 17.81 43.45 14.72
N LEU G 28 18.64 43.30 13.70
CA LEU G 28 19.70 42.31 13.68
C LEU G 28 20.99 42.95 14.16
N LEU G 29 21.58 42.41 15.22
CA LEU G 29 22.79 43.00 15.78
C LEU G 29 24.03 42.59 14.99
N ILE G 30 24.24 41.29 14.81
CA ILE G 30 25.40 40.79 14.09
C ILE G 30 25.13 39.35 13.70
N LYS G 31 25.53 38.99 12.48
CA LYS G 31 25.41 37.63 11.99
C LYS G 31 26.78 37.09 11.63
N GLY G 32 26.94 35.78 11.74
CA GLY G 32 28.21 35.16 11.44
C GLY G 32 28.30 33.71 11.89
N GLY G 33 29.42 33.32 12.47
CA GLY G 33 29.61 31.98 12.97
C GLY G 33 29.34 31.91 14.46
N MET G 34 29.85 30.84 15.09
CA MET G 34 29.66 30.70 16.53
C MET G 34 30.37 31.81 17.30
N GLU G 35 31.39 32.41 16.69
CA GLU G 35 32.17 33.45 17.38
C GLU G 35 31.30 34.64 17.75
N VAL G 36 30.18 34.83 17.07
CA VAL G 36 29.27 35.92 17.38
C VAL G 36 28.73 35.78 18.79
N LEU G 37 28.56 34.55 19.27
CA LEU G 37 27.98 34.36 20.59
C LEU G 37 28.87 34.88 21.70
N ASP G 38 30.13 35.17 21.40
CA ASP G 38 31.07 35.60 22.44
C ASP G 38 30.83 37.05 22.84
N LEU G 39 30.86 37.97 21.89
CA LEU G 39 30.78 39.38 22.21
C LEU G 39 29.45 39.71 22.87
N VAL G 40 29.51 40.54 23.90
CA VAL G 40 28.37 40.85 24.76
C VAL G 40 27.19 41.33 23.95
N THR G 41 26.07 40.63 24.06
CA THR G 41 24.87 40.91 23.27
C THR G 41 23.88 41.81 23.99
N GLY G 42 23.67 41.60 25.29
CA GLY G 42 22.73 42.39 26.05
C GLY G 42 21.92 41.56 27.01
N PRO G 43 20.91 42.17 27.61
CA PRO G 43 20.11 41.46 28.62
C PRO G 43 19.13 40.45 28.06
N ASP G 44 18.42 40.79 26.99
CA ASP G 44 17.34 39.94 26.49
C ASP G 44 17.36 39.85 24.97
N SER G 45 18.55 39.68 24.39
CA SER G 45 18.63 39.44 22.96
C SER G 45 18.25 38.00 22.65
N VAL G 46 17.78 37.78 21.43
CA VAL G 46 17.37 36.46 20.97
C VAL G 46 18.38 35.96 19.95
N THR G 47 18.72 34.68 20.03
CA THR G 47 19.79 34.11 19.24
C THR G 47 19.29 32.93 18.44
N GLU G 48 19.56 32.92 17.14
CA GLU G 48 19.15 31.85 16.25
C GLU G 48 20.40 31.15 15.72
N ILE G 49 20.49 29.85 15.97
CA ILE G 49 21.64 29.03 15.59
C ILE G 49 21.19 28.02 14.56
N GLU G 50 21.78 28.08 13.38
CA GLU G 50 21.59 27.04 12.38
C GLU G 50 22.64 25.95 12.57
N ALA G 51 22.28 24.73 12.22
CA ALA G 51 23.20 23.60 12.34
C ALA G 51 22.60 22.44 11.56
N PHE G 52 23.38 21.39 11.39
CA PHE G 52 22.87 20.21 10.73
C PHE G 52 23.59 18.99 11.25
N LEU G 53 22.95 17.83 11.08
CA LEU G 53 23.47 16.56 11.53
C LEU G 53 23.45 15.60 10.36
N ASN G 54 24.61 15.09 9.98
CA ASN G 54 24.73 14.12 8.93
C ASN G 54 24.36 12.73 9.46
N PRO G 55 23.82 11.86 8.61
CA PRO G 55 23.44 10.53 9.07
C PRO G 55 24.66 9.67 9.27
N ARG G 56 24.89 9.26 10.50
CA ARG G 56 26.01 8.39 10.84
C ARG G 56 25.38 7.02 11.12
N MET G 57 25.18 6.24 10.06
CA MET G 57 24.45 4.97 10.14
C MET G 57 25.14 3.92 9.28
N GLY G 58 26.07 3.19 9.88
CA GLY G 58 26.74 2.13 9.16
C GLY G 58 28.17 2.47 8.81
N GLN G 59 28.44 2.72 7.54
CA GLN G 59 29.79 2.99 7.10
C GLN G 59 30.29 4.29 7.71
N PRO G 60 31.46 4.32 8.32
CA PRO G 60 31.99 5.56 8.88
C PRO G 60 32.38 6.52 7.78
N PRO G 61 32.61 7.79 8.12
CA PRO G 61 32.91 8.77 7.06
C PRO G 61 34.35 8.78 6.59
N THR G 62 35.27 8.12 7.29
CA THR G 62 36.68 8.45 7.12
C THR G 62 37.33 7.94 5.83
N PRO G 63 36.98 6.75 5.26
CA PRO G 63 37.65 6.36 4.01
C PRO G 63 37.16 7.19 2.83
N GLU G 64 37.79 8.35 2.64
CA GLU G 64 37.25 9.39 1.75
C GLU G 64 37.05 8.91 0.32
N SER G 65 37.91 8.04 -0.18
CA SER G 65 37.94 7.73 -1.61
C SER G 65 36.83 6.77 -1.99
N LEU G 66 36.24 7.01 -3.16
CA LEU G 66 35.13 6.17 -3.62
C LEU G 66 35.62 5.01 -4.47
N THR G 67 36.61 4.31 -3.98
CA THR G 67 37.00 3.03 -4.57
C THR G 67 37.14 1.94 -3.53
N GLU G 68 37.63 2.26 -2.33
CA GLU G 68 37.76 1.29 -1.26
C GLU G 68 36.63 1.32 -0.26
N GLY G 69 36.18 2.51 0.15
CA GLY G 69 34.95 2.55 0.88
C GLY G 69 33.72 2.34 0.03
N GLY G 70 33.89 2.32 -1.30
CA GLY G 70 32.78 2.28 -2.25
C GLY G 70 31.92 3.51 -2.10
N GLN G 71 32.28 4.30 -1.10
CA GLN G 71 31.52 5.43 -0.58
C GLN G 71 30.05 5.11 -0.41
N TYR G 72 29.81 4.20 0.53
CA TYR G 72 28.55 4.05 1.22
C TYR G 72 28.38 5.06 2.32
N TYR G 73 29.14 6.16 2.33
CA TYR G 73 28.90 7.21 3.28
C TYR G 73 27.50 7.77 3.07
N GLY G 74 26.65 7.67 4.09
CA GLY G 74 25.23 7.94 3.96
C GLY G 74 24.39 6.69 3.89
N TRP G 75 24.99 5.54 3.60
CA TRP G 75 24.30 4.26 3.59
C TRP G 75 24.95 3.35 4.62
N SER G 76 24.19 2.32 5.01
CA SER G 76 24.81 1.22 5.72
C SER G 76 25.70 0.44 4.78
N ARG G 77 26.48 -0.48 5.34
CA ARG G 77 27.45 -1.18 4.53
C ARG G 77 26.82 -2.37 3.81
N GLY G 78 26.31 -3.33 4.55
CA GLY G 78 25.66 -4.48 3.96
C GLY G 78 24.52 -4.94 4.82
N ILE G 79 24.05 -6.17 4.63
CA ILE G 79 23.10 -6.77 5.54
C ILE G 79 23.46 -8.25 5.68
N ASN G 80 23.75 -8.68 6.89
CA ASN G 80 24.19 -10.03 7.16
C ASN G 80 23.02 -10.82 7.73
N LEU G 81 22.28 -11.49 6.86
CA LEU G 81 21.21 -12.37 7.31
C LEU G 81 21.80 -13.48 8.16
N ALA G 82 21.12 -13.79 9.26
CA ALA G 82 21.66 -14.74 10.23
C ALA G 82 21.72 -16.14 9.66
N THR G 83 22.58 -16.97 10.26
CA THR G 83 22.76 -18.34 9.79
C THR G 83 21.84 -19.31 10.51
N SER G 84 21.66 -19.13 11.81
CA SER G 84 20.75 -19.98 12.58
C SER G 84 20.28 -19.21 13.80
N ASP G 85 19.21 -19.75 14.42
CA ASP G 85 18.51 -19.05 15.50
C ASP G 85 19.44 -18.55 16.60
N THR G 86 20.37 -19.39 17.04
CA THR G 86 21.19 -19.07 18.20
C THR G 86 22.31 -18.08 17.90
N GLU G 87 22.71 -17.94 16.63
CA GLU G 87 23.90 -17.17 16.26
C GLU G 87 23.50 -16.01 15.35
N ASP G 88 23.43 -14.81 15.92
CA ASP G 88 23.19 -13.58 15.15
C ASP G 88 24.32 -12.62 15.49
N SER G 89 25.10 -12.23 14.49
CA SER G 89 26.19 -11.26 14.68
C SER G 89 25.99 -10.07 13.77
N PRO G 90 25.54 -8.94 14.28
CA PRO G 90 25.11 -7.84 13.42
C PRO G 90 26.20 -7.05 12.69
N GLU G 91 27.49 -7.20 12.99
CA GLU G 91 28.51 -6.52 12.19
C GLU G 91 28.39 -4.99 12.23
N ASN G 92 28.93 -4.38 13.29
CA ASN G 92 28.68 -2.97 13.64
C ASN G 92 28.44 -2.07 12.44
N ASN G 93 29.28 -2.14 11.41
CA ASN G 93 29.13 -1.19 10.31
C ASN G 93 27.88 -1.45 9.48
N THR G 94 27.01 -2.34 9.94
CA THR G 94 25.68 -2.53 9.36
C THR G 94 24.59 -1.78 10.10
N LEU G 95 24.74 -1.60 11.41
CA LEU G 95 23.65 -1.09 12.24
C LEU G 95 23.54 0.41 12.13
N PRO G 96 22.38 0.95 11.75
CA PRO G 96 22.18 2.40 11.82
C PRO G 96 22.25 2.86 13.27
N THR G 97 22.58 4.13 13.45
CA THR G 97 23.00 4.60 14.76
C THR G 97 22.52 6.02 14.99
N TRP G 98 22.42 6.39 16.27
CA TRP G 98 22.00 7.73 16.62
C TRP G 98 23.06 8.75 16.24
N SER G 99 22.64 9.86 15.66
CA SER G 99 23.53 10.99 15.42
C SER G 99 23.27 12.01 16.52
N MET G 100 24.34 12.55 17.10
CA MET G 100 24.20 13.56 18.13
C MET G 100 25.28 14.61 17.97
N ALA G 101 25.03 15.78 18.54
CA ALA G 101 25.98 16.88 18.50
C ALA G 101 25.65 17.83 19.63
N LYS G 102 26.65 18.60 20.04
CA LYS G 102 26.51 19.53 21.14
C LYS G 102 27.07 20.88 20.73
N LEU G 103 26.23 21.91 20.79
CA LEU G 103 26.66 23.28 20.60
C LEU G 103 27.12 23.83 21.93
N GLN G 104 28.34 24.35 21.98
CA GLN G 104 28.90 24.88 23.22
C GLN G 104 28.68 26.39 23.22
N LEU G 105 27.59 26.81 23.85
CA LEU G 105 27.27 28.21 23.97
C LEU G 105 28.15 28.86 25.02
N PRO G 106 28.24 30.19 25.04
CA PRO G 106 29.11 30.84 26.01
C PRO G 106 28.47 30.93 27.39
N MET G 107 29.31 31.12 28.39
CA MET G 107 28.82 31.40 29.74
C MET G 107 28.52 32.89 29.87
N LEU G 108 27.52 33.20 30.68
CA LEU G 108 26.98 34.56 30.69
C LEU G 108 26.98 35.22 32.05
N ASN G 109 26.63 34.51 33.12
CA ASN G 109 26.37 35.15 34.39
C ASN G 109 27.66 35.41 35.15
N GLU G 110 27.66 36.49 35.94
CA GLU G 110 28.65 36.69 36.99
C GLU G 110 27.89 36.71 38.31
N ASP G 111 27.51 35.51 38.76
CA ASP G 111 27.16 35.09 40.11
C ASP G 111 25.99 35.83 40.78
N LEU G 112 25.63 37.02 40.28
CA LEU G 112 24.42 37.76 40.67
C LEU G 112 24.04 37.50 42.12
N THR G 113 24.85 37.97 43.07
CA THR G 113 24.92 37.44 44.44
C THR G 113 23.57 37.20 45.11
N CYS G 114 22.48 37.71 44.53
CA CYS G 114 21.14 37.53 45.06
C CYS G 114 20.56 36.14 44.78
N ASP G 115 21.41 35.17 44.44
CA ASP G 115 21.07 33.76 44.21
C ASP G 115 20.40 33.52 42.86
N THR G 116 20.28 34.53 42.02
CA THR G 116 19.62 34.38 40.73
C THR G 116 20.67 34.12 39.66
N LEU G 117 20.68 32.89 39.15
CA LEU G 117 21.53 32.52 38.03
C LEU G 117 20.96 33.07 36.74
N GLN G 118 21.64 32.78 35.63
CA GLN G 118 21.14 33.08 34.30
C GLN G 118 21.66 32.02 33.36
N MET G 119 20.82 31.54 32.46
CA MET G 119 21.24 30.49 31.55
C MET G 119 20.35 30.48 30.31
N TRP G 120 20.82 29.78 29.29
CA TRP G 120 20.14 29.75 28.01
C TRP G 120 18.85 28.93 28.11
N GLU G 121 18.02 29.06 27.08
CA GLU G 121 16.72 28.39 27.08
C GLU G 121 16.26 28.29 25.63
N ALA G 122 16.23 27.08 25.10
CA ALA G 122 15.76 26.87 23.74
C ALA G 122 14.27 27.15 23.65
N VAL G 123 13.90 28.13 22.86
CA VAL G 123 12.50 28.52 22.75
C VAL G 123 11.81 27.71 21.66
N SER G 124 12.34 27.74 20.44
CA SER G 124 11.68 27.06 19.34
C SER G 124 12.72 26.49 18.39
N VAL G 125 12.26 25.63 17.47
CA VAL G 125 13.15 24.91 16.56
C VAL G 125 12.46 24.72 15.22
N LYS G 126 13.16 25.07 14.15
CA LYS G 126 12.79 24.71 12.79
C LYS G 126 13.70 23.59 12.33
N THR G 127 13.15 22.40 12.13
CA THR G 127 13.95 21.29 11.65
C THR G 127 13.40 20.79 10.33
N GLU G 128 14.27 20.17 9.53
CA GLU G 128 13.87 19.71 8.21
C GLU G 128 14.88 18.70 7.70
N VAL G 129 14.40 17.54 7.24
CA VAL G 129 15.29 16.54 6.64
C VAL G 129 15.61 16.98 5.22
N VAL G 130 16.89 17.18 4.95
CA VAL G 130 17.34 17.71 3.67
C VAL G 130 17.65 16.56 2.72
N GLY G 131 17.27 16.73 1.46
CA GLY G 131 17.65 15.81 0.43
C GLY G 131 16.67 14.70 0.15
N SER G 132 15.39 15.04 -0.01
CA SER G 132 14.40 14.02 -0.31
C SER G 132 14.36 13.68 -1.79
N GLY G 133 14.36 14.70 -2.64
CA GLY G 133 14.36 14.46 -4.07
C GLY G 133 15.55 13.68 -4.56
N SER G 134 16.62 13.61 -3.75
CA SER G 134 17.76 12.76 -4.04
C SER G 134 17.35 11.34 -4.35
N LEU G 135 16.32 10.85 -3.70
CA LEU G 135 15.79 9.50 -3.87
C LEU G 135 15.13 9.31 -5.21
N LEU G 136 15.14 10.28 -6.11
CA LEU G 136 14.58 10.11 -7.44
C LEU G 136 15.59 9.53 -8.43
N ASP G 137 16.77 9.16 -7.98
CA ASP G 137 17.77 8.51 -8.84
C ASP G 137 17.30 7.09 -9.12
N VAL G 138 16.60 6.90 -10.24
CA VAL G 138 16.09 5.59 -10.60
C VAL G 138 16.90 4.96 -11.74
N HIS G 139 17.96 5.61 -12.18
CA HIS G 139 18.99 4.91 -12.93
C HIS G 139 19.93 4.27 -11.91
N GLY G 140 21.08 3.79 -12.36
CA GLY G 140 22.04 3.22 -11.45
C GLY G 140 21.84 1.72 -11.26
N PHE G 141 22.72 1.14 -10.45
CA PHE G 141 22.82 -0.31 -10.34
C PHE G 141 22.17 -0.77 -9.04
N ASN G 142 20.85 -0.94 -9.09
CA ASN G 142 20.09 -1.62 -8.05
C ASN G 142 19.20 -2.67 -8.70
N LYS G 143 18.51 -3.44 -7.87
CA LYS G 143 17.65 -4.49 -8.37
C LYS G 143 16.59 -3.90 -9.30
N PRO G 144 16.58 -4.25 -10.58
CA PRO G 144 15.68 -3.61 -11.53
C PRO G 144 14.22 -3.92 -11.24
N THR G 145 13.35 -3.08 -11.78
CA THR G 145 11.92 -3.26 -11.62
C THR G 145 11.44 -4.54 -12.30
N ASP G 146 11.80 -4.71 -13.57
CA ASP G 146 11.58 -5.99 -14.23
C ASP G 146 12.75 -6.90 -13.89
N THR G 147 12.42 -8.08 -13.34
CA THR G 147 13.42 -8.97 -12.80
C THR G 147 13.76 -10.14 -13.72
N VAL G 148 12.83 -10.51 -14.61
CA VAL G 148 13.07 -11.64 -15.49
C VAL G 148 14.19 -11.32 -16.48
N ASN G 149 14.17 -10.11 -17.05
CA ASN G 149 15.11 -9.73 -18.08
C ASN G 149 16.14 -8.70 -17.61
N THR G 150 16.11 -8.30 -16.34
CA THR G 150 16.98 -7.26 -15.81
C THR G 150 16.80 -5.97 -16.64
N LYS G 151 15.60 -5.43 -16.52
CA LYS G 151 15.21 -4.25 -17.28
C LYS G 151 14.29 -3.39 -16.43
N GLY G 152 14.05 -2.17 -16.88
CA GLY G 152 13.09 -1.32 -16.21
C GLY G 152 13.68 -0.15 -15.45
N ILE G 153 13.53 -0.17 -14.14
CA ILE G 153 13.93 0.92 -13.27
C ILE G 153 14.74 0.33 -12.12
N SER G 154 15.85 0.97 -11.80
CA SER G 154 16.63 0.56 -10.63
C SER G 154 15.86 0.98 -9.39
N THR G 155 15.09 0.05 -8.82
CA THR G 155 14.12 0.30 -7.77
C THR G 155 14.62 1.28 -6.73
N PRO G 156 13.82 2.29 -6.39
CA PRO G 156 14.29 3.33 -5.47
C PRO G 156 14.35 2.86 -4.02
N VAL G 157 14.66 3.79 -3.12
CA VAL G 157 14.73 3.46 -1.70
C VAL G 157 13.33 3.21 -1.16
N GLU G 158 13.15 2.06 -0.52
CA GLU G 158 11.85 1.66 0.01
C GLU G 158 12.07 0.92 1.31
N GLY G 159 11.00 0.75 2.08
CA GLY G 159 11.04 -0.09 3.25
C GLY G 159 10.81 0.66 4.55
N SER G 160 11.34 0.07 5.62
CA SER G 160 11.11 0.61 6.96
C SER G 160 11.78 1.95 7.13
N GLN G 161 11.04 2.91 7.68
CA GLN G 161 11.55 4.26 7.91
C GLN G 161 11.39 4.63 9.36
N TYR G 162 12.23 5.54 9.82
CA TYR G 162 12.30 5.87 11.24
C TYR G 162 12.92 7.25 11.37
N HIS G 163 12.11 8.23 11.80
CA HIS G 163 12.57 9.61 11.94
C HIS G 163 12.40 10.03 13.39
N VAL G 164 13.49 10.39 14.05
CA VAL G 164 13.47 10.89 15.40
C VAL G 164 14.39 12.09 15.48
N PHE G 165 13.97 13.12 16.21
CA PHE G 165 14.91 14.18 16.54
C PHE G 165 14.61 14.66 17.95
N ALA G 166 15.57 15.37 18.53
CA ALA G 166 15.48 15.73 19.93
C ALA G 166 16.36 16.96 20.18
N VAL G 167 15.80 17.94 20.88
CA VAL G 167 16.52 19.15 21.26
C VAL G 167 16.46 19.25 22.78
N GLY G 168 17.63 19.36 23.42
CA GLY G 168 17.63 19.39 24.86
C GLY G 168 18.79 20.22 25.41
N GLY G 169 18.81 20.33 26.72
CA GLY G 169 19.88 21.01 27.42
C GLY G 169 20.87 20.03 28.02
N GLU G 170 20.54 18.76 28.00
CA GLU G 170 21.44 17.71 28.44
C GLU G 170 21.28 16.51 27.53
N PRO G 171 22.20 15.54 27.53
CA PRO G 171 22.10 14.44 26.56
C PRO G 171 20.80 13.67 26.68
N LEU G 172 20.45 13.02 25.58
CA LEU G 172 19.20 12.26 25.51
C LEU G 172 19.30 11.06 26.44
N ASP G 173 18.51 11.06 27.51
CA ASP G 173 18.40 9.86 28.33
C ASP G 173 17.57 8.83 27.57
N LEU G 174 18.15 7.68 27.28
CA LEU G 174 17.48 6.66 26.50
C LEU G 174 17.56 5.31 27.20
N GLN G 175 16.89 4.32 26.62
CA GLN G 175 16.65 3.05 27.27
C GLN G 175 16.71 1.92 26.26
N GLY G 176 17.12 0.74 26.73
CA GLY G 176 17.36 -0.38 25.84
C GLY G 176 16.15 -1.29 25.69
N LEU G 177 15.96 -1.80 24.49
CA LEU G 177 14.89 -2.74 24.18
C LEU G 177 15.24 -3.40 22.86
N VAL G 178 15.29 -4.73 22.83
CA VAL G 178 15.78 -5.46 21.68
C VAL G 178 14.68 -6.39 21.16
N THR G 179 14.90 -6.91 19.96
CA THR G 179 13.98 -7.88 19.38
C THR G 179 14.21 -9.26 19.96
N ASP G 180 15.46 -9.72 19.96
CA ASP G 180 15.85 -10.93 20.67
C ASP G 180 17.08 -10.61 21.51
N ALA G 181 17.08 -11.10 22.75
CA ALA G 181 18.17 -10.83 23.67
C ALA G 181 19.32 -11.81 23.52
N ARG G 182 19.21 -12.78 22.62
CA ARG G 182 20.29 -13.70 22.31
C ARG G 182 21.04 -13.31 21.04
N THR G 183 21.19 -12.01 20.80
CA THR G 183 21.96 -11.51 19.68
C THR G 183 23.38 -11.19 20.12
N LYS G 184 24.34 -11.54 19.28
CA LYS G 184 25.75 -11.38 19.62
C LYS G 184 26.29 -10.08 19.01
N TYR G 185 25.93 -8.98 19.65
CA TYR G 185 26.47 -7.69 19.26
C TYR G 185 27.96 -7.63 19.59
N LYS G 186 28.74 -7.06 18.68
CA LYS G 186 30.17 -6.96 18.89
C LYS G 186 30.47 -6.12 20.11
N GLU G 187 31.64 -6.35 20.71
CA GLU G 187 31.95 -5.78 22.00
C GLU G 187 32.56 -4.38 21.92
N GLU G 188 33.29 -4.07 20.86
CA GLU G 188 33.95 -2.78 20.73
C GLU G 188 33.40 -2.03 19.53
N GLY G 189 33.42 -0.70 19.63
CA GLY G 189 32.93 0.16 18.57
C GLY G 189 31.45 0.43 18.61
N VAL G 190 30.69 -0.29 19.43
CA VAL G 190 29.24 -0.13 19.51
C VAL G 190 28.84 -0.32 20.96
N VAL G 191 27.83 0.43 21.39
CA VAL G 191 27.36 0.39 22.77
C VAL G 191 26.08 -0.43 22.83
N THR G 192 26.13 -1.53 23.57
CA THR G 192 25.02 -2.45 23.71
C THR G 192 24.69 -2.58 25.19
N ILE G 193 23.51 -3.14 25.49
CA ILE G 193 23.10 -3.34 26.88
C ILE G 193 24.17 -4.08 27.66
N LYS G 194 24.87 -5.03 27.02
CA LYS G 194 25.96 -5.71 27.70
C LYS G 194 27.11 -4.77 28.03
N THR G 195 27.23 -3.67 27.29
CA THR G 195 28.29 -2.71 27.57
C THR G 195 27.94 -1.80 28.74
N ILE G 196 26.69 -1.35 28.82
CA ILE G 196 26.32 -0.37 29.83
C ILE G 196 26.02 -1.03 31.17
N THR G 197 25.54 -2.27 31.16
CA THR G 197 25.47 -3.09 32.35
C THR G 197 26.33 -4.32 32.09
N LYS G 198 27.37 -4.51 32.90
CA LYS G 198 28.49 -5.35 32.48
C LYS G 198 28.12 -6.81 32.33
N LYS G 199 26.92 -7.21 32.75
CA LYS G 199 26.48 -8.59 32.60
C LYS G 199 25.70 -8.74 31.29
N ASP G 200 25.43 -9.99 30.94
CA ASP G 200 24.76 -10.29 29.69
C ASP G 200 23.31 -9.77 29.71
N MET G 201 22.63 -9.94 28.58
CA MET G 201 21.22 -9.59 28.50
C MET G 201 20.37 -10.70 29.09
N VAL G 202 19.17 -10.32 29.53
CA VAL G 202 18.16 -11.26 29.99
C VAL G 202 16.90 -11.05 29.15
N ASN G 203 15.87 -11.83 29.44
CA ASN G 203 14.61 -11.65 28.74
C ASN G 203 13.94 -10.35 29.12
N LYS G 204 14.24 -9.83 30.30
CA LYS G 204 13.61 -8.58 30.73
C LYS G 204 14.13 -7.39 29.94
N ASP G 205 15.27 -7.54 29.25
CA ASP G 205 15.72 -6.52 28.32
C ASP G 205 14.99 -6.59 26.99
N GLN G 206 14.13 -7.58 26.83
CA GLN G 206 13.36 -7.76 25.61
C GLN G 206 12.03 -7.04 25.64
N VAL G 207 11.57 -6.61 26.82
CA VAL G 207 10.32 -5.84 26.88
C VAL G 207 10.56 -4.48 27.51
N LEU G 208 10.87 -4.44 28.80
CA LEU G 208 11.24 -3.17 29.43
C LEU G 208 11.96 -3.50 30.74
N ASN G 209 13.26 -3.27 30.75
CA ASN G 209 14.06 -3.41 31.95
C ASN G 209 14.44 -2.03 32.42
N PRO G 210 13.93 -1.54 33.55
CA PRO G 210 14.35 -0.22 34.02
C PRO G 210 15.83 -0.14 34.35
N ILE G 211 16.53 -1.27 34.32
CA ILE G 211 17.94 -1.31 34.64
C ILE G 211 18.79 -0.84 33.47
N SER G 212 18.40 -1.23 32.25
CA SER G 212 19.21 -0.96 31.06
C SER G 212 18.85 0.40 30.48
N LYS G 213 19.35 1.43 31.15
CA LYS G 213 19.23 2.81 30.69
C LYS G 213 20.62 3.36 30.40
N ALA G 214 20.67 4.40 29.58
CA ALA G 214 21.94 5.00 29.19
C ALA G 214 21.70 6.45 28.79
N LYS G 215 22.78 7.15 28.46
CA LYS G 215 22.71 8.49 27.91
C LYS G 215 23.22 8.44 26.47
N LEU G 216 23.00 9.52 25.74
CA LEU G 216 23.59 9.68 24.42
C LEU G 216 24.86 10.52 24.55
N ASP G 217 25.90 9.87 25.10
CA ASP G 217 27.20 10.54 25.19
C ASP G 217 27.87 10.59 23.83
N LYS G 218 28.14 9.43 23.25
CA LYS G 218 28.90 9.31 22.02
C LYS G 218 27.98 9.51 20.82
N ASP G 219 28.57 9.47 19.63
CA ASP G 219 27.85 9.68 18.40
C ASP G 219 28.23 8.59 17.41
N GLY G 220 27.23 8.05 16.72
CA GLY G 220 27.47 6.92 15.86
C GLY G 220 27.88 5.68 16.62
N MET G 221 27.42 5.54 17.85
CA MET G 221 27.78 4.40 18.70
C MET G 221 26.56 3.64 19.22
N TYR G 222 25.44 4.32 19.47
CA TYR G 222 24.25 3.69 20.05
C TYR G 222 23.29 3.28 18.94
N PRO G 223 23.25 2.01 18.54
CA PRO G 223 22.36 1.63 17.45
C PRO G 223 20.90 1.88 17.80
N VAL G 224 20.15 2.40 16.83
CA VAL G 224 18.74 2.70 17.06
C VAL G 224 17.92 1.44 17.19
N GLU G 225 18.48 0.29 16.83
CA GLU G 225 17.84 -1.00 16.94
C GLU G 225 17.86 -1.52 18.37
N ILE G 226 18.59 -0.86 19.27
CA ILE G 226 18.68 -1.25 20.68
C ILE G 226 18.19 -0.14 21.58
N TRP G 227 18.59 1.09 21.33
CA TRP G 227 18.42 2.20 22.25
C TRP G 227 17.35 3.16 21.73
N HIS G 228 16.30 3.37 22.52
CA HIS G 228 15.16 4.19 22.19
C HIS G 228 15.01 5.34 23.18
N PRO G 229 14.53 6.50 22.75
CA PRO G 229 14.41 7.63 23.67
C PRO G 229 13.48 7.29 24.82
N ASP G 230 13.99 7.44 26.01
CA ASP G 230 13.35 6.95 27.22
C ASP G 230 12.53 8.05 27.86
N PRO G 231 11.26 7.80 28.16
CA PRO G 231 10.44 8.77 28.91
C PRO G 231 10.68 8.68 30.42
N ALA G 232 11.85 9.15 30.84
CA ALA G 232 12.14 9.30 32.26
C ALA G 232 11.13 10.25 32.88
N LYS G 233 10.94 10.14 34.20
CA LYS G 233 9.95 10.98 34.84
C LYS G 233 10.25 12.47 34.65
N ASN G 234 11.51 12.85 34.79
CA ASN G 234 11.97 14.19 34.47
C ASN G 234 12.70 14.17 33.14
N GLU G 235 12.73 15.32 32.46
CA GLU G 235 13.45 15.43 31.20
C GLU G 235 13.58 16.90 30.83
N ASN G 236 14.76 17.26 30.36
CA ASN G 236 15.05 18.58 29.83
C ASN G 236 15.09 18.60 28.31
N THR G 237 14.56 17.57 27.67
CA THR G 237 14.69 17.37 26.24
C THR G 237 13.32 17.17 25.64
N ARG G 238 13.05 17.85 24.53
CA ARG G 238 11.85 17.60 23.75
C ARG G 238 12.25 16.77 22.55
N TYR G 239 11.65 15.59 22.41
CA TYR G 239 11.96 14.69 21.32
C TYR G 239 10.70 14.29 20.61
N PHE G 240 10.75 14.30 19.29
CA PHE G 240 9.62 13.92 18.45
C PHE G 240 10.07 12.84 17.49
N GLY G 241 9.25 11.82 17.31
CA GLY G 241 9.64 10.75 16.41
C GLY G 241 8.44 10.06 15.82
N ASN G 242 8.72 9.20 14.85
CA ASN G 242 7.70 8.38 14.24
C ASN G 242 8.36 7.29 13.40
N TYR G 243 7.75 6.12 13.38
CA TYR G 243 8.28 4.93 12.74
C TYR G 243 7.24 4.38 11.76
N THR G 244 7.71 3.68 10.73
CA THR G 244 6.81 3.12 9.73
C THR G 244 7.46 1.85 9.17
N GLY G 245 6.94 0.71 9.58
CA GLY G 245 7.54 -0.56 9.23
C GLY G 245 7.22 -0.99 7.81
N GLY G 246 7.32 -2.28 7.59
CA GLY G 246 7.01 -2.89 6.31
C GLY G 246 8.26 -3.27 5.55
N THR G 247 8.04 -3.73 4.33
CA THR G 247 9.13 -4.07 3.41
C THR G 247 9.09 -3.25 2.12
N THR G 248 7.92 -2.89 1.63
CA THR G 248 7.88 -2.02 0.46
C THR G 248 7.73 -0.56 0.89
N THR G 249 6.58 -0.22 1.50
CA THR G 249 6.38 1.01 2.27
C THR G 249 7.02 2.24 1.64
N PRO G 250 6.43 2.83 0.60
CA PRO G 250 7.01 4.00 -0.04
C PRO G 250 7.36 5.07 0.97
N PRO G 251 8.54 5.68 0.85
CA PRO G 251 8.89 6.80 1.73
C PRO G 251 8.01 8.01 1.48
N VAL G 252 7.85 8.82 2.51
CA VAL G 252 7.08 10.06 2.45
C VAL G 252 7.83 11.11 3.25
N LEU G 253 7.90 12.32 2.72
CA LEU G 253 8.56 13.40 3.43
C LEU G 253 7.93 14.73 3.03
N GLN G 254 8.19 15.74 3.85
CA GLN G 254 7.69 17.09 3.61
C GLN G 254 8.79 18.08 3.97
N PHE G 255 8.90 19.14 3.18
CA PHE G 255 9.78 20.25 3.50
C PHE G 255 8.98 21.54 3.42
N THR G 256 9.41 22.53 4.18
CA THR G 256 8.77 23.84 4.13
C THR G 256 9.62 24.83 4.92
N ASN G 257 9.62 26.07 4.46
CA ASN G 257 10.37 27.13 5.09
C ASN G 257 9.67 27.70 6.31
N THR G 258 8.44 27.27 6.58
CA THR G 258 7.56 28.02 7.46
C THR G 258 7.28 27.32 8.79
N LEU G 259 7.01 26.02 8.74
CA LEU G 259 6.56 25.32 9.95
C LEU G 259 7.60 25.39 11.05
N THR G 260 7.12 25.53 12.28
CA THR G 260 7.96 25.72 13.46
C THR G 260 7.47 24.80 14.57
N THR G 261 8.42 24.32 15.38
CA THR G 261 8.11 23.57 16.58
C THR G 261 8.44 24.42 17.79
N VAL G 262 7.49 24.55 18.71
CA VAL G 262 7.70 25.29 19.95
C VAL G 262 8.15 24.31 21.02
N LEU G 263 9.23 24.64 21.72
CA LEU G 263 9.80 23.76 22.71
C LEU G 263 9.36 24.11 24.13
N LEU G 264 8.62 25.19 24.31
CA LEU G 264 8.09 25.54 25.62
C LEU G 264 7.23 24.40 26.16
N ASP G 265 7.29 24.19 27.47
CA ASP G 265 6.48 23.15 28.09
C ASP G 265 5.22 23.79 28.68
N GLU G 266 4.47 23.01 29.46
CA GLU G 266 3.20 23.47 29.98
C GLU G 266 3.36 24.68 30.89
N ASN G 267 4.54 24.86 31.48
CA ASN G 267 4.85 26.02 32.29
C ASN G 267 5.53 27.13 31.50
N GLY G 268 5.78 26.91 30.21
CA GLY G 268 6.43 27.90 29.39
C GLY G 268 7.88 28.11 29.76
N VAL G 269 8.64 27.03 29.88
CA VAL G 269 10.03 27.08 30.32
C VAL G 269 11.00 26.60 29.25
N GLY G 270 10.68 25.52 28.55
CA GLY G 270 11.56 25.05 27.49
C GLY G 270 12.84 24.46 28.02
N PRO G 271 13.64 23.85 27.15
CA PRO G 271 14.88 23.21 27.60
C PRO G 271 15.94 24.22 27.98
N LEU G 272 16.23 24.32 29.27
CA LEU G 272 17.35 25.11 29.76
C LEU G 272 18.62 24.30 29.62
N CYS G 273 19.68 24.95 29.15
CA CYS G 273 20.94 24.26 28.89
C CYS G 273 21.69 24.04 30.20
N LYS G 274 21.82 22.78 30.62
CA LYS G 274 22.63 22.41 31.77
C LYS G 274 24.09 22.47 31.34
N GLY G 275 24.90 23.23 32.06
CA GLY G 275 26.13 23.71 31.50
C GLY G 275 25.78 24.81 30.51
N GLU G 276 26.66 25.03 29.54
CA GLU G 276 26.32 25.92 28.45
C GLU G 276 26.18 25.18 27.13
N GLY G 277 25.76 23.93 27.17
CA GLY G 277 25.68 23.10 25.97
C GLY G 277 24.25 22.81 25.59
N LEU G 278 24.01 22.83 24.28
CA LEU G 278 22.71 22.53 23.70
C LEU G 278 22.86 21.27 22.85
N TYR G 279 22.08 20.24 23.17
CA TYR G 279 22.30 18.92 22.59
C TYR G 279 21.22 18.62 21.57
N LEU G 280 21.65 18.37 20.33
CA LEU G 280 20.78 17.97 19.25
C LEU G 280 21.01 16.50 18.94
N SER G 281 19.94 15.78 18.63
CA SER G 281 20.07 14.36 18.30
C SER G 281 19.04 14.02 17.24
N CYS G 282 19.33 12.99 16.45
CA CYS G 282 18.43 12.63 15.36
C CYS G 282 18.82 11.28 14.80
N VAL G 283 17.87 10.66 14.12
CA VAL G 283 18.09 9.51 13.25
C VAL G 283 16.99 9.49 12.20
N ASP G 284 17.38 9.38 10.92
CA ASP G 284 16.40 9.44 9.82
C ASP G 284 16.70 8.34 8.81
N ILE G 285 16.13 7.17 9.03
CA ILE G 285 16.27 6.05 8.10
C ILE G 285 15.12 6.13 7.10
N MET G 286 15.44 6.16 5.81
CA MET G 286 14.45 6.26 4.75
C MET G 286 14.16 4.93 4.07
N GLY G 287 14.83 3.86 4.49
CA GLY G 287 14.60 2.55 3.90
C GLY G 287 15.84 1.84 3.39
N TRP G 288 15.64 0.71 2.72
CA TRP G 288 16.74 -0.17 2.33
C TRP G 288 16.80 -0.35 0.81
N ARG G 289 18.00 -0.20 0.27
CA ARG G 289 18.23 -0.36 -1.17
C ARG G 289 18.72 -1.78 -1.47
N VAL G 290 18.20 -2.37 -2.54
CA VAL G 290 18.57 -3.73 -2.90
C VAL G 290 19.49 -3.92 -4.11
N THR G 291 20.75 -4.28 -3.91
CA THR G 291 21.75 -4.38 -4.96
C THR G 291 21.44 -5.53 -5.91
N ARG G 292 21.96 -5.41 -7.14
CA ARG G 292 21.66 -6.36 -8.20
C ARG G 292 22.45 -7.65 -8.02
N ASN G 293 22.27 -8.32 -6.88
CA ASN G 293 22.96 -9.56 -6.55
C ASN G 293 22.13 -10.25 -5.48
N TYR G 294 22.73 -11.20 -4.77
CA TYR G 294 22.16 -11.62 -3.50
C TYR G 294 21.73 -10.38 -2.74
N ASP G 295 20.45 -10.30 -2.39
CA ASP G 295 19.83 -9.00 -2.20
C ASP G 295 20.33 -8.27 -0.96
N VAL G 296 21.57 -7.79 -1.00
CA VAL G 296 22.13 -7.05 0.12
C VAL G 296 21.42 -5.71 0.24
N HIS G 297 20.98 -5.38 1.44
CA HIS G 297 20.27 -4.12 1.67
C HIS G 297 21.05 -3.16 2.56
N HIS G 298 21.15 -1.92 2.11
CA HIS G 298 21.84 -0.88 2.84
C HIS G 298 20.89 0.29 3.09
N TRP G 299 20.85 0.78 4.33
CA TRP G 299 19.97 1.89 4.69
C TRP G 299 20.41 3.20 4.06
N ARG G 300 19.44 3.96 3.55
CA ARG G 300 19.76 5.26 2.96
C ARG G 300 19.13 6.40 3.75
N GLY G 301 19.85 6.86 4.78
CA GLY G 301 19.37 7.93 5.63
C GLY G 301 19.68 9.29 5.02
N LEU G 302 19.15 10.36 5.63
CA LEU G 302 19.39 11.69 5.12
C LEU G 302 19.73 12.64 6.26
N PRO G 303 20.45 13.71 5.98
CA PRO G 303 20.82 14.65 7.04
C PRO G 303 19.60 15.34 7.64
N ARG G 304 19.81 16.19 8.63
CA ARG G 304 18.70 16.90 9.23
C ARG G 304 19.18 18.27 9.68
N TYR G 305 18.45 19.30 9.31
CA TYR G 305 18.84 20.67 9.59
C TYR G 305 18.04 21.18 10.78
N PHE G 306 18.74 21.71 11.78
CA PHE G 306 18.16 22.29 12.99
C PHE G 306 18.38 23.79 12.96
N LYS G 307 17.37 24.55 13.38
CA LYS G 307 17.53 25.97 13.61
C LYS G 307 16.87 26.31 14.93
N ILE G 308 17.68 26.62 15.94
CA ILE G 308 17.20 26.81 17.29
C ILE G 308 17.15 28.30 17.59
N THR G 309 15.97 28.79 17.97
CA THR G 309 15.81 30.14 18.50
C THR G 309 15.76 30.02 20.01
N LEU G 310 16.77 30.59 20.67
CA LEU G 310 16.90 30.50 22.12
C LEU G 310 17.20 31.87 22.71
N ARG G 311 16.93 32.00 24.00
CA ARG G 311 17.07 33.25 24.72
C ARG G 311 17.70 32.97 26.07
N LYS G 312 17.78 33.99 26.91
CA LYS G 312 18.40 33.90 28.23
C LYS G 312 17.32 33.97 29.30
N ARG G 313 17.27 32.96 30.16
CA ARG G 313 16.35 32.92 31.28
C ARG G 313 17.07 33.32 32.55
N TRP G 314 16.31 33.84 33.51
CA TRP G 314 16.79 33.96 34.88
C TRP G 314 16.36 32.73 35.65
N VAL G 315 17.29 32.16 36.42
CA VAL G 315 17.04 30.95 37.18
C VAL G 315 17.53 31.16 38.60
N LYS G 316 16.99 30.38 39.53
CA LYS G 316 17.39 30.42 40.92
C LYS G 316 18.18 29.17 41.25
N ASN G 317 19.34 29.35 41.86
CA ASN G 317 20.18 28.22 42.25
C ASN G 317 19.49 27.44 43.36
N PRO G 318 19.10 26.18 43.12
CA PRO G 318 18.42 25.43 44.19
C PRO G 318 19.36 24.79 45.19
N TYR G 319 20.57 24.41 44.79
CA TYR G 319 21.48 23.71 45.67
C TYR G 319 22.19 24.70 46.61
N PRO G 320 22.47 24.28 47.84
CA PRO G 320 23.17 25.15 48.77
C PRO G 320 24.68 25.15 48.58
N MET G 321 25.30 26.23 49.04
CA MET G 321 26.73 26.43 48.85
C MET G 321 27.55 25.27 49.39
N ALA G 322 27.15 24.73 50.55
CA ALA G 322 27.91 23.65 51.16
C ALA G 322 27.93 22.41 50.26
N SER G 323 26.79 22.09 49.65
CA SER G 323 26.74 20.91 48.78
C SER G 323 27.59 21.12 47.54
N LEU G 324 27.58 22.31 46.97
CA LEU G 324 28.40 22.58 45.79
C LEU G 324 29.88 22.46 46.11
N ILE G 325 30.31 23.02 47.24
CA ILE G 325 31.72 22.95 47.61
C ILE G 325 32.13 21.51 47.91
N SER G 326 31.28 20.78 48.63
CA SER G 326 31.59 19.39 48.94
C SER G 326 31.67 18.55 47.68
N SER G 327 30.77 18.79 46.72
CA SER G 327 30.81 18.04 45.47
C SER G 327 32.06 18.35 44.68
N LEU G 328 32.47 19.63 44.65
CA LEU G 328 33.71 19.99 43.97
C LEU G 328 34.89 19.28 44.58
N PHE G 329 35.00 19.30 45.91
CA PHE G 329 36.14 18.67 46.57
C PHE G 329 36.12 17.17 46.35
N ASN G 330 34.94 16.55 46.38
CA ASN G 330 34.87 15.11 46.17
C ASN G 330 35.24 14.74 44.74
N ASN G 331 34.93 15.61 43.77
CA ASN G 331 35.37 15.36 42.40
C ASN G 331 36.88 15.49 42.28
N MET G 332 37.47 16.46 42.99
CA MET G 332 38.91 16.68 42.86
C MET G 332 39.71 15.59 43.58
N LEU G 333 39.35 15.30 44.82
CA LEU G 333 40.10 14.31 45.60
C LEU G 333 39.92 12.93 45.00
N PRO G 334 40.89 12.04 45.17
CA PRO G 334 40.74 10.68 44.68
C PRO G 334 39.95 9.81 45.63
N GLN G 335 39.15 8.92 45.07
CA GLN G 335 38.39 7.97 45.86
C GLN G 335 39.35 6.96 46.48
N VAL G 336 39.26 6.79 47.80
CA VAL G 336 40.25 6.05 48.57
C VAL G 336 39.67 4.71 48.96
N GLN G 337 40.52 3.68 48.96
CA GLN G 337 40.12 2.38 49.49
C GLN G 337 40.05 2.46 51.01
N GLY G 338 41.19 2.71 51.64
CA GLY G 338 41.21 2.95 53.07
C GLY G 338 40.84 1.75 53.91
N GLN G 339 41.09 1.83 55.21
CA GLN G 339 40.70 0.78 56.14
C GLN G 339 39.25 0.97 56.57
N PRO G 340 38.59 -0.09 57.05
CA PRO G 340 37.14 -0.02 57.27
C PRO G 340 36.76 0.82 58.49
N MET G 341 36.63 2.13 58.32
CA MET G 341 36.17 2.99 59.39
C MET G 341 34.67 3.20 59.38
N GLU G 342 33.90 2.25 58.82
CA GLU G 342 32.46 2.37 58.77
C GLU G 342 31.86 1.01 58.42
N GLY G 343 30.77 0.65 59.10
CA GLY G 343 30.03 -0.53 58.74
C GLY G 343 30.02 -1.63 59.78
N GLU G 344 30.44 -2.82 59.36
CA GLU G 344 30.37 -4.01 60.18
C GLU G 344 31.65 -4.29 60.93
N ASN G 345 32.81 -4.14 60.27
CA ASN G 345 34.10 -4.30 60.91
C ASN G 345 34.75 -2.95 61.16
N THR G 346 33.94 -1.96 61.53
CA THR G 346 34.43 -0.60 61.72
C THR G 346 35.52 -0.56 62.76
N GLN G 347 36.42 0.41 62.63
CA GLN G 347 37.51 0.59 63.58
C GLN G 347 37.28 1.74 64.55
N VAL G 348 36.32 2.62 64.27
CA VAL G 348 35.98 3.69 65.20
C VAL G 348 35.47 3.08 66.49
N GLU G 349 36.15 3.37 67.60
CA GLU G 349 35.80 2.78 68.89
C GLU G 349 34.78 3.61 69.66
N GLU G 350 34.92 4.93 69.65
CA GLU G 350 34.02 5.80 70.40
C GLU G 350 33.88 7.11 69.64
N VAL G 351 32.77 7.80 69.90
CA VAL G 351 32.55 9.16 69.41
C VAL G 351 31.81 9.91 70.51
N ARG G 352 32.35 11.04 70.92
CA ARG G 352 31.72 11.87 71.93
C ARG G 352 31.46 13.25 71.35
N VAL G 353 30.47 13.94 71.91
CA VAL G 353 30.15 15.29 71.49
C VAL G 353 29.93 16.12 72.75
N TYR G 354 30.84 17.05 73.02
CA TYR G 354 30.74 17.94 74.16
C TYR G 354 30.26 19.31 73.69
N ASP G 355 29.23 19.84 74.34
CA ASP G 355 28.74 21.13 73.90
C ASP G 355 28.75 22.20 74.99
N GLY G 356 28.26 21.88 76.18
CA GLY G 356 28.00 22.90 77.18
C GLY G 356 29.00 22.90 78.31
N THR G 357 28.50 23.13 79.53
CA THR G 357 29.34 23.12 80.72
C THR G 357 28.44 22.76 81.90
N GLU G 358 28.60 21.55 82.41
CA GLU G 358 27.82 21.05 83.52
C GLU G 358 28.72 20.79 84.73
N PRO G 359 28.15 20.74 85.93
CA PRO G 359 28.94 20.31 87.09
C PRO G 359 29.53 18.94 86.87
N VAL G 360 30.72 18.72 87.43
CA VAL G 360 31.48 17.50 87.21
C VAL G 360 30.66 16.28 87.60
N PRO G 361 30.30 15.42 86.67
CA PRO G 361 29.49 14.24 87.02
C PRO G 361 30.31 13.20 87.74
N GLY G 362 29.62 12.40 88.55
CA GLY G 362 30.31 11.44 89.39
C GLY G 362 30.88 10.27 88.62
N ASP G 363 30.15 9.80 87.62
CA ASP G 363 30.59 8.65 86.83
C ASP G 363 31.25 9.14 85.56
N PRO G 364 32.55 8.95 85.38
CA PRO G 364 33.22 9.47 84.18
C PRO G 364 32.86 8.71 82.91
N ASP G 365 32.79 7.38 83.00
CA ASP G 365 32.50 6.56 81.83
C ASP G 365 31.00 6.40 81.57
N MET G 366 30.18 7.29 82.09
CA MET G 366 28.74 7.21 81.85
C MET G 366 28.43 7.42 80.39
N THR G 367 27.54 6.58 79.85
CA THR G 367 27.03 6.76 78.51
C THR G 367 25.85 7.71 78.54
N ARG G 368 25.73 8.54 77.51
CA ARG G 368 24.60 9.43 77.38
C ARG G 368 24.07 9.35 75.97
N TYR G 369 22.75 9.26 75.83
CA TYR G 369 22.17 9.15 74.49
C TYR G 369 20.83 9.87 74.35
N VAL G 370 20.75 10.74 73.35
CA VAL G 370 19.52 11.48 73.08
C VAL G 370 18.72 10.62 72.09
N ASP G 371 17.89 9.73 72.64
CA ASP G 371 17.19 8.77 71.79
C ASP G 371 16.23 9.45 70.83
N ARG G 372 15.13 10.00 71.34
CA ARG G 372 14.24 10.84 70.56
C ARG G 372 13.70 12.03 71.34
N PHE G 373 13.90 12.09 72.66
CA PHE G 373 13.32 13.14 73.49
C PHE G 373 14.38 13.99 74.17
N GLY G 374 15.32 13.37 74.87
CA GLY G 374 16.34 14.14 75.57
C GLY G 374 17.51 13.27 75.95
N LYS G 375 18.62 13.95 76.30
CA LYS G 375 19.84 13.25 76.67
C LYS G 375 19.62 12.51 77.99
N THR G 376 19.72 11.19 77.94
CA THR G 376 19.55 10.33 79.10
C THR G 376 20.88 9.67 79.45
N LYS G 377 21.21 9.72 80.74
CA LYS G 377 22.40 9.08 81.28
C LYS G 377 22.08 7.63 81.62
N THR G 378 22.87 6.71 81.06
CA THR G 378 22.53 5.29 81.06
C THR G 378 23.47 4.52 81.97
N VAL G 379 22.89 3.80 82.94
CA VAL G 379 23.65 2.92 83.82
C VAL G 379 23.95 1.63 83.07
N PHE G 380 24.83 0.82 83.62
CA PHE G 380 25.05 -0.56 83.20
C PHE G 380 24.33 -1.49 84.15
N PRO G 381 24.03 -2.73 83.72
CA PRO G 381 23.00 -3.51 84.42
C PRO G 381 23.37 -3.92 85.83
N GLY G 382 23.31 -2.96 86.77
CA GLY G 382 23.58 -3.25 88.16
C GLY G 382 22.35 -3.45 89.02
N ASN G 383 21.38 -2.54 88.94
CA ASN G 383 20.16 -2.63 89.74
C ASN G 383 19.11 -1.67 89.20
N ASP H 1 -2.30 -1.01 -43.67
CA ASP H 1 -2.78 -2.38 -43.76
C ASP H 1 -1.63 -3.38 -43.68
N ILE H 2 -1.87 -4.48 -43.00
CA ILE H 2 -0.88 -5.55 -42.88
C ILE H 2 -1.08 -6.52 -44.05
N VAL H 3 0.02 -6.99 -44.63
CA VAL H 3 -0.01 -7.93 -45.73
C VAL H 3 0.49 -9.27 -45.23
N MET H 4 -0.32 -10.31 -45.40
CA MET H 4 0.01 -11.66 -44.95
C MET H 4 0.50 -12.46 -46.14
N THR H 5 1.74 -12.94 -46.07
CA THR H 5 2.34 -13.73 -47.14
C THR H 5 2.57 -15.16 -46.66
N GLN H 6 2.20 -16.13 -47.50
CA GLN H 6 2.31 -17.53 -47.16
C GLN H 6 3.35 -18.20 -48.05
N SER H 7 4.28 -18.93 -47.43
CA SER H 7 5.39 -19.50 -48.19
C SER H 7 4.95 -20.60 -49.15
N PRO H 8 4.15 -21.62 -48.76
CA PRO H 8 3.76 -22.63 -49.74
C PRO H 8 2.55 -22.20 -50.56
N THR H 9 2.76 -21.88 -51.84
CA THR H 9 1.63 -21.52 -52.68
C THR H 9 0.69 -22.71 -52.87
N SER H 10 1.26 -23.88 -53.20
CA SER H 10 0.50 -25.11 -53.31
C SER H 10 1.40 -26.26 -52.89
N MET H 11 0.91 -27.11 -51.99
CA MET H 11 1.63 -28.30 -51.57
C MET H 11 0.84 -29.54 -51.98
N SER H 12 1.51 -30.44 -52.70
CA SER H 12 0.96 -31.74 -53.06
C SER H 12 1.61 -32.79 -52.20
N ILE H 13 0.81 -33.54 -51.45
CA ILE H 13 1.31 -34.51 -50.49
C ILE H 13 0.24 -35.57 -50.28
N SER H 14 0.68 -36.78 -49.93
CA SER H 14 -0.24 -37.90 -49.79
C SER H 14 -0.80 -37.97 -48.37
N VAL H 15 -1.54 -39.04 -48.09
CA VAL H 15 -2.10 -39.24 -46.76
C VAL H 15 -1.05 -39.88 -45.86
N GLY H 16 -0.94 -39.38 -44.64
CA GLY H 16 0.04 -39.86 -43.70
C GLY H 16 1.30 -39.02 -43.62
N ASP H 17 1.49 -38.06 -44.51
CA ASP H 17 2.67 -37.23 -44.49
C ASP H 17 2.44 -35.99 -43.65
N ARG H 18 3.46 -35.14 -43.58
CA ARG H 18 3.46 -33.94 -42.75
C ARG H 18 3.51 -32.72 -43.65
N VAL H 19 2.76 -31.68 -43.28
CA VAL H 19 2.82 -30.40 -43.99
C VAL H 19 2.98 -29.28 -42.97
N THR H 20 3.73 -28.25 -43.35
CA THR H 20 3.88 -27.04 -42.54
C THR H 20 3.77 -25.83 -43.45
N MET H 21 2.77 -24.99 -43.21
CA MET H 21 2.57 -23.76 -43.96
C MET H 21 2.86 -22.58 -43.05
N ASN H 22 3.70 -21.66 -43.53
CA ASN H 22 4.10 -20.51 -42.74
C ASN H 22 3.39 -19.25 -43.21
N CYS H 23 3.33 -18.27 -42.33
CA CYS H 23 2.71 -16.98 -42.62
C CYS H 23 3.56 -15.87 -42.04
N ARG H 24 3.70 -14.78 -42.79
CA ARG H 24 4.50 -13.63 -42.39
C ARG H 24 3.66 -12.37 -42.53
N ALA H 25 3.69 -11.54 -41.50
CA ALA H 25 2.96 -10.28 -41.46
C ALA H 25 3.94 -9.12 -41.52
N SER H 26 3.60 -8.09 -42.29
CA SER H 26 4.52 -6.97 -42.48
C SER H 26 4.89 -6.32 -41.15
N GLN H 27 3.88 -6.04 -40.32
CA GLN H 27 4.11 -5.47 -39.00
C GLN H 27 3.85 -6.52 -37.93
N ASN H 28 4.19 -6.17 -36.70
CA ASN H 28 4.09 -7.11 -35.60
C ASN H 28 2.64 -7.32 -35.20
N VAL H 29 2.18 -8.57 -35.28
CA VAL H 29 0.92 -9.01 -34.68
C VAL H 29 1.29 -9.98 -33.57
N TYR H 30 0.93 -9.64 -32.33
CA TYR H 30 1.53 -10.30 -31.18
C TYR H 30 1.19 -11.78 -31.13
N SER H 31 -0.08 -12.11 -30.92
CA SER H 31 -0.50 -13.50 -31.00
C SER H 31 -1.87 -13.62 -31.66
N ASN H 32 -2.30 -12.61 -32.40
CA ASN H 32 -3.66 -12.55 -32.93
C ASN H 32 -3.65 -13.02 -34.39
N VAL H 33 -3.66 -14.34 -34.56
CA VAL H 33 -3.66 -14.96 -35.88
C VAL H 33 -4.53 -16.20 -35.84
N ASP H 34 -5.45 -16.29 -36.79
CA ASP H 34 -6.35 -17.42 -36.93
C ASP H 34 -6.02 -18.19 -38.21
N TRP H 35 -6.37 -19.47 -38.20
CA TRP H 35 -6.11 -20.40 -39.30
C TRP H 35 -7.42 -21.03 -39.70
N TYR H 36 -7.83 -20.80 -40.94
CA TYR H 36 -9.15 -21.13 -41.46
C TYR H 36 -9.03 -22.20 -42.54
N GLN H 37 -9.92 -23.20 -42.47
CA GLN H 37 -10.00 -24.26 -43.45
C GLN H 37 -11.25 -24.07 -44.29
N GLN H 38 -11.09 -24.00 -45.60
CA GLN H 38 -12.21 -23.85 -46.52
C GLN H 38 -12.25 -25.05 -47.47
N LYS H 39 -13.27 -25.88 -47.32
CA LYS H 39 -13.59 -26.91 -48.30
C LYS H 39 -14.47 -26.30 -49.38
N THR H 40 -14.25 -26.71 -50.63
CA THR H 40 -14.96 -26.12 -51.76
C THR H 40 -16.45 -26.32 -51.62
N GLY H 41 -17.18 -25.22 -51.53
CA GLY H 41 -18.62 -25.24 -51.36
C GLY H 41 -19.11 -25.06 -49.95
N GLN H 42 -18.23 -24.67 -49.02
CA GLN H 42 -18.59 -24.50 -47.63
C GLN H 42 -18.08 -23.15 -47.13
N SER H 43 -18.72 -22.66 -46.08
CA SER H 43 -18.22 -21.49 -45.40
C SER H 43 -16.89 -21.84 -44.71
N PRO H 44 -15.94 -20.91 -44.69
CA PRO H 44 -14.64 -21.22 -44.08
C PRO H 44 -14.79 -21.52 -42.60
N LYS H 45 -14.25 -22.66 -42.19
CA LYS H 45 -14.34 -23.12 -40.82
C LYS H 45 -13.09 -22.71 -40.05
N LEU H 46 -13.27 -22.31 -38.81
CA LEU H 46 -12.13 -21.98 -37.96
C LEU H 46 -11.42 -23.25 -37.52
N VAL H 47 -10.10 -23.23 -37.61
CA VAL H 47 -9.31 -24.39 -37.21
C VAL H 47 -8.44 -24.02 -36.02
N ILE H 48 -7.56 -23.03 -36.19
CA ILE H 48 -6.59 -22.69 -35.15
C ILE H 48 -6.75 -21.22 -34.80
N TYR H 49 -7.39 -20.94 -33.67
CA TYR H 49 -7.61 -19.57 -33.24
C TYR H 49 -6.47 -19.08 -32.37
N LYS H 50 -6.15 -17.79 -32.52
CA LYS H 50 -5.12 -17.09 -31.74
C LYS H 50 -3.74 -17.72 -31.89
N ALA H 51 -3.52 -18.52 -32.93
CA ALA H 51 -2.23 -19.07 -33.35
C ALA H 51 -1.63 -20.08 -32.37
N SER H 52 -2.29 -20.43 -31.27
CA SER H 52 -1.69 -21.38 -30.35
C SER H 52 -2.71 -22.35 -29.75
N ASN H 53 -3.96 -22.29 -30.19
CA ASN H 53 -4.98 -23.17 -29.66
C ASN H 53 -5.77 -23.81 -30.80
N ARG H 54 -6.42 -24.93 -30.50
CA ARG H 54 -7.24 -25.66 -31.46
C ARG H 54 -8.71 -25.45 -31.13
N TYR H 55 -9.46 -24.95 -32.10
CA TYR H 55 -10.90 -24.81 -31.92
C TYR H 55 -11.52 -26.17 -31.62
N THR H 56 -12.64 -26.15 -30.91
CA THR H 56 -13.27 -27.40 -30.49
C THR H 56 -13.68 -28.23 -31.70
N GLY H 57 -13.58 -29.55 -31.56
CA GLY H 57 -13.89 -30.46 -32.64
C GLY H 57 -12.76 -30.70 -33.61
N VAL H 58 -11.65 -29.97 -33.51
CA VAL H 58 -10.53 -30.11 -34.44
C VAL H 58 -9.55 -31.12 -33.88
N PRO H 59 -9.09 -32.08 -34.70
CA PRO H 59 -8.26 -33.16 -34.16
C PRO H 59 -6.86 -32.70 -33.78
N ASP H 60 -6.13 -33.60 -33.12
CA ASP H 60 -4.82 -33.27 -32.57
C ASP H 60 -3.72 -33.24 -33.60
N ARG H 61 -3.99 -33.62 -34.85
CA ARG H 61 -2.96 -33.51 -35.88
C ARG H 61 -2.69 -32.06 -36.23
N PHE H 62 -3.70 -31.21 -36.12
CA PHE H 62 -3.51 -29.78 -36.40
C PHE H 62 -2.76 -29.12 -35.26
N THR H 63 -1.79 -28.28 -35.60
CA THR H 63 -1.03 -27.54 -34.61
C THR H 63 -0.72 -26.15 -35.13
N GLY H 64 -0.93 -25.15 -34.30
CA GLY H 64 -0.57 -23.78 -34.63
C GLY H 64 0.54 -23.32 -33.69
N SER H 65 1.54 -22.65 -34.26
CA SER H 65 2.66 -22.21 -33.45
C SER H 65 3.22 -20.91 -34.01
N GLY H 66 4.09 -20.29 -33.23
CA GLY H 66 4.70 -19.03 -33.61
C GLY H 66 4.01 -17.83 -32.98
N SER H 67 4.74 -16.72 -32.97
CA SER H 67 4.22 -15.47 -32.43
C SER H 67 5.05 -14.32 -32.97
N GLY H 68 4.37 -13.23 -33.30
CA GLY H 68 5.05 -12.04 -33.77
C GLY H 68 4.93 -11.81 -35.26
N THR H 69 5.99 -12.11 -35.99
CA THR H 69 6.02 -11.92 -37.43
C THR H 69 5.94 -13.22 -38.21
N TYR H 70 6.19 -14.36 -37.57
CA TYR H 70 6.27 -15.65 -38.26
C TYR H 70 5.38 -16.65 -37.54
N PHE H 71 4.32 -17.11 -38.21
CA PHE H 71 3.44 -18.13 -37.67
C PHE H 71 3.48 -19.37 -38.56
N THR H 72 3.00 -20.49 -38.02
CA THR H 72 3.03 -21.74 -38.76
C THR H 72 1.86 -22.62 -38.36
N LEU H 73 1.37 -23.38 -39.34
CA LEU H 73 0.35 -24.40 -39.13
C LEU H 73 0.91 -25.73 -39.64
N THR H 74 0.81 -26.76 -38.80
CA THR H 74 1.45 -28.05 -39.05
C THR H 74 0.43 -29.18 -38.93
N ILE H 75 0.56 -30.16 -39.81
CA ILE H 75 -0.24 -31.38 -39.78
C ILE H 75 0.71 -32.55 -39.86
N THR H 76 0.65 -33.44 -38.85
CA THR H 76 1.59 -34.55 -38.76
C THR H 76 1.21 -35.68 -39.70
N ASN H 77 -0.02 -36.19 -39.58
CA ASN H 77 -0.54 -37.26 -40.43
C ASN H 77 -1.80 -36.75 -41.11
N ILE H 78 -1.73 -36.54 -42.42
CA ILE H 78 -2.88 -36.01 -43.14
C ILE H 78 -4.03 -37.01 -43.11
N GLN H 79 -5.23 -36.50 -43.29
CA GLN H 79 -6.43 -37.32 -43.43
C GLN H 79 -7.17 -36.90 -44.68
N THR H 80 -8.09 -37.76 -45.13
CA THR H 80 -8.89 -37.45 -46.30
C THR H 80 -9.71 -36.18 -46.09
N GLU H 81 -10.19 -35.95 -44.88
CA GLU H 81 -11.00 -34.77 -44.59
C GLU H 81 -10.16 -33.51 -44.37
N ASP H 82 -8.85 -33.56 -44.65
CA ASP H 82 -7.99 -32.39 -44.58
C ASP H 82 -7.60 -31.89 -45.96
N LEU H 83 -8.42 -32.18 -46.98
CA LEU H 83 -8.13 -31.79 -48.35
C LEU H 83 -8.88 -30.49 -48.69
N ALA H 84 -8.42 -29.40 -48.09
CA ALA H 84 -9.09 -28.11 -48.23
C ALA H 84 -8.05 -27.00 -48.25
N VAL H 85 -8.49 -25.81 -48.64
CA VAL H 85 -7.60 -24.65 -48.64
C VAL H 85 -7.46 -24.12 -47.23
N TYR H 86 -6.34 -23.44 -46.97
CA TYR H 86 -6.03 -22.94 -45.64
C TYR H 86 -5.56 -21.51 -45.73
N TYR H 87 -6.28 -20.60 -45.07
CA TYR H 87 -5.93 -19.19 -45.03
C TYR H 87 -5.51 -18.80 -43.62
N CYS H 88 -4.52 -17.92 -43.52
CA CYS H 88 -4.15 -17.34 -42.24
C CYS H 88 -4.59 -15.88 -42.20
N LEU H 89 -5.17 -15.48 -41.08
CA LEU H 89 -5.79 -14.18 -40.91
C LEU H 89 -5.22 -13.50 -39.67
N GLN H 90 -4.75 -12.28 -39.83
CA GLN H 90 -4.34 -11.45 -38.71
C GLN H 90 -5.57 -10.73 -38.19
N SER H 91 -5.81 -10.82 -36.89
CA SER H 91 -6.85 -10.01 -36.25
C SER H 91 -6.21 -9.25 -35.09
N ASN H 92 -5.50 -8.18 -35.43
CA ASN H 92 -4.74 -7.39 -34.47
C ASN H 92 -4.89 -5.90 -34.68
N ALA H 93 -5.37 -5.47 -35.83
CA ALA H 93 -5.63 -4.07 -36.10
C ALA H 93 -6.70 -4.01 -37.18
N PHE H 94 -7.16 -2.80 -37.47
CA PHE H 94 -8.14 -2.61 -38.53
C PHE H 94 -7.47 -1.93 -39.70
N PRO H 95 -7.66 -2.42 -40.94
CA PRO H 95 -8.57 -3.51 -41.28
C PRO H 95 -7.95 -4.90 -41.23
N PHE H 96 -8.75 -5.91 -40.91
CA PHE H 96 -8.26 -7.29 -40.94
C PHE H 96 -7.95 -7.68 -42.38
N THR H 97 -6.87 -8.43 -42.55
CA THR H 97 -6.47 -8.91 -43.86
C THR H 97 -6.27 -10.42 -43.80
N PHE H 98 -6.64 -11.08 -44.90
CA PHE H 98 -6.58 -12.53 -45.02
C PHE H 98 -5.36 -12.95 -45.81
N LEU I 14 -29.14 -3.32 -53.05
CA LEU I 14 -28.08 -2.47 -52.54
C LEU I 14 -28.02 -2.51 -51.02
N LYS I 15 -28.94 -3.23 -50.38
CA LYS I 15 -29.00 -3.35 -48.93
C LYS I 15 -29.09 -4.83 -48.57
N LEU I 16 -28.03 -5.35 -47.96
CA LEU I 16 -28.00 -6.74 -47.54
C LEU I 16 -28.93 -6.95 -46.35
N SER I 17 -28.93 -8.19 -45.85
CA SER I 17 -29.65 -8.56 -44.64
C SER I 17 -29.12 -9.90 -44.18
N CYS I 18 -28.81 -10.00 -42.89
CA CYS I 18 -28.21 -11.20 -42.33
C CYS I 18 -28.89 -11.53 -41.01
N SER I 19 -29.83 -12.46 -41.04
CA SER I 19 -30.60 -12.83 -39.86
C SER I 19 -29.81 -13.82 -39.02
N ALA I 20 -29.86 -13.64 -37.71
CA ALA I 20 -29.22 -14.53 -36.76
C ALA I 20 -30.20 -14.84 -35.65
N SER I 21 -30.08 -16.05 -35.09
CA SER I 21 -31.01 -16.50 -34.08
C SER I 21 -30.30 -17.47 -33.15
N GLY I 22 -30.86 -17.63 -31.95
CA GLY I 22 -30.33 -18.54 -30.97
C GLY I 22 -29.46 -17.92 -29.90
N PHE I 23 -29.19 -16.62 -29.99
CA PHE I 23 -28.39 -15.94 -28.98
C PHE I 23 -28.94 -14.54 -28.75
N THR I 24 -28.24 -13.78 -27.92
CA THR I 24 -28.51 -12.35 -27.79
C THR I 24 -27.75 -11.62 -28.87
N PHE I 25 -28.48 -11.05 -29.83
CA PHE I 25 -27.86 -10.54 -31.05
C PHE I 25 -26.98 -9.34 -30.76
N SER I 26 -27.41 -8.47 -29.86
CA SER I 26 -26.78 -7.17 -29.68
C SER I 26 -25.59 -7.19 -28.74
N SER I 27 -25.24 -8.36 -28.20
CA SER I 27 -24.09 -8.48 -27.32
C SER I 27 -22.84 -8.93 -28.06
N TYR I 28 -22.93 -9.17 -29.36
CA TYR I 28 -21.83 -9.70 -30.14
C TYR I 28 -21.48 -8.76 -31.28
N GLY I 29 -20.24 -8.85 -31.73
CA GLY I 29 -19.75 -8.09 -32.87
C GLY I 29 -19.71 -8.98 -34.11
N MET I 30 -20.11 -8.40 -35.24
CA MET I 30 -20.32 -9.15 -36.47
C MET I 30 -19.51 -8.54 -37.60
N HIS I 31 -18.75 -9.38 -38.30
CA HIS I 31 -17.96 -8.97 -39.45
C HIS I 31 -18.67 -9.34 -40.75
N TRP I 32 -18.23 -8.71 -41.83
CA TRP I 32 -18.61 -9.10 -43.18
C TRP I 32 -17.34 -9.49 -43.93
N ILE I 33 -17.35 -10.68 -44.52
CA ILE I 33 -16.22 -11.17 -45.31
C ILE I 33 -16.75 -11.65 -46.64
N ARG I 34 -16.21 -11.11 -47.72
CA ARG I 34 -16.63 -11.48 -49.07
C ARG I 34 -15.51 -12.27 -49.74
N GLN I 35 -15.88 -13.29 -50.49
CA GLN I 35 -14.91 -14.13 -51.19
C GLN I 35 -15.26 -14.20 -52.66
N VAL I 36 -14.38 -13.68 -53.50
CA VAL I 36 -14.48 -13.89 -54.94
C VAL I 36 -13.92 -15.29 -55.18
N PRO I 37 -14.48 -16.06 -56.12
CA PRO I 37 -14.10 -17.49 -56.20
C PRO I 37 -12.62 -17.74 -56.41
N GLY I 38 -11.88 -16.78 -56.95
CA GLY I 38 -10.51 -17.04 -57.37
C GLY I 38 -9.39 -16.43 -56.56
N LYS I 39 -9.64 -15.32 -55.85
CA LYS I 39 -8.57 -14.64 -55.12
C LYS I 39 -8.70 -14.81 -53.61
N GLY I 40 -9.57 -15.70 -53.15
CA GLY I 40 -9.67 -15.98 -51.72
C GLY I 40 -10.62 -15.04 -51.00
N LEU I 41 -10.52 -15.08 -49.67
CA LEU I 41 -11.38 -14.28 -48.82
C LEU I 41 -10.87 -12.85 -48.69
N ASP I 42 -11.76 -11.95 -48.31
CA ASP I 42 -11.46 -10.52 -48.21
C ASP I 42 -12.37 -9.90 -47.17
N TRP I 43 -11.78 -9.38 -46.10
CA TRP I 43 -12.55 -8.71 -45.07
C TRP I 43 -13.15 -7.42 -45.61
N VAL I 44 -14.33 -7.04 -45.09
CA VAL I 44 -15.06 -5.88 -45.57
C VAL I 44 -15.34 -4.88 -44.44
N ALA I 45 -16.08 -5.30 -43.42
CA ALA I 45 -16.55 -4.37 -42.41
C ALA I 45 -16.70 -5.08 -41.08
N TYR I 46 -16.95 -4.29 -40.04
CA TYR I 46 -17.15 -4.77 -38.68
C TYR I 46 -18.00 -3.78 -37.91
N ILE I 47 -18.93 -4.30 -37.12
CA ILE I 47 -19.75 -3.50 -36.21
C ILE I 47 -19.83 -4.25 -34.89
N SER I 48 -19.49 -3.59 -33.80
CA SER I 48 -19.44 -4.26 -32.50
C SER I 48 -20.72 -4.01 -31.72
N SER I 49 -20.69 -4.44 -30.45
CA SER I 49 -21.85 -4.28 -29.59
C SER I 49 -22.24 -2.82 -29.46
N ALA I 50 -21.33 -1.99 -28.96
CA ALA I 50 -21.48 -0.54 -29.01
C ALA I 50 -21.25 -0.13 -30.46
N SER I 51 -22.33 0.06 -31.22
CA SER I 51 -22.24 0.10 -32.68
C SER I 51 -21.25 1.13 -33.17
N ASP I 52 -20.15 0.67 -33.74
CA ASP I 52 -19.10 1.52 -34.28
C ASP I 52 -18.47 0.82 -35.46
N THR I 53 -18.53 1.47 -36.62
CA THR I 53 -18.25 0.80 -37.89
C THR I 53 -16.79 0.93 -38.26
N PHE I 54 -16.16 -0.20 -38.60
CA PHE I 54 -14.80 -0.24 -39.10
C PHE I 54 -14.79 -0.91 -40.46
N TYR I 55 -14.24 -0.24 -41.46
CA TYR I 55 -14.30 -0.70 -42.84
C TYR I 55 -12.92 -1.07 -43.36
N ALA I 56 -12.92 -1.75 -44.51
CA ALA I 56 -11.68 -2.01 -45.21
C ALA I 56 -11.23 -0.77 -45.98
N ASP I 57 -9.95 -0.74 -46.34
CA ASP I 57 -9.37 0.46 -46.92
C ASP I 57 -9.96 0.74 -48.31
N ALA I 58 -10.27 -0.31 -49.07
CA ALA I 58 -10.72 -0.11 -50.44
C ALA I 58 -12.19 0.29 -50.49
N VAL I 59 -12.96 -0.04 -49.46
CA VAL I 59 -14.40 0.10 -49.50
C VAL I 59 -14.89 1.15 -48.50
N LYS I 60 -14.02 2.09 -48.11
CA LYS I 60 -14.30 2.97 -46.98
C LYS I 60 -15.59 3.76 -47.15
N GLU I 61 -15.69 4.56 -48.21
CA GLU I 61 -16.78 5.50 -48.37
C GLU I 61 -18.05 4.88 -48.96
N ARG I 62 -17.97 3.66 -49.49
CA ARG I 62 -19.08 3.17 -50.31
C ARG I 62 -20.08 2.36 -49.49
N PHE I 63 -19.62 1.27 -48.88
CA PHE I 63 -20.50 0.46 -48.05
C PHE I 63 -20.85 1.19 -46.76
N THR I 64 -21.96 0.77 -46.14
CA THR I 64 -22.26 1.16 -44.76
C THR I 64 -22.80 -0.06 -44.03
N ILE I 65 -22.07 -0.55 -43.04
CA ILE I 65 -22.55 -1.64 -42.22
C ILE I 65 -23.36 -1.06 -41.07
N SER I 66 -24.52 -1.64 -40.80
CA SER I 66 -25.35 -1.23 -39.70
C SER I 66 -25.98 -2.46 -39.07
N ARG I 67 -26.55 -2.29 -37.88
CA ARG I 67 -27.31 -3.35 -37.26
C ARG I 67 -28.55 -2.74 -36.65
N ASP I 68 -29.68 -3.41 -36.83
CA ASP I 68 -30.94 -3.01 -36.22
C ASP I 68 -31.21 -3.98 -35.07
N ASN I 69 -30.93 -3.54 -33.85
CA ASN I 69 -31.21 -4.36 -32.69
C ASN I 69 -32.71 -4.59 -32.56
N ALA I 70 -33.06 -5.66 -31.83
CA ALA I 70 -34.44 -6.09 -31.63
C ALA I 70 -35.03 -6.64 -32.93
N LYS I 71 -34.26 -6.62 -34.01
CA LYS I 71 -34.64 -7.28 -35.26
C LYS I 71 -33.61 -8.31 -35.71
N ASN I 72 -32.40 -8.26 -35.17
CA ASN I 72 -31.40 -9.32 -35.27
C ASN I 72 -30.83 -9.50 -36.68
N THR I 73 -30.67 -8.43 -37.45
CA THR I 73 -30.12 -8.54 -38.80
C THR I 73 -29.17 -7.38 -39.07
N LEU I 74 -27.97 -7.70 -39.54
CA LEU I 74 -27.07 -6.66 -40.03
C LEU I 74 -27.42 -6.27 -41.45
N TYR I 75 -27.23 -5.00 -41.76
CA TYR I 75 -27.47 -4.47 -43.10
C TYR I 75 -26.16 -3.90 -43.61
N LEU I 76 -25.50 -4.61 -44.51
CA LEU I 76 -24.39 -4.04 -45.25
C LEU I 76 -24.96 -3.35 -46.49
N ARG I 77 -25.31 -2.08 -46.35
CA ARG I 77 -25.81 -1.29 -47.47
C ARG I 77 -24.67 -1.19 -48.48
N LEU I 78 -24.90 -1.75 -49.67
CA LEU I 78 -23.85 -1.92 -50.65
C LEU I 78 -23.39 -0.59 -51.21
N ASN I 79 -22.39 -0.65 -52.08
CA ASN I 79 -21.59 0.49 -52.49
C ASN I 79 -22.42 1.67 -52.99
N SER I 80 -23.68 1.43 -53.34
CA SER I 80 -24.56 2.44 -53.93
C SER I 80 -24.05 2.83 -55.31
N LEU I 81 -22.90 2.27 -55.69
CA LEU I 81 -22.35 2.40 -57.03
C LEU I 81 -22.24 1.00 -57.62
N LYS I 82 -21.71 0.06 -56.84
CA LYS I 82 -21.71 -1.38 -57.11
C LYS I 82 -20.93 -1.74 -58.37
N SER I 83 -19.88 -0.99 -58.72
CA SER I 83 -19.30 -1.14 -60.05
C SER I 83 -18.45 -2.41 -60.15
N GLU I 84 -17.42 -2.55 -59.31
CA GLU I 84 -16.40 -3.56 -59.52
C GLU I 84 -16.24 -4.48 -58.33
N ASP I 85 -17.24 -4.52 -57.44
CA ASP I 85 -17.21 -5.35 -56.24
C ASP I 85 -18.22 -6.48 -56.42
N THR I 86 -17.73 -7.71 -56.56
CA THR I 86 -18.60 -8.88 -56.69
C THR I 86 -17.90 -10.08 -56.06
N ALA I 87 -18.62 -10.82 -55.23
CA ALA I 87 -18.07 -11.96 -54.52
C ALA I 87 -19.19 -12.64 -53.74
N ILE I 88 -18.87 -13.77 -53.11
CA ILE I 88 -19.79 -14.38 -52.16
C ILE I 88 -19.67 -13.65 -50.82
N TYR I 89 -20.78 -13.09 -50.36
CA TYR I 89 -20.80 -12.30 -49.13
C TYR I 89 -21.21 -13.18 -47.97
N TYR I 90 -20.40 -13.17 -46.91
CA TYR I 90 -20.65 -14.00 -45.74
C TYR I 90 -21.01 -13.14 -44.54
N CYS I 91 -21.40 -13.78 -43.45
CA CYS I 91 -21.50 -13.12 -42.16
C CYS I 91 -20.62 -13.87 -41.18
N ALA I 92 -20.21 -13.18 -40.13
CA ALA I 92 -19.42 -13.82 -39.09
C ALA I 92 -19.79 -13.19 -37.77
N ARG I 93 -19.94 -14.03 -36.74
CA ARG I 93 -20.21 -13.56 -35.39
C ARG I 93 -18.98 -13.90 -34.55
N THR I 94 -18.60 -13.00 -33.65
CA THR I 94 -17.45 -13.25 -32.80
C THR I 94 -17.75 -14.38 -31.83
N ARG I 95 -16.77 -14.79 -31.05
CA ARG I 95 -16.93 -15.96 -30.20
C ARG I 95 -17.53 -15.58 -28.85
N TYR I 96 -17.14 -14.43 -28.31
CA TYR I 96 -17.55 -14.01 -26.98
C TYR I 96 -18.32 -12.70 -27.03
N PRO I 97 -19.18 -12.44 -26.05
CA PRO I 97 -19.98 -11.20 -26.03
C PRO I 97 -19.28 -10.02 -25.34
N THR I 98 -18.21 -9.54 -25.93
CA THR I 98 -17.42 -8.46 -25.34
C THR I 98 -17.48 -7.21 -26.20
N ASP I 99 -16.93 -6.13 -25.66
CA ASP I 99 -16.63 -4.93 -26.42
C ASP I 99 -15.18 -4.93 -26.89
N HIS I 100 -14.55 -6.10 -26.88
CA HIS I 100 -13.21 -6.28 -27.42
C HIS I 100 -13.33 -6.48 -28.93
N PHE I 101 -12.61 -5.67 -29.69
CA PHE I 101 -12.81 -5.66 -31.15
C PHE I 101 -12.23 -6.91 -31.80
N TYR I 102 -11.16 -7.46 -31.23
CA TYR I 102 -10.42 -8.55 -31.87
C TYR I 102 -10.74 -9.86 -31.15
N ASP I 103 -11.71 -10.59 -31.71
CA ASP I 103 -12.31 -11.72 -31.00
C ASP I 103 -12.43 -13.00 -31.85
N TRP I 104 -11.73 -13.10 -32.97
CA TRP I 104 -11.62 -14.33 -33.77
C TRP I 104 -12.98 -14.98 -34.00
N PHE I 105 -13.79 -14.30 -34.80
CA PHE I 105 -15.11 -14.79 -35.20
C PHE I 105 -15.03 -16.22 -35.73
N PRO I 106 -15.62 -17.21 -35.04
CA PRO I 106 -15.63 -18.57 -35.57
C PRO I 106 -16.92 -18.97 -36.26
N TYR I 107 -17.98 -18.16 -36.14
CA TYR I 107 -19.32 -18.54 -36.60
C TYR I 107 -19.60 -17.83 -37.91
N TRP I 108 -19.22 -18.46 -39.01
CA TRP I 108 -19.47 -17.86 -40.31
C TRP I 108 -20.92 -18.08 -40.73
N GLY I 109 -21.35 -17.30 -41.72
CA GLY I 109 -22.68 -17.40 -42.25
C GLY I 109 -22.83 -18.52 -43.27
N GLN I 110 -23.90 -18.43 -44.05
CA GLN I 110 -24.11 -19.43 -45.10
C GLN I 110 -23.43 -19.00 -46.39
N GLY I 111 -23.48 -17.72 -46.69
CA GLY I 111 -22.92 -17.23 -47.94
C GLY I 111 -24.04 -16.80 -48.85
N THR I 112 -23.75 -15.82 -49.71
CA THR I 112 -24.72 -15.32 -50.66
C THR I 112 -23.99 -14.80 -51.90
N ASP J 1 36.53 -1.65 -22.89
CA ASP J 1 35.97 -2.41 -23.99
C ASP J 1 36.01 -3.90 -23.71
N ILE J 2 34.98 -4.60 -24.12
CA ILE J 2 34.90 -6.05 -23.97
C ILE J 2 35.50 -6.69 -25.21
N VAL J 3 36.26 -7.77 -25.00
CA VAL J 3 36.89 -8.50 -26.09
C VAL J 3 36.20 -9.85 -26.22
N MET J 4 35.70 -10.15 -27.41
CA MET J 4 34.99 -11.39 -27.69
C MET J 4 35.94 -12.35 -28.39
N THR J 5 36.19 -13.49 -27.77
CA THR J 5 37.09 -14.51 -28.32
C THR J 5 36.28 -15.75 -28.69
N GLN J 6 36.55 -16.29 -29.88
CA GLN J 6 35.82 -17.44 -30.40
C GLN J 6 36.77 -18.63 -30.49
N SER J 7 36.35 -19.77 -29.95
CA SER J 7 37.24 -20.94 -29.89
C SER J 7 37.53 -21.53 -31.26
N PRO J 8 36.56 -21.80 -32.14
CA PRO J 8 36.93 -22.36 -33.44
C PRO J 8 37.32 -21.29 -34.45
N THR J 9 38.61 -21.20 -34.79
CA THR J 9 39.01 -20.22 -35.78
C THR J 9 38.43 -20.56 -37.15
N SER J 10 38.55 -21.82 -37.56
CA SER J 10 37.94 -22.31 -38.78
C SER J 10 37.53 -23.76 -38.57
N MET J 11 36.29 -24.09 -38.92
CA MET J 11 35.80 -25.46 -38.85
C MET J 11 35.45 -25.93 -40.25
N SER J 12 36.03 -27.06 -40.65
CA SER J 12 35.70 -27.73 -41.90
C SER J 12 34.85 -28.95 -41.59
N ILE J 13 33.66 -29.00 -42.16
CA ILE J 13 32.70 -30.05 -41.85
C ILE J 13 31.76 -30.20 -43.04
N SER J 14 31.21 -31.41 -43.21
CA SER J 14 30.37 -31.71 -44.36
C SER J 14 28.92 -31.38 -44.06
N VAL J 15 28.04 -31.74 -45.00
CA VAL J 15 26.61 -31.51 -44.81
C VAL J 15 26.02 -32.66 -44.00
N GLY J 16 25.18 -32.31 -43.03
CA GLY J 16 24.57 -33.28 -42.15
C GLY J 16 25.26 -33.42 -40.81
N ASP J 17 26.42 -32.81 -40.63
CA ASP J 17 27.14 -32.91 -39.37
C ASP J 17 26.73 -31.78 -38.42
N ARG J 18 27.35 -31.77 -37.25
CA ARG J 18 27.03 -30.83 -36.19
C ARG J 18 28.23 -29.93 -35.95
N VAL J 19 27.98 -28.64 -35.71
CA VAL J 19 29.03 -27.70 -35.34
C VAL J 19 28.58 -26.91 -34.13
N THR J 20 29.54 -26.59 -33.26
CA THR J 20 29.30 -25.73 -32.10
C THR J 20 30.44 -24.74 -31.98
N MET J 21 30.13 -23.45 -32.10
CA MET J 21 31.11 -22.39 -31.94
C MET J 21 30.83 -21.62 -30.66
N ASN J 22 31.86 -21.45 -29.83
CA ASN J 22 31.71 -20.80 -28.55
C ASN J 22 32.27 -19.38 -28.59
N CYS J 23 31.81 -18.57 -27.65
CA CYS J 23 32.25 -17.19 -27.53
C CYS J 23 32.44 -16.83 -26.07
N ARG J 24 33.50 -16.10 -25.77
CA ARG J 24 33.85 -15.71 -24.41
C ARG J 24 34.05 -14.20 -24.37
N ALA J 25 33.46 -13.55 -23.38
CA ALA J 25 33.57 -12.11 -23.19
C ALA J 25 34.38 -11.84 -21.93
N SER J 26 35.26 -10.83 -22.00
CA SER J 26 36.14 -10.55 -20.87
C SER J 26 35.35 -10.24 -19.60
N GLN J 27 34.33 -9.39 -19.71
CA GLN J 27 33.48 -9.05 -18.59
C GLN J 27 32.11 -9.68 -18.78
N ASN J 28 31.28 -9.60 -17.74
CA ASN J 28 29.98 -10.25 -17.76
C ASN J 28 29.02 -9.49 -18.66
N VAL J 29 28.50 -10.17 -19.67
CA VAL J 29 27.35 -9.70 -20.45
C VAL J 29 26.21 -10.67 -20.17
N TYR J 30 25.12 -10.15 -19.60
CA TYR J 30 24.14 -11.02 -18.97
C TYR J 30 23.49 -11.96 -19.97
N SER J 31 22.71 -11.41 -20.90
CA SER J 31 22.15 -12.23 -21.96
C SER J 31 22.15 -11.47 -23.30
N ASN J 32 22.97 -10.43 -23.42
CA ASN J 32 22.93 -9.54 -24.57
C ASN J 32 24.03 -9.94 -25.56
N VAL J 33 23.75 -10.97 -26.35
CA VAL J 33 24.68 -11.47 -27.35
C VAL J 33 23.90 -11.87 -28.58
N ASP J 34 24.33 -11.38 -29.74
CA ASP J 34 23.73 -11.71 -31.02
C ASP J 34 24.71 -12.53 -31.86
N TRP J 35 24.14 -13.31 -32.78
CA TRP J 35 24.89 -14.20 -33.64
C TRP J 35 24.52 -13.89 -35.09
N TYR J 36 25.51 -13.47 -35.86
CA TYR J 36 25.36 -12.91 -37.20
C TYR J 36 25.97 -13.84 -38.23
N GLN J 37 25.25 -14.05 -39.32
CA GLN J 37 25.70 -14.85 -40.46
C GLN J 37 26.01 -13.92 -41.62
N GLN J 38 27.23 -13.99 -42.14
CA GLN J 38 27.65 -13.20 -43.28
C GLN J 38 28.06 -14.12 -44.43
N LYS J 39 27.25 -14.11 -45.48
CA LYS J 39 27.64 -14.72 -46.74
C LYS J 39 28.44 -13.72 -47.56
N THR J 40 29.47 -14.21 -48.26
CA THR J 40 30.36 -13.33 -49.00
C THR J 40 29.61 -12.53 -50.05
N GLY J 41 29.63 -11.22 -49.91
CA GLY J 41 28.92 -10.33 -50.81
C GLY J 41 27.57 -9.84 -50.32
N GLN J 42 27.23 -10.09 -49.06
CA GLN J 42 25.94 -9.70 -48.51
C GLN J 42 26.16 -8.96 -47.18
N SER J 43 25.17 -8.15 -46.82
CA SER J 43 25.17 -7.55 -45.50
C SER J 43 24.97 -8.63 -44.45
N PRO J 44 25.62 -8.52 -43.30
CA PRO J 44 25.49 -9.58 -42.28
C PRO J 44 24.05 -9.68 -41.79
N LYS J 45 23.52 -10.89 -41.84
CA LYS J 45 22.15 -11.17 -41.45
C LYS J 45 22.11 -11.63 -39.99
N LEU J 46 21.09 -11.17 -39.27
CA LEU J 46 20.91 -11.62 -37.91
C LEU J 46 20.38 -13.05 -37.89
N VAL J 47 20.97 -13.87 -37.02
CA VAL J 47 20.54 -15.25 -36.90
C VAL J 47 19.97 -15.49 -35.51
N ILE J 48 20.77 -15.28 -34.48
CA ILE J 48 20.36 -15.60 -33.11
C ILE J 48 20.48 -14.35 -32.25
N TYR J 49 19.36 -13.72 -31.96
CA TYR J 49 19.36 -12.49 -31.17
C TYR J 49 19.20 -12.82 -29.68
N LYS J 50 19.88 -12.03 -28.85
CA LYS J 50 19.84 -12.12 -27.40
C LYS J 50 20.29 -13.48 -26.87
N ALA J 51 21.00 -14.26 -27.67
CA ALA J 51 21.66 -15.51 -27.31
C ALA J 51 20.73 -16.65 -26.95
N SER J 52 19.40 -16.48 -27.04
CA SER J 52 18.53 -17.58 -26.67
C SER J 52 17.31 -17.69 -27.58
N ASN J 53 17.22 -16.86 -28.62
CA ASN J 53 16.07 -16.89 -29.52
C ASN J 53 16.55 -16.91 -30.96
N ARG J 54 15.67 -17.36 -31.84
CA ARG J 54 15.94 -17.44 -33.27
C ARG J 54 15.17 -16.34 -34.00
N TYR J 55 15.89 -15.49 -34.73
CA TYR J 55 15.23 -14.48 -35.53
C TYR J 55 14.29 -15.13 -36.54
N THR J 56 13.24 -14.40 -36.92
CA THR J 56 12.23 -14.97 -37.80
C THR J 56 12.84 -15.37 -39.14
N GLY J 57 12.32 -16.45 -39.71
CA GLY J 57 12.84 -16.99 -40.95
C GLY J 57 14.04 -17.92 -40.81
N VAL J 58 14.61 -18.03 -39.61
CA VAL J 58 15.79 -18.86 -39.41
C VAL J 58 15.35 -20.26 -39.00
N PRO J 59 15.91 -21.32 -39.60
CA PRO J 59 15.40 -22.67 -39.36
C PRO J 59 15.76 -23.18 -37.98
N ASP J 60 15.18 -24.32 -37.63
CA ASP J 60 15.30 -24.88 -36.30
C ASP J 60 16.63 -25.58 -36.04
N ARG J 61 17.47 -25.72 -37.07
CA ARG J 61 18.79 -26.31 -36.83
C ARG J 61 19.68 -25.37 -36.04
N PHE J 62 19.49 -24.05 -36.22
CA PHE J 62 20.27 -23.08 -35.47
C PHE J 62 19.78 -23.02 -34.02
N THR J 63 20.73 -22.98 -33.10
CA THR J 63 20.41 -22.87 -31.68
C THR J 63 21.44 -22.00 -30.99
N GLY J 64 20.97 -21.06 -30.18
CA GLY J 64 21.84 -20.24 -29.36
C GLY J 64 21.62 -20.56 -27.89
N SER J 65 22.71 -20.68 -27.15
CA SER J 65 22.58 -21.03 -25.74
C SER J 65 23.71 -20.38 -24.95
N GLY J 66 23.58 -20.43 -23.63
CA GLY J 66 24.56 -19.85 -22.74
C GLY J 66 24.14 -18.47 -22.24
N SER J 67 24.78 -18.07 -21.14
CA SER J 67 24.53 -16.76 -20.57
C SER J 67 25.70 -16.40 -19.65
N GLY J 68 26.08 -15.13 -19.69
CA GLY J 68 27.14 -14.65 -18.83
C GLY J 68 28.46 -14.41 -19.54
N THR J 69 29.39 -15.34 -19.35
CA THR J 69 30.71 -15.24 -19.95
C THR J 69 30.92 -16.21 -21.11
N TYR J 70 30.09 -17.25 -21.22
CA TYR J 70 30.28 -18.30 -22.21
C TYR J 70 28.99 -18.51 -22.98
N PHE J 71 29.02 -18.22 -24.28
CA PHE J 71 27.88 -18.44 -25.16
C PHE J 71 28.24 -19.44 -26.24
N THR J 72 27.23 -19.99 -26.90
CA THR J 72 27.46 -21.00 -27.92
C THR J 72 26.38 -20.95 -28.99
N LEU J 73 26.78 -21.24 -30.22
CA LEU J 73 25.89 -21.39 -31.35
C LEU J 73 26.09 -22.78 -31.94
N THR J 74 24.99 -23.50 -32.14
CA THR J 74 25.02 -24.91 -32.51
C THR J 74 24.16 -25.14 -33.75
N ILE J 75 24.64 -26.01 -34.64
CA ILE J 75 23.90 -26.44 -35.82
C ILE J 75 23.94 -27.96 -35.85
N THR J 76 22.75 -28.59 -35.85
CA THR J 76 22.66 -30.04 -35.76
C THR J 76 22.95 -30.70 -37.11
N ASN J 77 22.21 -30.32 -38.14
CA ASN J 77 22.40 -30.83 -39.49
C ASN J 77 22.67 -29.65 -40.41
N ILE J 78 23.91 -29.56 -40.91
CA ILE J 78 24.26 -28.44 -41.78
C ILE J 78 23.47 -28.50 -43.07
N GLN J 79 23.33 -27.34 -43.71
CA GLN J 79 22.72 -27.23 -45.03
C GLN J 79 23.66 -26.45 -45.95
N THR J 80 23.41 -26.55 -47.24
CA THR J 80 24.23 -25.84 -48.21
C THR J 80 24.15 -24.33 -47.99
N GLU J 81 22.99 -23.82 -47.57
CA GLU J 81 22.83 -22.40 -47.34
C GLU J 81 23.38 -21.94 -45.99
N ASP J 82 24.10 -22.81 -45.27
CA ASP J 82 24.76 -22.44 -44.03
C ASP J 82 26.27 -22.33 -44.19
N LEU J 83 26.73 -22.06 -45.41
CA LEU J 83 28.16 -21.96 -45.70
C LEU J 83 28.59 -20.49 -45.68
N ALA J 84 28.60 -19.91 -44.48
CA ALA J 84 28.90 -18.50 -44.31
C ALA J 84 29.69 -18.29 -43.03
N VAL J 85 30.25 -17.09 -42.89
CA VAL J 85 30.98 -16.75 -41.67
C VAL J 85 29.98 -16.41 -40.57
N TYR J 86 30.41 -16.58 -39.32
CA TYR J 86 29.54 -16.37 -38.16
C TYR J 86 30.28 -15.55 -37.12
N TYR J 87 29.73 -14.37 -36.79
CA TYR J 87 30.30 -13.50 -35.78
C TYR J 87 29.37 -13.43 -34.57
N CYS J 88 29.96 -13.36 -33.39
CA CYS J 88 29.20 -13.13 -32.17
C CYS J 88 29.47 -11.73 -31.66
N LEU J 89 28.40 -11.03 -31.28
CA LEU J 89 28.46 -9.62 -30.92
C LEU J 89 27.83 -9.42 -29.55
N GLN J 90 28.55 -8.78 -28.65
CA GLN J 90 28.02 -8.37 -27.36
C GLN J 90 27.35 -7.02 -27.55
N SER J 91 26.09 -6.91 -27.10
CA SER J 91 25.42 -5.62 -27.04
C SER J 91 24.91 -5.41 -25.62
N ASN J 92 25.83 -5.02 -24.74
CA ASN J 92 25.54 -4.88 -23.32
C ASN J 92 26.17 -3.64 -22.71
N ALA J 93 27.13 -3.02 -23.40
CA ALA J 93 27.72 -1.77 -22.96
C ALA J 93 28.26 -1.07 -24.19
N PHE J 94 28.73 0.15 -24.00
CA PHE J 94 29.34 0.89 -25.10
C PHE J 94 30.83 0.97 -24.88
N PRO J 95 31.66 0.70 -25.89
CA PRO J 95 31.26 0.42 -27.26
C PRO J 95 31.00 -1.06 -27.56
N PHE J 96 30.07 -1.33 -28.47
CA PHE J 96 29.83 -2.71 -28.91
C PHE J 96 31.06 -3.24 -29.63
N THR J 97 31.38 -4.51 -29.39
CA THR J 97 32.49 -5.16 -30.05
C THR J 97 32.02 -6.45 -30.69
N PHE J 98 32.60 -6.75 -31.84
CA PHE J 98 32.25 -7.92 -32.64
C PHE J 98 33.27 -9.02 -32.44
N LEU K 14 33.63 13.29 -47.02
CA LEU K 14 33.88 13.29 -45.58
C LEU K 14 32.56 13.25 -44.80
N LYS K 15 31.42 13.29 -45.48
CA LYS K 15 30.11 13.26 -44.85
C LYS K 15 29.28 12.17 -45.53
N LEU K 16 28.98 11.11 -44.78
CA LEU K 16 28.17 10.02 -45.30
C LEU K 16 26.72 10.46 -45.43
N SER K 17 25.88 9.51 -45.85
CA SER K 17 24.44 9.71 -45.92
C SER K 17 23.79 8.35 -46.05
N CYS K 18 22.77 8.10 -45.25
CA CYS K 18 22.12 6.79 -45.21
C CYS K 18 20.61 6.99 -45.17
N SER K 19 19.97 6.87 -46.32
CA SER K 19 18.54 7.08 -46.44
C SER K 19 17.78 5.83 -46.02
N ALA K 20 16.70 6.03 -45.28
CA ALA K 20 15.83 4.95 -44.86
C ALA K 20 14.39 5.36 -45.13
N SER K 21 13.55 4.36 -45.41
CA SER K 21 12.17 4.60 -45.77
C SER K 21 11.32 3.42 -45.34
N GLY K 22 10.02 3.68 -45.20
CA GLY K 22 9.07 2.66 -44.84
C GLY K 22 8.69 2.60 -43.37
N PHE K 23 9.30 3.44 -42.54
CA PHE K 23 8.96 3.48 -41.12
C PHE K 23 9.02 4.93 -40.63
N THR K 24 8.82 5.09 -39.32
CA THR K 24 9.07 6.37 -38.68
C THR K 24 10.55 6.45 -38.32
N PHE K 25 11.27 7.33 -38.99
CA PHE K 25 12.73 7.31 -38.92
C PHE K 25 13.22 7.69 -37.53
N SER K 26 12.57 8.65 -36.90
CA SER K 26 13.09 9.27 -35.69
C SER K 26 12.72 8.52 -34.42
N SER K 27 12.00 7.40 -34.53
CA SER K 27 11.63 6.60 -33.37
C SER K 27 12.61 5.45 -33.14
N TYR K 28 13.62 5.30 -33.99
CA TYR K 28 14.53 4.17 -33.93
C TYR K 28 15.96 4.66 -33.77
N GLY K 29 16.80 3.80 -33.19
CA GLY K 29 18.22 4.07 -33.04
C GLY K 29 19.00 3.33 -34.10
N MET K 30 20.02 4.01 -34.65
CA MET K 30 20.75 3.53 -35.81
C MET K 30 22.24 3.47 -35.50
N HIS K 31 22.85 2.33 -35.79
CA HIS K 31 24.28 2.13 -35.61
C HIS K 31 25.01 2.25 -36.94
N TRP K 32 26.32 2.45 -36.86
CA TRP K 32 27.22 2.35 -38.01
C TRP K 32 28.21 1.25 -37.74
N ILE K 33 28.33 0.31 -38.68
CA ILE K 33 29.27 -0.80 -38.57
C ILE K 33 30.06 -0.86 -39.87
N ARG K 34 31.39 -0.80 -39.76
CA ARG K 34 32.26 -0.85 -40.92
C ARG K 34 33.00 -2.17 -40.93
N GLN K 35 33.18 -2.75 -42.11
CA GLN K 35 33.86 -4.03 -42.24
C GLN K 35 34.98 -3.90 -43.27
N VAL K 36 36.21 -4.06 -42.81
CA VAL K 36 37.35 -4.19 -43.72
C VAL K 36 37.30 -5.63 -44.22
N PRO K 37 37.64 -5.90 -45.48
CA PRO K 37 37.38 -7.25 -46.03
C PRO K 37 38.04 -8.38 -45.27
N GLY K 38 39.12 -8.12 -44.53
CA GLY K 38 39.92 -9.18 -43.96
C GLY K 38 39.84 -9.40 -42.47
N LYS K 39 39.50 -8.37 -41.68
CA LYS K 39 39.50 -8.51 -40.23
C LYS K 39 38.10 -8.52 -39.63
N GLY K 40 37.07 -8.66 -40.46
CA GLY K 40 35.72 -8.78 -39.96
C GLY K 40 35.04 -7.44 -39.74
N LEU K 41 33.92 -7.51 -39.02
CA LEU K 41 33.11 -6.33 -38.75
C LEU K 41 33.67 -5.55 -37.57
N ASP K 42 33.30 -4.27 -37.49
CA ASP K 42 33.81 -3.36 -36.47
C ASP K 42 32.77 -2.27 -36.23
N TRP K 43 32.24 -2.22 -35.02
CA TRP K 43 31.27 -1.19 -34.66
C TRP K 43 31.94 0.18 -34.65
N VAL K 44 31.18 1.22 -34.98
CA VAL K 44 31.69 2.57 -35.09
C VAL K 44 30.95 3.55 -34.17
N ALA K 45 29.65 3.71 -34.39
CA ALA K 45 28.90 4.75 -33.69
C ALA K 45 27.45 4.32 -33.50
N TYR K 46 26.73 5.11 -32.72
CA TYR K 46 25.32 4.89 -32.43
C TYR K 46 24.66 6.21 -32.08
N ILE K 47 23.45 6.41 -32.59
CA ILE K 47 22.62 7.56 -32.25
C ILE K 47 21.19 7.06 -32.05
N SER K 48 20.60 7.38 -30.91
CA SER K 48 19.29 6.85 -30.58
C SER K 48 18.20 7.86 -30.91
N SER K 49 16.98 7.53 -30.49
CA SER K 49 15.84 8.41 -30.76
C SER K 49 16.06 9.80 -30.17
N ALA K 50 16.26 9.87 -28.86
CA ALA K 50 16.72 11.10 -28.22
C ALA K 50 18.20 11.23 -28.57
N SER K 51 18.50 12.05 -29.58
CA SER K 51 19.80 11.99 -30.23
C SER K 51 20.96 12.17 -29.26
N ASP K 52 21.72 11.09 -29.05
CA ASP K 52 22.86 11.09 -28.14
C ASP K 52 23.89 10.13 -28.70
N THR K 53 25.08 10.64 -28.98
CA THR K 53 26.06 9.93 -29.79
C THR K 53 26.99 9.09 -28.91
N PHE K 54 27.14 7.82 -29.27
CA PHE K 54 28.09 6.92 -28.62
C PHE K 54 29.04 6.37 -29.66
N TYR K 55 30.33 6.52 -29.43
CA TYR K 55 31.34 6.17 -30.42
C TYR K 55 32.20 5.01 -29.95
N ALA K 56 32.96 4.46 -30.89
CA ALA K 56 33.96 3.45 -30.55
C ALA K 56 35.20 4.12 -29.97
N ASP K 57 36.01 3.32 -29.27
CA ASP K 57 37.13 3.89 -28.53
C ASP K 57 38.20 4.45 -29.47
N ALA K 58 38.38 3.81 -30.62
CA ALA K 58 39.46 4.22 -31.52
C ALA K 58 39.09 5.46 -32.32
N VAL K 59 37.79 5.71 -32.50
CA VAL K 59 37.31 6.73 -33.42
C VAL K 59 36.61 7.87 -32.68
N LYS K 60 36.93 8.07 -31.40
CA LYS K 60 36.13 8.93 -30.55
C LYS K 60 36.05 10.36 -31.08
N GLU K 61 37.19 11.02 -31.25
CA GLU K 61 37.22 12.44 -31.56
C GLU K 61 37.05 12.74 -33.05
N ARG K 62 37.13 11.75 -33.93
CA ARG K 62 37.25 12.05 -35.34
C ARG K 62 35.89 12.06 -36.04
N PHE K 63 35.17 10.94 -36.01
CA PHE K 63 33.86 10.88 -36.62
C PHE K 63 32.85 11.69 -35.81
N THR K 64 31.75 12.08 -36.47
CA THR K 64 30.58 12.60 -35.77
C THR K 64 29.34 12.00 -36.42
N ILE K 65 28.61 11.18 -35.69
CA ILE K 65 27.35 10.65 -36.20
C ILE K 65 26.24 11.63 -35.84
N SER K 66 25.38 11.91 -36.81
CA SER K 66 24.24 12.78 -36.59
C SER K 66 23.05 12.23 -37.35
N ARG K 67 21.87 12.76 -37.05
CA ARG K 67 20.69 12.41 -37.83
C ARG K 67 19.88 13.69 -38.03
N ASP K 68 19.40 13.88 -39.24
CA ASP K 68 18.52 14.99 -39.57
C ASP K 68 17.11 14.43 -39.69
N ASN K 69 16.30 14.63 -38.65
CA ASN K 69 14.92 14.19 -38.69
C ASN K 69 14.15 14.95 -39.76
N ALA K 70 13.04 14.36 -40.20
CA ALA K 70 12.21 14.89 -41.28
C ALA K 70 12.92 14.82 -42.63
N LYS K 71 14.15 14.32 -42.64
CA LYS K 71 14.87 14.03 -43.87
C LYS K 71 15.30 12.58 -43.96
N ASN K 72 15.32 11.85 -42.84
CA ASN K 72 15.43 10.40 -42.79
C ASN K 72 16.80 9.88 -43.21
N THR K 73 17.89 10.60 -42.92
CA THR K 73 19.22 10.14 -43.27
C THR K 73 20.20 10.43 -42.15
N LEU K 74 20.97 9.42 -41.75
CA LEU K 74 22.07 9.65 -40.82
C LEU K 74 23.29 10.14 -41.57
N TYR K 75 24.06 11.00 -40.92
CA TYR K 75 25.30 11.54 -41.48
C TYR K 75 26.43 11.14 -40.54
N LEU K 76 27.22 10.15 -40.93
CA LEU K 76 28.47 9.89 -40.26
C LEU K 76 29.55 10.75 -40.90
N ARG K 77 29.72 11.97 -40.38
CA ARG K 77 30.77 12.88 -40.86
C ARG K 77 32.10 12.21 -40.55
N LEU K 78 32.84 11.90 -41.60
CA LEU K 78 34.04 11.08 -41.47
C LEU K 78 35.14 11.82 -40.74
N ASN K 79 36.25 11.12 -40.53
CA ASN K 79 37.29 11.50 -39.58
C ASN K 79 37.79 12.93 -39.76
N SER K 80 37.53 13.54 -40.92
CA SER K 80 38.04 14.86 -41.28
C SER K 80 39.55 14.82 -41.42
N LEU K 81 40.14 13.65 -41.13
CA LEU K 81 41.55 13.36 -41.37
C LEU K 81 41.63 12.20 -42.35
N LYS K 82 40.85 11.15 -42.09
CA LYS K 82 40.62 10.03 -43.00
C LYS K 82 41.87 9.24 -43.31
N SER K 83 42.82 9.15 -42.37
CA SER K 83 44.14 8.63 -42.72
C SER K 83 44.14 7.12 -42.88
N GLU K 84 43.76 6.39 -41.84
CA GLU K 84 44.00 4.95 -41.79
C GLU K 84 42.71 4.16 -41.58
N ASP K 85 41.56 4.77 -41.83
CA ASP K 85 40.27 4.12 -41.65
C ASP K 85 39.65 3.89 -43.03
N THR K 86 39.55 2.62 -43.43
CA THR K 86 38.94 2.26 -44.71
C THR K 86 38.28 0.90 -44.56
N ALA K 87 37.03 0.80 -45.03
CA ALA K 87 36.25 -0.42 -44.90
C ALA K 87 34.93 -0.23 -45.64
N ILE K 88 34.13 -1.30 -45.70
CA ILE K 88 32.76 -1.17 -46.17
C ILE K 88 31.90 -0.65 -45.04
N TYR K 89 31.26 0.49 -45.24
CA TYR K 89 30.45 1.14 -44.22
C TYR K 89 28.99 0.73 -44.37
N TYR K 90 28.40 0.25 -43.29
CA TYR K 90 27.02 -0.20 -43.31
C TYR K 90 26.13 0.71 -42.49
N CYS K 91 24.82 0.48 -42.55
CA CYS K 91 23.90 1.09 -41.60
C CYS K 91 23.14 -0.04 -40.92
N ALA K 92 22.61 0.25 -39.75
CA ALA K 92 21.81 -0.72 -39.03
C ALA K 92 20.73 0.03 -38.27
N ARG K 93 19.51 -0.50 -38.31
CA ARG K 93 18.40 0.05 -37.55
C ARG K 93 18.04 -0.97 -36.48
N THR K 94 17.70 -0.49 -35.29
CA THR K 94 17.31 -1.39 -34.21
C THR K 94 15.98 -2.06 -34.53
N ARG K 95 15.56 -2.99 -33.69
CA ARG K 95 14.37 -3.78 -33.99
C ARG K 95 13.10 -3.08 -33.52
N TYR K 96 13.17 -2.41 -32.37
CA TYR K 96 12.01 -1.80 -31.74
C TYR K 96 12.19 -0.30 -31.59
N PRO K 97 11.10 0.46 -31.54
CA PRO K 97 11.19 1.93 -31.40
C PRO K 97 11.25 2.42 -29.95
N THR K 98 12.34 2.10 -29.25
CA THR K 98 12.48 2.46 -27.86
C THR K 98 13.61 3.45 -27.66
N ASP K 99 13.72 3.95 -26.43
CA ASP K 99 14.88 4.68 -25.97
C ASP K 99 15.84 3.75 -25.23
N HIS K 100 15.69 2.45 -25.43
CA HIS K 100 16.60 1.45 -24.90
C HIS K 100 17.79 1.35 -25.84
N PHE K 101 19.00 1.50 -25.30
CA PHE K 101 20.17 1.60 -26.17
C PHE K 101 20.54 0.26 -26.78
N TYR K 102 20.29 -0.84 -26.06
CA TYR K 102 20.76 -2.16 -26.46
C TYR K 102 19.58 -2.95 -27.02
N ASP K 103 19.45 -2.92 -28.35
CA ASP K 103 18.24 -3.41 -29.01
C ASP K 103 18.49 -4.33 -30.19
N TRP K 104 19.70 -4.88 -30.34
CA TRP K 104 20.02 -5.92 -31.33
C TRP K 104 19.49 -5.57 -32.72
N PHE K 105 20.10 -4.54 -33.30
CA PHE K 105 19.78 -4.11 -34.66
C PHE K 105 19.79 -5.28 -35.65
N PRO K 106 18.64 -5.66 -36.23
CA PRO K 106 18.64 -6.72 -37.23
C PRO K 106 18.61 -6.23 -38.67
N TYR K 107 18.38 -4.94 -38.89
CA TYR K 107 18.13 -4.39 -40.22
C TYR K 107 19.39 -3.69 -40.70
N TRP K 108 20.28 -4.44 -41.34
CA TRP K 108 21.51 -3.84 -41.84
C TRP K 108 21.24 -3.12 -43.16
N GLY K 109 22.19 -2.25 -43.52
CA GLY K 109 22.11 -1.49 -44.75
C GLY K 109 22.56 -2.30 -45.95
N GLN K 110 22.85 -1.58 -47.03
CA GLN K 110 23.35 -2.23 -48.23
C GLN K 110 24.86 -2.36 -48.20
N GLY K 111 25.54 -1.34 -47.70
CA GLY K 111 26.98 -1.34 -47.68
C GLY K 111 27.48 -0.31 -48.67
N THR K 112 28.66 0.25 -48.39
CA THR K 112 29.28 1.24 -49.26
C THR K 112 30.79 1.16 -49.11
N ASP L 1 30.98 -26.42 13.55
CA ASP L 1 31.46 -26.68 12.21
C ASP L 1 30.68 -27.82 11.56
N ILE L 2 30.43 -27.67 10.27
CA ILE L 2 29.73 -28.70 9.49
C ILE L 2 30.77 -29.66 8.94
N VAL L 3 30.45 -30.95 8.96
CA VAL L 3 31.33 -31.98 8.44
C VAL L 3 30.71 -32.55 7.17
N MET L 4 31.46 -32.52 6.08
CA MET L 4 31.00 -32.99 4.78
C MET L 4 31.57 -34.38 4.54
N THR L 5 30.69 -35.37 4.39
CA THR L 5 31.10 -36.75 4.16
C THR L 5 30.69 -37.17 2.75
N GLN L 6 31.60 -37.83 2.04
CA GLN L 6 31.38 -38.25 0.66
C GLN L 6 31.34 -39.77 0.60
N SER L 7 30.30 -40.31 -0.04
CA SER L 7 30.12 -41.76 -0.05
C SER L 7 31.19 -42.49 -0.87
N PRO L 8 31.52 -42.11 -2.11
CA PRO L 8 32.57 -42.85 -2.82
C PRO L 8 33.96 -42.37 -2.46
N THR L 9 34.72 -43.17 -1.71
CA THR L 9 36.08 -42.78 -1.39
C THR L 9 36.94 -42.74 -2.65
N SER L 10 36.87 -43.79 -3.47
CA SER L 10 37.55 -43.83 -4.75
C SER L 10 36.69 -44.63 -5.72
N MET L 11 36.45 -44.09 -6.90
CA MET L 11 35.73 -44.77 -7.96
C MET L 11 36.64 -44.99 -9.16
N SER L 12 36.76 -46.24 -9.58
CA SER L 12 37.49 -46.60 -10.78
C SER L 12 36.47 -46.94 -11.87
N ILE L 13 36.55 -46.23 -12.99
CA ILE L 13 35.57 -46.36 -14.06
C ILE L 13 36.23 -45.92 -15.36
N SER L 14 35.76 -46.48 -16.47
CA SER L 14 36.36 -46.22 -17.77
C SER L 14 35.74 -44.99 -18.42
N VAL L 15 36.12 -44.74 -19.68
CA VAL L 15 35.57 -43.62 -20.41
C VAL L 15 34.24 -44.03 -21.04
N GLY L 16 33.25 -43.14 -20.94
CA GLY L 16 31.92 -43.43 -21.44
C GLY L 16 30.94 -43.89 -20.39
N ASP L 17 31.39 -44.19 -19.18
CA ASP L 17 30.50 -44.65 -18.14
C ASP L 17 29.97 -43.48 -17.32
N ARG L 18 29.16 -43.80 -16.31
CA ARG L 18 28.48 -42.81 -15.48
C ARG L 18 29.02 -42.91 -14.06
N VAL L 19 29.20 -41.78 -13.41
CA VAL L 19 29.59 -41.75 -12.00
C VAL L 19 28.68 -40.77 -11.26
N THR L 20 28.36 -41.11 -10.01
CA THR L 20 27.60 -40.23 -9.13
C THR L 20 28.25 -40.25 -7.76
N MET L 21 28.71 -39.09 -7.32
CA MET L 21 29.30 -38.93 -5.99
C MET L 21 28.38 -38.09 -5.13
N ASN L 22 28.08 -38.59 -3.94
CA ASN L 22 27.16 -37.92 -3.03
C ASN L 22 27.91 -37.23 -1.90
N CYS L 23 27.25 -36.25 -1.29
CA CYS L 23 27.80 -35.50 -0.18
C CYS L 23 26.73 -35.27 0.87
N ARG L 24 27.10 -35.41 2.14
CA ARG L 24 26.18 -35.25 3.26
C ARG L 24 26.78 -34.27 4.25
N ALA L 25 25.96 -33.31 4.70
CA ALA L 25 26.36 -32.30 5.65
C ALA L 25 25.64 -32.54 6.97
N SER L 26 26.37 -32.37 8.08
CA SER L 26 25.79 -32.68 9.39
C SER L 26 24.55 -31.84 9.66
N GLN L 27 24.62 -30.55 9.39
CA GLN L 27 23.49 -29.65 9.55
C GLN L 27 22.96 -29.23 8.19
N ASN L 28 21.81 -28.56 8.20
CA ASN L 28 21.16 -28.17 6.96
C ASN L 28 21.89 -27.03 6.28
N VAL L 29 22.35 -27.27 5.06
CA VAL L 29 22.81 -26.21 4.17
C VAL L 29 21.82 -26.17 3.00
N TYR L 30 21.16 -25.02 2.84
CA TYR L 30 19.96 -24.97 2.01
C TYR L 30 20.26 -25.31 0.56
N SER L 31 21.01 -24.44 -0.13
CA SER L 31 21.45 -24.77 -1.48
C SER L 31 22.88 -24.28 -1.72
N ASN L 32 23.65 -24.05 -0.66
CA ASN L 32 24.97 -23.44 -0.77
C ASN L 32 26.04 -24.53 -0.73
N VAL L 33 26.25 -25.15 -1.88
CA VAL L 33 27.23 -26.22 -2.03
C VAL L 33 27.90 -26.08 -3.39
N ASP L 34 29.22 -26.07 -3.40
CA ASP L 34 30.01 -26.00 -4.61
C ASP L 34 30.75 -27.32 -4.83
N TRP L 35 31.08 -27.59 -6.09
CA TRP L 35 31.74 -28.81 -6.52
C TRP L 35 32.98 -28.42 -7.30
N TYR L 36 34.15 -28.82 -6.78
CA TYR L 36 35.45 -28.38 -7.24
C TYR L 36 36.21 -29.55 -7.86
N GLN L 37 36.84 -29.30 -9.00
CA GLN L 37 37.68 -30.27 -9.70
C GLN L 37 39.13 -29.86 -9.55
N GLN L 38 39.96 -30.76 -9.02
CA GLN L 38 41.38 -30.50 -8.88
C GLN L 38 42.17 -31.54 -9.68
N LYS L 39 42.83 -31.07 -10.73
CA LYS L 39 43.82 -31.87 -11.44
C LYS L 39 45.17 -31.71 -10.75
N THR L 40 45.93 -32.80 -10.68
CA THR L 40 47.20 -32.78 -9.96
C THR L 40 48.15 -31.75 -10.55
N GLY L 41 48.52 -30.77 -9.74
CA GLY L 41 49.39 -29.70 -10.17
C GLY L 41 48.70 -28.42 -10.58
N GLN L 42 47.40 -28.29 -10.30
CA GLN L 42 46.64 -27.12 -10.68
C GLN L 42 45.85 -26.61 -9.48
N SER L 43 45.50 -25.34 -9.53
CA SER L 43 44.59 -24.80 -8.53
C SER L 43 43.20 -25.40 -8.74
N PRO L 44 42.46 -25.68 -7.68
CA PRO L 44 41.15 -26.31 -7.84
C PRO L 44 40.20 -25.40 -8.62
N LYS L 45 39.61 -25.97 -9.67
CA LYS L 45 38.71 -25.24 -10.54
C LYS L 45 37.27 -25.46 -10.10
N LEU L 46 36.48 -24.40 -10.17
CA LEU L 46 35.06 -24.52 -9.87
C LEU L 46 34.33 -25.24 -11.00
N VAL L 47 33.48 -26.18 -10.63
CA VAL L 47 32.72 -26.93 -11.62
C VAL L 47 31.24 -26.63 -11.45
N ILE L 48 30.68 -26.94 -10.28
CA ILE L 48 29.25 -26.83 -10.06
C ILE L 48 29.01 -25.91 -8.87
N TYR L 49 28.62 -24.67 -9.12
CA TYR L 49 28.38 -23.72 -8.05
C TYR L 49 26.93 -23.76 -7.60
N LYS L 50 26.72 -23.57 -6.30
CA LYS L 50 25.42 -23.50 -5.66
C LYS L 50 24.61 -24.78 -5.85
N ALA L 51 25.25 -25.89 -6.20
CA ALA L 51 24.69 -27.24 -6.26
C ALA L 51 23.64 -27.46 -7.34
N SER L 52 23.34 -26.46 -8.17
CA SER L 52 22.33 -26.67 -9.19
C SER L 52 22.65 -26.01 -10.52
N ASN L 53 23.83 -25.40 -10.63
CA ASN L 53 24.22 -24.72 -11.86
C ASN L 53 25.62 -25.14 -12.27
N ARG L 54 25.93 -24.96 -13.55
CA ARG L 54 27.23 -25.29 -14.11
C ARG L 54 27.99 -24.01 -14.39
N TYR L 55 29.19 -23.89 -13.81
CA TYR L 55 30.05 -22.75 -14.09
C TYR L 55 30.36 -22.69 -15.57
N THR L 56 30.61 -21.48 -16.06
CA THR L 56 30.82 -21.29 -17.49
C THR L 56 32.04 -22.08 -17.96
N GLY L 57 31.95 -22.59 -19.19
CA GLY L 57 33.00 -23.41 -19.76
C GLY L 57 32.93 -24.88 -19.39
N VAL L 58 32.05 -25.27 -18.48
CA VAL L 58 31.95 -26.65 -18.04
C VAL L 58 30.94 -27.38 -18.91
N PRO L 59 31.26 -28.57 -19.41
CA PRO L 59 30.38 -29.24 -20.38
C PRO L 59 29.10 -29.77 -19.74
N ASP L 60 28.19 -30.22 -20.58
CA ASP L 60 26.86 -30.63 -20.14
C ASP L 60 26.84 -32.01 -19.51
N ARG L 61 27.95 -32.75 -19.53
CA ARG L 61 27.97 -34.04 -18.85
C ARG L 61 27.93 -33.86 -17.34
N PHE L 62 28.50 -32.77 -16.84
CA PHE L 62 28.47 -32.51 -15.41
C PHE L 62 27.09 -32.05 -14.98
N THR L 63 26.62 -32.59 -13.86
CA THR L 63 25.32 -32.20 -13.32
C THR L 63 25.39 -32.18 -11.80
N GLY L 64 24.88 -31.12 -11.20
CA GLY L 64 24.77 -31.02 -9.75
C GLY L 64 23.31 -31.02 -9.36
N SER L 65 22.98 -31.79 -8.32
CA SER L 65 21.59 -31.87 -7.90
C SER L 65 21.53 -32.09 -6.39
N GLY L 66 20.32 -31.94 -5.86
CA GLY L 66 20.09 -32.09 -4.44
C GLY L 66 20.02 -30.76 -3.72
N SER L 67 19.44 -30.81 -2.51
CA SER L 67 19.34 -29.63 -1.68
C SER L 67 19.07 -30.07 -0.25
N GLY L 68 19.71 -29.38 0.69
CA GLY L 68 19.49 -29.66 2.10
C GLY L 68 20.64 -30.40 2.75
N THR L 69 20.44 -31.71 2.98
CA THR L 69 21.44 -32.53 3.61
C THR L 69 22.16 -33.48 2.65
N TYR L 70 21.60 -33.71 1.47
CA TYR L 70 22.13 -34.69 0.53
C TYR L 70 22.28 -34.05 -0.84
N PHE L 71 23.52 -33.93 -1.31
CA PHE L 71 23.82 -33.39 -2.63
C PHE L 71 24.50 -34.46 -3.47
N THR L 72 24.53 -34.24 -4.78
CA THR L 72 25.13 -35.22 -5.68
C THR L 72 25.69 -34.53 -6.91
N LEU L 73 26.80 -35.10 -7.41
CA LEU L 73 27.42 -34.69 -8.66
C LEU L 73 27.48 -35.90 -9.58
N THR L 74 27.01 -35.73 -10.81
CA THR L 74 26.84 -36.82 -11.76
C THR L 74 27.52 -36.51 -13.07
N ILE L 75 28.13 -37.53 -13.67
CA ILE L 75 28.75 -37.45 -14.99
C ILE L 75 28.22 -38.61 -15.81
N THR L 76 27.60 -38.29 -16.95
CA THR L 76 26.95 -39.32 -17.77
C THR L 76 27.96 -40.09 -18.60
N ASN L 77 28.76 -39.38 -19.41
CA ASN L 77 29.80 -39.98 -20.23
C ASN L 77 31.13 -39.34 -19.87
N ILE L 78 32.01 -40.12 -19.23
CA ILE L 78 33.29 -39.57 -18.80
C ILE L 78 34.13 -39.17 -20.02
N GLN L 79 35.07 -38.27 -19.77
CA GLN L 79 36.04 -37.86 -20.78
C GLN L 79 37.43 -37.96 -20.17
N THR L 80 38.44 -37.95 -21.05
CA THR L 80 39.81 -38.01 -20.58
C THR L 80 40.16 -36.82 -19.69
N GLU L 81 39.59 -35.66 -19.98
CA GLU L 81 39.87 -34.46 -19.19
C GLU L 81 39.05 -34.39 -17.91
N ASP L 82 38.35 -35.48 -17.54
CA ASP L 82 37.63 -35.56 -16.28
C ASP L 82 38.32 -36.48 -15.29
N LEU L 83 39.64 -36.66 -15.43
CA LEU L 83 40.40 -37.55 -14.56
C LEU L 83 41.08 -36.74 -13.45
N ALA L 84 40.25 -36.24 -12.53
CA ALA L 84 40.73 -35.36 -11.47
C ALA L 84 39.95 -35.64 -10.19
N VAL L 85 40.46 -35.11 -9.08
CA VAL L 85 39.78 -35.26 -7.80
C VAL L 85 38.62 -34.28 -7.73
N TYR L 86 37.62 -34.60 -6.92
CA TYR L 86 36.41 -33.79 -6.81
C TYR L 86 36.06 -33.60 -5.35
N TYR L 87 36.02 -32.35 -4.91
CA TYR L 87 35.67 -31.99 -3.54
C TYR L 87 34.34 -31.26 -3.54
N CYS L 88 33.52 -31.51 -2.51
CA CYS L 88 32.31 -30.75 -2.30
C CYS L 88 32.49 -29.86 -1.08
N LEU L 89 32.05 -28.61 -1.23
CA LEU L 89 32.27 -27.56 -0.24
C LEU L 89 30.95 -26.91 0.13
N GLN L 90 30.66 -26.85 1.42
CA GLN L 90 29.51 -26.10 1.92
C GLN L 90 29.94 -24.66 2.12
N SER L 91 29.18 -23.72 1.56
CA SER L 91 29.39 -22.31 1.84
C SER L 91 28.06 -21.73 2.33
N ASN L 92 27.74 -21.99 3.59
CA ASN L 92 26.48 -21.60 4.18
C ASN L 92 26.62 -21.05 5.59
N ALA L 93 27.77 -21.26 6.23
CA ALA L 93 28.05 -20.69 7.53
C ALA L 93 29.56 -20.60 7.67
N PHE L 94 30.01 -19.99 8.76
CA PHE L 94 31.43 -19.91 9.02
C PHE L 94 31.77 -20.82 10.19
N PRO L 95 32.83 -21.64 10.10
CA PRO L 95 33.77 -21.68 8.98
C PRO L 95 33.40 -22.62 7.85
N PHE L 96 33.77 -22.27 6.62
CA PHE L 96 33.57 -23.17 5.49
C PHE L 96 34.40 -24.43 5.66
N THR L 97 33.82 -25.56 5.30
CA THR L 97 34.53 -26.83 5.36
C THR L 97 34.45 -27.53 4.02
N PHE L 98 35.53 -28.22 3.68
CA PHE L 98 35.66 -28.90 2.39
C PHE L 98 35.42 -30.40 2.57
N LEU M 14 56.45 -14.91 7.88
CA LEU M 14 55.30 -14.97 8.74
C LEU M 14 54.16 -14.09 8.24
N LYS M 15 54.40 -13.36 7.15
CA LYS M 15 53.40 -12.47 6.56
C LYS M 15 53.30 -12.77 5.08
N LEU M 16 52.16 -13.32 4.66
CA LEU M 16 51.93 -13.62 3.26
C LEU M 16 51.73 -12.35 2.46
N SER M 17 51.46 -12.53 1.17
CA SER M 17 51.11 -11.43 0.28
C SER M 17 50.49 -12.04 -0.97
N CYS M 18 49.37 -11.50 -1.40
CA CYS M 18 48.63 -12.03 -2.54
C CYS M 18 48.16 -10.89 -3.42
N SER M 19 48.90 -10.63 -4.50
CA SER M 19 48.61 -9.53 -5.40
C SER M 19 47.52 -9.95 -6.37
N ALA M 20 46.60 -9.03 -6.64
CA ALA M 20 45.54 -9.23 -7.61
C ALA M 20 45.43 -7.99 -8.48
N SER M 21 45.03 -8.21 -9.73
CA SER M 21 44.98 -7.14 -10.71
C SER M 21 43.88 -7.43 -11.71
N GLY M 22 43.42 -6.36 -12.38
CA GLY M 22 42.40 -6.49 -13.40
C GLY M 22 40.99 -6.17 -12.95
N PHE M 23 40.78 -5.89 -11.67
CA PHE M 23 39.46 -5.54 -11.17
C PHE M 23 39.58 -4.47 -10.10
N THR M 24 38.45 -4.14 -9.50
CA THR M 24 38.45 -3.29 -8.30
C THR M 24 38.66 -4.20 -7.10
N PHE M 25 39.82 -4.06 -6.45
CA PHE M 25 40.23 -5.03 -5.44
C PHE M 25 39.33 -4.99 -4.22
N SER M 26 38.93 -3.78 -3.82
CA SER M 26 38.29 -3.59 -2.53
C SER M 26 36.79 -3.83 -2.56
N SER M 27 36.22 -4.19 -3.70
CA SER M 27 34.80 -4.48 -3.82
C SER M 27 34.50 -5.96 -3.68
N TYR M 28 35.52 -6.80 -3.52
CA TYR M 28 35.34 -8.24 -3.49
C TYR M 28 35.86 -8.81 -2.18
N GLY M 29 35.32 -9.97 -1.81
CA GLY M 29 35.77 -10.70 -0.64
C GLY M 29 36.68 -11.84 -1.04
N MET M 30 37.75 -12.04 -0.26
CA MET M 30 38.81 -12.96 -0.59
C MET M 30 39.02 -13.97 0.52
N HIS M 31 39.06 -15.25 0.16
CA HIS M 31 39.30 -16.33 1.10
C HIS M 31 40.76 -16.80 0.99
N TRP M 32 41.19 -17.51 2.02
CA TRP M 32 42.45 -18.25 2.01
C TRP M 32 42.14 -19.72 2.20
N ILE M 33 42.64 -20.56 1.30
CA ILE M 33 42.45 -22.00 1.37
C ILE M 33 43.82 -22.66 1.23
N ARG M 34 44.19 -23.48 2.20
CA ARG M 34 45.47 -24.17 2.19
C ARG M 34 45.23 -25.65 1.95
N GLN M 35 46.09 -26.29 1.17
CA GLN M 35 45.97 -27.69 0.86
C GLN M 35 47.28 -28.40 1.17
N VAL M 36 47.24 -29.31 2.14
CA VAL M 36 48.36 -30.22 2.38
C VAL M 36 48.24 -31.29 1.30
N PRO M 37 49.34 -31.81 0.77
CA PRO M 37 49.24 -32.68 -0.42
C PRO M 37 48.37 -33.91 -0.23
N GLY M 38 48.19 -34.37 1.01
CA GLY M 38 47.57 -35.66 1.24
C GLY M 38 46.17 -35.67 1.82
N LYS M 39 45.75 -34.63 2.54
CA LYS M 39 44.44 -34.64 3.19
C LYS M 39 43.46 -33.68 2.53
N GLY M 40 43.79 -33.15 1.35
CA GLY M 40 42.85 -32.32 0.63
C GLY M 40 42.92 -30.86 1.02
N LEU M 41 41.90 -30.12 0.58
CA LEU M 41 41.84 -28.69 0.82
C LEU M 41 41.30 -28.40 2.21
N ASP M 42 41.58 -27.20 2.71
CA ASP M 42 41.20 -26.78 4.05
C ASP M 42 41.05 -25.26 4.07
N TRP M 43 39.84 -24.80 4.36
CA TRP M 43 39.59 -23.37 4.44
C TRP M 43 40.31 -22.78 5.65
N VAL M 44 40.72 -21.52 5.55
CA VAL M 44 41.49 -20.86 6.59
C VAL M 44 40.81 -19.59 7.07
N ALA M 45 40.63 -18.61 6.19
CA ALA M 45 40.16 -17.30 6.61
C ALA M 45 39.36 -16.65 5.48
N TYR M 46 38.73 -15.52 5.82
CA TYR M 46 37.92 -14.74 4.89
C TYR M 46 37.89 -13.30 5.35
N ILE M 47 38.01 -12.38 4.40
CA ILE M 47 37.86 -10.95 4.64
C ILE M 47 37.03 -10.38 3.50
N SER M 48 35.95 -9.67 3.85
CA SER M 48 35.04 -9.17 2.84
C SER M 48 35.34 -7.71 2.50
N SER M 49 34.44 -7.12 1.71
CA SER M 49 34.61 -5.74 1.29
C SER M 49 34.70 -4.81 2.50
N ALA M 50 33.65 -4.79 3.32
CA ALA M 50 33.70 -4.14 4.63
C ALA M 50 34.55 -5.04 5.52
N SER M 51 35.83 -4.70 5.67
CA SER M 51 36.82 -5.64 6.19
C SER M 51 36.43 -6.21 7.54
N ASP M 52 36.09 -7.50 7.56
CA ASP M 52 35.69 -8.21 8.78
C ASP M 52 36.16 -9.64 8.67
N THR M 53 37.00 -10.07 9.61
CA THR M 53 37.76 -11.29 9.48
C THR M 53 36.99 -12.48 10.06
N PHE M 54 36.88 -13.55 9.30
CA PHE M 54 36.30 -14.80 9.75
C PHE M 54 37.32 -15.91 9.57
N TYR M 55 37.61 -16.65 10.64
CA TYR M 55 38.67 -17.63 10.65
C TYR M 55 38.12 -19.04 10.81
N ALA M 56 38.98 -20.02 10.55
CA ALA M 56 38.65 -21.40 10.84
C ALA M 56 38.81 -21.68 12.33
N ASP M 57 38.17 -22.77 12.78
CA ASP M 57 38.13 -23.04 14.21
C ASP M 57 39.49 -23.39 14.77
N ALA M 58 40.33 -24.06 13.98
CA ALA M 58 41.62 -24.52 14.48
C ALA M 58 42.65 -23.41 14.50
N VAL M 59 42.46 -22.38 13.68
CA VAL M 59 43.48 -21.35 13.47
C VAL M 59 43.03 -19.99 14.00
N LYS M 60 42.10 -19.97 14.96
CA LYS M 60 41.41 -18.74 15.32
C LYS M 60 42.37 -17.65 15.79
N GLU M 61 43.15 -17.93 16.83
CA GLU M 61 43.96 -16.91 17.47
C GLU M 61 45.30 -16.66 16.79
N ARG M 62 45.72 -17.52 15.86
CA ARG M 62 47.10 -17.46 15.40
C ARG M 62 47.26 -16.60 14.15
N PHE M 63 46.56 -16.96 13.07
CA PHE M 63 46.63 -16.18 11.85
C PHE M 63 45.90 -14.86 12.02
N THR M 64 46.25 -13.88 11.17
CA THR M 64 45.45 -12.67 11.02
C THR M 64 45.37 -12.34 9.53
N ILE M 65 44.18 -12.42 8.95
CA ILE M 65 44.01 -12.02 7.56
C ILE M 65 43.69 -10.54 7.53
N SER M 66 44.34 -9.81 6.62
CA SER M 66 44.09 -8.40 6.46
C SER M 66 44.16 -8.07 4.98
N ARG M 67 43.70 -6.88 4.62
CA ARG M 67 43.84 -6.41 3.25
C ARG M 67 44.23 -4.94 3.31
N ASP M 68 45.19 -4.55 2.49
CA ASP M 68 45.58 -3.15 2.35
C ASP M 68 45.00 -2.66 1.03
N ASN M 69 43.92 -1.90 1.12
CA ASN M 69 43.32 -1.32 -0.08
C ASN M 69 44.28 -0.32 -0.70
N ALA M 70 44.07 -0.05 -2.00
CA ALA M 70 44.91 0.83 -2.80
C ALA M 70 46.29 0.22 -3.03
N LYS M 71 46.53 -0.98 -2.47
CA LYS M 71 47.73 -1.75 -2.76
C LYS M 71 47.43 -3.12 -3.32
N ASN M 72 46.18 -3.60 -3.15
CA ASN M 72 45.63 -4.76 -3.84
C ASN M 72 46.26 -6.09 -3.43
N THR M 73 46.64 -6.24 -2.16
CA THR M 73 47.23 -7.50 -1.69
C THR M 73 46.69 -7.86 -0.31
N LEU M 74 46.22 -9.09 -0.16
CA LEU M 74 45.88 -9.58 1.17
C LEU M 74 47.12 -10.07 1.89
N TYR M 75 47.14 -9.89 3.21
CA TYR M 75 48.22 -10.34 4.06
C TYR M 75 47.64 -11.33 5.07
N LEU M 76 47.88 -12.61 4.86
CA LEU M 76 47.61 -13.60 5.89
C LEU M 76 48.85 -13.70 6.77
N ARG M 77 48.92 -12.87 7.81
CA ARG M 77 50.01 -12.92 8.77
C ARG M 77 49.94 -14.27 9.45
N LEU M 78 50.99 -15.07 9.27
CA LEU M 78 50.98 -16.46 9.68
C LEU M 78 50.98 -16.59 11.19
N ASN M 79 50.91 -17.84 11.66
CA ASN M 79 50.57 -18.18 13.03
C ASN M 79 51.43 -17.44 14.07
N SER M 80 52.57 -16.90 13.65
CA SER M 80 53.54 -16.26 14.54
C SER M 80 54.15 -17.32 15.47
N LEU M 81 53.67 -18.55 15.37
CA LEU M 81 54.25 -19.71 16.03
C LEU M 81 54.69 -20.70 14.97
N LYS M 82 53.81 -20.96 13.99
CA LYS M 82 54.10 -21.70 12.76
C LYS M 82 54.49 -23.14 13.01
N SER M 83 53.97 -23.77 14.06
CA SER M 83 54.52 -25.05 14.50
C SER M 83 54.09 -26.20 13.59
N GLU M 84 52.79 -26.42 13.45
CA GLU M 84 52.31 -27.66 12.83
C GLU M 84 51.39 -27.38 11.64
N ASP M 85 51.45 -26.17 11.09
CA ASP M 85 50.63 -25.79 9.94
C ASP M 85 51.52 -25.65 8.72
N THR M 86 51.37 -26.57 7.76
CA THR M 86 52.14 -26.51 6.52
C THR M 86 51.28 -27.08 5.40
N ALA M 87 51.23 -26.36 4.26
CA ALA M 87 50.40 -26.75 3.13
C ALA M 87 50.68 -25.78 1.98
N ILE M 88 50.08 -26.05 0.83
CA ILE M 88 50.06 -25.09 -0.25
C ILE M 88 48.98 -24.06 0.01
N TYR M 89 49.37 -22.79 0.11
CA TYR M 89 48.46 -21.71 0.43
C TYR M 89 47.95 -21.06 -0.84
N TYR M 90 46.64 -20.96 -0.97
CA TYR M 90 46.02 -20.39 -2.16
C TYR M 90 45.36 -19.05 -1.84
N CYS M 91 44.88 -18.37 -2.88
CA CYS M 91 43.98 -17.25 -2.70
C CYS M 91 42.72 -17.54 -3.49
N ALA M 92 41.63 -16.90 -3.10
CA ALA M 92 40.38 -17.04 -3.82
C ALA M 92 39.63 -15.73 -3.76
N ARG M 93 39.08 -15.32 -4.88
CA ARG M 93 38.25 -14.11 -4.96
C ARG M 93 36.82 -14.56 -5.23
N THR M 94 35.86 -13.90 -4.60
CA THR M 94 34.46 -14.26 -4.82
C THR M 94 34.05 -13.90 -6.24
N ARG M 95 32.83 -14.26 -6.63
CA ARG M 95 32.40 -14.08 -8.00
C ARG M 95 31.82 -12.70 -8.23
N TYR M 96 31.09 -12.17 -7.26
CA TYR M 96 30.38 -10.90 -7.39
C TYR M 96 30.88 -9.89 -6.37
N PRO M 97 30.74 -8.60 -6.65
CA PRO M 97 31.21 -7.55 -5.71
C PRO M 97 30.16 -7.13 -4.69
N THR M 98 29.80 -8.04 -3.79
CA THR M 98 28.77 -7.78 -2.81
C THR M 98 29.35 -7.76 -1.40
N ASP M 99 28.50 -7.39 -0.45
CA ASP M 99 28.76 -7.58 0.97
C ASP M 99 28.09 -8.85 1.47
N HIS M 100 27.74 -9.74 0.55
CA HIS M 100 27.21 -11.06 0.88
C HIS M 100 28.38 -11.98 1.15
N PHE M 101 28.38 -12.63 2.32
CA PHE M 101 29.55 -13.39 2.73
C PHE M 101 29.71 -14.68 1.94
N TYR M 102 28.61 -15.28 1.51
CA TYR M 102 28.62 -16.61 0.91
C TYR M 102 28.40 -16.46 -0.60
N ASP M 103 29.52 -16.44 -1.33
CA ASP M 103 29.51 -16.04 -2.74
C ASP M 103 30.28 -16.98 -3.66
N TRP M 104 30.60 -18.19 -3.22
CA TRP M 104 31.18 -19.24 -4.07
C TRP M 104 32.34 -18.72 -4.93
N PHE M 105 33.44 -18.40 -4.24
CA PHE M 105 34.66 -17.95 -4.89
C PHE M 105 35.08 -18.90 -6.01
N PRO M 106 35.06 -18.45 -7.27
CA PRO M 106 35.54 -19.32 -8.36
C PRO M 106 36.96 -19.03 -8.83
N TYR M 107 37.55 -17.92 -8.38
CA TYR M 107 38.83 -17.44 -8.91
C TYR M 107 39.92 -17.78 -7.91
N TRP M 108 40.49 -18.97 -8.04
CA TRP M 108 41.56 -19.37 -7.14
C TRP M 108 42.88 -18.73 -7.57
N GLY M 109 43.83 -18.74 -6.64
CA GLY M 109 45.15 -18.19 -6.88
C GLY M 109 46.04 -19.17 -7.61
N GLN M 110 47.35 -18.89 -7.56
CA GLN M 110 48.30 -19.79 -8.18
C GLN M 110 48.74 -20.88 -7.21
N GLY M 111 48.90 -20.53 -5.96
CA GLY M 111 49.38 -21.48 -4.97
C GLY M 111 50.79 -21.12 -4.56
N THR M 112 51.15 -21.46 -3.32
CA THR M 112 52.47 -21.19 -2.80
C THR M 112 52.81 -22.24 -1.75
N ASP N 1 -10.64 -39.81 15.38
CA ASP N 1 -9.37 -40.42 14.96
C ASP N 1 -9.45 -40.84 13.50
N ILE N 2 -8.35 -40.67 12.78
CA ILE N 2 -8.24 -41.08 11.40
C ILE N 2 -7.73 -42.50 11.36
N VAL N 3 -8.30 -43.31 10.46
CA VAL N 3 -7.89 -44.70 10.30
C VAL N 3 -7.18 -44.84 8.95
N MET N 4 -5.95 -45.35 9.00
CA MET N 4 -5.13 -45.52 7.80
C MET N 4 -5.19 -46.97 7.36
N THR N 5 -5.68 -47.21 6.15
CA THR N 5 -5.81 -48.55 5.60
C THR N 5 -4.86 -48.71 4.43
N GLN N 6 -4.15 -49.83 4.40
CA GLN N 6 -3.15 -50.12 3.37
C GLN N 6 -3.63 -51.28 2.51
N SER N 7 -3.59 -51.10 1.19
CA SER N 7 -4.13 -52.11 0.29
C SER N 7 -3.31 -53.40 0.29
N PRO N 8 -1.97 -53.39 0.13
CA PRO N 8 -1.24 -54.67 0.15
C PRO N 8 -0.93 -55.14 1.55
N THR N 9 -1.62 -56.18 2.03
CA THR N 9 -1.31 -56.71 3.35
C THR N 9 0.11 -57.29 3.38
N SER N 10 0.44 -58.11 2.40
CA SER N 10 1.78 -58.65 2.24
C SER N 10 2.08 -58.81 0.76
N MET N 11 3.23 -58.31 0.33
CA MET N 11 3.67 -58.46 -1.05
C MET N 11 4.96 -59.28 -1.07
N SER N 12 4.95 -60.35 -1.85
CA SER N 12 6.13 -61.17 -2.11
C SER N 12 6.64 -60.87 -3.50
N ILE N 13 7.89 -60.43 -3.59
CA ILE N 13 8.46 -59.99 -4.86
C ILE N 13 9.98 -60.14 -4.78
N SER N 14 10.60 -60.35 -5.93
CA SER N 14 12.03 -60.61 -5.98
C SER N 14 12.81 -59.30 -6.08
N VAL N 15 14.13 -59.43 -6.26
CA VAL N 15 14.97 -58.25 -6.42
C VAL N 15 14.94 -57.79 -7.87
N GLY N 16 14.82 -56.47 -8.06
CA GLY N 16 14.73 -55.89 -9.38
C GLY N 16 13.31 -55.58 -9.83
N ASP N 17 12.30 -56.02 -9.10
CA ASP N 17 10.92 -55.76 -9.48
C ASP N 17 10.43 -54.47 -8.86
N ARG N 18 9.16 -54.15 -9.12
CA ARG N 18 8.54 -52.90 -8.69
C ARG N 18 7.44 -53.23 -7.69
N VAL N 19 7.31 -52.40 -6.65
CA VAL N 19 6.21 -52.53 -5.71
C VAL N 19 5.58 -51.16 -5.49
N THR N 20 4.27 -51.15 -5.29
CA THR N 20 3.53 -49.94 -4.97
C THR N 20 2.53 -50.26 -3.87
N MET N 21 2.70 -49.62 -2.71
CA MET N 21 1.78 -49.78 -1.59
C MET N 21 1.00 -48.49 -1.39
N ASN N 22 -0.33 -48.62 -1.31
CA ASN N 22 -1.20 -47.46 -1.19
C ASN N 22 -1.71 -47.33 0.25
N CYS N 23 -2.14 -46.11 0.58
CA CYS N 23 -2.68 -45.80 1.88
C CYS N 23 -3.89 -44.88 1.74
N ARG N 24 -4.91 -45.14 2.53
CA ARG N 24 -6.16 -44.38 2.49
C ARG N 24 -6.50 -43.91 3.90
N ALA N 25 -6.85 -42.63 4.03
CA ALA N 25 -7.22 -42.03 5.30
C ALA N 25 -8.70 -41.69 5.28
N SER N 26 -9.37 -41.95 6.41
CA SER N 26 -10.82 -41.74 6.45
C SER N 26 -11.18 -40.29 6.14
N GLN N 27 -10.49 -39.34 6.75
CA GLN N 27 -10.71 -37.93 6.50
C GLN N 27 -9.54 -37.36 5.71
N ASN N 28 -9.71 -36.12 5.25
CA ASN N 28 -8.70 -35.50 4.40
C ASN N 28 -7.48 -35.11 5.20
N VAL N 29 -6.33 -35.65 4.82
CA VAL N 29 -5.03 -35.17 5.28
C VAL N 29 -4.32 -34.59 4.06
N TYR N 30 -4.01 -33.30 4.12
CA TYR N 30 -3.67 -32.57 2.90
C TYR N 30 -2.40 -33.12 2.26
N SER N 31 -1.26 -32.94 2.92
CA SER N 31 -0.04 -33.55 2.43
C SER N 31 0.82 -34.08 3.58
N ASN N 32 0.23 -34.31 4.74
CA ASN N 32 0.97 -34.66 5.95
C ASN N 32 0.93 -36.17 6.15
N VAL N 33 1.80 -36.87 5.43
CA VAL N 33 1.89 -38.32 5.49
C VAL N 33 3.36 -38.71 5.39
N ASP N 34 3.81 -39.54 6.34
CA ASP N 34 5.17 -40.05 6.36
C ASP N 34 5.16 -41.55 6.09
N TRP N 35 6.29 -42.04 5.58
CA TRP N 35 6.47 -43.43 5.21
C TRP N 35 7.70 -43.95 5.93
N TYR N 36 7.51 -44.96 6.78
CA TYR N 36 8.50 -45.46 7.72
C TYR N 36 8.90 -46.88 7.35
N GLN N 37 10.20 -47.14 7.39
CA GLN N 37 10.76 -48.47 7.14
C GLN N 37 11.25 -49.04 8.47
N GLN N 38 10.77 -50.23 8.83
CA GLN N 38 11.20 -50.91 10.04
C GLN N 38 11.81 -52.25 9.67
N LYS N 39 13.13 -52.37 9.88
CA LYS N 39 13.81 -53.65 9.82
C LYS N 39 13.71 -54.32 11.19
N THR N 40 13.53 -55.63 11.20
CA THR N 40 13.32 -56.37 12.45
C THR N 40 14.51 -56.20 13.38
N GLY N 41 14.26 -55.61 14.55
CA GLY N 41 15.29 -55.35 15.52
C GLY N 41 15.84 -53.94 15.52
N GLN N 42 15.21 -53.01 14.78
CA GLN N 42 15.69 -51.64 14.69
C GLN N 42 14.53 -50.68 14.96
N SER N 43 14.89 -49.47 15.36
CA SER N 43 13.90 -48.41 15.46
C SER N 43 13.42 -48.05 14.06
N PRO N 44 12.13 -47.73 13.90
CA PRO N 44 11.62 -47.42 12.56
C PRO N 44 12.30 -46.18 12.00
N LYS N 45 12.83 -46.32 10.79
CA LYS N 45 13.56 -45.24 10.13
C LYS N 45 12.61 -44.49 9.20
N LEU N 46 12.76 -43.17 9.16
CA LEU N 46 11.98 -42.37 8.23
C LEU N 46 12.50 -42.55 6.82
N VAL N 47 11.56 -42.73 5.89
CA VAL N 47 11.93 -42.90 4.48
C VAL N 47 11.38 -41.74 3.67
N ILE N 48 10.07 -41.56 3.67
CA ILE N 48 9.42 -40.56 2.82
C ILE N 48 8.61 -39.62 3.70
N TYR N 49 9.12 -38.42 3.95
CA TYR N 49 8.42 -37.47 4.78
C TYR N 49 7.53 -36.57 3.95
N LYS N 50 6.39 -36.21 4.52
CA LYS N 50 5.40 -35.31 3.92
C LYS N 50 4.86 -35.81 2.59
N ALA N 51 5.02 -37.10 2.29
CA ALA N 51 4.42 -37.81 1.17
C ALA N 51 4.95 -37.38 -0.20
N SER N 52 5.92 -36.48 -0.28
CA SER N 52 6.41 -36.07 -1.59
C SER N 52 7.91 -35.85 -1.64
N ASN N 53 8.61 -36.11 -0.53
CA ASN N 53 10.05 -35.90 -0.48
C ASN N 53 10.73 -37.14 0.10
N ARG N 54 12.02 -37.26 -0.19
CA ARG N 54 12.84 -38.36 0.29
C ARG N 54 13.77 -37.86 1.38
N TYR N 55 13.69 -38.47 2.56
CA TYR N 55 14.62 -38.13 3.63
C TYR N 55 16.05 -38.37 3.18
N THR N 56 16.98 -37.61 3.78
CA THR N 56 18.37 -37.69 3.36
C THR N 56 18.92 -39.09 3.57
N GLY N 57 19.80 -39.52 2.67
CA GLY N 57 20.38 -40.85 2.71
C GLY N 57 19.54 -41.93 2.06
N VAL N 58 18.31 -41.62 1.66
CA VAL N 58 17.41 -42.62 1.07
C VAL N 58 17.59 -42.61 -0.45
N PRO N 59 17.74 -43.78 -1.08
CA PRO N 59 18.07 -43.80 -2.51
C PRO N 59 16.90 -43.39 -3.38
N ASP N 60 17.20 -43.21 -4.67
CA ASP N 60 16.22 -42.68 -5.62
C ASP N 60 15.19 -43.70 -6.07
N ARG N 61 15.33 -44.98 -5.67
CA ARG N 61 14.30 -45.95 -6.02
C ARG N 61 13.01 -45.70 -5.24
N PHE N 62 13.13 -45.16 -4.02
CA PHE N 62 11.95 -44.85 -3.24
C PHE N 62 11.27 -43.60 -3.78
N THR N 63 9.95 -43.66 -3.86
CA THR N 63 9.17 -42.52 -4.32
C THR N 63 7.87 -42.45 -3.55
N GLY N 64 7.52 -41.27 -3.07
CA GLY N 64 6.25 -41.03 -2.42
C GLY N 64 5.41 -40.09 -3.26
N SER N 65 4.13 -40.42 -3.41
CA SER N 65 3.26 -39.59 -4.24
C SER N 65 1.85 -39.62 -3.69
N GLY N 66 1.02 -38.73 -4.21
CA GLY N 66 -0.36 -38.61 -3.78
C GLY N 66 -0.57 -37.49 -2.79
N SER N 67 -1.83 -37.09 -2.66
CA SER N 67 -2.21 -36.05 -1.72
C SER N 67 -3.70 -36.14 -1.47
N GLY N 68 -4.08 -35.94 -0.21
CA GLY N 68 -5.48 -35.93 0.15
C GLY N 68 -5.93 -37.18 0.88
N THR N 69 -6.63 -38.06 0.16
CA THR N 69 -7.14 -39.29 0.74
C THR N 69 -6.37 -40.52 0.29
N TYR N 70 -5.59 -40.44 -0.79
CA TYR N 70 -4.92 -41.59 -1.38
C TYR N 70 -3.44 -41.27 -1.57
N PHE N 71 -2.58 -41.98 -0.84
CA PHE N 71 -1.14 -41.83 -0.98
C PHE N 71 -0.53 -43.15 -1.45
N THR N 72 0.71 -43.08 -1.93
CA THR N 72 1.36 -44.27 -2.45
C THR N 72 2.87 -44.15 -2.26
N LEU N 73 3.48 -45.32 -2.02
CA LEU N 73 4.93 -45.47 -1.95
C LEU N 73 5.35 -46.51 -2.98
N THR N 74 6.33 -46.16 -3.81
CA THR N 74 6.74 -46.97 -4.95
C THR N 74 8.23 -47.24 -4.91
N ILE N 75 8.62 -48.45 -5.29
CA ILE N 75 10.01 -48.84 -5.44
C ILE N 75 10.17 -49.48 -6.82
N THR N 76 11.07 -48.92 -7.62
CA THR N 76 11.23 -49.36 -9.01
C THR N 76 12.04 -50.65 -9.08
N ASN N 77 13.25 -50.64 -8.53
CA ASN N 77 14.12 -51.81 -8.50
C ASN N 77 14.45 -52.11 -7.05
N ILE N 78 13.93 -53.23 -6.53
CA ILE N 78 14.16 -53.58 -5.14
C ILE N 78 15.64 -53.86 -4.91
N GLN N 79 16.05 -53.72 -3.65
CA GLN N 79 17.40 -54.08 -3.23
C GLN N 79 17.30 -54.97 -2.01
N THR N 80 18.40 -55.66 -1.70
CA THR N 80 18.43 -56.53 -0.53
C THR N 80 18.17 -55.76 0.75
N GLU N 81 18.63 -54.52 0.83
CA GLU N 81 18.43 -53.70 2.02
C GLU N 81 17.05 -53.07 2.08
N ASP N 82 16.12 -53.45 1.20
CA ASP N 82 14.75 -52.98 1.23
C ASP N 82 13.79 -54.07 1.71
N LEU N 83 14.30 -55.04 2.46
CA LEU N 83 13.48 -56.15 2.95
C LEU N 83 13.01 -55.87 4.38
N ALA N 84 12.09 -54.91 4.49
CA ALA N 84 11.61 -54.45 5.79
C ALA N 84 10.14 -54.11 5.69
N VAL N 85 9.51 -53.95 6.86
CA VAL N 85 8.11 -53.55 6.91
C VAL N 85 8.00 -52.05 6.63
N TYR N 86 6.84 -51.64 6.14
CA TYR N 86 6.61 -50.25 5.75
C TYR N 86 5.26 -49.78 6.30
N TYR N 87 5.30 -48.76 7.14
CA TYR N 87 4.09 -48.17 7.71
C TYR N 87 3.89 -46.77 7.16
N CYS N 88 2.64 -46.40 6.93
CA CYS N 88 2.29 -45.03 6.57
C CYS N 88 1.59 -44.37 7.75
N LEU N 89 2.00 -43.14 8.03
CA LEU N 89 1.55 -42.39 9.20
C LEU N 89 1.00 -41.04 8.78
N GLN N 90 -0.20 -40.73 9.21
CA GLN N 90 -0.77 -39.40 9.03
C GLN N 90 -0.32 -38.53 10.19
N SER N 91 0.23 -37.37 9.88
CA SER N 91 0.53 -36.36 10.90
C SER N 91 -0.14 -35.06 10.50
N ASN N 92 -1.45 -34.98 10.73
CA ASN N 92 -2.26 -33.85 10.32
C ASN N 92 -3.25 -33.42 11.38
N ALA N 93 -3.51 -34.25 12.37
CA ALA N 93 -4.37 -33.90 13.49
C ALA N 93 -3.96 -34.77 14.67
N PHE N 94 -4.56 -34.50 15.82
CA PHE N 94 -4.28 -35.31 16.99
C PHE N 94 -5.51 -36.15 17.30
N PRO N 95 -5.36 -37.46 17.57
CA PRO N 95 -4.06 -38.14 17.71
C PRO N 95 -3.52 -38.72 16.40
N PHE N 96 -2.19 -38.77 16.28
CA PHE N 96 -1.57 -39.40 15.13
C PHE N 96 -1.87 -40.89 15.14
N THR N 97 -2.13 -41.45 13.95
CA THR N 97 -2.38 -42.87 13.82
C THR N 97 -1.46 -43.45 12.76
N PHE N 98 -1.02 -44.69 13.00
CA PHE N 98 -0.09 -45.38 12.14
C PHE N 98 -0.82 -46.38 11.26
N LEU O 14 6.77 -47.06 36.81
CA LEU O 14 5.59 -46.32 36.36
C LEU O 14 5.96 -44.97 35.78
N LYS O 15 7.24 -44.60 35.82
CA LYS O 15 7.72 -43.33 35.31
C LYS O 15 8.90 -43.59 34.37
N LEU O 16 8.70 -43.34 33.09
CA LEU O 16 9.75 -43.53 32.10
C LEU O 16 10.82 -42.45 32.25
N SER O 17 11.80 -42.51 31.35
CA SER O 17 12.84 -41.50 31.26
C SER O 17 13.53 -41.67 29.93
N CYS O 18 13.72 -40.57 29.20
CA CYS O 18 14.28 -40.60 27.87
C CYS O 18 15.30 -39.48 27.73
N SER O 19 16.57 -39.80 27.88
CA SER O 19 17.65 -38.82 27.82
C SER O 19 18.00 -38.53 26.38
N ALA O 20 18.23 -37.25 26.09
CA ALA O 20 18.66 -36.81 24.77
C ALA O 20 19.82 -35.83 24.93
N SER O 21 20.72 -35.84 23.95
CA SER O 21 21.92 -35.03 24.02
C SER O 21 22.34 -34.63 22.61
N GLY O 22 23.12 -33.56 22.53
CA GLY O 22 23.64 -33.09 21.27
C GLY O 22 22.88 -31.94 20.65
N PHE O 23 21.77 -31.51 21.24
CA PHE O 23 21.01 -30.38 20.73
C PHE O 23 20.48 -29.55 21.89
N THR O 24 19.68 -28.55 21.54
CA THR O 24 18.91 -27.82 22.55
C THR O 24 17.62 -28.58 22.79
N PHE O 25 17.48 -29.15 23.99
CA PHE O 25 16.40 -30.09 24.24
C PHE O 25 15.04 -29.42 24.21
N SER O 26 14.95 -28.21 24.74
CA SER O 26 13.69 -27.57 24.99
C SER O 26 13.13 -26.83 23.79
N SER O 27 13.82 -26.83 22.66
CA SER O 27 13.35 -26.19 21.45
C SER O 27 12.64 -27.14 20.52
N TYR O 28 12.54 -28.42 20.88
CA TYR O 28 11.97 -29.43 20.01
C TYR O 28 10.79 -30.12 20.69
N GLY O 29 9.90 -30.67 19.88
CA GLY O 29 8.76 -31.44 20.36
C GLY O 29 9.03 -32.92 20.22
N MET O 30 8.64 -33.68 21.23
CA MET O 30 8.99 -35.09 21.35
C MET O 30 7.73 -35.94 21.49
N HIS O 31 7.63 -36.97 20.68
CA HIS O 31 6.52 -37.92 20.72
C HIS O 31 6.93 -39.19 21.45
N TRP O 32 5.93 -39.96 21.87
CA TRP O 32 6.13 -41.31 22.37
C TRP O 32 5.36 -42.26 21.45
N ILE O 33 6.03 -43.28 20.95
CA ILE O 33 5.41 -44.29 20.09
C ILE O 33 5.77 -45.65 20.65
N ARG O 34 4.77 -46.47 20.94
CA ARG O 34 4.97 -47.81 21.47
C ARG O 34 4.59 -48.83 20.40
N GLN O 35 5.36 -49.90 20.32
CA GLN O 35 5.11 -50.96 19.34
C GLN O 35 5.03 -52.30 20.05
N VAL O 36 3.86 -52.92 20.00
CA VAL O 36 3.72 -54.30 20.42
C VAL O 36 4.26 -55.14 19.27
N PRO O 37 4.93 -56.26 19.52
CA PRO O 37 5.65 -56.95 18.43
C PRO O 37 4.77 -57.36 17.26
N GLY O 38 3.47 -57.53 17.47
CA GLY O 38 2.62 -58.13 16.46
C GLY O 38 1.65 -57.23 15.74
N LYS O 39 1.22 -56.12 16.33
CA LYS O 39 0.21 -55.27 15.71
C LYS O 39 0.79 -53.95 15.20
N GLY O 40 2.11 -53.81 15.15
CA GLY O 40 2.71 -52.63 14.59
C GLY O 40 2.89 -51.50 15.59
N LEU O 41 3.18 -50.33 15.05
CA LEU O 41 3.43 -49.15 15.88
C LEU O 41 2.13 -48.51 16.30
N ASP O 42 2.19 -47.70 17.37
CA ASP O 42 1.03 -47.06 17.95
C ASP O 42 1.46 -45.79 18.65
N TRP O 43 0.97 -44.65 18.17
CA TRP O 43 1.29 -43.38 18.79
C TRP O 43 0.67 -43.29 20.18
N VAL O 44 1.32 -42.57 21.09
CA VAL O 44 0.89 -42.47 22.47
C VAL O 44 0.67 -41.02 22.89
N ALA O 45 1.72 -40.19 22.85
CA ALA O 45 1.64 -38.85 23.41
C ALA O 45 2.57 -37.92 22.65
N TYR O 46 2.45 -36.64 22.96
CA TYR O 46 3.26 -35.58 22.36
C TYR O 46 3.33 -34.40 23.31
N ILE O 47 4.53 -33.82 23.43
CA ILE O 47 4.74 -32.59 24.20
C ILE O 47 5.66 -31.70 23.37
N SER O 48 5.23 -30.45 23.15
CA SER O 48 5.99 -29.57 22.28
C SER O 48 6.88 -28.64 23.10
N SER O 49 7.47 -27.66 22.40
CA SER O 49 8.36 -26.72 23.07
C SER O 49 7.65 -25.97 24.18
N ALA O 50 6.58 -25.26 23.83
CA ALA O 50 5.66 -24.70 24.82
C ALA O 50 4.86 -25.87 25.37
N SER O 51 5.27 -26.39 26.53
CA SER O 51 4.83 -27.70 26.98
C SER O 51 3.31 -27.82 27.04
N ASP O 52 2.74 -28.62 26.14
CA ASP O 52 1.31 -28.83 26.06
C ASP O 52 1.06 -30.26 25.58
N THR O 53 0.38 -31.05 26.39
CA THR O 53 0.34 -32.50 26.22
C THR O 53 -0.84 -32.90 25.34
N PHE O 54 -0.56 -33.71 24.33
CA PHE O 54 -1.58 -34.30 23.48
C PHE O 54 -1.46 -35.82 23.53
N TYR O 55 -2.55 -36.50 23.84
CA TYR O 55 -2.53 -37.93 24.08
C TYR O 55 -3.33 -38.68 23.03
N ALA O 56 -3.16 -39.99 23.00
CA ALA O 56 -3.99 -40.85 22.17
C ALA O 56 -5.34 -41.08 22.84
N ASP O 57 -6.31 -41.50 22.03
CA ASP O 57 -7.69 -41.58 22.53
C ASP O 57 -7.83 -42.67 23.58
N ALA O 58 -7.08 -43.77 23.44
CA ALA O 58 -7.24 -44.91 24.35
C ALA O 58 -6.55 -44.67 25.68
N VAL O 59 -5.55 -43.80 25.70
CA VAL O 59 -4.67 -43.65 26.86
C VAL O 59 -4.83 -42.27 27.51
N LYS O 60 -5.97 -41.62 27.30
CA LYS O 60 -6.11 -40.20 27.64
C LYS O 60 -5.83 -39.92 29.11
N GLU O 61 -6.58 -40.56 30.01
CA GLU O 61 -6.53 -40.22 31.43
C GLU O 61 -5.40 -40.91 32.18
N ARG O 62 -4.73 -41.90 31.59
CA ARG O 62 -3.85 -42.75 32.38
C ARG O 62 -2.41 -42.25 32.35
N PHE O 63 -1.80 -42.17 31.16
CA PHE O 63 -0.44 -41.68 31.05
C PHE O 63 -0.39 -40.17 31.31
N THR O 64 0.80 -39.69 31.67
CA THR O 64 1.08 -38.25 31.66
C THR O 64 2.47 -38.05 31.09
N ILE O 65 2.55 -37.41 29.93
CA ILE O 65 3.85 -37.07 29.36
C ILE O 65 4.28 -35.71 29.90
N SER O 66 5.54 -35.61 30.32
CA SER O 66 6.09 -34.36 30.81
C SER O 66 7.52 -34.25 30.33
N ARG O 67 8.08 -33.06 30.45
CA ARG O 67 9.49 -32.86 30.17
C ARG O 67 10.07 -31.95 31.25
N ASP O 68 11.24 -32.30 31.74
CA ASP O 68 11.97 -31.46 32.69
C ASP O 68 13.11 -30.80 31.93
N ASN O 69 12.92 -29.53 31.58
CA ASN O 69 13.97 -28.78 30.91
C ASN O 69 15.17 -28.64 31.82
N ALA O 70 16.33 -28.38 31.20
CA ALA O 70 17.62 -28.27 31.89
C ALA O 70 18.08 -29.62 32.43
N LYS O 71 17.27 -30.66 32.24
CA LYS O 71 17.67 -32.03 32.55
C LYS O 71 17.58 -32.95 31.33
N ASN O 72 16.85 -32.55 30.29
CA ASN O 72 16.90 -33.15 28.97
C ASN O 72 16.28 -34.54 28.91
N THR O 73 15.24 -34.82 29.69
CA THR O 73 14.60 -36.14 29.67
C THR O 73 13.09 -35.99 29.75
N LEU O 74 12.38 -36.65 28.84
CA LEU O 74 10.93 -36.74 28.96
C LEU O 74 10.55 -37.85 29.92
N TYR O 75 9.46 -37.63 30.65
CA TYR O 75 8.92 -38.62 31.58
C TYR O 75 7.50 -38.95 31.13
N LEU O 76 7.34 -40.11 30.52
CA LEU O 76 6.00 -40.65 30.30
C LEU O 76 5.60 -41.45 31.53
N ARG O 77 4.99 -40.78 32.50
CA ARG O 77 4.50 -41.43 33.71
C ARG O 77 3.42 -42.40 33.28
N LEU O 78 3.67 -43.69 33.50
CA LEU O 78 2.82 -44.74 32.96
C LEU O 78 1.45 -44.73 33.61
N ASN O 79 0.59 -45.64 33.12
CA ASN O 79 -0.85 -45.62 33.34
C ASN O 79 -1.22 -45.52 34.82
N SER O 80 -0.28 -45.83 35.72
CA SER O 80 -0.54 -45.88 37.16
C SER O 80 -1.50 -47.01 37.48
N LEU O 81 -1.99 -47.68 36.43
CA LEU O 81 -2.78 -48.90 36.54
C LEU O 81 -2.03 -50.01 35.84
N LYS O 82 -1.54 -49.73 34.63
CA LYS O 82 -0.62 -50.57 33.87
C LYS O 82 -1.20 -51.92 33.50
N SER O 83 -2.51 -52.03 33.29
CA SER O 83 -3.14 -53.35 33.21
C SER O 83 -2.87 -54.03 31.88
N GLU O 84 -3.25 -53.40 30.77
CA GLU O 84 -3.29 -54.10 29.49
C GLU O 84 -2.45 -53.39 28.43
N ASP O 85 -1.54 -52.52 28.84
CA ASP O 85 -0.68 -51.79 27.92
C ASP O 85 0.75 -52.31 28.05
N THR O 86 1.23 -52.99 27.01
CA THR O 86 2.60 -53.50 27.00
C THR O 86 3.11 -53.48 25.56
N ALA O 87 4.32 -52.98 25.38
CA ALA O 87 4.92 -52.83 24.05
C ALA O 87 6.34 -52.32 24.21
N ILE O 88 7.06 -52.23 23.10
CA ILE O 88 8.34 -51.54 23.09
C ILE O 88 8.09 -50.03 22.99
N TYR O 89 8.57 -49.29 23.99
CA TYR O 89 8.34 -47.85 24.06
C TYR O 89 9.52 -47.11 23.44
N TYR O 90 9.23 -46.22 22.50
CA TYR O 90 10.26 -45.47 21.81
C TYR O 90 10.21 -43.99 22.19
N CYS O 91 11.19 -43.23 21.73
CA CYS O 91 11.11 -41.78 21.76
C CYS O 91 11.30 -41.27 20.34
N ALA O 92 10.79 -40.08 20.09
CA ALA O 92 10.97 -39.45 18.79
C ALA O 92 11.11 -37.97 18.99
N ARG O 93 12.05 -37.36 18.27
CA ARG O 93 12.24 -35.92 18.28
C ARG O 93 11.86 -35.40 16.91
N THR O 94 11.20 -34.24 16.87
CA THR O 94 10.81 -33.67 15.58
C THR O 94 12.04 -33.23 14.82
N ARG O 95 11.85 -32.76 13.59
CA ARG O 95 12.98 -32.45 12.74
C ARG O 95 13.46 -31.02 12.95
N TYR O 96 12.54 -30.09 13.17
CA TYR O 96 12.85 -28.67 13.26
C TYR O 96 12.45 -28.13 14.63
N PRO O 97 13.09 -27.05 15.08
CA PRO O 97 12.78 -26.47 16.40
C PRO O 97 11.67 -25.42 16.36
N THR O 98 10.45 -25.85 16.04
CA THR O 98 9.33 -24.93 15.92
C THR O 98 8.29 -25.20 17.00
N ASP O 99 7.29 -24.31 17.05
CA ASP O 99 6.07 -24.54 17.80
C ASP O 99 4.97 -25.08 16.89
N HIS O 100 5.36 -25.61 15.74
CA HIS O 100 4.45 -26.29 14.84
C HIS O 100 4.30 -27.73 15.30
N PHE O 101 3.06 -28.15 15.51
CA PHE O 101 2.82 -29.45 16.14
C PHE O 101 3.13 -30.60 15.19
N TYR O 102 2.93 -30.41 13.90
CA TYR O 102 3.02 -31.49 12.91
C TYR O 102 4.33 -31.34 12.14
N ASP O 103 5.36 -32.07 12.59
CA ASP O 103 6.72 -31.84 12.14
C ASP O 103 7.47 -33.11 11.75
N TRP O 104 6.79 -34.23 11.54
CA TRP O 104 7.37 -35.47 11.01
C TRP O 104 8.69 -35.84 11.69
N PHE O 105 8.56 -36.22 12.96
CA PHE O 105 9.69 -36.67 13.76
C PHE O 105 10.50 -37.75 13.03
N PRO O 106 11.76 -37.47 12.66
CA PRO O 106 12.58 -38.52 12.03
C PRO O 106 13.56 -39.20 12.96
N TYR O 107 13.73 -38.67 14.18
CA TYR O 107 14.79 -39.11 15.08
C TYR O 107 14.17 -39.99 16.15
N TRP O 108 14.07 -41.29 15.87
CA TRP O 108 13.50 -42.20 16.84
C TRP O 108 14.52 -42.56 17.91
N GLY O 109 14.03 -43.11 19.01
CA GLY O 109 14.87 -43.52 20.12
C GLY O 109 15.48 -44.88 19.89
N GLN O 110 15.96 -45.47 20.98
CA GLN O 110 16.52 -46.81 20.90
C GLN O 110 15.44 -47.87 21.08
N GLY O 111 14.51 -47.62 21.99
CA GLY O 111 13.48 -48.60 22.28
C GLY O 111 13.71 -49.16 23.67
N THR O 112 12.63 -49.56 24.32
CA THR O 112 12.70 -50.14 25.65
C THR O 112 11.54 -51.11 25.83
#